data_7UTA
#
_entry.id   7UTA
#
loop_
_entity.id
_entity.type
_entity.pdbx_description
1 polymer 'Nitrogenase molybdenum-iron protein alpha chain'
2 polymer 'Nitrogenase molybdenum-iron protein beta chain'
3 polymer 'Nitrogenase iron protein gamma chain'
4 non-polymer '3-HYDROXY-3-CARBOXY-ADIPIC ACID'
5 non-polymer 'iron-sulfur-molybdenum cluster with interstitial carbon'
6 non-polymer 'FE(8)-S(7) CLUSTER'
7 non-polymer 'FE (III) ION'
8 non-polymer 'IRON/SULFUR CLUSTER'
9 non-polymer 'MAGNESIUM ION'
10 non-polymer "ADENOSINE-5'-DIPHOSPHATE"
11 non-polymer BERYLLIUM
12 water water
#
loop_
_entity_poly.entity_id
_entity_poly.type
_entity_poly.pdbx_seq_one_letter_code
_entity_poly.pdbx_strand_id
1 'polypeptide(L)'
;MTGMSREEVESLIQEVLEVYPEKARKDRNKHLAVNDPAVTQSKKCIISNKKSQPGLMTIRGCAYAGSKGVVWGPIKDMIH
ISHGPVGCGQYSRAGRRNYYIGTTGVNAFVTMNFTSDFQEKDIVFGGDKKLAKLIDEVETLFPLNKGISVQSECPIGLIG
DDIESVSKVKGAELSKTIVPVRCEGFRGVSQSLGHHIANDAVRDWVLGKRDEDTTFASTPYDVAIIGDYNIGGDAWSSRI
LLEEMGLRCVAQWSGDGSISEIELTPKVKLNLVHCYRSMNYISRHMEEKYGIPWMEYNFFGPTKTIESLRAIAAKFDESI
QKKCEEVIAKYKPEWEAVVAKYRPRLEGKRVMLYIGGLRPRHVIGAYEDLGMEVVGTGYEFAHNDDYDRTMKEMGDSTLL
YDDVTGYEFEEFVKRIKPDLIGSGIKEKFIFQKMGIPFREMHSWDYSGPYHGFDGFAIFARDMDMTLNNPCWKKLQAPWE
ASEGAEKVAASA
;
A,C
2 'polypeptide(L)'
;MSQQVDKIKASYPLFLDQDYKDMLAKKRDGFEEKYPQDKIDEVFQWTTTKEYQELNFQREALTVNPAKACQPLGAVLCAL
GFEKTMPYVHGSQGCVAYFRSYFNRHFREPVSCVSDSMTEDAAVFGGQQNMKDGLQNCKATYKPDMIAVSTTCMAEVIGD
DLNAFINNSKKEGFIPDEFPVPFAHTPSFVGSHVTGWDNMFEGIARYFTLKSMDDKVVGSNKKINIVPGFETYLGNFRVI
KRMLSEMGVGYSLLSDPEEVLDTPADGQFRMYAGGTTQEEMKDAPNALNTVLLQPWHLEKTKKFVEGTWKHEVPKLNIPM
GLDWTDEFLMKVSEISGQPIPASLTKERGRLVDMMTDSHTWLHGKRFALWGDPDFVMGLVKFLLELGCEPVHILCHNGNK
RWKKAVDAILAASPYGKNATVYIGKDLWHLRSLVFTDKPDFMIGNSYGKFIQRDTLHKGKEFEVPLIRIGFPIFDRHHLH
RSTTLGYEGAMQILTTLVNSILERLDEETRGMQATDYNHDLVR
;
B,D
3 'polypeptide(L)'
;MAMRQCAIYGKGGIGKSTTTQNLVAALAEMGKKVMIVGCDPKADSTRLILHSKAQNTIMEMAAEAGTVEDLELEDVLKAG
YGGVKCVESGGPEPGVGCAGRGVITAINFLEEEGAYEDDLDFVFYDVLGDVVCGGFAMPIRENKAQEIYIVCSGEMMAMY
AANNISKGIVKYANSGSVRLGGLICNSRNTDREDELIIALANKLGTQMIHFVPRDNVVQRAEIRRMTVIEYDPKAKQADE
YRALARKVVDNKLLVIPNPITMDELEELLMEFGIMEVEDESIVGKTAEEV
;
E,F,G,H
#
loop_
_chem_comp.id
_chem_comp.type
_chem_comp.name
_chem_comp.formula
0BE non-polymer BERYLLIUM 'Be 2'
ADP non-polymer ADENOSINE-5'-DIPHOSPHATE 'C10 H15 N5 O10 P2'
CLF non-polymer 'FE(8)-S(7) CLUSTER' 'Fe8 S7'
FE non-polymer 'FE (III) ION' 'Fe 3'
HCA non-polymer '3-HYDROXY-3-CARBOXY-ADIPIC ACID' 'C7 H10 O7'
ICS non-polymer 'iron-sulfur-molybdenum cluster with interstitial carbon' 'C Fe7 Mo S9'
MG non-polymer 'MAGNESIUM ION' 'Mg 2'
SF4 non-polymer 'IRON/SULFUR CLUSTER' 'Fe4 S4'
#
# COMPACT_ATOMS: atom_id res chain seq x y z
N SER A 5 -50.77 -0.25 5.25
CA SER A 5 -51.98 0.55 5.41
C SER A 5 -51.98 1.73 4.45
N ARG A 6 -53.03 1.82 3.65
CA ARG A 6 -53.17 2.88 2.64
C ARG A 6 -53.21 4.25 3.30
N GLU A 7 -53.98 4.38 4.37
CA GLU A 7 -54.06 5.64 5.10
C GLU A 7 -52.72 6.02 5.70
N GLU A 8 -51.96 5.05 6.19
CA GLU A 8 -50.62 5.34 6.72
C GLU A 8 -49.69 5.86 5.63
N VAL A 9 -49.74 5.28 4.43
CA VAL A 9 -48.93 5.78 3.33
C VAL A 9 -49.35 7.19 2.93
N GLU A 10 -50.66 7.46 2.90
CA GLU A 10 -51.13 8.81 2.57
C GLU A 10 -50.67 9.83 3.60
N SER A 11 -50.76 9.48 4.88
CA SER A 11 -50.27 10.36 5.94
C SER A 11 -48.77 10.55 5.86
N LEU A 12 -48.02 9.50 5.50
CA LEU A 12 -46.59 9.64 5.28
C LEU A 12 -46.30 10.66 4.18
N ILE A 13 -47.02 10.55 3.06
CA ILE A 13 -46.81 11.48 1.96
C ILE A 13 -47.11 12.91 2.40
N GLN A 14 -48.23 13.10 3.09
CA GLN A 14 -48.61 14.45 3.53
C GLN A 14 -47.60 15.02 4.51
N GLU A 15 -47.16 14.20 5.48
CA GLU A 15 -46.20 14.68 6.47
C GLU A 15 -44.88 15.05 5.82
N VAL A 16 -44.42 14.26 4.85
CA VAL A 16 -43.20 14.61 4.14
C VAL A 16 -43.39 15.91 3.37
N LEU A 17 -44.53 16.07 2.71
CA LEU A 17 -44.80 17.27 1.94
C LEU A 17 -44.94 18.52 2.80
N GLU A 18 -45.25 18.35 4.09
CA GLU A 18 -45.54 19.50 4.96
C GLU A 18 -44.41 20.53 5.00
N VAL A 19 -43.18 20.15 4.64
CA VAL A 19 -42.04 21.06 4.81
C VAL A 19 -41.86 21.96 3.58
N TYR A 20 -42.21 21.48 2.39
CA TYR A 20 -41.95 22.24 1.18
C TYR A 20 -42.85 23.47 1.12
N PRO A 21 -42.39 24.54 0.46
CA PRO A 21 -43.24 25.73 0.29
C PRO A 21 -44.45 25.43 -0.57
N GLU A 22 -45.31 26.44 -0.69
CA GLU A 22 -46.60 26.31 -1.38
C GLU A 22 -46.47 25.67 -2.75
N LYS A 23 -45.75 26.33 -3.66
CA LYS A 23 -45.60 25.84 -5.02
C LYS A 23 -44.90 24.49 -5.05
N ALA A 24 -43.81 24.37 -4.29
CA ALA A 24 -43.04 23.13 -4.27
C ALA A 24 -43.88 21.97 -3.75
N ARG A 25 -44.58 22.17 -2.64
CA ARG A 25 -45.41 21.12 -2.06
C ARG A 25 -46.54 20.73 -3.02
N LYS A 26 -47.20 21.74 -3.62
CA LYS A 26 -48.31 21.46 -4.50
C LYS A 26 -47.87 20.69 -5.73
N ASP A 27 -46.69 21.04 -6.28
CA ASP A 27 -46.19 20.31 -7.43
C ASP A 27 -45.75 18.90 -7.05
N ARG A 28 -45.08 18.75 -5.92
CA ARG A 28 -44.61 17.43 -5.49
C ARG A 28 -45.74 16.51 -5.10
N ASN A 29 -46.90 17.05 -4.74
CA ASN A 29 -48.04 16.22 -4.36
C ASN A 29 -48.52 15.34 -5.52
N LYS A 30 -48.23 15.73 -6.75
CA LYS A 30 -48.66 14.98 -7.93
C LYS A 30 -47.67 13.91 -8.35
N HIS A 31 -46.57 13.74 -7.62
CA HIS A 31 -45.56 12.75 -7.97
C HIS A 31 -45.38 11.63 -6.95
N LEU A 32 -46.03 11.71 -5.79
CA LEU A 32 -45.93 10.68 -4.76
C LEU A 32 -47.34 10.11 -4.55
N ALA A 33 -47.50 8.81 -4.79
CA ALA A 33 -48.83 8.21 -4.78
C ALA A 33 -48.77 6.81 -4.18
N VAL A 34 -49.95 6.28 -3.89
CA VAL A 34 -50.12 4.90 -3.49
C VAL A 34 -50.54 4.10 -4.73
N ASN A 35 -50.27 2.81 -4.73
CA ASN A 35 -50.50 1.97 -5.90
C ASN A 35 -51.79 1.17 -5.72
N ASP A 36 -52.64 1.19 -6.75
CA ASP A 36 -53.87 0.41 -6.81
C ASP A 36 -53.78 -0.47 -8.05
N PRO A 37 -53.23 -1.69 -7.94
CA PRO A 37 -53.04 -2.64 -9.04
C PRO A 37 -54.30 -2.87 -9.87
N LYS A 44 -54.06 9.04 -13.72
CA LYS A 44 -55.17 9.22 -12.79
C LYS A 44 -54.69 9.16 -11.34
N CYS A 45 -53.44 8.74 -11.15
CA CYS A 45 -52.90 8.60 -9.80
C CYS A 45 -51.60 9.37 -9.64
N ILE A 46 -50.77 9.39 -10.67
CA ILE A 46 -49.47 10.04 -10.62
C ILE A 46 -49.26 10.84 -11.89
N ILE A 47 -48.43 11.89 -11.80
CA ILE A 47 -48.05 12.71 -12.94
C ILE A 47 -46.54 12.66 -13.05
N SER A 48 -46.04 12.35 -14.25
CA SER A 48 -44.62 12.18 -14.48
C SER A 48 -44.17 13.02 -15.67
N ASN A 49 -42.88 12.95 -15.96
CA ASN A 49 -42.27 13.65 -17.10
C ASN A 49 -42.54 15.15 -17.04
N LYS A 50 -42.31 15.75 -15.88
CA LYS A 50 -42.48 17.18 -15.68
C LYS A 50 -41.17 17.78 -15.18
N LYS A 51 -41.17 19.11 -15.07
CA LYS A 51 -39.97 19.82 -14.64
C LYS A 51 -39.69 19.60 -13.16
N SER A 52 -38.41 19.47 -12.82
CA SER A 52 -38.01 19.34 -11.44
C SER A 52 -38.06 20.68 -10.72
N GLN A 53 -38.46 20.65 -9.46
CA GLN A 53 -38.52 21.87 -8.67
C GLN A 53 -37.10 22.35 -8.34
N PRO A 54 -36.83 23.64 -8.47
CA PRO A 54 -35.47 24.13 -8.23
C PRO A 54 -35.06 23.99 -6.76
N GLY A 55 -33.78 23.68 -6.55
CA GLY A 55 -33.23 23.62 -5.22
C GLY A 55 -33.68 22.46 -4.36
N LEU A 56 -34.11 21.35 -4.98
CA LEU A 56 -34.62 20.21 -4.24
C LEU A 56 -33.74 18.97 -4.36
N MET A 57 -32.54 19.10 -4.93
CA MET A 57 -31.57 18.01 -4.99
C MET A 57 -32.15 16.79 -5.69
N THR A 58 -32.48 16.97 -6.96
CA THR A 58 -33.00 15.87 -7.75
C THR A 58 -31.86 14.95 -8.21
N ILE A 59 -32.24 13.74 -8.61
CA ILE A 59 -31.29 12.73 -9.07
C ILE A 59 -31.30 12.60 -10.60
N ARG A 60 -32.10 13.40 -11.29
CA ARG A 60 -32.20 13.31 -12.75
C ARG A 60 -30.91 13.76 -13.41
N GLY A 61 -30.72 13.32 -14.64
CA GLY A 61 -29.63 13.75 -15.49
C GLY A 61 -30.07 14.79 -16.50
N CYS A 62 -29.34 14.87 -17.60
CA CYS A 62 -29.63 15.82 -18.66
C CYS A 62 -29.80 15.06 -19.98
N ALA A 63 -30.10 15.82 -21.04
CA ALA A 63 -30.28 15.22 -22.36
C ALA A 63 -28.98 14.64 -22.88
N TYR A 64 -27.86 15.28 -22.55
CA TYR A 64 -26.56 14.79 -22.98
C TYR A 64 -26.26 13.42 -22.39
N ALA A 65 -26.62 13.22 -21.12
CA ALA A 65 -26.46 11.90 -20.51
C ALA A 65 -27.35 10.86 -21.19
N GLY A 66 -28.58 11.25 -21.53
CA GLY A 66 -29.48 10.33 -22.19
C GLY A 66 -29.07 9.97 -23.60
N SER A 67 -28.35 10.87 -24.28
CA SER A 67 -27.92 10.60 -25.64
C SER A 67 -26.51 10.00 -25.69
N LYS A 68 -25.52 10.74 -25.17
CA LYS A 68 -24.15 10.26 -25.21
C LYS A 68 -23.96 9.08 -24.24
N GLY A 69 -24.44 9.24 -23.00
CA GLY A 69 -24.13 8.26 -21.98
C GLY A 69 -24.97 7.00 -22.06
N VAL A 70 -26.06 7.03 -22.80
CA VAL A 70 -27.00 5.91 -22.79
C VAL A 70 -27.09 5.24 -24.16
N VAL A 71 -27.47 6.00 -25.18
CA VAL A 71 -27.79 5.40 -26.47
C VAL A 71 -26.56 5.31 -27.37
N TRP A 72 -25.87 6.43 -27.59
CA TRP A 72 -24.80 6.46 -28.58
C TRP A 72 -23.47 5.97 -28.03
N GLY A 73 -23.21 6.14 -26.75
CA GLY A 73 -21.95 5.77 -26.15
C GLY A 73 -21.55 4.32 -26.29
N PRO A 74 -22.47 3.38 -26.00
CA PRO A 74 -22.10 1.95 -26.08
C PRO A 74 -21.74 1.48 -27.47
N ILE A 75 -22.11 2.21 -28.53
CA ILE A 75 -21.75 1.80 -29.89
C ILE A 75 -20.23 1.90 -30.00
N LYS A 76 -19.58 0.74 -30.20
CA LYS A 76 -18.16 0.64 -29.91
C LYS A 76 -17.27 1.03 -31.09
N ASP A 77 -17.71 0.84 -32.32
CA ASP A 77 -16.86 1.14 -33.47
C ASP A 77 -16.92 2.60 -33.90
N MET A 78 -17.72 3.42 -33.23
CA MET A 78 -17.85 4.84 -33.55
C MET A 78 -17.08 5.67 -32.55
N ILE A 79 -16.75 6.89 -32.96
CA ILE A 79 -16.08 7.87 -32.11
C ILE A 79 -17.09 8.96 -31.76
N HIS A 80 -17.27 9.20 -30.47
CA HIS A 80 -18.28 10.12 -29.97
C HIS A 80 -17.59 11.34 -29.40
N ILE A 81 -17.88 12.52 -29.96
CA ILE A 81 -17.25 13.78 -29.60
C ILE A 81 -18.19 14.56 -28.71
N SER A 82 -17.77 14.82 -27.47
CA SER A 82 -18.49 15.73 -26.59
C SER A 82 -18.15 17.15 -27.04
N HIS A 83 -19.04 17.77 -27.80
CA HIS A 83 -18.78 19.07 -28.40
C HIS A 83 -19.11 20.16 -27.39
N GLY A 84 -18.09 20.84 -26.88
CA GLY A 84 -18.27 21.89 -25.91
C GLY A 84 -17.18 21.88 -24.86
N PRO A 85 -17.53 22.32 -23.65
CA PRO A 85 -16.55 22.33 -22.55
C PRO A 85 -16.17 20.92 -22.11
N VAL A 86 -15.08 20.85 -21.34
CA VAL A 86 -14.43 19.58 -21.06
C VAL A 86 -15.12 18.79 -19.96
N GLY A 87 -15.97 19.45 -19.18
CA GLY A 87 -16.61 18.81 -18.02
C GLY A 87 -17.46 17.58 -18.27
N CYS A 88 -18.46 17.66 -19.13
CA CYS A 88 -19.41 16.55 -19.40
C CYS A 88 -18.68 15.26 -19.73
N GLY A 89 -17.94 15.27 -20.83
CA GLY A 89 -17.11 14.11 -21.13
C GLY A 89 -16.34 13.67 -19.92
N GLN A 90 -15.53 14.53 -19.33
CA GLN A 90 -14.77 14.03 -18.17
C GLN A 90 -15.69 13.28 -17.22
N TYR A 91 -16.84 13.84 -16.90
CA TYR A 91 -17.61 13.18 -15.86
C TYR A 91 -18.28 11.91 -16.37
N SER A 92 -18.61 11.84 -17.66
CA SER A 92 -19.29 10.68 -18.21
C SER A 92 -18.32 9.62 -18.76
N ARG A 93 -17.03 9.80 -18.58
CA ARG A 93 -16.06 8.85 -19.12
C ARG A 93 -16.06 7.57 -18.29
N ALA A 94 -16.35 6.45 -18.95
CA ALA A 94 -16.28 5.12 -18.35
C ALA A 94 -17.10 5.00 -17.08
N GLY A 95 -18.18 5.79 -16.95
CA GLY A 95 -19.02 5.72 -15.78
C GLY A 95 -20.11 4.68 -15.84
N ARG A 96 -20.43 4.19 -17.04
CA ARG A 96 -21.48 3.20 -17.25
C ARG A 96 -20.85 1.93 -17.81
N ARG A 97 -21.26 0.79 -17.28
CA ARG A 97 -20.56 -0.47 -17.53
C ARG A 97 -21.16 -1.21 -18.72
N ASN A 98 -21.29 -0.48 -19.84
CA ASN A 98 -21.79 -1.07 -21.07
C ASN A 98 -20.65 -1.83 -21.73
N TYR A 99 -20.60 -3.13 -21.49
CA TYR A 99 -19.45 -3.95 -21.84
C TYR A 99 -19.32 -4.13 -23.35
N TYR A 100 -18.10 -4.37 -23.81
CA TYR A 100 -17.85 -4.54 -25.22
C TYR A 100 -16.57 -5.36 -25.40
N ILE A 101 -16.39 -5.88 -26.61
CA ILE A 101 -15.19 -6.61 -27.00
C ILE A 101 -14.51 -5.84 -28.12
N GLY A 102 -13.29 -5.40 -27.89
CA GLY A 102 -12.54 -4.71 -28.90
C GLY A 102 -11.23 -4.21 -28.35
N THR A 103 -10.42 -3.64 -29.24
CA THR A 103 -9.13 -3.07 -28.90
C THR A 103 -9.32 -1.56 -28.75
N THR A 104 -9.33 -1.08 -27.51
CA THR A 104 -9.63 0.32 -27.24
C THR A 104 -8.55 1.22 -27.82
N GLY A 105 -8.98 2.28 -28.51
CA GLY A 105 -8.08 3.19 -29.16
C GLY A 105 -7.64 2.76 -30.55
N VAL A 106 -8.04 1.58 -31.00
CA VAL A 106 -7.70 1.10 -32.33
C VAL A 106 -8.96 0.91 -33.15
N ASN A 107 -9.81 -0.02 -32.72
CA ASN A 107 -11.08 -0.27 -33.39
C ASN A 107 -12.29 -0.12 -32.49
N ALA A 108 -12.09 0.10 -31.19
CA ALA A 108 -13.17 0.37 -30.25
C ALA A 108 -12.80 1.59 -29.42
N PHE A 109 -13.82 2.39 -29.07
CA PHE A 109 -13.54 3.67 -28.42
C PHE A 109 -14.53 4.00 -27.32
N VAL A 110 -15.09 2.99 -26.64
CA VAL A 110 -16.16 3.25 -25.67
C VAL A 110 -15.62 4.02 -24.47
N THR A 111 -14.52 3.56 -23.89
CA THR A 111 -14.04 4.12 -22.64
C THR A 111 -13.24 5.40 -22.82
N MET A 112 -12.98 5.81 -24.05
CA MET A 112 -12.25 7.04 -24.32
C MET A 112 -13.18 8.25 -24.24
N ASN A 113 -12.59 9.42 -24.08
CA ASN A 113 -13.33 10.68 -24.00
C ASN A 113 -12.77 11.64 -25.03
N PHE A 114 -13.50 11.84 -26.11
CA PHE A 114 -13.15 12.81 -27.14
C PHE A 114 -13.97 14.07 -26.96
N THR A 115 -13.30 15.21 -26.83
CA THR A 115 -13.98 16.47 -26.59
C THR A 115 -13.30 17.55 -27.42
N SER A 116 -14.05 18.62 -27.69
CA SER A 116 -13.50 19.78 -28.38
C SER A 116 -12.87 20.79 -27.41
N ASP A 117 -13.13 20.66 -26.11
CA ASP A 117 -12.49 21.46 -25.07
C ASP A 117 -12.63 22.95 -25.37
N PHE A 118 -13.87 23.43 -25.36
CA PHE A 118 -14.13 24.84 -25.63
C PHE A 118 -13.45 25.76 -24.61
N GLN A 119 -12.80 26.79 -25.13
CA GLN A 119 -12.35 27.93 -24.36
C GLN A 119 -13.26 29.12 -24.65
N GLU A 120 -12.94 30.26 -24.04
CA GLU A 120 -13.81 31.42 -24.17
C GLU A 120 -13.86 31.94 -25.61
N LYS A 121 -12.72 31.90 -26.32
CA LYS A 121 -12.73 32.35 -27.70
C LYS A 121 -13.60 31.46 -28.58
N ASP A 122 -13.68 30.17 -28.26
CA ASP A 122 -14.57 29.27 -29.00
C ASP A 122 -16.03 29.66 -28.80
N ILE A 123 -16.40 30.02 -27.58
CA ILE A 123 -17.78 30.46 -27.32
C ILE A 123 -18.06 31.77 -28.04
N VAL A 124 -17.11 32.71 -27.98
CA VAL A 124 -17.35 34.04 -28.51
C VAL A 124 -17.40 34.02 -30.03
N PHE A 125 -16.48 33.32 -30.68
CA PHE A 125 -16.36 33.36 -32.12
C PHE A 125 -16.90 32.11 -32.82
N GLY A 126 -17.54 31.22 -32.10
CA GLY A 126 -18.07 30.00 -32.68
C GLY A 126 -17.05 28.86 -32.68
N GLY A 127 -17.55 27.66 -32.95
CA GLY A 127 -16.71 26.49 -32.93
C GLY A 127 -16.92 25.52 -34.08
N ASP A 128 -17.50 26.01 -35.18
CA ASP A 128 -17.68 25.14 -36.35
C ASP A 128 -16.35 24.82 -37.01
N LYS A 129 -15.48 25.81 -37.15
CA LYS A 129 -14.16 25.59 -37.72
C LYS A 129 -13.36 24.62 -36.85
N LYS A 130 -13.43 24.80 -35.53
CA LYS A 130 -12.80 23.85 -34.62
C LYS A 130 -13.38 22.46 -34.78
N LEU A 131 -14.69 22.38 -35.03
CA LEU A 131 -15.31 21.07 -35.23
C LEU A 131 -14.78 20.38 -36.49
N ALA A 132 -14.63 21.13 -37.58
CA ALA A 132 -14.08 20.55 -38.80
C ALA A 132 -12.63 20.09 -38.59
N LYS A 133 -11.82 20.93 -37.94
CA LYS A 133 -10.44 20.55 -37.66
C LYS A 133 -10.38 19.32 -36.77
N LEU A 134 -11.27 19.24 -35.77
CA LEU A 134 -11.32 18.10 -34.88
C LEU A 134 -11.69 16.83 -35.63
N ILE A 135 -12.63 16.94 -36.59
CA ILE A 135 -12.98 15.77 -37.39
C ILE A 135 -11.79 15.30 -38.21
N ASP A 136 -11.05 16.24 -38.81
CA ASP A 136 -9.86 15.86 -39.58
C ASP A 136 -8.84 15.17 -38.69
N GLU A 137 -8.63 15.71 -37.49
CA GLU A 137 -7.67 15.12 -36.56
C GLU A 137 -8.11 13.74 -36.09
N VAL A 138 -9.40 13.55 -35.85
CA VAL A 138 -9.94 12.25 -35.49
C VAL A 138 -9.69 11.26 -36.62
N GLU A 139 -9.90 11.70 -37.86
CA GLU A 139 -9.60 10.87 -39.02
C GLU A 139 -8.13 10.47 -39.04
N THR A 140 -7.24 11.41 -38.78
CA THR A 140 -5.81 11.13 -38.87
C THR A 140 -5.36 10.17 -37.79
N LEU A 141 -5.77 10.40 -36.54
CA LEU A 141 -5.20 9.66 -35.42
C LEU A 141 -5.97 8.39 -35.07
N PHE A 142 -7.14 8.17 -35.65
CA PHE A 142 -7.93 6.96 -35.40
C PHE A 142 -8.52 6.47 -36.72
N PRO A 143 -7.70 5.89 -37.59
CA PRO A 143 -8.17 5.53 -38.93
C PRO A 143 -9.29 4.49 -38.94
N LEU A 144 -9.32 3.58 -37.98
CA LEU A 144 -10.21 2.43 -38.04
C LEU A 144 -11.60 2.73 -37.52
N ASN A 145 -11.88 3.96 -37.12
CA ASN A 145 -13.24 4.29 -36.70
C ASN A 145 -14.21 4.17 -37.86
N LYS A 146 -15.39 3.63 -37.58
CA LYS A 146 -16.39 3.37 -38.59
C LYS A 146 -17.49 4.43 -38.63
N GLY A 147 -17.36 5.46 -37.83
CA GLY A 147 -18.34 6.53 -37.80
C GLY A 147 -18.07 7.48 -36.66
N ILE A 148 -18.61 8.69 -36.80
CA ILE A 148 -18.45 9.74 -35.81
C ILE A 148 -19.82 10.25 -35.41
N SER A 149 -20.03 10.41 -34.11
CA SER A 149 -21.20 11.11 -33.58
C SER A 149 -20.72 12.35 -32.84
N VAL A 150 -21.47 13.44 -32.98
CA VAL A 150 -21.13 14.72 -32.37
C VAL A 150 -22.25 15.07 -31.40
N GLN A 151 -22.01 14.89 -30.10
CA GLN A 151 -23.01 15.12 -29.07
C GLN A 151 -22.86 16.55 -28.53
N SER A 152 -23.90 17.36 -28.69
CA SER A 152 -23.82 18.75 -28.27
C SER A 152 -24.07 18.91 -26.78
N GLU A 153 -23.33 19.82 -26.16
CA GLU A 153 -23.60 20.28 -24.81
C GLU A 153 -24.30 21.64 -24.84
N CYS A 154 -24.50 22.22 -23.66
CA CYS A 154 -25.36 23.39 -23.51
C CYS A 154 -24.91 24.61 -24.33
N PRO A 155 -23.64 25.04 -24.29
CA PRO A 155 -23.27 26.20 -25.10
C PRO A 155 -23.50 26.02 -26.58
N ILE A 156 -23.37 24.78 -27.09
CA ILE A 156 -23.64 24.53 -28.50
C ILE A 156 -25.07 24.88 -28.84
N GLY A 157 -26.02 24.47 -28.01
CA GLY A 157 -27.40 24.81 -28.24
C GLY A 157 -27.68 26.30 -28.08
N LEU A 158 -27.00 26.93 -27.13
CA LEU A 158 -27.26 28.35 -26.90
C LEU A 158 -26.76 29.22 -28.05
N ILE A 159 -25.51 29.00 -28.49
CA ILE A 159 -24.89 29.91 -29.44
C ILE A 159 -25.25 29.61 -30.89
N GLY A 160 -26.08 28.59 -31.13
CA GLY A 160 -26.55 28.32 -32.47
C GLY A 160 -25.49 27.87 -33.46
N ASP A 161 -24.58 26.99 -33.03
CA ASP A 161 -23.60 26.43 -33.95
C ASP A 161 -24.28 25.44 -34.89
N ASP A 162 -23.95 25.54 -36.18
CA ASP A 162 -24.57 24.69 -37.20
C ASP A 162 -23.70 23.45 -37.39
N ILE A 163 -23.88 22.49 -36.49
CA ILE A 163 -23.12 21.25 -36.56
C ILE A 163 -23.60 20.35 -37.69
N GLU A 164 -24.86 20.51 -38.12
CA GLU A 164 -25.38 19.67 -39.20
C GLU A 164 -24.65 19.93 -40.50
N SER A 165 -24.38 21.21 -40.81
CA SER A 165 -23.65 21.53 -42.03
C SER A 165 -22.24 20.95 -41.99
N VAL A 166 -21.56 21.09 -40.85
CA VAL A 166 -20.21 20.54 -40.72
C VAL A 166 -20.25 19.03 -40.88
N SER A 167 -21.23 18.38 -40.25
CA SER A 167 -21.35 16.93 -40.34
C SER A 167 -21.54 16.49 -41.78
N LYS A 168 -22.50 17.09 -42.49
CA LYS A 168 -22.75 16.68 -43.87
C LYS A 168 -21.56 16.96 -44.77
N VAL A 169 -20.92 18.12 -44.61
CA VAL A 169 -19.81 18.47 -45.48
C VAL A 169 -18.63 17.53 -45.25
N LYS A 170 -18.26 17.31 -43.99
CA LYS A 170 -17.13 16.43 -43.70
C LYS A 170 -17.45 14.97 -44.06
N GLY A 171 -18.70 14.54 -43.90
CA GLY A 171 -19.07 13.20 -44.31
C GLY A 171 -19.00 13.00 -45.80
N ALA A 172 -19.41 14.02 -46.57
CA ALA A 172 -19.25 13.94 -48.02
C ALA A 172 -17.77 13.92 -48.41
N GLU A 173 -16.96 14.76 -47.76
CA GLU A 173 -15.55 14.83 -48.12
C GLU A 173 -14.81 13.54 -47.77
N LEU A 174 -15.16 12.92 -46.64
CA LEU A 174 -14.45 11.77 -46.12
C LEU A 174 -15.19 10.46 -46.32
N SER A 175 -16.39 10.49 -46.90
CA SER A 175 -17.18 9.29 -47.17
C SER A 175 -17.42 8.48 -45.90
N LYS A 176 -17.63 9.19 -44.78
CA LYS A 176 -17.91 8.56 -43.50
C LYS A 176 -19.16 9.16 -42.88
N THR A 177 -19.90 8.33 -42.15
CA THR A 177 -21.13 8.76 -41.49
C THR A 177 -20.80 9.62 -40.27
N ILE A 178 -21.22 10.88 -40.30
CA ILE A 178 -21.09 11.79 -39.17
C ILE A 178 -22.49 12.18 -38.73
N VAL A 179 -22.82 11.90 -37.48
CA VAL A 179 -24.17 11.99 -36.94
C VAL A 179 -24.20 13.14 -35.94
N PRO A 180 -24.85 14.26 -36.26
CA PRO A 180 -24.98 15.35 -35.28
C PRO A 180 -26.16 15.12 -34.35
N VAL A 181 -25.90 15.20 -33.05
CA VAL A 181 -26.94 15.03 -32.04
C VAL A 181 -27.05 16.34 -31.26
N ARG A 182 -28.23 16.95 -31.31
CA ARG A 182 -28.53 18.18 -30.57
C ARG A 182 -29.07 17.84 -29.19
N CYS A 183 -28.18 17.34 -28.34
CA CYS A 183 -28.55 16.84 -27.02
C CYS A 183 -28.03 17.73 -25.90
N GLU A 184 -28.11 19.06 -26.07
CA GLU A 184 -27.68 19.96 -25.01
C GLU A 184 -28.53 19.77 -23.76
N GLY A 185 -27.91 19.97 -22.60
CA GLY A 185 -28.49 19.52 -21.35
C GLY A 185 -29.80 20.20 -21.00
N PHE A 186 -29.97 21.46 -21.40
CA PHE A 186 -31.15 22.21 -20.99
C PHE A 186 -32.42 21.83 -21.75
N ARG A 187 -32.33 21.03 -22.80
CA ARG A 187 -33.52 20.52 -23.45
C ARG A 187 -34.19 19.46 -22.58
N GLY A 188 -35.52 19.47 -22.57
CA GLY A 188 -36.22 18.48 -21.79
C GLY A 188 -36.06 18.73 -20.30
N VAL A 189 -36.28 17.67 -19.54
CA VAL A 189 -36.26 17.76 -18.08
C VAL A 189 -35.39 16.65 -17.51
N SER A 190 -34.96 15.73 -18.36
CA SER A 190 -34.28 14.52 -17.91
C SER A 190 -33.63 13.85 -19.12
N GLN A 191 -33.16 12.61 -18.93
CA GLN A 191 -32.52 11.83 -19.97
C GLN A 191 -33.51 11.32 -21.02
N SER A 192 -34.82 11.41 -20.78
CA SER A 192 -35.78 10.89 -21.73
C SER A 192 -35.72 11.62 -23.06
N LEU A 193 -35.60 12.95 -23.02
CA LEU A 193 -35.44 13.69 -24.27
C LEU A 193 -34.11 13.38 -24.94
N GLY A 194 -33.09 13.06 -24.15
CA GLY A 194 -31.86 12.56 -24.74
C GLY A 194 -32.07 11.28 -25.51
N HIS A 195 -32.84 10.35 -24.94
CA HIS A 195 -33.19 9.12 -25.65
C HIS A 195 -33.94 9.43 -26.94
N HIS A 196 -34.90 10.35 -26.86
CA HIS A 196 -35.68 10.70 -28.04
C HIS A 196 -34.80 11.29 -29.14
N ILE A 197 -33.93 12.24 -28.78
CA ILE A 197 -33.06 12.88 -29.76
C ILE A 197 -32.09 11.87 -30.36
N ALA A 198 -31.55 10.99 -29.54
CA ALA A 198 -30.63 9.96 -30.04
C ALA A 198 -31.35 9.02 -31.00
N ASN A 199 -32.57 8.63 -30.67
CA ASN A 199 -33.34 7.75 -31.56
C ASN A 199 -33.63 8.43 -32.89
N ASP A 200 -34.01 9.71 -32.85
CA ASP A 200 -34.23 10.44 -34.10
C ASP A 200 -32.94 10.54 -34.91
N ALA A 201 -31.80 10.75 -34.25
CA ALA A 201 -30.54 10.79 -34.97
C ALA A 201 -30.22 9.45 -35.63
N VAL A 202 -30.45 8.35 -34.90
CA VAL A 202 -30.23 7.02 -35.46
C VAL A 202 -31.12 6.81 -36.67
N ARG A 203 -32.39 7.20 -36.56
CA ARG A 203 -33.32 7.05 -37.67
C ARG A 203 -32.90 7.87 -38.88
N ASP A 204 -32.45 9.11 -38.65
CA ASP A 204 -32.24 10.05 -39.73
C ASP A 204 -30.86 9.95 -40.38
N TRP A 205 -29.90 9.29 -39.73
CA TRP A 205 -28.55 9.28 -40.28
C TRP A 205 -27.93 7.90 -40.43
N VAL A 206 -28.50 6.86 -39.83
CA VAL A 206 -27.84 5.55 -39.81
C VAL A 206 -28.73 4.46 -40.39
N LEU A 207 -30.01 4.47 -39.98
CA LEU A 207 -30.86 3.30 -40.20
C LEU A 207 -31.04 2.98 -41.67
N GLY A 208 -31.20 3.99 -42.52
CA GLY A 208 -31.53 3.77 -43.91
C GLY A 208 -30.36 3.70 -44.85
N LYS A 209 -29.15 3.48 -44.32
CA LYS A 209 -27.97 3.44 -45.19
C LYS A 209 -27.93 2.17 -46.03
N ARG A 210 -28.65 1.12 -45.61
CA ARG A 210 -28.71 -0.13 -46.35
C ARG A 210 -30.12 -0.43 -46.85
N ASP A 211 -30.93 0.61 -47.07
CA ASP A 211 -32.30 0.40 -47.52
C ASP A 211 -32.33 -0.25 -48.90
N GLU A 212 -31.48 0.21 -49.81
CA GLU A 212 -31.45 -0.29 -51.18
C GLU A 212 -30.58 -1.53 -51.35
N ASP A 213 -29.73 -1.85 -50.37
CA ASP A 213 -28.81 -2.96 -50.47
C ASP A 213 -29.52 -4.25 -50.07
N THR A 214 -29.54 -5.22 -51.00
CA THR A 214 -30.21 -6.50 -50.79
C THR A 214 -29.23 -7.67 -50.68
N THR A 215 -27.97 -7.38 -50.37
CA THR A 215 -26.91 -8.37 -50.32
C THR A 215 -26.77 -9.05 -48.97
N PHE A 216 -27.85 -9.17 -48.20
CA PHE A 216 -27.82 -9.81 -46.89
C PHE A 216 -28.71 -11.04 -46.90
N ALA A 217 -28.17 -12.18 -46.49
CA ALA A 217 -28.92 -13.42 -46.45
C ALA A 217 -29.78 -13.44 -45.19
N SER A 218 -31.10 -13.48 -45.38
CA SER A 218 -32.05 -13.41 -44.28
C SER A 218 -32.72 -14.76 -44.08
N THR A 219 -32.71 -15.24 -42.84
CA THR A 219 -33.38 -16.46 -42.43
C THR A 219 -34.68 -16.13 -41.73
N PRO A 220 -35.65 -17.04 -41.72
CA PRO A 220 -36.92 -16.76 -41.03
C PRO A 220 -36.78 -16.59 -39.53
N TYR A 221 -35.61 -16.81 -38.96
CA TYR A 221 -35.38 -16.74 -37.53
C TYR A 221 -34.51 -15.53 -37.17
N ASP A 222 -34.76 -14.40 -37.82
CA ASP A 222 -33.95 -13.20 -37.62
C ASP A 222 -34.62 -12.28 -36.61
N VAL A 223 -33.92 -12.05 -35.50
CA VAL A 223 -34.41 -11.19 -34.43
C VAL A 223 -33.32 -10.17 -34.10
N ALA A 224 -33.75 -9.04 -33.54
CA ALA A 224 -32.84 -7.98 -33.14
C ALA A 224 -33.16 -7.59 -31.70
N ILE A 225 -32.16 -7.69 -30.83
CA ILE A 225 -32.27 -7.21 -29.46
C ILE A 225 -32.07 -5.71 -29.47
N ILE A 226 -33.04 -4.97 -28.94
CA ILE A 226 -33.01 -3.52 -28.94
C ILE A 226 -33.26 -3.03 -27.52
N GLY A 227 -32.47 -2.05 -27.09
CA GLY A 227 -32.60 -1.51 -25.76
C GLY A 227 -31.76 -2.18 -24.70
N ASP A 228 -30.95 -3.15 -25.06
CA ASP A 228 -30.06 -3.84 -24.12
C ASP A 228 -28.66 -3.25 -24.28
N TYR A 229 -28.17 -2.62 -23.22
CA TYR A 229 -26.90 -1.92 -23.26
C TYR A 229 -25.77 -2.73 -22.65
N ASN A 230 -25.98 -4.03 -22.43
CA ASN A 230 -24.92 -4.95 -22.02
C ASN A 230 -24.23 -4.49 -20.75
N ILE A 231 -25.02 -4.01 -19.78
CA ILE A 231 -24.46 -3.63 -18.49
C ILE A 231 -23.97 -4.89 -17.80
N GLY A 232 -22.69 -4.92 -17.45
CA GLY A 232 -22.10 -6.12 -16.88
C GLY A 232 -22.19 -7.34 -17.75
N GLY A 233 -22.34 -7.17 -19.06
CA GLY A 233 -22.53 -8.28 -19.97
C GLY A 233 -23.95 -8.78 -20.08
N ASP A 234 -24.93 -8.00 -19.58
CA ASP A 234 -26.32 -8.48 -19.53
C ASP A 234 -26.78 -9.02 -20.88
N ALA A 235 -26.57 -8.24 -21.95
CA ALA A 235 -27.06 -8.64 -23.27
C ALA A 235 -26.51 -9.99 -23.68
N TRP A 236 -25.23 -10.25 -23.40
CA TRP A 236 -24.66 -11.55 -23.74
C TRP A 236 -25.43 -12.66 -23.03
N SER A 237 -25.69 -12.47 -21.73
CA SER A 237 -26.44 -13.46 -20.98
C SER A 237 -27.84 -13.66 -21.55
N SER A 238 -28.37 -12.67 -22.27
CA SER A 238 -29.61 -12.85 -22.99
C SER A 238 -29.38 -13.52 -24.34
N ARG A 239 -28.37 -13.05 -25.08
CA ARG A 239 -28.16 -13.52 -26.45
C ARG A 239 -28.05 -15.04 -26.50
N ILE A 240 -27.27 -15.61 -25.59
CA ILE A 240 -27.03 -17.05 -25.62
C ILE A 240 -28.36 -17.81 -25.55
N LEU A 241 -29.28 -17.36 -24.68
CA LEU A 241 -30.57 -18.01 -24.58
C LEU A 241 -31.27 -18.01 -25.92
N LEU A 242 -31.31 -16.84 -26.57
CA LEU A 242 -31.98 -16.74 -27.86
C LEU A 242 -31.30 -17.62 -28.90
N GLU A 243 -29.98 -17.80 -28.79
CA GLU A 243 -29.29 -18.65 -29.74
C GLU A 243 -29.49 -20.12 -29.44
N GLU A 244 -29.82 -20.47 -28.20
CA GLU A 244 -30.15 -21.86 -27.89
C GLU A 244 -31.55 -22.23 -28.33
N MET A 245 -32.40 -21.23 -28.61
CA MET A 245 -33.73 -21.45 -29.16
C MET A 245 -33.71 -21.59 -30.68
N GLY A 246 -32.56 -21.37 -31.32
CA GLY A 246 -32.48 -21.43 -32.76
C GLY A 246 -32.66 -20.12 -33.48
N LEU A 247 -32.80 -19.02 -32.76
CA LEU A 247 -32.92 -17.71 -33.38
C LEU A 247 -31.54 -17.12 -33.63
N ARG A 248 -31.44 -16.35 -34.71
CA ARG A 248 -30.22 -15.66 -35.09
C ARG A 248 -30.35 -14.20 -34.64
N CYS A 249 -29.46 -13.77 -33.77
CA CYS A 249 -29.48 -12.41 -33.23
C CYS A 249 -28.64 -11.52 -34.13
N VAL A 250 -29.30 -10.86 -35.08
CA VAL A 250 -28.58 -10.07 -36.08
C VAL A 250 -27.97 -8.82 -35.45
N ALA A 251 -28.71 -8.16 -34.55
CA ALA A 251 -28.27 -6.88 -34.03
C ALA A 251 -28.52 -6.79 -32.53
N GLN A 252 -27.74 -5.93 -31.87
CA GLN A 252 -27.96 -5.54 -30.49
C GLN A 252 -27.85 -4.03 -30.36
N TRP A 253 -28.79 -3.43 -29.64
CA TRP A 253 -28.83 -1.99 -29.42
C TRP A 253 -28.77 -1.72 -27.92
N SER A 254 -27.71 -1.07 -27.46
CA SER A 254 -26.56 -0.63 -28.26
C SER A 254 -25.27 -1.08 -27.59
N GLY A 255 -25.41 -1.73 -26.43
CA GLY A 255 -24.27 -2.29 -25.74
C GLY A 255 -23.58 -3.36 -26.55
N ASP A 256 -22.25 -3.24 -26.70
CA ASP A 256 -21.47 -4.08 -27.61
C ASP A 256 -21.99 -4.03 -29.03
N GLY A 257 -22.69 -2.95 -29.37
CA GLY A 257 -23.27 -2.85 -30.70
C GLY A 257 -22.30 -2.30 -31.72
N SER A 258 -22.54 -2.65 -32.96
CA SER A 258 -21.77 -2.17 -34.10
C SER A 258 -22.66 -1.33 -35.00
N ILE A 259 -22.03 -0.40 -35.72
CA ILE A 259 -22.76 0.41 -36.68
C ILE A 259 -23.37 -0.47 -37.76
N SER A 260 -22.66 -1.54 -38.15
CA SER A 260 -23.20 -2.47 -39.13
C SER A 260 -24.44 -3.19 -38.59
N GLU A 261 -24.48 -3.47 -37.29
CA GLU A 261 -25.67 -4.10 -36.72
C GLU A 261 -26.87 -3.17 -36.80
N ILE A 262 -26.67 -1.89 -36.51
CA ILE A 262 -27.76 -0.92 -36.66
C ILE A 262 -28.20 -0.83 -38.11
N GLU A 263 -27.24 -0.93 -39.04
CA GLU A 263 -27.59 -0.87 -40.46
C GLU A 263 -28.35 -2.10 -40.89
N LEU A 264 -28.02 -3.27 -40.35
CA LEU A 264 -28.63 -4.54 -40.76
C LEU A 264 -29.92 -4.83 -40.00
N THR A 265 -30.22 -4.06 -38.96
CA THR A 265 -31.45 -4.30 -38.19
C THR A 265 -32.72 -4.33 -39.02
N PRO A 266 -32.94 -3.47 -40.03
CA PRO A 266 -34.21 -3.54 -40.79
C PRO A 266 -34.45 -4.84 -41.53
N LYS A 267 -33.49 -5.76 -41.49
CA LYS A 267 -33.60 -7.03 -42.20
C LYS A 267 -34.12 -8.16 -41.32
N VAL A 268 -34.47 -7.89 -40.07
CA VAL A 268 -34.84 -8.95 -39.13
C VAL A 268 -36.34 -9.20 -39.20
N LYS A 269 -36.77 -10.35 -38.66
CA LYS A 269 -38.19 -10.68 -38.62
C LYS A 269 -38.86 -10.27 -37.31
N LEU A 270 -38.10 -10.08 -36.23
CA LEU A 270 -38.71 -9.68 -34.98
C LEU A 270 -37.77 -8.73 -34.24
N ASN A 271 -38.36 -7.76 -33.54
CA ASN A 271 -37.62 -6.81 -32.73
C ASN A 271 -37.94 -7.05 -31.25
N LEU A 272 -37.00 -7.65 -30.54
CA LEU A 272 -37.15 -7.92 -29.11
C LEU A 272 -36.64 -6.71 -28.35
N VAL A 273 -37.56 -5.97 -27.73
CA VAL A 273 -37.25 -4.71 -27.06
C VAL A 273 -37.13 -4.96 -25.58
N HIS A 274 -36.01 -4.56 -24.98
CA HIS A 274 -35.82 -4.64 -23.54
C HIS A 274 -36.23 -3.35 -22.85
N CYS A 275 -35.60 -2.24 -23.21
CA CYS A 275 -35.90 -0.93 -22.65
C CYS A 275 -36.86 -0.22 -23.59
N TYR A 276 -38.15 -0.35 -23.30
CA TYR A 276 -39.17 0.34 -24.10
C TYR A 276 -38.99 1.85 -24.02
N ARG A 277 -38.60 2.36 -22.85
CA ARG A 277 -38.52 3.80 -22.65
C ARG A 277 -37.51 4.46 -23.60
N SER A 278 -36.35 3.82 -23.80
CA SER A 278 -35.29 4.42 -24.58
C SER A 278 -35.37 4.13 -26.07
N MET A 279 -36.00 3.04 -26.49
CA MET A 279 -35.94 2.60 -27.88
C MET A 279 -37.32 2.38 -28.49
N ASN A 280 -38.39 2.73 -27.80
CA ASN A 280 -39.72 2.53 -28.35
C ASN A 280 -39.93 3.36 -29.62
N TYR A 281 -39.33 4.55 -29.69
CA TYR A 281 -39.52 5.41 -30.85
C TYR A 281 -38.98 4.73 -32.10
N ILE A 282 -37.76 4.19 -32.03
CA ILE A 282 -37.19 3.50 -33.17
C ILE A 282 -37.96 2.23 -33.46
N SER A 283 -38.50 1.58 -32.42
CA SER A 283 -39.30 0.37 -32.66
C SER A 283 -40.53 0.69 -33.49
N ARG A 284 -41.27 1.75 -33.12
CA ARG A 284 -42.46 2.12 -33.88
C ARG A 284 -42.08 2.57 -35.29
N HIS A 285 -40.97 3.30 -35.42
CA HIS A 285 -40.54 3.73 -36.75
C HIS A 285 -40.26 2.53 -37.65
N MET A 286 -39.60 1.51 -37.11
CA MET A 286 -39.31 0.32 -37.89
C MET A 286 -40.57 -0.45 -38.22
N GLU A 287 -41.51 -0.54 -37.29
CA GLU A 287 -42.79 -1.18 -37.59
C GLU A 287 -43.52 -0.48 -38.72
N GLU A 288 -43.53 0.84 -38.70
CA GLU A 288 -44.28 1.58 -39.72
C GLU A 288 -43.57 1.55 -41.07
N LYS A 289 -42.24 1.65 -41.07
CA LYS A 289 -41.52 1.79 -42.33
C LYS A 289 -41.19 0.46 -42.97
N TYR A 290 -40.68 -0.50 -42.20
CA TYR A 290 -40.24 -1.78 -42.74
C TYR A 290 -41.17 -2.94 -42.40
N GLY A 291 -42.18 -2.73 -41.58
CA GLY A 291 -43.11 -3.79 -41.25
C GLY A 291 -42.58 -4.86 -40.32
N ILE A 292 -41.64 -4.52 -39.45
CA ILE A 292 -41.10 -5.48 -38.49
C ILE A 292 -41.88 -5.40 -37.18
N PRO A 293 -42.51 -6.49 -36.74
CA PRO A 293 -43.15 -6.48 -35.43
C PRO A 293 -42.12 -6.40 -34.32
N TRP A 294 -42.51 -5.74 -33.23
CA TRP A 294 -41.67 -5.63 -32.04
C TRP A 294 -42.47 -6.05 -30.82
N MET A 295 -41.81 -6.76 -29.92
CA MET A 295 -42.42 -7.15 -28.66
C MET A 295 -41.44 -6.93 -27.53
N GLU A 296 -41.97 -6.56 -26.37
CA GLU A 296 -41.16 -6.38 -25.18
C GLU A 296 -40.93 -7.71 -24.50
N TYR A 297 -39.76 -7.85 -23.88
CA TYR A 297 -39.39 -9.10 -23.21
C TYR A 297 -38.66 -8.78 -21.92
N ASN A 298 -38.63 -9.76 -21.02
CA ASN A 298 -38.05 -9.60 -19.70
C ASN A 298 -37.25 -10.84 -19.36
N PHE A 299 -35.96 -10.66 -19.06
CA PHE A 299 -35.08 -11.75 -18.68
C PHE A 299 -34.57 -11.61 -17.24
N PHE A 300 -35.37 -11.00 -16.37
CA PHE A 300 -35.05 -10.85 -14.96
C PHE A 300 -35.76 -11.95 -14.18
N GLY A 301 -35.00 -12.93 -13.70
CA GLY A 301 -35.55 -14.02 -12.94
C GLY A 301 -35.98 -15.19 -13.81
N PRO A 302 -36.06 -16.38 -13.23
CA PRO A 302 -36.40 -17.56 -14.03
C PRO A 302 -37.82 -17.57 -14.56
N THR A 303 -38.80 -17.11 -13.77
CA THR A 303 -40.19 -17.13 -14.23
C THR A 303 -40.39 -16.18 -15.41
N LYS A 304 -39.92 -14.94 -15.27
CA LYS A 304 -40.02 -13.99 -16.37
C LYS A 304 -39.25 -14.46 -17.58
N THR A 305 -38.08 -15.08 -17.36
CA THR A 305 -37.27 -15.55 -18.48
C THR A 305 -37.99 -16.68 -19.23
N ILE A 306 -38.57 -17.63 -18.49
CA ILE A 306 -39.30 -18.73 -19.14
C ILE A 306 -40.48 -18.18 -19.92
N GLU A 307 -41.25 -17.27 -19.31
CA GLU A 307 -42.41 -16.72 -20.00
C GLU A 307 -42.01 -15.93 -21.23
N SER A 308 -40.92 -15.17 -21.15
CA SER A 308 -40.44 -14.42 -22.30
C SER A 308 -39.98 -15.34 -23.41
N LEU A 309 -39.24 -16.40 -23.05
CA LEU A 309 -38.76 -17.33 -24.06
C LEU A 309 -39.93 -18.02 -24.76
N ARG A 310 -40.94 -18.45 -24.00
CA ARG A 310 -42.10 -19.09 -24.62
C ARG A 310 -42.87 -18.11 -25.50
N ALA A 311 -43.01 -16.86 -25.05
CA ALA A 311 -43.69 -15.85 -25.86
C ALA A 311 -42.96 -15.60 -27.16
N ILE A 312 -41.62 -15.52 -27.11
CA ILE A 312 -40.85 -15.30 -28.32
C ILE A 312 -40.96 -16.50 -29.25
N ALA A 313 -40.87 -17.72 -28.70
CA ALA A 313 -40.96 -18.91 -29.53
C ALA A 313 -42.34 -19.06 -30.16
N ALA A 314 -43.38 -18.61 -29.48
CA ALA A 314 -44.72 -18.70 -30.05
C ALA A 314 -44.87 -17.86 -31.30
N LYS A 315 -43.98 -16.89 -31.51
CA LYS A 315 -44.04 -16.04 -32.70
C LYS A 315 -43.40 -16.68 -33.91
N PHE A 316 -42.85 -17.88 -33.77
CA PHE A 316 -42.19 -18.59 -34.86
C PHE A 316 -42.83 -19.97 -35.03
N ASP A 317 -42.16 -20.82 -35.81
CA ASP A 317 -42.70 -22.12 -36.17
C ASP A 317 -42.52 -23.12 -35.02
N GLU A 318 -42.81 -24.39 -35.31
CA GLU A 318 -42.82 -25.41 -34.26
C GLU A 318 -41.42 -25.71 -33.74
N SER A 319 -40.42 -25.73 -34.64
CA SER A 319 -39.08 -26.13 -34.23
C SER A 319 -38.53 -25.19 -33.17
N ILE A 320 -38.77 -23.89 -33.32
CA ILE A 320 -38.30 -22.94 -32.32
C ILE A 320 -38.96 -23.20 -30.98
N GLN A 321 -40.25 -23.54 -30.99
CA GLN A 321 -40.96 -23.79 -29.74
C GLN A 321 -40.44 -25.05 -29.04
N LYS A 322 -40.17 -26.11 -29.81
CA LYS A 322 -39.59 -27.30 -29.22
C LYS A 322 -38.20 -27.02 -28.65
N LYS A 323 -37.39 -26.26 -29.39
CA LYS A 323 -36.06 -25.91 -28.89
C LYS A 323 -36.14 -25.05 -27.65
N CYS A 324 -37.13 -24.16 -27.57
CA CYS A 324 -37.34 -23.37 -26.36
C CYS A 324 -37.67 -24.26 -25.17
N GLU A 325 -38.53 -25.26 -25.40
CA GLU A 325 -38.82 -26.22 -24.33
C GLU A 325 -37.57 -26.95 -23.90
N GLU A 326 -36.72 -27.34 -24.84
CA GLU A 326 -35.45 -27.97 -24.48
C GLU A 326 -34.57 -27.04 -23.66
N VAL A 327 -34.52 -25.76 -24.03
CA VAL A 327 -33.70 -24.81 -23.28
C VAL A 327 -34.19 -24.67 -21.84
N ILE A 328 -35.51 -24.55 -21.68
CA ILE A 328 -36.08 -24.44 -20.34
C ILE A 328 -35.78 -25.69 -19.53
N ALA A 329 -35.94 -26.87 -20.14
CA ALA A 329 -35.65 -28.11 -19.43
C ALA A 329 -34.20 -28.19 -19.03
N LYS A 330 -33.29 -27.76 -19.91
CA LYS A 330 -31.87 -27.80 -19.59
C LYS A 330 -31.52 -26.88 -18.43
N TYR A 331 -32.08 -25.67 -18.41
CA TYR A 331 -31.70 -24.71 -17.40
C TYR A 331 -32.51 -24.83 -16.11
N LYS A 332 -33.54 -25.67 -16.06
CA LYS A 332 -34.34 -25.80 -14.85
C LYS A 332 -33.52 -26.16 -13.61
N PRO A 333 -32.67 -27.19 -13.61
CA PRO A 333 -32.00 -27.55 -12.35
C PRO A 333 -31.11 -26.46 -11.79
N GLU A 334 -30.48 -25.64 -12.64
CA GLU A 334 -29.55 -24.63 -12.14
C GLU A 334 -30.28 -23.57 -11.32
N TRP A 335 -31.35 -23.00 -11.87
CA TRP A 335 -32.07 -21.98 -11.11
C TRP A 335 -32.88 -22.58 -9.98
N GLU A 336 -33.30 -23.84 -10.09
CA GLU A 336 -33.87 -24.49 -8.92
C GLU A 336 -32.85 -24.60 -7.80
N ALA A 337 -31.59 -24.94 -8.12
CA ALA A 337 -30.55 -25.01 -7.12
C ALA A 337 -30.27 -23.64 -6.51
N VAL A 338 -30.25 -22.60 -7.35
CA VAL A 338 -30.03 -21.25 -6.83
C VAL A 338 -31.15 -20.85 -5.87
N VAL A 339 -32.39 -21.15 -6.25
CA VAL A 339 -33.52 -20.86 -5.37
C VAL A 339 -33.38 -21.62 -4.06
N ALA A 340 -33.10 -22.91 -4.13
CA ALA A 340 -32.96 -23.70 -2.92
C ALA A 340 -31.84 -23.20 -2.02
N LYS A 341 -30.76 -22.69 -2.62
CA LYS A 341 -29.64 -22.21 -1.80
C LYS A 341 -29.94 -20.86 -1.16
N TYR A 342 -30.55 -19.94 -1.89
CA TYR A 342 -30.60 -18.56 -1.42
C TYR A 342 -31.97 -18.08 -0.96
N ARG A 343 -33.06 -18.73 -1.38
CA ARG A 343 -34.39 -18.30 -0.95
C ARG A 343 -34.59 -18.34 0.56
N PRO A 344 -34.15 -19.37 1.29
CA PRO A 344 -34.31 -19.33 2.75
C PRO A 344 -33.65 -18.13 3.40
N ARG A 345 -32.53 -17.67 2.87
CA ARG A 345 -31.82 -16.53 3.45
C ARG A 345 -32.45 -15.19 3.06
N LEU A 346 -33.41 -15.18 2.13
CA LEU A 346 -34.02 -13.96 1.67
C LEU A 346 -35.54 -13.97 1.74
N GLU A 347 -36.16 -15.06 2.17
CA GLU A 347 -37.62 -15.13 2.24
C GLU A 347 -38.16 -14.12 3.25
N GLY A 348 -39.14 -13.33 2.82
CA GLY A 348 -39.82 -12.39 3.69
C GLY A 348 -39.24 -11.00 3.75
N LYS A 349 -38.14 -10.73 3.05
CA LYS A 349 -37.50 -9.43 3.14
C LYS A 349 -38.23 -8.40 2.28
N ARG A 350 -38.01 -7.13 2.59
CA ARG A 350 -38.68 -6.02 1.94
C ARG A 350 -37.67 -5.12 1.22
N VAL A 351 -38.05 -4.66 0.03
CA VAL A 351 -37.16 -3.90 -0.85
C VAL A 351 -37.89 -2.65 -1.35
N MET A 352 -37.17 -1.54 -1.40
CA MET A 352 -37.61 -0.34 -2.11
C MET A 352 -36.55 0.04 -3.14
N LEU A 353 -37.03 0.48 -4.32
CA LEU A 353 -36.16 0.75 -5.45
C LEU A 353 -36.42 2.13 -6.01
N TYR A 354 -35.33 2.81 -6.40
CA TYR A 354 -35.43 4.06 -7.15
C TYR A 354 -34.38 4.01 -8.26
N ILE A 355 -34.82 3.69 -9.46
CA ILE A 355 -33.94 3.49 -10.61
C ILE A 355 -34.51 4.37 -11.72
N GLY A 356 -34.00 4.22 -12.95
CA GLY A 356 -34.44 5.09 -14.01
C GLY A 356 -35.77 4.65 -14.59
N GLY A 357 -35.85 4.45 -15.91
CA GLY A 357 -37.15 4.29 -16.54
C GLY A 357 -37.70 2.89 -16.73
N LEU A 358 -36.85 1.87 -16.62
CA LEU A 358 -37.28 0.50 -16.90
C LEU A 358 -37.08 -0.45 -15.73
N ARG A 359 -35.91 -0.44 -15.12
CA ARG A 359 -35.56 -1.46 -14.13
C ARG A 359 -36.49 -1.55 -12.92
N PRO A 360 -37.02 -0.46 -12.34
CA PRO A 360 -37.82 -0.60 -11.12
C PRO A 360 -38.99 -1.56 -11.25
N ARG A 361 -39.64 -1.61 -12.40
CA ARG A 361 -40.69 -2.60 -12.63
C ARG A 361 -40.15 -3.91 -13.21
N HIS A 362 -38.99 -3.89 -13.84
CA HIS A 362 -38.47 -5.10 -14.47
C HIS A 362 -37.90 -6.09 -13.47
N VAL A 363 -37.22 -5.60 -12.42
CA VAL A 363 -36.56 -6.49 -11.47
C VAL A 363 -37.52 -7.06 -10.43
N ILE A 364 -38.80 -6.68 -10.49
CA ILE A 364 -39.76 -7.11 -9.47
C ILE A 364 -39.94 -8.61 -9.50
N GLY A 365 -40.04 -9.19 -10.70
CA GLY A 365 -40.22 -10.63 -10.81
C GLY A 365 -39.04 -11.41 -10.26
N ALA A 366 -37.82 -10.95 -10.56
CA ALA A 366 -36.63 -11.61 -10.03
C ALA A 366 -36.57 -11.50 -8.51
N TYR A 367 -36.95 -10.33 -7.98
CA TYR A 367 -37.01 -10.19 -6.53
C TYR A 367 -38.05 -11.12 -5.92
N GLU A 368 -39.18 -11.31 -6.61
CA GLU A 368 -40.22 -12.22 -6.13
C GLU A 368 -39.75 -13.67 -6.16
N ASP A 369 -38.90 -14.00 -7.13
CA ASP A 369 -38.45 -15.39 -7.26
C ASP A 369 -37.65 -15.86 -6.05
N LEU A 370 -37.04 -14.93 -5.33
CA LEU A 370 -36.32 -15.26 -4.10
C LEU A 370 -37.17 -15.05 -2.85
N GLY A 371 -38.46 -14.77 -3.01
CA GLY A 371 -39.34 -14.60 -1.87
C GLY A 371 -39.31 -13.24 -1.23
N MET A 372 -38.74 -12.24 -1.91
CA MET A 372 -38.71 -10.88 -1.40
C MET A 372 -39.90 -10.10 -1.93
N GLU A 373 -40.22 -9.01 -1.25
CA GLU A 373 -41.40 -8.20 -1.59
C GLU A 373 -40.98 -6.76 -1.80
N VAL A 374 -41.41 -6.18 -2.92
CA VAL A 374 -41.14 -4.78 -3.23
C VAL A 374 -42.30 -3.96 -2.66
N VAL A 375 -41.96 -2.96 -1.84
CA VAL A 375 -42.97 -2.11 -1.22
C VAL A 375 -42.88 -0.66 -1.69
N GLY A 376 -41.75 -0.22 -2.22
CA GLY A 376 -41.63 1.11 -2.75
C GLY A 376 -40.89 1.11 -4.08
N THR A 377 -41.41 1.86 -5.06
CA THR A 377 -40.77 1.94 -6.35
C THR A 377 -40.97 3.34 -6.91
N GLY A 378 -40.17 3.67 -7.92
CA GLY A 378 -40.27 4.99 -8.51
C GLY A 378 -39.38 5.12 -9.71
N TYR A 379 -39.54 6.25 -10.39
CA TYR A 379 -38.82 6.53 -11.62
C TYR A 379 -38.30 7.96 -11.61
N GLU A 380 -37.09 8.14 -12.14
CA GLU A 380 -36.54 9.49 -12.29
C GLU A 380 -37.17 10.21 -13.48
N PHE A 381 -37.37 9.50 -14.60
CA PHE A 381 -37.76 10.16 -15.84
C PHE A 381 -38.79 9.39 -16.66
N ALA A 382 -39.48 8.42 -16.09
CA ALA A 382 -40.39 7.60 -16.87
C ALA A 382 -41.62 8.38 -17.27
N HIS A 383 -42.31 7.88 -18.30
CA HIS A 383 -43.54 8.48 -18.78
C HIS A 383 -44.75 7.80 -18.13
N ASN A 384 -45.94 8.14 -18.62
CA ASN A 384 -47.17 7.60 -18.03
C ASN A 384 -47.33 6.12 -18.35
N ASP A 385 -46.92 5.69 -19.55
CA ASP A 385 -47.09 4.29 -19.92
C ASP A 385 -46.23 3.37 -19.06
N ASP A 386 -45.05 3.85 -18.63
CA ASP A 386 -44.22 3.06 -17.73
C ASP A 386 -44.94 2.81 -16.40
N TYR A 387 -45.61 3.85 -15.87
CA TYR A 387 -46.38 3.67 -14.64
C TYR A 387 -47.61 2.79 -14.89
N ASP A 388 -48.20 2.87 -16.07
CA ASP A 388 -49.30 1.98 -16.41
C ASP A 388 -48.86 0.52 -16.36
N ARG A 389 -47.67 0.24 -16.91
CA ARG A 389 -47.12 -1.10 -16.83
C ARG A 389 -46.73 -1.48 -15.41
N THR A 390 -46.25 -0.52 -14.62
CA THR A 390 -45.79 -0.80 -13.26
C THR A 390 -46.94 -1.05 -12.30
N MET A 391 -48.12 -0.48 -12.56
CA MET A 391 -49.22 -0.57 -11.61
C MET A 391 -49.62 -2.02 -11.32
N LYS A 392 -49.72 -2.84 -12.38
CA LYS A 392 -50.13 -4.22 -12.20
C LYS A 392 -49.08 -5.03 -11.45
N GLU A 393 -47.80 -4.81 -11.76
CA GLU A 393 -46.74 -5.64 -11.19
C GLU A 393 -46.54 -5.35 -9.70
N MET A 394 -46.68 -4.09 -9.31
CA MET A 394 -46.50 -3.73 -7.91
C MET A 394 -47.68 -4.22 -7.07
N GLY A 395 -47.40 -4.43 -5.78
CA GLY A 395 -48.43 -4.90 -4.87
C GLY A 395 -49.37 -3.81 -4.42
N ASP A 396 -50.44 -4.24 -3.75
CA ASP A 396 -51.43 -3.30 -3.24
C ASP A 396 -50.87 -2.48 -2.10
N SER A 397 -51.29 -1.22 -2.04
CA SER A 397 -50.88 -0.30 -0.97
C SER A 397 -49.35 -0.15 -0.90
N THR A 398 -48.73 0.03 -2.06
CA THR A 398 -47.29 0.25 -2.15
C THR A 398 -47.02 1.69 -2.61
N LEU A 399 -45.80 2.15 -2.33
CA LEU A 399 -45.45 3.53 -2.60
C LEU A 399 -44.87 3.70 -3.99
N LEU A 400 -45.30 4.75 -4.69
CA LEU A 400 -44.78 5.09 -6.02
C LEU A 400 -44.30 6.53 -5.99
N TYR A 401 -43.06 6.75 -6.43
CA TYR A 401 -42.49 8.10 -6.44
C TYR A 401 -41.87 8.42 -7.79
N ASP A 402 -42.20 9.60 -8.31
CA ASP A 402 -41.67 10.11 -9.56
C ASP A 402 -40.78 11.31 -9.29
N ASP A 403 -39.54 11.25 -9.76
CA ASP A 403 -38.56 12.31 -9.56
C ASP A 403 -38.44 12.68 -8.09
N VAL A 404 -38.29 11.64 -7.25
CA VAL A 404 -38.24 11.85 -5.81
C VAL A 404 -36.97 12.63 -5.44
N THR A 405 -37.07 13.40 -4.37
CA THR A 405 -35.95 14.18 -3.89
C THR A 405 -35.20 13.43 -2.79
N GLY A 406 -34.03 13.97 -2.42
CA GLY A 406 -33.25 13.33 -1.37
C GLY A 406 -33.97 13.33 -0.03
N TYR A 407 -34.56 14.46 0.35
CA TYR A 407 -35.29 14.54 1.61
C TYR A 407 -36.49 13.60 1.61
N GLU A 408 -37.26 13.60 0.52
CA GLU A 408 -38.44 12.75 0.44
C GLU A 408 -38.07 11.29 0.55
N PHE A 409 -37.05 10.87 -0.19
CA PHE A 409 -36.65 9.46 -0.16
C PHE A 409 -36.07 9.09 1.19
N GLU A 410 -35.31 10.00 1.81
CA GLU A 410 -34.78 9.71 3.14
C GLU A 410 -35.90 9.54 4.16
N GLU A 411 -36.91 10.42 4.12
CA GLU A 411 -38.04 10.28 5.04
C GLU A 411 -38.83 9.01 4.79
N PHE A 412 -39.04 8.67 3.52
CA PHE A 412 -39.74 7.43 3.19
C PHE A 412 -38.99 6.22 3.72
N VAL A 413 -37.66 6.20 3.55
CA VAL A 413 -36.88 5.07 4.04
C VAL A 413 -36.90 5.05 5.57
N LYS A 414 -36.90 6.23 6.20
CA LYS A 414 -36.94 6.29 7.66
C LYS A 414 -38.24 5.68 8.20
N ARG A 415 -39.37 5.98 7.58
CA ARG A 415 -40.62 5.48 8.16
C ARG A 415 -40.96 4.07 7.70
N ILE A 416 -40.85 3.78 6.40
CA ILE A 416 -41.13 2.43 5.93
C ILE A 416 -40.10 1.44 6.46
N LYS A 417 -38.86 1.89 6.65
CA LYS A 417 -37.75 1.09 7.18
C LYS A 417 -37.55 -0.19 6.37
N PRO A 418 -37.09 -0.09 5.13
CA PRO A 418 -36.91 -1.31 4.31
C PRO A 418 -35.77 -2.15 4.83
N ASP A 419 -35.58 -3.30 4.19
CA ASP A 419 -34.41 -4.11 4.48
C ASP A 419 -33.32 -3.90 3.43
N LEU A 420 -33.68 -3.57 2.19
CA LEU A 420 -32.72 -3.35 1.13
C LEU A 420 -33.21 -2.25 0.20
N ILE A 421 -32.29 -1.39 -0.23
CA ILE A 421 -32.60 -0.29 -1.15
C ILE A 421 -31.80 -0.50 -2.43
N GLY A 422 -32.49 -0.39 -3.56
CA GLY A 422 -31.81 -0.38 -4.85
C GLY A 422 -31.93 0.95 -5.56
N SER A 423 -30.84 1.70 -5.65
CA SER A 423 -30.89 3.03 -6.25
C SER A 423 -29.53 3.34 -6.87
N GLY A 424 -29.29 4.61 -7.19
CA GLY A 424 -28.07 5.05 -7.83
C GLY A 424 -26.95 5.31 -6.84
N ILE A 425 -25.83 5.77 -7.39
CA ILE A 425 -24.62 5.95 -6.58
C ILE A 425 -24.78 7.11 -5.61
N LYS A 426 -25.54 8.14 -5.99
CA LYS A 426 -25.64 9.34 -5.18
C LYS A 426 -26.42 9.12 -3.89
N GLU A 427 -27.18 8.02 -3.79
CA GLU A 427 -27.90 7.69 -2.56
C GLU A 427 -27.30 6.51 -1.82
N LYS A 428 -26.32 5.82 -2.41
CA LYS A 428 -25.77 4.61 -1.82
C LYS A 428 -25.19 4.90 -0.43
N PHE A 429 -24.33 5.91 -0.33
CA PHE A 429 -23.68 6.19 0.95
C PHE A 429 -24.62 6.88 1.92
N ILE A 430 -25.58 7.65 1.40
CA ILE A 430 -26.62 8.23 2.25
C ILE A 430 -27.36 7.13 2.99
N PHE A 431 -27.74 6.07 2.28
CA PHE A 431 -28.50 5.00 2.91
C PHE A 431 -27.60 4.01 3.65
N GLN A 432 -26.32 3.92 3.28
CA GLN A 432 -25.41 3.09 4.05
C GLN A 432 -25.12 3.70 5.42
N LYS A 433 -25.06 5.04 5.48
CA LYS A 433 -24.84 5.69 6.77
C LYS A 433 -26.06 5.58 7.68
N MET A 434 -27.25 5.41 7.11
CA MET A 434 -28.43 5.10 7.89
C MET A 434 -28.53 3.63 8.26
N GLY A 435 -27.64 2.81 7.72
CA GLY A 435 -27.54 1.43 8.15
C GLY A 435 -28.49 0.45 7.51
N ILE A 436 -29.03 0.80 6.35
CA ILE A 436 -29.90 -0.11 5.61
C ILE A 436 -29.15 -0.59 4.38
N PRO A 437 -29.02 -1.89 4.16
CA PRO A 437 -28.22 -2.38 3.02
C PRO A 437 -28.72 -1.83 1.70
N PHE A 438 -27.77 -1.50 0.83
CA PHE A 438 -28.06 -0.83 -0.42
C PHE A 438 -27.35 -1.56 -1.56
N ARG A 439 -28.07 -1.76 -2.67
CA ARG A 439 -27.49 -2.44 -3.86
C ARG A 439 -27.64 -1.52 -5.07
N GLU A 440 -26.52 -1.22 -5.77
CA GLU A 440 -26.56 -0.31 -6.95
C GLU A 440 -27.34 -0.98 -8.07
N MET A 441 -28.49 -0.41 -8.43
CA MET A 441 -29.34 -1.01 -9.50
C MET A 441 -29.02 -0.37 -10.84
N HIS A 442 -27.99 0.49 -10.90
CA HIS A 442 -27.58 1.05 -12.18
C HIS A 442 -26.35 0.34 -12.73
N SER A 443 -25.28 0.26 -11.95
CA SER A 443 -24.05 -0.40 -12.36
C SER A 443 -23.91 -1.80 -11.77
N TRP A 444 -24.96 -2.32 -11.12
CA TRP A 444 -24.93 -3.63 -10.47
C TRP A 444 -23.84 -3.73 -9.41
N ASP A 445 -23.47 -2.58 -8.82
CA ASP A 445 -22.39 -2.51 -7.83
C ASP A 445 -21.10 -3.12 -8.37
N TYR A 446 -20.78 -2.82 -9.63
CA TYR A 446 -19.60 -3.34 -10.30
C TYR A 446 -19.60 -4.87 -10.34
N SER A 447 -20.78 -5.45 -10.43
CA SER A 447 -20.96 -6.89 -10.54
C SER A 447 -21.89 -7.20 -11.71
N GLY A 448 -22.34 -8.45 -11.81
CA GLY A 448 -23.23 -8.84 -12.86
C GLY A 448 -22.64 -9.93 -13.74
N PRO A 449 -23.35 -10.31 -14.80
CA PRO A 449 -24.63 -9.78 -15.27
C PRO A 449 -25.81 -10.24 -14.41
N TYR A 450 -26.98 -9.63 -14.56
CA TYR A 450 -28.18 -10.07 -13.85
C TYR A 450 -29.25 -10.64 -14.76
N HIS A 451 -29.11 -10.49 -16.07
CA HIS A 451 -30.10 -11.03 -17.00
C HIS A 451 -29.92 -12.52 -17.19
N GLY A 452 -31.04 -13.20 -17.43
CA GLY A 452 -31.03 -14.59 -17.78
C GLY A 452 -30.76 -15.52 -16.61
N PHE A 453 -30.77 -16.81 -16.93
CA PHE A 453 -30.48 -17.84 -15.94
C PHE A 453 -29.10 -17.65 -15.35
N ASP A 454 -28.13 -17.34 -16.22
CA ASP A 454 -26.74 -17.22 -15.81
C ASP A 454 -26.56 -16.07 -14.84
N GLY A 455 -27.25 -14.96 -15.06
CA GLY A 455 -27.17 -13.81 -14.19
C GLY A 455 -28.02 -13.91 -12.95
N PHE A 456 -29.03 -14.80 -12.95
CA PHE A 456 -29.88 -14.95 -11.78
C PHE A 456 -29.07 -15.40 -10.57
N ALA A 457 -28.10 -16.29 -10.76
CA ALA A 457 -27.28 -16.75 -9.66
C ALA A 457 -26.46 -15.61 -9.07
N ILE A 458 -25.87 -14.77 -9.92
CA ILE A 458 -25.09 -13.64 -9.44
C ILE A 458 -25.98 -12.65 -8.70
N PHE A 459 -27.20 -12.44 -9.20
CA PHE A 459 -28.13 -11.53 -8.55
C PHE A 459 -28.50 -12.04 -7.16
N ALA A 460 -28.83 -13.33 -7.06
CA ALA A 460 -29.17 -13.91 -5.76
C ALA A 460 -27.99 -13.83 -4.80
N ARG A 461 -26.79 -14.13 -5.29
CA ARG A 461 -25.60 -14.07 -4.44
C ARG A 461 -25.35 -12.64 -3.94
N ASP A 462 -25.50 -11.65 -4.82
CA ASP A 462 -25.25 -10.27 -4.42
C ASP A 462 -26.26 -9.81 -3.38
N MET A 463 -27.55 -10.12 -3.58
CA MET A 463 -28.55 -9.73 -2.60
C MET A 463 -28.33 -10.44 -1.27
N ASP A 464 -27.96 -11.73 -1.30
CA ASP A 464 -27.65 -12.42 -0.06
C ASP A 464 -26.48 -11.78 0.66
N MET A 465 -25.40 -11.47 -0.07
CA MET A 465 -24.21 -10.96 0.59
C MET A 465 -24.43 -9.56 1.15
N THR A 466 -25.14 -8.70 0.44
CA THR A 466 -25.37 -7.35 0.94
C THR A 466 -26.41 -7.34 2.06
N LEU A 467 -27.49 -8.11 1.91
CA LEU A 467 -28.53 -8.12 2.93
C LEU A 467 -28.03 -8.70 4.25
N ASN A 468 -27.23 -9.76 4.19
CA ASN A 468 -26.83 -10.50 5.37
C ASN A 468 -25.40 -10.24 5.78
N ASN A 469 -24.84 -9.10 5.40
CA ASN A 469 -23.48 -8.78 5.79
C ASN A 469 -23.43 -8.40 7.27
N PRO A 470 -22.42 -8.85 8.01
CA PRO A 470 -22.36 -8.55 9.45
C PRO A 470 -22.17 -7.07 9.75
N CYS A 471 -21.66 -6.29 8.82
CA CYS A 471 -21.34 -4.89 9.09
C CYS A 471 -22.57 -4.10 9.50
N TRP A 472 -23.76 -4.53 9.08
CA TRP A 472 -24.97 -3.81 9.42
C TRP A 472 -25.40 -4.01 10.87
N LYS A 473 -24.79 -4.95 11.59
CA LYS A 473 -25.11 -5.18 12.99
C LYS A 473 -24.15 -4.48 13.93
N LYS A 474 -23.19 -3.71 13.41
CA LYS A 474 -22.11 -3.16 14.21
C LYS A 474 -22.11 -1.64 14.26
N LEU A 475 -23.15 -0.98 13.74
CA LEU A 475 -23.15 0.47 13.66
C LEU A 475 -23.12 1.14 15.02
N GLN A 476 -23.94 0.71 15.96
CA GLN A 476 -24.06 1.34 17.26
C GLN A 476 -22.93 0.85 18.16
N ALA A 477 -22.22 1.79 18.77
CA ALA A 477 -21.13 1.42 19.68
C ALA A 477 -21.71 0.68 20.89
N PRO A 478 -20.99 -0.30 21.43
CA PRO A 478 -21.53 -1.05 22.57
C PRO A 478 -21.78 -0.20 23.80
N TRP A 479 -21.12 0.95 23.91
CA TRP A 479 -21.28 1.84 25.05
C TRP A 479 -22.32 2.93 24.81
N GLU A 480 -23.27 2.71 23.91
CA GLU A 480 -24.34 3.67 23.67
C GLU A 480 -25.69 2.97 23.54
N SER B 2 -23.70 -21.27 -18.15
CA SER B 2 -23.98 -22.18 -17.05
C SER B 2 -23.26 -21.77 -15.78
N GLN B 3 -23.93 -21.93 -14.64
CA GLN B 3 -23.37 -21.60 -13.34
C GLN B 3 -23.40 -22.81 -12.42
N GLN B 4 -22.34 -22.98 -11.65
CA GLN B 4 -22.29 -23.95 -10.57
C GLN B 4 -22.64 -23.22 -9.28
N VAL B 5 -23.68 -23.70 -8.59
CA VAL B 5 -24.25 -22.95 -7.48
C VAL B 5 -23.24 -22.80 -6.34
N ASP B 6 -22.31 -23.74 -6.22
CA ASP B 6 -21.29 -23.63 -5.18
C ASP B 6 -20.21 -22.62 -5.53
N LYS B 7 -19.92 -22.41 -6.81
CA LYS B 7 -18.89 -21.46 -7.26
C LYS B 7 -19.50 -20.62 -8.38
N ILE B 8 -20.14 -19.52 -8.00
CA ILE B 8 -20.80 -18.63 -8.93
C ILE B 8 -19.77 -17.65 -9.49
N LYS B 9 -19.70 -17.53 -10.81
CA LYS B 9 -18.75 -16.67 -11.48
C LYS B 9 -19.43 -15.38 -11.91
N ALA B 10 -18.81 -14.25 -11.61
CA ALA B 10 -19.28 -12.95 -12.09
C ALA B 10 -18.88 -12.80 -13.55
N SER B 11 -19.07 -11.60 -14.12
CA SER B 11 -18.83 -11.41 -15.56
C SER B 11 -17.47 -11.94 -15.98
N TYR B 12 -16.45 -11.63 -15.21
CA TYR B 12 -15.18 -12.32 -15.29
C TYR B 12 -15.12 -13.37 -14.19
N PRO B 13 -14.82 -14.63 -14.50
CA PRO B 13 -14.46 -15.18 -15.81
C PRO B 13 -15.61 -15.93 -16.48
N LEU B 14 -16.86 -15.56 -16.20
CA LEU B 14 -17.99 -16.26 -16.79
C LEU B 14 -18.00 -16.13 -18.31
N PHE B 15 -17.67 -14.95 -18.82
CA PHE B 15 -17.69 -14.75 -20.25
C PHE B 15 -16.46 -15.31 -20.95
N LEU B 16 -15.59 -15.99 -20.22
CA LEU B 16 -14.51 -16.77 -20.80
C LEU B 16 -14.89 -18.22 -21.01
N ASP B 17 -16.15 -18.58 -20.75
CA ASP B 17 -16.62 -19.93 -20.97
C ASP B 17 -16.73 -20.22 -22.46
N GLN B 18 -16.76 -21.53 -22.78
CA GLN B 18 -16.74 -21.94 -24.18
C GLN B 18 -18.00 -21.49 -24.91
N ASP B 19 -19.16 -21.61 -24.26
CA ASP B 19 -20.40 -21.20 -24.91
C ASP B 19 -20.40 -19.70 -25.20
N TYR B 20 -19.96 -18.90 -24.23
CA TYR B 20 -19.90 -17.46 -24.44
C TYR B 20 -18.87 -17.09 -25.50
N LYS B 21 -17.71 -17.77 -25.49
CA LYS B 21 -16.69 -17.50 -26.50
C LYS B 21 -17.21 -17.81 -27.90
N ASP B 22 -17.89 -18.95 -28.06
CA ASP B 22 -18.43 -19.31 -29.36
C ASP B 22 -19.50 -18.33 -29.80
N MET B 23 -20.37 -17.92 -28.87
CA MET B 23 -21.40 -16.95 -29.19
C MET B 23 -20.79 -15.64 -29.67
N LEU B 24 -19.79 -15.14 -28.94
CA LEU B 24 -19.19 -13.87 -29.32
C LEU B 24 -18.44 -13.99 -30.65
N ALA B 25 -17.79 -15.12 -30.88
CA ALA B 25 -17.14 -15.35 -32.17
C ALA B 25 -18.14 -15.33 -33.30
N LYS B 26 -19.28 -16.01 -33.14
CA LYS B 26 -20.30 -16.00 -34.17
C LYS B 26 -20.86 -14.61 -34.40
N LYS B 27 -21.13 -13.86 -33.32
CA LYS B 27 -21.65 -12.51 -33.46
C LYS B 27 -20.68 -11.62 -34.22
N ARG B 28 -19.41 -11.61 -33.80
CA ARG B 28 -18.41 -10.78 -34.47
C ARG B 28 -18.24 -11.19 -35.93
N ASP B 29 -18.20 -12.49 -36.20
CA ASP B 29 -17.95 -12.94 -37.56
C ASP B 29 -19.13 -12.68 -38.46
N GLY B 30 -20.34 -12.67 -37.91
CA GLY B 30 -21.52 -12.53 -38.74
C GLY B 30 -22.01 -11.13 -38.95
N PHE B 31 -21.97 -10.27 -37.93
CA PHE B 31 -22.67 -9.01 -38.01
C PHE B 31 -21.86 -7.78 -37.59
N GLU B 32 -20.67 -7.94 -37.03
CA GLU B 32 -19.91 -6.77 -36.59
C GLU B 32 -19.11 -6.13 -37.71
N GLU B 33 -18.84 -6.85 -38.80
CA GLU B 33 -18.04 -6.35 -39.91
C GLU B 33 -16.71 -5.80 -39.40
N LYS B 34 -16.12 -6.52 -38.45
CA LYS B 34 -14.88 -6.08 -37.82
C LYS B 34 -13.73 -6.17 -38.80
N TYR B 35 -12.74 -5.31 -38.59
CA TYR B 35 -11.52 -5.36 -39.39
C TYR B 35 -10.78 -6.66 -39.09
N PRO B 36 -9.98 -7.15 -40.05
CA PRO B 36 -9.15 -8.33 -39.76
C PRO B 36 -8.18 -8.02 -38.63
N GLN B 37 -7.86 -9.06 -37.87
CA GLN B 37 -7.03 -8.86 -36.67
C GLN B 37 -5.66 -8.28 -37.03
N ASP B 38 -5.06 -8.76 -38.11
CA ASP B 38 -3.74 -8.28 -38.52
C ASP B 38 -3.75 -6.77 -38.74
N LYS B 39 -4.83 -6.25 -39.31
CA LYS B 39 -4.95 -4.80 -39.48
C LYS B 39 -4.98 -4.09 -38.13
N ILE B 40 -5.68 -4.66 -37.16
CA ILE B 40 -5.76 -4.06 -35.83
C ILE B 40 -4.38 -4.03 -35.17
N ASP B 41 -3.63 -5.13 -35.27
CA ASP B 41 -2.28 -5.14 -34.73
C ASP B 41 -1.38 -4.13 -35.42
N GLU B 42 -1.50 -4.01 -36.74
CA GLU B 42 -0.72 -3.01 -37.46
C GLU B 42 -1.04 -1.60 -36.97
N VAL B 43 -2.33 -1.29 -36.81
CA VAL B 43 -2.72 0.05 -36.38
C VAL B 43 -2.24 0.31 -34.96
N PHE B 44 -2.38 -0.66 -34.07
CA PHE B 44 -1.93 -0.47 -32.68
C PHE B 44 -0.44 -0.23 -32.62
N GLN B 45 0.34 -1.03 -33.37
CA GLN B 45 1.77 -0.82 -33.41
C GLN B 45 2.10 0.58 -33.93
N TRP B 46 1.36 1.04 -34.94
CA TRP B 46 1.57 2.39 -35.45
C TRP B 46 1.31 3.44 -34.38
N THR B 47 0.24 3.27 -33.61
CA THR B 47 -0.02 4.22 -32.52
C THR B 47 1.06 4.17 -31.44
N THR B 48 1.78 3.07 -31.30
CA THR B 48 2.87 3.04 -30.33
C THR B 48 4.16 3.65 -30.86
N THR B 49 4.23 4.02 -32.14
CA THR B 49 5.46 4.49 -32.76
C THR B 49 5.68 5.97 -32.48
N LYS B 50 6.77 6.49 -33.06
CA LYS B 50 7.13 7.89 -32.90
C LYS B 50 6.48 8.80 -33.94
N GLU B 51 6.28 8.32 -35.17
CA GLU B 51 5.57 9.14 -36.15
C GLU B 51 4.18 9.51 -35.64
N TYR B 52 3.52 8.55 -34.99
CA TYR B 52 2.24 8.83 -34.35
C TYR B 52 2.40 9.88 -33.27
N GLN B 53 3.58 9.99 -32.65
CA GLN B 53 3.76 11.00 -31.61
C GLN B 53 3.79 12.40 -32.20
N GLU B 54 4.52 12.61 -33.31
CA GLU B 54 4.45 13.91 -33.98
C GLU B 54 3.05 14.20 -34.50
N LEU B 55 2.36 13.19 -35.02
CA LEU B 55 0.97 13.43 -35.44
C LEU B 55 0.09 13.82 -34.26
N ASN B 56 0.30 13.18 -33.11
CA ASN B 56 -0.50 13.44 -31.92
C ASN B 56 -0.21 14.84 -31.36
N PHE B 57 1.05 15.26 -31.37
CA PHE B 57 1.42 16.54 -30.79
C PHE B 57 1.15 17.71 -31.71
N GLN B 58 0.71 17.46 -32.94
CA GLN B 58 0.26 18.51 -33.83
C GLN B 58 -1.19 18.88 -33.60
N ARG B 59 -1.83 18.27 -32.61
CA ARG B 59 -3.24 18.51 -32.35
C ARG B 59 -3.48 19.95 -31.93
N GLU B 60 -4.54 20.54 -32.47
CA GLU B 60 -4.92 21.91 -32.13
C GLU B 60 -6.39 22.06 -31.79
N ALA B 61 -7.25 21.11 -32.18
CA ALA B 61 -8.68 21.20 -31.94
C ALA B 61 -9.25 20.04 -31.15
N LEU B 62 -8.68 18.84 -31.29
CA LEU B 62 -9.21 17.66 -30.64
C LEU B 62 -8.48 17.38 -29.33
N THR B 63 -9.25 17.19 -28.27
CA THR B 63 -8.71 16.82 -26.97
C THR B 63 -9.17 15.40 -26.65
N VAL B 64 -8.21 14.51 -26.40
CA VAL B 64 -8.49 13.09 -26.15
C VAL B 64 -8.05 12.78 -24.73
N ASN B 65 -8.98 12.24 -23.94
CA ASN B 65 -8.74 11.86 -22.55
C ASN B 65 -8.12 13.00 -21.77
N PRO B 66 -8.87 14.06 -21.48
CA PRO B 66 -8.32 15.18 -20.72
C PRO B 66 -8.07 14.81 -19.28
N ALA B 67 -7.19 15.58 -18.65
CA ALA B 67 -6.82 15.41 -17.25
C ALA B 67 -7.24 16.61 -16.41
N LYS B 68 -8.44 17.10 -16.64
CA LYS B 68 -8.97 18.22 -15.87
C LYS B 68 -10.50 18.18 -15.93
N ALA B 69 -11.12 18.95 -15.03
CA ALA B 69 -12.57 19.10 -14.99
C ALA B 69 -12.94 20.57 -15.11
N CYS B 70 -14.21 20.91 -14.91
CA CYS B 70 -14.65 22.29 -15.08
C CYS B 70 -14.82 22.99 -13.74
N GLN B 71 -14.92 24.32 -13.81
CA GLN B 71 -14.89 25.19 -12.64
C GLN B 71 -15.94 24.86 -11.57
N PRO B 72 -17.22 24.63 -11.90
CA PRO B 72 -18.21 24.42 -10.83
C PRO B 72 -17.91 23.26 -9.92
N LEU B 73 -17.16 22.26 -10.37
CA LEU B 73 -16.76 21.17 -9.48
C LEU B 73 -15.90 21.70 -8.34
N GLY B 74 -14.89 22.51 -8.67
CA GLY B 74 -14.08 23.13 -7.65
C GLY B 74 -14.88 24.09 -6.79
N ALA B 75 -15.84 24.79 -7.40
CA ALA B 75 -16.69 25.69 -6.61
C ALA B 75 -17.51 24.92 -5.58
N VAL B 76 -18.07 23.78 -5.97
CA VAL B 76 -18.81 22.94 -5.03
C VAL B 76 -17.89 22.43 -3.92
N LEU B 77 -16.68 21.99 -4.29
CA LEU B 77 -15.77 21.49 -3.28
C LEU B 77 -15.38 22.58 -2.29
N CYS B 78 -15.16 23.80 -2.77
CA CYS B 78 -14.85 24.91 -1.88
C CYS B 78 -16.04 25.24 -0.98
N ALA B 79 -17.24 25.23 -1.53
CA ALA B 79 -18.43 25.51 -0.73
C ALA B 79 -18.62 24.47 0.36
N LEU B 80 -18.27 23.22 0.09
CA LEU B 80 -18.42 22.16 1.07
C LEU B 80 -17.54 22.37 2.30
N GLY B 81 -16.53 23.24 2.20
CA GLY B 81 -15.61 23.46 3.29
C GLY B 81 -16.08 24.43 4.36
N PHE B 82 -17.29 24.95 4.25
CA PHE B 82 -17.81 25.94 5.19
C PHE B 82 -18.97 25.35 5.98
N GLU B 83 -19.18 25.89 7.19
CA GLU B 83 -20.10 25.29 8.13
C GLU B 83 -21.54 25.43 7.67
N LYS B 84 -22.22 24.29 7.54
CA LYS B 84 -23.64 24.23 7.17
C LYS B 84 -23.90 25.02 5.88
N THR B 85 -23.04 24.79 4.89
CA THR B 85 -23.11 25.49 3.61
C THR B 85 -23.65 24.56 2.54
N MET B 86 -24.66 25.03 1.82
CA MET B 86 -25.19 24.27 0.69
C MET B 86 -24.61 24.81 -0.61
N PRO B 87 -23.92 23.99 -1.39
CA PRO B 87 -23.53 24.40 -2.74
C PRO B 87 -24.75 24.43 -3.66
N TYR B 88 -25.00 25.60 -4.25
CA TYR B 88 -26.12 25.83 -5.15
C TYR B 88 -25.54 26.24 -6.49
N VAL B 89 -25.73 25.40 -7.49
CA VAL B 89 -25.15 25.63 -8.81
C VAL B 89 -26.25 26.14 -9.71
N HIS B 90 -26.27 27.45 -9.96
CA HIS B 90 -27.23 28.08 -10.85
C HIS B 90 -26.98 27.60 -12.27
N GLY B 91 -27.86 26.77 -12.77
CA GLY B 91 -27.67 26.22 -14.09
C GLY B 91 -28.50 24.97 -14.28
N SER B 92 -27.92 24.01 -14.98
CA SER B 92 -28.62 22.79 -15.37
C SER B 92 -28.38 21.67 -14.37
N GLN B 93 -29.33 20.74 -14.32
CA GLN B 93 -29.29 19.69 -13.30
C GLN B 93 -28.24 18.63 -13.64
N GLY B 94 -28.01 18.37 -14.92
CA GLY B 94 -27.05 17.36 -15.31
C GLY B 94 -25.66 17.64 -14.77
N CYS B 95 -25.28 18.92 -14.73
CA CYS B 95 -23.99 19.30 -14.16
C CYS B 95 -23.90 18.87 -12.70
N VAL B 96 -24.93 19.15 -11.93
CA VAL B 96 -24.91 18.82 -10.51
C VAL B 96 -24.89 17.31 -10.32
N ALA B 97 -25.67 16.58 -11.13
CA ALA B 97 -25.66 15.13 -11.03
C ALA B 97 -24.27 14.58 -11.31
N TYR B 98 -23.60 15.10 -12.34
CA TYR B 98 -22.26 14.63 -12.66
C TYR B 98 -21.26 14.99 -11.56
N PHE B 99 -21.36 16.20 -11.00
CA PHE B 99 -20.46 16.59 -9.91
C PHE B 99 -20.60 15.64 -8.73
N ARG B 100 -21.84 15.38 -8.33
CA ARG B 100 -22.08 14.50 -7.19
C ARG B 100 -21.62 13.09 -7.47
N SER B 101 -21.87 12.58 -8.68
CA SER B 101 -21.40 11.24 -9.01
C SER B 101 -19.89 11.15 -8.94
N TYR B 102 -19.20 12.15 -9.49
CA TYR B 102 -17.75 12.20 -9.44
C TYR B 102 -17.24 12.17 -8.01
N PHE B 103 -17.79 13.04 -7.15
CA PHE B 103 -17.25 13.14 -5.80
C PHE B 103 -17.64 11.95 -4.94
N ASN B 104 -18.82 11.36 -5.16
CA ASN B 104 -19.18 10.14 -4.45
C ASN B 104 -18.28 8.99 -4.87
N ARG B 105 -17.95 8.89 -6.15
CA ARG B 105 -17.05 7.82 -6.58
C ARG B 105 -15.66 8.02 -6.00
N HIS B 106 -15.20 9.26 -5.88
CA HIS B 106 -13.86 9.47 -5.33
C HIS B 106 -13.82 9.26 -3.82
N PHE B 107 -14.75 9.87 -3.09
CA PHE B 107 -14.71 9.87 -1.64
C PHE B 107 -15.48 8.73 -1.00
N ARG B 108 -16.29 8.00 -1.74
CA ARG B 108 -17.18 6.93 -1.21
C ARG B 108 -18.00 7.53 -0.05
N GLU B 109 -18.48 8.76 -0.20
CA GLU B 109 -19.21 9.50 0.82
C GLU B 109 -20.28 10.31 0.11
N PRO B 110 -21.39 10.62 0.80
CA PRO B 110 -22.41 11.47 0.19
C PRO B 110 -21.89 12.88 -0.03
N VAL B 111 -22.38 13.51 -1.09
CA VAL B 111 -22.04 14.89 -1.41
C VAL B 111 -23.33 15.66 -1.64
N SER B 112 -23.46 16.82 -1.01
CA SER B 112 -24.67 17.63 -1.08
C SER B 112 -24.47 18.77 -2.08
N CYS B 113 -25.37 18.85 -3.05
CA CYS B 113 -25.37 19.93 -4.03
C CYS B 113 -26.77 20.06 -4.59
N VAL B 114 -27.17 21.31 -4.88
CA VAL B 114 -28.50 21.56 -5.44
C VAL B 114 -28.35 22.40 -6.69
N SER B 115 -29.39 22.35 -7.53
CA SER B 115 -29.47 23.11 -8.76
C SER B 115 -30.85 23.75 -8.87
N ASP B 116 -30.94 24.80 -9.66
CA ASP B 116 -32.24 25.41 -9.95
C ASP B 116 -32.91 24.79 -11.16
N SER B 117 -32.32 23.75 -11.76
CA SER B 117 -32.87 23.03 -12.91
C SER B 117 -33.33 24.00 -13.99
N MET B 118 -32.37 24.76 -14.52
CA MET B 118 -32.66 25.67 -15.62
C MET B 118 -32.89 24.89 -16.90
N THR B 119 -33.97 25.22 -17.60
CA THR B 119 -34.46 24.49 -18.76
C THR B 119 -34.44 25.46 -19.96
N GLU B 120 -34.80 24.96 -21.14
CA GLU B 120 -34.83 25.78 -22.34
C GLU B 120 -35.60 27.08 -22.13
N ASP B 121 -36.74 27.02 -21.44
CA ASP B 121 -37.48 28.25 -21.14
C ASP B 121 -36.67 29.18 -20.25
N ALA B 122 -35.97 28.62 -19.26
CA ALA B 122 -35.09 29.43 -18.42
C ALA B 122 -33.88 29.91 -19.20
N ALA B 123 -33.40 29.10 -20.15
CA ALA B 123 -32.29 29.54 -20.99
C ALA B 123 -32.68 30.74 -21.83
N VAL B 124 -33.91 30.74 -22.36
CA VAL B 124 -34.34 31.83 -23.22
C VAL B 124 -34.67 33.07 -22.39
N PHE B 125 -35.40 32.90 -21.30
CA PHE B 125 -35.92 34.05 -20.55
C PHE B 125 -35.08 34.42 -19.33
N GLY B 126 -34.16 33.57 -18.90
CA GLY B 126 -33.33 33.89 -17.77
C GLY B 126 -33.62 33.02 -16.56
N GLY B 127 -32.70 33.04 -15.60
CA GLY B 127 -32.81 32.21 -14.43
C GLY B 127 -33.14 32.95 -13.15
N GLN B 128 -33.76 34.13 -13.27
CA GLN B 128 -34.11 34.90 -12.08
C GLN B 128 -35.18 34.19 -11.27
N GLN B 129 -36.27 33.77 -11.91
CA GLN B 129 -37.31 33.03 -11.20
C GLN B 129 -36.78 31.70 -10.71
N ASN B 130 -35.95 31.03 -11.52
CA ASN B 130 -35.29 29.82 -11.07
C ASN B 130 -34.48 30.09 -9.81
N MET B 131 -33.76 31.21 -9.77
CA MET B 131 -32.96 31.54 -8.60
C MET B 131 -33.84 31.74 -7.38
N LYS B 132 -34.95 32.48 -7.53
CA LYS B 132 -35.81 32.75 -6.39
C LYS B 132 -36.41 31.46 -5.82
N ASP B 133 -37.03 30.66 -6.68
CA ASP B 133 -37.64 29.42 -6.21
C ASP B 133 -36.59 28.46 -5.66
N GLY B 134 -35.42 28.39 -6.31
CA GLY B 134 -34.39 27.50 -5.84
C GLY B 134 -33.87 27.88 -4.47
N LEU B 135 -33.61 29.16 -4.24
CA LEU B 135 -33.14 29.60 -2.93
C LEU B 135 -34.19 29.34 -1.87
N GLN B 136 -35.45 29.65 -2.17
CA GLN B 136 -36.52 29.40 -1.21
C GLN B 136 -36.61 27.91 -0.85
N ASN B 137 -36.67 27.06 -1.88
CA ASN B 137 -36.83 25.63 -1.64
C ASN B 137 -35.62 25.03 -0.93
N CYS B 138 -34.42 25.46 -1.31
CA CYS B 138 -33.22 24.94 -0.65
C CYS B 138 -33.21 25.32 0.83
N LYS B 139 -33.47 26.59 1.13
CA LYS B 139 -33.46 27.02 2.52
C LYS B 139 -34.53 26.31 3.34
N ALA B 140 -35.72 26.13 2.76
CA ALA B 140 -36.79 25.44 3.48
C ALA B 140 -36.45 23.97 3.71
N THR B 141 -36.08 23.26 2.65
CA THR B 141 -35.95 21.81 2.74
C THR B 141 -34.70 21.38 3.48
N TYR B 142 -33.56 21.99 3.20
CA TYR B 142 -32.30 21.51 3.73
C TYR B 142 -31.75 22.37 4.85
N LYS B 143 -32.39 23.50 5.14
CA LYS B 143 -32.02 24.37 6.26
C LYS B 143 -30.52 24.63 6.37
N PRO B 144 -29.90 25.18 5.34
CA PRO B 144 -28.48 25.53 5.45
C PRO B 144 -28.32 26.86 6.19
N ASP B 145 -27.18 26.97 6.86
CA ASP B 145 -26.82 28.24 7.46
C ASP B 145 -26.38 29.25 6.42
N MET B 146 -25.95 28.77 5.26
CA MET B 146 -25.49 29.65 4.18
C MET B 146 -25.59 28.87 2.87
N ILE B 147 -25.83 29.61 1.79
CA ILE B 147 -25.93 29.04 0.45
C ILE B 147 -24.83 29.66 -0.40
N ALA B 148 -23.94 28.83 -0.92
CA ALA B 148 -22.84 29.30 -1.74
C ALA B 148 -23.13 28.99 -3.20
N VAL B 149 -23.18 30.03 -4.04
CA VAL B 149 -23.73 29.94 -5.38
C VAL B 149 -22.60 29.93 -6.41
N SER B 150 -22.63 28.95 -7.31
CA SER B 150 -21.76 28.87 -8.48
C SER B 150 -22.64 28.82 -9.74
N THR B 151 -22.01 28.62 -10.89
CA THR B 151 -22.73 28.66 -12.15
C THR B 151 -22.27 27.56 -13.08
N THR B 152 -23.15 27.27 -14.04
CA THR B 152 -22.87 26.27 -15.11
C THR B 152 -22.63 27.06 -16.39
N CYS B 153 -22.03 26.44 -17.40
CA CYS B 153 -21.63 27.18 -18.63
C CYS B 153 -22.80 27.81 -19.37
N MET B 154 -23.98 27.21 -19.33
CA MET B 154 -25.19 27.79 -19.95
C MET B 154 -25.46 29.15 -19.31
N ALA B 155 -25.50 29.16 -17.99
CA ALA B 155 -25.83 30.40 -17.29
C ALA B 155 -24.81 31.49 -17.56
N GLU B 156 -23.53 31.14 -17.63
CA GLU B 156 -22.50 32.13 -17.89
C GLU B 156 -22.57 32.68 -19.31
N VAL B 157 -22.93 31.84 -20.29
CA VAL B 157 -23.02 32.30 -21.67
C VAL B 157 -24.10 33.38 -21.80
N ILE B 158 -25.27 33.14 -21.20
CA ILE B 158 -26.37 34.10 -21.28
C ILE B 158 -26.18 35.29 -20.37
N GLY B 159 -25.13 35.32 -19.57
CA GLY B 159 -24.84 36.47 -18.72
C GLY B 159 -25.84 36.71 -17.62
N ASP B 160 -26.28 35.65 -16.94
CA ASP B 160 -27.18 35.83 -15.81
C ASP B 160 -26.46 36.55 -14.67
N ASP B 161 -27.11 37.58 -14.13
CA ASP B 161 -26.50 38.40 -13.08
C ASP B 161 -26.83 37.77 -11.73
N LEU B 162 -25.85 37.07 -11.15
CA LEU B 162 -26.06 36.45 -9.85
C LEU B 162 -26.33 37.49 -8.77
N ASN B 163 -25.60 38.60 -8.81
CA ASN B 163 -25.79 39.66 -7.82
C ASN B 163 -27.21 40.22 -7.89
N ALA B 164 -27.65 40.59 -9.08
CA ALA B 164 -28.99 41.16 -9.24
C ALA B 164 -30.06 40.15 -8.87
N PHE B 165 -29.90 38.90 -9.29
CA PHE B 165 -30.91 37.89 -9.00
C PHE B 165 -31.02 37.62 -7.50
N ILE B 166 -29.88 37.53 -6.81
CA ILE B 166 -29.89 37.30 -5.37
C ILE B 166 -30.49 38.51 -4.65
N ASN B 167 -30.12 39.72 -5.06
CA ASN B 167 -30.65 40.91 -4.40
C ASN B 167 -32.14 41.04 -4.61
N ASN B 168 -32.63 40.71 -5.81
CA ASN B 168 -34.07 40.73 -6.06
C ASN B 168 -34.79 39.65 -5.26
N SER B 169 -34.17 38.48 -5.11
CA SER B 169 -34.76 37.45 -4.26
C SER B 169 -34.87 37.92 -2.83
N LYS B 170 -33.85 38.63 -2.34
CA LYS B 170 -33.88 39.13 -0.97
C LYS B 170 -34.90 40.26 -0.81
N LYS B 171 -35.05 41.10 -1.83
CA LYS B 171 -35.97 42.23 -1.75
C LYS B 171 -37.43 41.81 -1.94
N GLU B 172 -37.68 40.66 -2.53
CA GLU B 172 -39.04 40.17 -2.71
C GLU B 172 -39.40 39.06 -1.73
N GLY B 173 -38.59 38.86 -0.69
CA GLY B 173 -38.96 38.01 0.42
C GLY B 173 -38.74 36.53 0.23
N PHE B 174 -38.08 36.12 -0.85
CA PHE B 174 -37.82 34.69 -1.03
C PHE B 174 -36.83 34.17 -0.01
N ILE B 175 -35.86 35.01 0.40
CA ILE B 175 -34.95 34.67 1.48
C ILE B 175 -34.80 35.87 2.40
N PRO B 176 -34.47 35.61 3.66
CA PRO B 176 -34.18 36.72 4.57
C PRO B 176 -33.04 37.58 4.06
N ASP B 177 -33.13 38.88 4.34
CA ASP B 177 -32.11 39.82 3.85
C ASP B 177 -30.75 39.55 4.47
N GLU B 178 -30.71 39.05 5.70
CA GLU B 178 -29.44 38.82 6.38
C GLU B 178 -28.85 37.44 6.11
N PHE B 179 -29.55 36.58 5.38
CA PHE B 179 -29.05 35.24 5.14
C PHE B 179 -27.87 35.31 4.16
N PRO B 180 -26.70 34.77 4.52
CA PRO B 180 -25.52 34.90 3.65
C PRO B 180 -25.65 34.07 2.39
N VAL B 181 -25.61 34.74 1.25
CA VAL B 181 -25.66 34.07 -0.05
C VAL B 181 -24.49 34.55 -0.90
N PRO B 182 -23.28 34.05 -0.67
CA PRO B 182 -22.16 34.40 -1.55
C PRO B 182 -22.33 33.80 -2.93
N PHE B 183 -21.72 34.43 -3.91
CA PHE B 183 -21.78 33.96 -5.28
C PHE B 183 -20.42 34.11 -5.94
N ALA B 184 -20.22 33.33 -6.99
CA ALA B 184 -19.01 33.43 -7.81
C ALA B 184 -19.32 32.92 -9.19
N HIS B 185 -18.91 33.67 -10.22
CA HIS B 185 -19.07 33.23 -11.59
C HIS B 185 -18.00 32.19 -11.89
N THR B 186 -18.43 31.02 -12.33
CA THR B 186 -17.52 29.89 -12.58
C THR B 186 -17.75 29.39 -13.99
N PRO B 187 -17.27 30.13 -15.00
CA PRO B 187 -17.46 29.70 -16.38
C PRO B 187 -16.61 28.48 -16.68
N SER B 188 -17.26 27.40 -17.10
CA SER B 188 -16.56 26.14 -17.35
C SER B 188 -15.62 26.22 -18.54
N PHE B 189 -15.81 27.21 -19.43
CA PHE B 189 -15.00 27.30 -20.63
C PHE B 189 -13.72 28.09 -20.42
N VAL B 190 -13.43 28.52 -19.19
CA VAL B 190 -12.12 29.07 -18.85
C VAL B 190 -11.61 28.36 -17.61
N GLY B 191 -10.32 28.03 -17.61
CA GLY B 191 -9.72 27.45 -16.44
C GLY B 191 -10.11 25.99 -16.27
N SER B 192 -10.12 25.54 -15.02
CA SER B 192 -10.44 24.17 -14.68
C SER B 192 -11.11 24.18 -13.31
N HIS B 193 -11.15 23.02 -12.65
CA HIS B 193 -11.82 22.93 -11.35
C HIS B 193 -11.11 23.77 -10.30
N VAL B 194 -9.78 23.81 -10.33
CA VAL B 194 -9.04 24.59 -9.35
C VAL B 194 -9.33 26.07 -9.49
N THR B 195 -9.52 26.53 -10.73
CA THR B 195 -9.93 27.92 -10.96
C THR B 195 -11.29 28.19 -10.35
N GLY B 196 -12.22 27.24 -10.47
CA GLY B 196 -13.51 27.40 -9.83
C GLY B 196 -13.41 27.48 -8.32
N TRP B 197 -12.54 26.65 -7.72
CA TRP B 197 -12.30 26.73 -6.29
C TRP B 197 -11.80 28.11 -5.90
N ASP B 198 -10.83 28.63 -6.65
CA ASP B 198 -10.29 29.95 -6.36
C ASP B 198 -11.36 31.04 -6.46
N ASN B 199 -12.15 30.99 -7.53
CA ASN B 199 -13.20 31.98 -7.71
C ASN B 199 -14.22 31.93 -6.58
N MET B 200 -14.62 30.72 -6.18
CA MET B 200 -15.63 30.57 -5.15
C MET B 200 -15.11 31.07 -3.80
N PHE B 201 -13.85 30.76 -3.49
CA PHE B 201 -13.26 31.28 -2.26
C PHE B 201 -13.19 32.79 -2.28
N GLU B 202 -12.80 33.37 -3.42
CA GLU B 202 -12.76 34.82 -3.51
C GLU B 202 -14.14 35.41 -3.29
N GLY B 203 -15.17 34.78 -3.84
CA GLY B 203 -16.53 35.27 -3.65
C GLY B 203 -16.95 35.24 -2.19
N ILE B 204 -16.68 34.13 -1.49
CA ILE B 204 -17.07 34.03 -0.09
C ILE B 204 -16.31 35.07 0.75
N ALA B 205 -15.00 35.19 0.52
CA ALA B 205 -14.20 36.14 1.29
C ALA B 205 -14.66 37.57 1.04
N ARG B 206 -14.94 37.90 -0.22
CA ARG B 206 -15.42 39.23 -0.56
C ARG B 206 -16.77 39.50 0.09
N TYR B 207 -17.63 38.47 0.15
CA TYR B 207 -18.93 38.64 0.78
C TYR B 207 -18.79 38.94 2.26
N PHE B 208 -17.91 38.24 2.94
CA PHE B 208 -17.81 38.41 4.39
C PHE B 208 -16.88 39.53 4.84
N THR B 209 -16.03 40.06 3.98
CA THR B 209 -15.00 40.99 4.46
C THR B 209 -14.95 42.34 3.76
N LEU B 210 -15.56 42.50 2.58
CA LEU B 210 -15.37 43.74 1.82
C LEU B 210 -15.90 44.95 2.57
N LYS B 211 -17.16 44.91 3.01
CA LYS B 211 -17.81 46.10 3.55
C LYS B 211 -17.51 46.35 5.01
N SER B 212 -16.77 45.46 5.68
CA SER B 212 -16.48 45.64 7.10
C SER B 212 -14.98 45.68 7.35
N MET B 213 -14.24 46.38 6.51
CA MET B 213 -12.79 46.47 6.67
C MET B 213 -12.34 47.63 7.53
N ASP B 214 -13.25 48.52 7.93
CA ASP B 214 -12.85 49.70 8.70
C ASP B 214 -12.38 49.32 10.10
N ASP B 215 -13.04 48.35 10.73
CA ASP B 215 -12.75 47.96 12.10
C ASP B 215 -11.74 46.82 12.18
N LYS B 216 -10.91 46.64 11.16
CA LYS B 216 -9.97 45.54 11.10
C LYS B 216 -8.55 46.05 11.29
N VAL B 217 -7.80 45.35 12.13
CA VAL B 217 -6.38 45.62 12.34
C VAL B 217 -5.62 44.33 12.13
N VAL B 218 -4.57 44.39 11.29
CA VAL B 218 -3.79 43.20 11.00
C VAL B 218 -3.08 42.73 12.26
N GLY B 219 -3.20 41.44 12.57
CA GLY B 219 -2.53 40.84 13.69
C GLY B 219 -3.23 40.99 15.03
N SER B 220 -4.45 41.51 15.05
CA SER B 220 -5.13 41.74 16.32
C SER B 220 -5.57 40.43 16.98
N ASN B 221 -5.92 39.41 16.20
CA ASN B 221 -6.31 38.13 16.76
C ASN B 221 -5.19 37.11 16.78
N LYS B 222 -3.98 37.49 16.34
CA LYS B 222 -2.76 36.69 16.51
C LYS B 222 -2.89 35.29 15.91
N LYS B 223 -3.48 35.19 14.73
CA LYS B 223 -3.61 33.91 14.03
C LYS B 223 -3.02 33.99 12.63
N ILE B 224 -2.89 32.81 12.02
CA ILE B 224 -2.47 32.68 10.63
C ILE B 224 -3.62 32.08 9.85
N ASN B 225 -4.05 32.76 8.79
CA ASN B 225 -5.05 32.20 7.89
C ASN B 225 -4.38 31.17 6.97
N ILE B 226 -5.07 30.06 6.76
CA ILE B 226 -4.57 28.98 5.91
C ILE B 226 -5.62 28.68 4.84
N VAL B 227 -5.26 28.89 3.59
CA VAL B 227 -6.13 28.57 2.46
C VAL B 227 -5.58 27.31 1.79
N PRO B 228 -6.30 26.18 1.85
CA PRO B 228 -5.75 24.94 1.31
C PRO B 228 -5.90 24.80 -0.20
N GLY B 229 -6.91 25.45 -0.78
CA GLY B 229 -7.19 25.29 -2.18
C GLY B 229 -7.91 23.99 -2.49
N PHE B 230 -7.96 23.66 -3.77
CA PHE B 230 -8.60 22.42 -4.21
C PHE B 230 -7.81 21.22 -3.70
N GLU B 231 -8.33 20.53 -2.70
CA GLU B 231 -7.60 19.45 -2.07
C GLU B 231 -8.53 18.26 -1.89
N THR B 232 -8.09 17.08 -2.31
CA THR B 232 -8.91 15.88 -2.24
C THR B 232 -8.29 14.79 -1.38
N TYR B 233 -7.29 15.11 -0.57
CA TYR B 233 -6.74 14.20 0.42
C TYR B 233 -7.04 14.80 1.79
N LEU B 234 -7.97 14.18 2.52
CA LEU B 234 -8.35 14.70 3.83
C LEU B 234 -7.18 14.65 4.81
N GLY B 235 -6.28 13.69 4.61
CA GLY B 235 -5.08 13.64 5.42
C GLY B 235 -4.23 14.88 5.31
N ASN B 236 -4.35 15.61 4.20
CA ASN B 236 -3.60 16.86 4.05
C ASN B 236 -4.15 17.94 4.98
N PHE B 237 -5.47 18.08 5.06
CA PHE B 237 -6.07 18.95 6.05
C PHE B 237 -5.64 18.55 7.45
N ARG B 238 -5.73 17.25 7.76
CA ARG B 238 -5.36 16.81 9.10
C ARG B 238 -3.91 17.10 9.42
N VAL B 239 -3.01 16.88 8.46
CA VAL B 239 -1.58 17.06 8.74
C VAL B 239 -1.26 18.53 8.92
N ILE B 240 -1.88 19.41 8.12
CA ILE B 240 -1.64 20.84 8.30
C ILE B 240 -2.10 21.28 9.68
N LYS B 241 -3.31 20.86 10.07
CA LYS B 241 -3.83 21.22 11.39
C LYS B 241 -2.95 20.67 12.51
N ARG B 242 -2.51 19.42 12.38
CA ARG B 242 -1.69 18.81 13.41
C ARG B 242 -0.34 19.51 13.53
N MET B 243 0.27 19.84 12.39
CA MET B 243 1.58 20.46 12.42
C MET B 243 1.50 21.87 13.00
N LEU B 244 0.41 22.59 12.72
CA LEU B 244 0.24 23.91 13.30
C LEU B 244 -0.07 23.84 14.79
N SER B 245 -0.83 22.83 15.20
CA SER B 245 -1.17 22.69 16.62
C SER B 245 0.04 22.25 17.44
N GLU B 246 0.90 21.42 16.86
CA GLU B 246 2.10 21.00 17.57
C GLU B 246 3.08 22.15 17.73
N MET B 247 2.99 23.15 16.85
CA MET B 247 3.83 24.33 16.93
C MET B 247 3.31 25.36 17.93
N GLY B 248 2.11 25.17 18.46
CA GLY B 248 1.50 26.19 19.30
C GLY B 248 1.14 27.45 18.54
N VAL B 249 0.68 27.32 17.32
CA VAL B 249 0.36 28.44 16.45
C VAL B 249 -1.15 28.49 16.26
N GLY B 250 -1.74 29.66 16.47
CA GLY B 250 -3.14 29.84 16.21
C GLY B 250 -3.40 29.94 14.71
N TYR B 251 -4.41 29.22 14.23
CA TYR B 251 -4.65 29.14 12.79
C TYR B 251 -6.15 29.19 12.53
N SER B 252 -6.48 29.50 11.28
CA SER B 252 -7.86 29.54 10.82
C SER B 252 -7.90 28.89 9.44
N LEU B 253 -8.25 27.61 9.39
CA LEU B 253 -8.34 26.86 8.14
C LEU B 253 -9.64 27.23 7.45
N LEU B 254 -9.54 28.08 6.44
CA LEU B 254 -10.71 28.53 5.70
C LEU B 254 -11.05 27.50 4.62
N SER B 255 -12.34 27.15 4.54
CA SER B 255 -12.82 26.08 3.66
C SER B 255 -12.18 24.73 4.03
N ASP B 256 -12.56 24.25 5.21
CA ASP B 256 -12.10 22.97 5.72
C ASP B 256 -13.21 21.93 5.57
N PRO B 257 -13.15 21.05 4.58
CA PRO B 257 -14.22 20.06 4.35
C PRO B 257 -13.96 18.67 4.93
N GLU B 258 -12.92 18.47 5.74
CA GLU B 258 -12.52 17.12 6.12
C GLU B 258 -13.60 16.40 6.90
N GLU B 259 -14.38 17.14 7.71
CA GLU B 259 -15.40 16.49 8.53
C GLU B 259 -16.55 15.99 7.68
N VAL B 260 -17.06 16.82 6.77
CA VAL B 260 -18.23 16.44 5.99
C VAL B 260 -17.91 15.34 4.98
N LEU B 261 -16.66 15.22 4.56
CA LEU B 261 -16.25 14.22 3.59
C LEU B 261 -15.82 12.91 4.24
N ASP B 262 -15.82 12.84 5.57
CA ASP B 262 -15.38 11.64 6.28
C ASP B 262 -16.29 11.41 7.49
N THR B 263 -17.60 11.50 7.25
CA THR B 263 -18.58 11.34 8.32
C THR B 263 -18.66 9.88 8.76
N PRO B 264 -18.72 9.61 10.07
CA PRO B 264 -18.85 8.23 10.53
C PRO B 264 -20.21 7.64 10.21
N ALA B 265 -20.25 6.31 10.13
CA ALA B 265 -21.48 5.58 9.89
C ALA B 265 -21.98 5.03 11.22
N ASP B 266 -23.03 5.66 11.77
CA ASP B 266 -23.55 5.27 13.07
C ASP B 266 -25.08 5.20 13.08
N GLY B 267 -25.68 4.95 11.92
CA GLY B 267 -27.12 4.80 11.82
C GLY B 267 -27.88 6.04 11.44
N GLN B 268 -27.23 7.21 11.44
CA GLN B 268 -27.87 8.45 11.05
C GLN B 268 -27.04 9.12 9.95
N PHE B 269 -27.71 9.92 9.14
CA PHE B 269 -27.09 10.63 8.04
C PHE B 269 -26.95 12.10 8.40
N ARG B 270 -25.74 12.63 8.21
CA ARG B 270 -25.44 14.03 8.51
C ARG B 270 -25.17 14.76 7.20
N MET B 271 -26.04 15.71 6.85
CA MET B 271 -25.80 16.52 5.67
C MET B 271 -24.62 17.46 5.88
N TYR B 272 -24.47 17.98 7.10
CA TYR B 272 -23.41 18.92 7.41
C TYR B 272 -22.63 18.44 8.62
N ALA B 273 -21.32 18.70 8.60
CA ALA B 273 -20.44 18.34 9.71
C ALA B 273 -19.16 19.16 9.59
N GLY B 274 -18.85 19.92 10.64
CA GLY B 274 -17.63 20.70 10.65
C GLY B 274 -17.68 21.83 9.63
N GLY B 275 -16.50 22.28 9.23
CA GLY B 275 -16.38 23.34 8.26
C GLY B 275 -16.03 24.68 8.89
N THR B 276 -15.55 25.59 8.06
CA THR B 276 -15.21 26.93 8.51
C THR B 276 -16.47 27.69 8.91
N THR B 277 -16.39 28.39 10.04
CA THR B 277 -17.53 29.15 10.53
C THR B 277 -17.55 30.54 9.90
N GLN B 278 -18.73 31.17 9.94
CA GLN B 278 -18.86 32.53 9.42
C GLN B 278 -18.10 33.54 10.29
N GLU B 279 -18.08 33.31 11.61
CA GLU B 279 -17.29 34.18 12.47
C GLU B 279 -15.80 34.09 12.14
N GLU B 280 -15.32 32.88 11.83
CA GLU B 280 -13.93 32.72 11.42
C GLU B 280 -13.64 33.48 10.13
N MET B 281 -14.57 33.42 9.17
CA MET B 281 -14.37 34.14 7.92
C MET B 281 -14.38 35.65 8.16
N LYS B 282 -15.27 36.13 9.03
CA LYS B 282 -15.37 37.56 9.29
C LYS B 282 -14.13 38.09 10.00
N ASP B 283 -13.54 37.29 10.87
CA ASP B 283 -12.36 37.67 11.64
C ASP B 283 -11.07 37.48 10.86
N ALA B 284 -11.14 36.93 9.65
CA ALA B 284 -9.93 36.64 8.87
C ALA B 284 -9.04 37.84 8.63
N PRO B 285 -9.54 39.04 8.29
CA PRO B 285 -8.62 40.18 8.07
C PRO B 285 -7.80 40.54 9.29
N ASN B 286 -8.23 40.15 10.50
CA ASN B 286 -7.47 40.47 11.70
C ASN B 286 -6.23 39.59 11.87
N ALA B 287 -6.08 38.56 11.06
CA ALA B 287 -4.97 37.62 11.23
C ALA B 287 -3.65 38.30 10.93
N LEU B 288 -2.57 37.71 11.46
CA LEU B 288 -1.24 38.22 11.19
C LEU B 288 -0.91 38.13 9.70
N ASN B 289 -1.26 37.02 9.07
CA ASN B 289 -0.96 36.81 7.66
C ASN B 289 -1.82 35.67 7.14
N THR B 290 -1.91 35.58 5.82
CA THR B 290 -2.59 34.49 5.15
C THR B 290 -1.58 33.68 4.34
N VAL B 291 -1.56 32.38 4.54
CA VAL B 291 -0.66 31.48 3.83
C VAL B 291 -1.50 30.65 2.86
N LEU B 292 -1.10 30.66 1.59
CA LEU B 292 -1.77 29.89 0.55
C LEU B 292 -1.00 28.60 0.31
N LEU B 293 -1.62 27.46 0.63
CA LEU B 293 -0.92 26.19 0.50
C LEU B 293 -0.68 25.82 -0.96
N GLN B 294 -1.55 26.27 -1.86
CA GLN B 294 -1.45 25.96 -3.28
C GLN B 294 -1.52 27.27 -4.05
N PRO B 295 -0.41 28.01 -4.09
CA PRO B 295 -0.45 29.37 -4.67
C PRO B 295 -0.69 29.43 -6.16
N TRP B 296 -0.50 28.33 -6.90
CA TRP B 296 -0.59 28.40 -8.35
C TRP B 296 -2.02 28.27 -8.88
N HIS B 297 -3.00 28.07 -8.01
CA HIS B 297 -4.39 28.21 -8.42
C HIS B 297 -5.17 29.07 -7.43
N LEU B 298 -4.48 29.90 -6.65
CA LEU B 298 -5.10 30.84 -5.73
C LEU B 298 -4.68 32.27 -6.06
N GLU B 299 -4.72 32.64 -7.34
CA GLU B 299 -4.28 33.97 -7.75
C GLU B 299 -5.28 35.04 -7.33
N LYS B 300 -6.57 34.80 -7.59
CA LYS B 300 -7.58 35.79 -7.22
C LYS B 300 -7.66 35.95 -5.71
N THR B 301 -7.56 34.83 -4.99
CA THR B 301 -7.52 34.89 -3.52
C THR B 301 -6.33 35.70 -3.04
N LYS B 302 -5.16 35.49 -3.65
CA LYS B 302 -3.98 36.26 -3.26
C LYS B 302 -4.17 37.74 -3.51
N LYS B 303 -4.71 38.09 -4.68
CA LYS B 303 -4.95 39.50 -4.99
C LYS B 303 -5.89 40.13 -3.98
N PHE B 304 -7.00 39.45 -3.67
CA PHE B 304 -7.97 40.01 -2.72
C PHE B 304 -7.37 40.14 -1.33
N VAL B 305 -6.65 39.12 -0.87
CA VAL B 305 -6.09 39.15 0.47
C VAL B 305 -5.04 40.25 0.59
N GLU B 306 -4.24 40.45 -0.47
CA GLU B 306 -3.19 41.45 -0.40
C GLU B 306 -3.75 42.87 -0.55
N GLY B 307 -4.79 43.04 -1.36
CA GLY B 307 -5.30 44.38 -1.61
C GLY B 307 -6.34 44.86 -0.63
N THR B 308 -7.07 43.94 0.01
CA THR B 308 -8.15 44.30 0.91
C THR B 308 -7.78 44.09 2.38
N TRP B 309 -7.33 42.88 2.73
CA TRP B 309 -6.90 42.62 4.09
C TRP B 309 -5.52 43.19 4.40
N LYS B 310 -4.78 43.60 3.37
CA LYS B 310 -3.44 44.15 3.51
C LYS B 310 -2.49 43.17 4.20
N HIS B 311 -2.60 41.89 3.87
CA HIS B 311 -1.70 40.87 4.38
C HIS B 311 -0.53 40.69 3.42
N GLU B 312 0.69 40.63 3.99
CA GLU B 312 1.89 40.36 3.20
C GLU B 312 2.01 38.86 3.03
N VAL B 313 1.27 38.33 2.06
CA VAL B 313 1.17 36.89 1.84
C VAL B 313 2.55 36.35 1.46
N PRO B 314 3.07 35.38 2.21
CA PRO B 314 4.42 34.87 1.92
C PRO B 314 4.48 34.17 0.58
N LYS B 315 5.66 34.27 -0.04
CA LYS B 315 5.95 33.51 -1.25
C LYS B 315 6.45 32.13 -0.83
N LEU B 316 5.52 31.20 -0.66
CA LEU B 316 5.83 29.85 -0.22
C LEU B 316 5.30 28.86 -1.23
N ASN B 317 6.10 27.83 -1.50
CA ASN B 317 5.64 26.75 -2.34
C ASN B 317 4.74 25.81 -1.53
N ILE B 318 4.13 24.85 -2.21
CA ILE B 318 3.28 23.89 -1.53
C ILE B 318 4.12 23.09 -0.53
N PRO B 319 3.66 22.89 0.71
CA PRO B 319 4.47 22.14 1.68
C PRO B 319 4.53 20.66 1.33
N MET B 320 5.26 20.36 0.26
CA MET B 320 5.51 19.01 -0.20
C MET B 320 7.00 18.74 -0.12
N GLY B 321 7.36 17.51 0.26
CA GLY B 321 8.75 17.12 0.34
C GLY B 321 9.43 17.62 1.60
N LEU B 322 10.76 17.64 1.54
CA LEU B 322 11.56 18.00 2.69
C LEU B 322 11.81 19.50 2.75
N ASP B 323 12.40 20.06 1.70
CA ASP B 323 12.83 21.46 1.73
C ASP B 323 11.64 22.39 1.86
N TRP B 324 10.54 22.11 1.15
CA TRP B 324 9.41 23.02 1.17
C TRP B 324 8.63 22.93 2.47
N THR B 325 8.60 21.77 3.09
CA THR B 325 7.97 21.66 4.43
C THR B 325 8.84 22.41 5.47
N ASP B 326 10.14 22.41 5.29
CA ASP B 326 11.06 23.12 6.21
C ASP B 326 10.78 24.61 6.06
N GLU B 327 10.70 25.07 4.83
CA GLU B 327 10.44 26.51 4.56
C GLU B 327 9.08 26.90 5.12
N PHE B 328 8.07 26.10 4.85
CA PHE B 328 6.76 26.43 5.38
C PHE B 328 6.82 26.59 6.89
N LEU B 329 7.49 25.65 7.57
CA LEU B 329 7.59 25.72 9.03
C LEU B 329 8.37 26.95 9.47
N MET B 330 9.48 27.25 8.79
CA MET B 330 10.26 28.42 9.16
C MET B 330 9.48 29.72 8.93
N LYS B 331 8.72 29.80 7.85
CA LYS B 331 7.93 31.00 7.60
C LYS B 331 6.83 31.16 8.64
N VAL B 332 6.17 30.05 9.02
CA VAL B 332 5.16 30.14 10.07
C VAL B 332 5.80 30.56 11.39
N SER B 333 6.98 30.02 11.69
CA SER B 333 7.67 30.38 12.92
C SER B 333 8.06 31.85 12.92
N GLU B 334 8.44 32.38 11.75
CA GLU B 334 8.78 33.80 11.66
C GLU B 334 7.54 34.66 11.81
N ILE B 335 6.41 34.25 11.24
CA ILE B 335 5.21 35.06 11.28
C ILE B 335 4.63 35.09 12.68
N SER B 336 4.58 33.93 13.35
CA SER B 336 3.91 33.83 14.63
C SER B 336 4.84 34.01 15.83
N GLY B 337 6.14 33.88 15.65
CA GLY B 337 7.07 33.96 16.75
C GLY B 337 7.25 32.69 17.54
N GLN B 338 6.62 31.59 17.14
CA GLN B 338 6.73 30.33 17.86
C GLN B 338 7.90 29.53 17.34
N PRO B 339 8.80 29.05 18.19
CA PRO B 339 9.88 28.19 17.73
C PRO B 339 9.34 26.86 17.22
N ILE B 340 10.07 26.26 16.28
CA ILE B 340 9.72 24.94 15.77
C ILE B 340 10.02 23.91 16.86
N PRO B 341 9.05 23.08 17.24
CA PRO B 341 9.25 22.19 18.38
C PRO B 341 10.19 21.04 18.06
N ALA B 342 10.53 20.28 19.11
CA ALA B 342 11.40 19.13 18.93
C ALA B 342 10.72 18.00 18.18
N SER B 343 9.39 17.87 18.32
CA SER B 343 8.69 16.78 17.66
C SER B 343 8.75 16.89 16.14
N LEU B 344 8.60 18.10 15.61
CA LEU B 344 8.71 18.30 14.17
C LEU B 344 10.12 18.01 13.69
N THR B 345 11.12 18.40 14.47
CA THR B 345 12.50 18.06 14.13
C THR B 345 12.70 16.55 14.08
N LYS B 346 12.14 15.84 15.06
CA LYS B 346 12.28 14.38 15.08
C LYS B 346 11.58 13.74 13.90
N GLU B 347 10.39 14.22 13.54
CA GLU B 347 9.70 13.69 12.38
C GLU B 347 10.49 13.93 11.09
N ARG B 348 11.08 15.12 10.96
CA ARG B 348 11.92 15.40 9.81
C ARG B 348 13.12 14.46 9.75
N GLY B 349 13.77 14.24 10.89
CA GLY B 349 14.88 13.30 10.93
C GLY B 349 14.45 11.89 10.58
N ARG B 350 13.22 11.54 10.95
CA ARG B 350 12.69 10.22 10.61
C ARG B 350 12.48 10.08 9.11
N LEU B 351 11.99 11.14 8.48
CA LEU B 351 11.86 11.13 7.02
C LEU B 351 13.23 11.01 6.35
N VAL B 352 14.23 11.71 6.90
CA VAL B 352 15.59 11.61 6.36
C VAL B 352 16.11 10.18 6.50
N ASP B 353 15.82 9.55 7.63
CA ASP B 353 16.22 8.16 7.82
C ASP B 353 15.57 7.26 6.79
N MET B 354 14.29 7.48 6.51
CA MET B 354 13.63 6.65 5.51
C MET B 354 14.23 6.87 4.12
N MET B 355 14.55 8.13 3.78
CA MET B 355 15.14 8.39 2.48
C MET B 355 16.51 7.71 2.35
N THR B 356 17.33 7.77 3.39
CA THR B 356 18.63 7.12 3.29
C THR B 356 18.49 5.60 3.31
N ASP B 357 17.41 5.08 3.90
CA ASP B 357 17.19 3.63 3.87
C ASP B 357 16.76 3.17 2.47
N SER B 358 15.98 3.97 1.76
CA SER B 358 15.43 3.54 0.48
C SER B 358 16.11 4.15 -0.74
N HIS B 359 17.18 4.92 -0.53
CA HIS B 359 17.85 5.61 -1.65
C HIS B 359 18.39 4.63 -2.68
N THR B 360 18.83 3.45 -2.26
CA THR B 360 19.42 2.50 -3.19
C THR B 360 18.40 2.07 -4.25
N TRP B 361 17.18 1.78 -3.84
CA TRP B 361 16.16 1.38 -4.79
C TRP B 361 15.54 2.56 -5.52
N LEU B 362 15.43 3.71 -4.86
CA LEU B 362 14.76 4.84 -5.51
C LEU B 362 15.61 5.50 -6.58
N HIS B 363 16.93 5.36 -6.52
CA HIS B 363 17.81 6.19 -7.33
C HIS B 363 17.72 5.81 -8.80
N GLY B 364 17.64 6.84 -9.65
CA GLY B 364 17.67 6.68 -11.09
C GLY B 364 16.36 6.26 -11.72
N LYS B 365 15.32 6.06 -10.93
CA LYS B 365 14.06 5.59 -11.49
C LYS B 365 13.37 6.71 -12.27
N ARG B 366 12.74 6.33 -13.38
CA ARG B 366 12.14 7.29 -14.29
C ARG B 366 10.62 7.28 -14.16
N PHE B 367 10.04 8.46 -13.98
CA PHE B 367 8.63 8.60 -13.71
C PHE B 367 8.00 9.57 -14.69
N ALA B 368 6.87 9.17 -15.27
CA ALA B 368 5.92 10.10 -15.84
C ALA B 368 4.90 10.45 -14.78
N LEU B 369 4.36 11.66 -14.83
CA LEU B 369 3.45 12.07 -13.77
C LEU B 369 2.52 13.18 -14.26
N TRP B 370 1.29 13.17 -13.77
CA TRP B 370 0.36 14.23 -14.13
C TRP B 370 -0.53 14.57 -12.94
N GLY B 371 -1.22 15.68 -13.05
CA GLY B 371 -2.14 16.14 -12.02
C GLY B 371 -2.27 17.65 -12.06
N ASP B 372 -2.65 18.20 -10.91
CA ASP B 372 -2.83 19.64 -10.76
C ASP B 372 -1.48 20.33 -10.59
N PRO B 373 -1.41 21.64 -10.91
CA PRO B 373 -0.10 22.32 -10.91
C PRO B 373 0.69 22.19 -9.61
N ASP B 374 0.11 22.62 -8.49
CA ASP B 374 0.86 22.61 -7.24
C ASP B 374 1.24 21.20 -6.83
N PHE B 375 0.31 20.26 -6.94
CA PHE B 375 0.59 18.87 -6.61
C PHE B 375 1.68 18.30 -7.50
N VAL B 376 1.61 18.58 -8.80
CA VAL B 376 2.62 18.07 -9.74
C VAL B 376 3.99 18.64 -9.40
N MET B 377 4.05 19.94 -9.10
CA MET B 377 5.34 20.56 -8.85
C MET B 377 5.93 20.08 -7.53
N GLY B 378 5.09 19.90 -6.51
CA GLY B 378 5.58 19.32 -5.27
C GLY B 378 6.09 17.90 -5.46
N LEU B 379 5.37 17.11 -6.26
CA LEU B 379 5.86 15.76 -6.57
C LEU B 379 7.19 15.81 -7.28
N VAL B 380 7.36 16.75 -8.22
CA VAL B 380 8.62 16.86 -8.95
C VAL B 380 9.75 17.21 -7.98
N LYS B 381 9.52 18.17 -7.09
CA LYS B 381 10.53 18.55 -6.12
C LYS B 381 10.91 17.39 -5.22
N PHE B 382 9.91 16.66 -4.72
CA PHE B 382 10.20 15.54 -3.83
C PHE B 382 10.95 14.43 -4.56
N LEU B 383 10.56 14.14 -5.81
CA LEU B 383 11.26 13.12 -6.58
C LEU B 383 12.70 13.53 -6.84
N LEU B 384 12.94 14.81 -7.12
CA LEU B 384 14.31 15.29 -7.27
C LEU B 384 15.09 15.11 -5.97
N GLU B 385 14.45 15.36 -4.83
CA GLU B 385 15.11 15.16 -3.56
C GLU B 385 15.47 13.70 -3.34
N LEU B 386 14.68 12.78 -3.88
CA LEU B 386 14.91 11.34 -3.68
C LEU B 386 15.96 10.77 -4.62
N GLY B 387 16.44 11.54 -5.58
CA GLY B 387 17.33 11.00 -6.59
C GLY B 387 16.63 10.38 -7.78
N CYS B 388 15.30 10.46 -7.83
CA CYS B 388 14.56 9.96 -8.98
C CYS B 388 14.65 10.94 -10.13
N GLU B 389 14.35 10.44 -11.33
CA GLU B 389 14.42 11.26 -12.53
C GLU B 389 13.02 11.44 -13.11
N PRO B 390 12.36 12.57 -12.86
CA PRO B 390 11.15 12.88 -13.63
C PRO B 390 11.51 13.03 -15.09
N VAL B 391 10.66 12.50 -15.97
CA VAL B 391 10.92 12.47 -17.40
C VAL B 391 9.83 13.19 -18.18
N HIS B 392 8.57 12.90 -17.87
CA HIS B 392 7.42 13.55 -18.48
C HIS B 392 6.60 14.18 -17.37
N ILE B 393 6.46 15.51 -17.41
CA ILE B 393 5.70 16.26 -16.42
C ILE B 393 4.55 16.92 -17.16
N LEU B 394 3.34 16.40 -16.97
CA LEU B 394 2.17 16.83 -17.71
C LEU B 394 1.20 17.52 -16.76
N CYS B 395 0.78 18.72 -17.12
CA CYS B 395 -0.21 19.46 -16.35
C CYS B 395 -1.19 20.08 -17.35
N HIS B 396 -2.39 19.50 -17.44
CA HIS B 396 -3.33 19.95 -18.45
C HIS B 396 -3.79 21.37 -18.20
N ASN B 397 -4.03 21.74 -16.94
CA ASN B 397 -4.52 23.06 -16.58
C ASN B 397 -3.41 23.99 -16.10
N GLY B 398 -2.18 23.76 -16.54
CA GLY B 398 -1.08 24.64 -16.20
C GLY B 398 -0.96 25.83 -17.13
N ASN B 399 -0.08 26.76 -16.76
CA ASN B 399 0.15 27.97 -17.54
C ASN B 399 1.64 28.19 -17.73
N LYS B 400 1.98 29.18 -18.54
CA LYS B 400 3.36 29.41 -18.94
C LYS B 400 4.25 29.75 -17.75
N ARG B 401 3.75 30.58 -16.83
CA ARG B 401 4.54 30.94 -15.65
C ARG B 401 4.82 29.73 -14.77
N TRP B 402 3.81 28.85 -14.62
CA TRP B 402 4.01 27.63 -13.87
C TRP B 402 5.06 26.74 -14.53
N LYS B 403 5.01 26.63 -15.87
CA LYS B 403 6.01 25.85 -16.58
C LYS B 403 7.40 26.43 -16.38
N LYS B 404 7.51 27.77 -16.39
CA LYS B 404 8.79 28.40 -16.14
C LYS B 404 9.32 28.08 -14.75
N ALA B 405 8.44 28.11 -13.75
CA ALA B 405 8.85 27.78 -12.39
C ALA B 405 9.31 26.34 -12.28
N VAL B 406 8.58 25.40 -12.89
CA VAL B 406 8.96 24.00 -12.83
C VAL B 406 10.28 23.76 -13.57
N ASP B 407 10.48 24.45 -14.70
CA ASP B 407 11.75 24.32 -15.41
C ASP B 407 12.91 24.87 -14.60
N ALA B 408 12.68 25.97 -13.89
CA ALA B 408 13.72 26.48 -13.00
C ALA B 408 14.03 25.49 -11.90
N ILE B 409 13.00 24.84 -11.36
CA ILE B 409 13.20 23.83 -10.32
C ILE B 409 14.02 22.66 -10.86
N LEU B 410 13.71 22.23 -12.09
CA LEU B 410 14.42 21.10 -12.68
C LEU B 410 15.87 21.48 -13.01
N ALA B 411 16.10 22.72 -13.41
CA ALA B 411 17.46 23.15 -13.76
C ALA B 411 18.38 23.23 -12.55
N ALA B 412 17.82 23.32 -11.34
CA ALA B 412 18.64 23.43 -10.15
C ALA B 412 19.13 22.09 -9.64
N SER B 413 18.72 20.99 -10.24
CA SER B 413 19.14 19.66 -9.81
C SER B 413 19.73 18.89 -10.97
N PRO B 414 20.73 18.04 -10.70
CA PRO B 414 21.24 17.15 -11.76
C PRO B 414 20.21 16.13 -12.23
N TYR B 415 19.21 15.82 -11.42
CA TYR B 415 18.26 14.77 -11.75
C TYR B 415 17.12 15.26 -12.63
N GLY B 416 17.10 16.54 -13.00
CA GLY B 416 16.07 17.06 -13.88
C GLY B 416 16.57 17.35 -15.27
N LYS B 417 17.68 16.72 -15.67
CA LYS B 417 18.27 17.00 -16.97
C LYS B 417 17.51 16.35 -18.12
N ASN B 418 16.75 15.29 -17.86
CA ASN B 418 15.98 14.60 -18.88
C ASN B 418 14.48 14.87 -18.76
N ALA B 419 14.10 15.91 -18.02
CA ALA B 419 12.70 16.18 -17.71
C ALA B 419 12.14 17.23 -18.66
N THR B 420 10.96 16.94 -19.20
CA THR B 420 10.24 17.87 -20.06
C THR B 420 8.88 18.17 -19.45
N VAL B 421 8.52 19.45 -19.43
CA VAL B 421 7.26 19.91 -18.87
C VAL B 421 6.29 20.17 -20.00
N TYR B 422 5.10 19.58 -19.92
CA TYR B 422 4.05 19.76 -20.91
C TYR B 422 2.84 20.39 -20.27
N ILE B 423 2.34 21.46 -20.87
CA ILE B 423 1.13 22.13 -20.43
C ILE B 423 0.15 22.17 -21.59
N GLY B 424 -1.13 21.96 -21.28
CA GLY B 424 -2.14 21.90 -22.30
C GLY B 424 -2.25 20.58 -23.02
N LYS B 425 -1.53 19.56 -22.57
CA LYS B 425 -1.56 18.24 -23.16
C LYS B 425 -2.40 17.29 -22.30
N ASP B 426 -2.86 16.22 -22.92
CA ASP B 426 -3.77 15.28 -22.29
C ASP B 426 -3.12 13.90 -22.18
N LEU B 427 -3.92 12.92 -21.78
CA LEU B 427 -3.40 11.58 -21.51
C LEU B 427 -3.12 10.77 -22.76
N TRP B 428 -3.68 11.16 -23.91
CA TRP B 428 -3.25 10.54 -25.17
C TRP B 428 -1.83 10.97 -25.54
N HIS B 429 -1.53 12.25 -25.33
CA HIS B 429 -0.15 12.73 -25.43
C HIS B 429 0.76 11.94 -24.50
N LEU B 430 0.33 11.75 -23.25
CA LEU B 430 1.14 11.01 -22.30
C LEU B 430 1.30 9.55 -22.71
N ARG B 431 0.28 8.96 -23.33
CA ARG B 431 0.40 7.61 -23.84
C ARG B 431 1.48 7.53 -24.90
N SER B 432 1.49 8.49 -25.83
CA SER B 432 2.55 8.52 -26.82
C SER B 432 3.91 8.67 -26.16
N LEU B 433 4.01 9.54 -25.15
CA LEU B 433 5.27 9.79 -24.47
C LEU B 433 5.79 8.53 -23.77
N VAL B 434 4.91 7.81 -23.08
CA VAL B 434 5.34 6.61 -22.37
C VAL B 434 5.61 5.46 -23.33
N PHE B 435 5.06 5.48 -24.54
CA PHE B 435 5.44 4.47 -25.52
C PHE B 435 6.80 4.77 -26.13
N THR B 436 7.09 6.05 -26.39
CA THR B 436 8.32 6.39 -27.10
C THR B 436 9.51 6.58 -26.17
N ASP B 437 9.32 7.18 -25.01
CA ASP B 437 10.36 7.37 -24.01
C ASP B 437 9.85 6.71 -22.74
N LYS B 438 10.12 5.42 -22.61
CA LYS B 438 9.50 4.62 -21.57
C LYS B 438 10.00 5.02 -20.19
N PRO B 439 9.13 5.43 -19.27
CA PRO B 439 9.54 5.62 -17.88
C PRO B 439 9.39 4.32 -17.11
N ASP B 440 10.02 4.28 -15.94
CA ASP B 440 9.86 3.13 -15.07
C ASP B 440 8.45 3.04 -14.52
N PHE B 441 7.87 4.16 -14.10
CA PHE B 441 6.52 4.16 -13.55
C PHE B 441 5.78 5.42 -13.95
N MET B 442 4.46 5.37 -13.80
CA MET B 442 3.58 6.52 -13.94
C MET B 442 3.01 6.89 -12.58
N ILE B 443 2.75 8.18 -12.37
CA ILE B 443 2.14 8.68 -11.15
C ILE B 443 0.97 9.57 -11.55
N GLY B 444 -0.25 9.11 -11.26
CA GLY B 444 -1.41 9.87 -11.65
C GLY B 444 -2.67 9.28 -11.09
N ASN B 445 -3.80 9.71 -11.66
CA ASN B 445 -5.11 9.27 -11.20
C ASN B 445 -5.49 7.96 -11.90
N SER B 446 -6.76 7.56 -11.74
CA SER B 446 -7.19 6.24 -12.19
C SER B 446 -7.20 6.12 -13.71
N TYR B 447 -7.38 7.24 -14.42
CA TYR B 447 -7.44 7.20 -15.88
C TYR B 447 -6.17 6.57 -16.47
N GLY B 448 -5.02 6.79 -15.81
CA GLY B 448 -3.77 6.24 -16.28
C GLY B 448 -3.77 4.73 -16.38
N LYS B 449 -4.73 4.06 -15.72
CA LYS B 449 -4.82 2.62 -15.85
C LYS B 449 -4.98 2.23 -17.32
N PHE B 450 -5.78 2.99 -18.07
CA PHE B 450 -5.99 2.67 -19.47
C PHE B 450 -4.71 2.82 -20.27
N ILE B 451 -3.79 3.67 -19.80
CA ILE B 451 -2.47 3.72 -20.43
C ILE B 451 -1.69 2.45 -20.14
N GLN B 452 -1.69 2.01 -18.87
CA GLN B 452 -0.90 0.83 -18.50
C GLN B 452 -1.33 -0.37 -19.32
N ARG B 453 -2.64 -0.59 -19.42
CA ARG B 453 -3.17 -1.67 -20.25
C ARG B 453 -2.57 -1.61 -21.65
N ASP B 454 -2.63 -0.42 -22.27
CA ASP B 454 -2.08 -0.29 -23.62
C ASP B 454 -0.62 -0.73 -23.66
N THR B 455 0.18 -0.27 -22.70
CA THR B 455 1.59 -0.65 -22.70
C THR B 455 1.74 -2.16 -22.57
N LEU B 456 0.93 -2.79 -21.71
CA LEU B 456 1.03 -4.24 -21.57
C LEU B 456 0.64 -4.96 -22.85
N HIS B 457 -0.22 -4.35 -23.67
CA HIS B 457 -0.57 -4.96 -24.94
C HIS B 457 0.62 -4.99 -25.89
N LYS B 458 1.56 -4.06 -25.73
CA LYS B 458 2.78 -4.12 -26.53
C LYS B 458 3.72 -5.21 -26.02
N GLY B 459 3.67 -5.52 -24.74
CA GLY B 459 4.48 -6.56 -24.15
C GLY B 459 4.72 -6.30 -22.67
N LYS B 460 5.10 -7.37 -21.97
CA LYS B 460 5.42 -7.24 -20.55
C LYS B 460 6.63 -6.35 -20.34
N GLU B 461 7.58 -6.38 -21.28
CA GLU B 461 8.77 -5.55 -21.19
C GLU B 461 8.46 -4.07 -21.39
N PHE B 462 7.30 -3.72 -21.95
CA PHE B 462 6.94 -2.34 -22.22
C PHE B 462 5.91 -1.81 -21.24
N GLU B 463 5.50 -2.60 -20.26
CA GLU B 463 4.46 -2.16 -19.33
C GLU B 463 4.99 -1.06 -18.42
N VAL B 464 4.19 -0.01 -18.27
CA VAL B 464 4.50 1.06 -17.33
C VAL B 464 3.48 1.01 -16.20
N PRO B 465 3.83 0.46 -15.04
CA PRO B 465 2.87 0.39 -13.93
C PRO B 465 2.47 1.77 -13.45
N LEU B 466 1.23 1.85 -12.98
CA LEU B 466 0.65 3.10 -12.51
C LEU B 466 0.67 3.14 -10.99
N ILE B 467 0.96 4.32 -10.45
CA ILE B 467 0.88 4.60 -9.03
C ILE B 467 -0.19 5.67 -8.83
N ARG B 468 -1.20 5.34 -8.04
CA ARG B 468 -2.41 6.16 -7.94
C ARG B 468 -2.21 7.22 -6.88
N ILE B 469 -1.69 8.37 -7.31
CA ILE B 469 -1.58 9.55 -6.46
C ILE B 469 -2.21 10.71 -7.22
N GLY B 470 -3.31 11.24 -6.70
CA GLY B 470 -3.96 12.38 -7.31
C GLY B 470 -5.47 12.24 -7.24
N PHE B 471 -6.15 12.97 -8.11
CA PHE B 471 -7.60 13.01 -8.14
C PHE B 471 -8.06 12.88 -9.60
N PRO B 472 -9.07 12.05 -9.85
CA PRO B 472 -9.75 11.15 -8.92
C PRO B 472 -9.24 9.71 -8.96
N ILE B 473 -9.35 8.98 -7.86
CA ILE B 473 -9.00 7.57 -7.81
C ILE B 473 -10.30 6.80 -7.64
N PHE B 474 -10.66 6.03 -8.66
CA PHE B 474 -11.93 5.32 -8.69
C PHE B 474 -11.80 3.81 -8.54
N ASP B 475 -10.64 3.24 -8.84
CA ASP B 475 -10.46 1.80 -8.85
C ASP B 475 -9.82 1.26 -7.58
N ARG B 476 -9.55 2.12 -6.60
CA ARG B 476 -9.10 1.69 -5.29
C ARG B 476 -9.99 2.31 -4.24
N HIS B 477 -9.82 1.87 -2.99
CA HIS B 477 -10.66 2.30 -1.89
C HIS B 477 -9.84 2.99 -0.81
N HIS B 478 -10.41 4.04 -0.24
CA HIS B 478 -9.91 4.73 0.94
C HIS B 478 -8.54 5.35 0.73
N LEU B 479 -8.15 5.60 -0.52
CA LEU B 479 -6.92 6.33 -0.79
C LEU B 479 -7.07 7.83 -0.55
N HIS B 480 -8.30 8.35 -0.55
CA HIS B 480 -8.52 9.75 -0.22
C HIS B 480 -8.19 10.06 1.23
N ARG B 481 -8.03 9.03 2.07
CA ARG B 481 -7.64 9.20 3.46
C ARG B 481 -6.14 9.38 3.63
N SER B 482 -5.37 9.25 2.57
CA SER B 482 -3.92 9.33 2.67
C SER B 482 -3.47 10.78 2.80
N THR B 483 -2.16 10.97 2.91
CA THR B 483 -1.58 12.28 3.13
C THR B 483 -0.50 12.54 2.08
N THR B 484 -0.41 13.79 1.65
CA THR B 484 0.53 14.20 0.63
C THR B 484 1.43 15.34 1.08
N LEU B 485 0.93 16.26 1.91
CA LEU B 485 1.70 17.38 2.41
C LEU B 485 2.51 17.00 3.63
N GLY B 486 3.56 17.76 3.94
CA GLY B 486 4.27 17.55 5.20
C GLY B 486 5.27 16.43 5.23
N TYR B 487 5.73 16.10 6.42
CA TYR B 487 6.69 14.98 6.57
C TYR B 487 5.90 13.67 6.57
N GLU B 488 4.64 13.69 7.00
CA GLU B 488 3.81 12.49 6.96
C GLU B 488 3.46 12.11 5.53
N GLY B 489 3.08 13.10 4.71
CA GLY B 489 2.76 12.81 3.32
C GLY B 489 3.98 12.38 2.54
N ALA B 490 5.13 13.00 2.81
CA ALA B 490 6.36 12.58 2.17
C ALA B 490 6.72 11.15 2.52
N MET B 491 6.53 10.77 3.79
CA MET B 491 6.80 9.40 4.21
C MET B 491 5.87 8.43 3.50
N GLN B 492 4.59 8.77 3.41
CA GLN B 492 3.64 7.89 2.73
C GLN B 492 4.00 7.72 1.26
N ILE B 493 4.35 8.82 0.59
CA ILE B 493 4.70 8.74 -0.83
C ILE B 493 5.99 7.95 -1.02
N LEU B 494 6.98 8.16 -0.15
CA LEU B 494 8.22 7.41 -0.25
C LEU B 494 7.97 5.91 -0.09
N THR B 495 7.17 5.53 0.91
CA THR B 495 6.85 4.12 1.10
C THR B 495 6.12 3.56 -0.11
N THR B 496 5.14 4.29 -0.63
CA THR B 496 4.39 3.83 -1.79
C THR B 496 5.31 3.63 -2.99
N LEU B 497 6.21 4.57 -3.24
CA LEU B 497 7.13 4.47 -4.38
C LEU B 497 8.07 3.28 -4.24
N VAL B 498 8.71 3.15 -3.07
CA VAL B 498 9.70 2.09 -2.90
C VAL B 498 9.03 0.73 -2.94
N ASN B 499 7.82 0.62 -2.38
CA ASN B 499 7.15 -0.67 -2.40
C ASN B 499 6.60 -0.98 -3.78
N SER B 500 6.23 0.02 -4.57
CA SER B 500 5.87 -0.22 -5.96
C SER B 500 7.06 -0.76 -6.74
N ILE B 501 8.23 -0.15 -6.53
CA ILE B 501 9.45 -0.63 -7.18
C ILE B 501 9.73 -2.08 -6.80
N LEU B 502 9.65 -2.38 -5.50
CA LEU B 502 9.99 -3.72 -5.04
C LEU B 502 8.95 -4.75 -5.47
N GLU B 503 7.67 -4.36 -5.52
CA GLU B 503 6.63 -5.26 -6.00
C GLU B 503 6.85 -5.59 -7.46
N ARG B 504 7.17 -4.58 -8.28
CA ARG B 504 7.44 -4.84 -9.69
C ARG B 504 8.68 -5.72 -9.86
N LEU B 505 9.71 -5.49 -9.05
CA LEU B 505 10.91 -6.33 -9.13
C LEU B 505 10.61 -7.76 -8.73
N ASP B 506 9.78 -7.96 -7.71
CA ASP B 506 9.40 -9.30 -7.30
C ASP B 506 8.60 -10.00 -8.39
N GLU B 507 7.67 -9.28 -9.03
CA GLU B 507 6.89 -9.87 -10.12
C GLU B 507 7.79 -10.25 -11.28
N GLU B 508 8.76 -9.39 -11.62
CA GLU B 508 9.63 -9.66 -12.75
C GLU B 508 10.56 -10.85 -12.52
N THR B 509 10.76 -11.26 -11.27
CA THR B 509 11.71 -12.33 -10.95
C THR B 509 11.05 -13.49 -10.23
N ARG B 510 9.75 -13.70 -10.45
CA ARG B 510 9.03 -14.82 -9.84
C ARG B 510 9.06 -16.07 -10.71
N GLY B 511 9.75 -16.03 -11.86
CA GLY B 511 9.79 -17.17 -12.74
C GLY B 511 10.78 -18.24 -12.32
N MET B 512 10.27 -19.44 -12.02
CA MET B 512 11.12 -20.55 -11.60
C MET B 512 12.13 -20.91 -12.67
N GLN B 513 13.38 -21.06 -12.28
CA GLN B 513 14.48 -21.51 -13.13
C GLN B 513 14.72 -20.59 -14.31
N ALA B 514 14.08 -19.42 -14.34
CA ALA B 514 14.31 -18.43 -15.40
C ALA B 514 14.87 -17.13 -14.86
N THR B 515 14.18 -16.52 -13.89
CA THR B 515 14.62 -15.27 -13.29
C THR B 515 14.59 -15.29 -11.77
N ASP B 516 14.23 -16.42 -11.16
CA ASP B 516 14.08 -16.51 -9.72
C ASP B 516 15.39 -16.48 -8.96
N TYR B 517 16.54 -16.52 -9.65
CA TYR B 517 17.80 -16.38 -8.95
C TYR B 517 17.91 -15.04 -8.25
N ASN B 518 17.15 -14.04 -8.72
CA ASN B 518 17.12 -12.72 -8.10
C ASN B 518 15.92 -12.54 -7.17
N HIS B 519 15.16 -13.60 -6.93
CA HIS B 519 14.00 -13.55 -6.04
C HIS B 519 14.48 -13.56 -4.58
N ASP B 520 15.14 -12.49 -4.20
CA ASP B 520 15.79 -12.41 -2.91
C ASP B 520 14.78 -12.21 -1.79
N LEU B 521 14.99 -12.92 -0.67
CA LEU B 521 14.15 -12.72 0.51
C LEU B 521 14.33 -11.33 1.09
N VAL B 522 15.57 -10.83 1.10
CA VAL B 522 15.90 -9.54 1.68
C VAL B 522 16.17 -8.55 0.57
N ARG B 523 15.46 -7.43 0.58
CA ARG B 523 15.65 -6.37 -0.41
C ARG B 523 15.93 -5.05 0.27
N ARG C 6 51.20 9.29 11.05
CA ARG C 6 51.30 8.06 11.84
C ARG C 6 51.00 8.33 13.31
N GLU C 7 51.55 9.42 13.84
CA GLU C 7 51.38 9.75 15.25
C GLU C 7 49.92 10.01 15.58
N GLU C 8 49.19 10.65 14.66
CA GLU C 8 47.77 10.93 14.89
C GLU C 8 46.99 9.63 15.03
N VAL C 9 47.28 8.64 14.18
CA VAL C 9 46.57 7.37 14.24
C VAL C 9 46.84 6.67 15.58
N GLU C 10 48.10 6.69 16.02
CA GLU C 10 48.45 6.08 17.30
C GLU C 10 47.74 6.80 18.45
N SER C 11 47.68 8.13 18.38
CA SER C 11 46.99 8.89 19.42
C SER C 11 45.52 8.54 19.47
N LEU C 12 44.87 8.44 18.30
CA LEU C 12 43.48 8.04 18.26
C LEU C 12 43.27 6.64 18.80
N ILE C 13 44.18 5.72 18.47
CA ILE C 13 44.08 4.36 19.00
C ILE C 13 44.15 4.37 20.51
N GLN C 14 45.09 5.12 21.09
CA GLN C 14 45.20 5.19 22.54
C GLN C 14 43.95 5.82 23.16
N GLU C 15 43.44 6.89 22.55
CA GLU C 15 42.25 7.56 23.09
C GLU C 15 41.05 6.64 23.09
N VAL C 16 40.89 5.87 22.01
CA VAL C 16 39.79 4.90 21.94
C VAL C 16 39.98 3.81 22.98
N LEU C 17 41.22 3.33 23.14
CA LEU C 17 41.49 2.27 24.10
C LEU C 17 41.30 2.71 25.54
N GLU C 18 41.38 4.01 25.82
CA GLU C 18 41.29 4.48 27.20
C GLU C 18 39.90 4.31 27.81
N VAL C 19 38.98 3.65 27.12
CA VAL C 19 37.65 3.41 27.65
C VAL C 19 37.46 1.98 28.15
N TYR C 20 38.26 1.02 27.70
CA TYR C 20 38.03 -0.37 28.08
C TYR C 20 38.74 -0.68 29.39
N PRO C 21 38.23 -1.61 30.18
CA PRO C 21 38.94 -2.02 31.39
C PRO C 21 40.32 -2.58 31.07
N GLU C 22 41.13 -2.74 32.11
CA GLU C 22 42.56 -3.01 31.98
C GLU C 22 42.86 -4.23 31.13
N LYS C 23 42.26 -5.38 31.48
CA LYS C 23 42.48 -6.59 30.70
C LYS C 23 41.98 -6.43 29.28
N ALA C 24 40.77 -5.88 29.14
CA ALA C 24 40.23 -5.58 27.82
C ALA C 24 41.13 -4.60 27.08
N ARG C 25 41.71 -3.65 27.81
CA ARG C 25 42.56 -2.67 27.15
C ARG C 25 43.82 -3.31 26.58
N LYS C 26 44.52 -4.12 27.38
CA LYS C 26 45.70 -4.79 26.82
C LYS C 26 45.31 -5.69 25.65
N ASP C 27 44.21 -6.43 25.80
CA ASP C 27 43.82 -7.36 24.74
C ASP C 27 43.49 -6.63 23.45
N ARG C 28 42.73 -5.55 23.53
CA ARG C 28 42.37 -4.79 22.33
C ARG C 28 43.54 -4.01 21.76
N ASN C 29 44.57 -3.74 22.58
CA ASN C 29 45.71 -3.00 22.07
C ASN C 29 46.46 -3.77 20.98
N LYS C 30 46.44 -5.10 21.05
CA LYS C 30 47.22 -5.90 20.12
C LYS C 30 46.51 -6.15 18.79
N HIS C 31 45.24 -5.76 18.66
CA HIS C 31 44.48 -5.96 17.43
C HIS C 31 44.28 -4.68 16.65
N LEU C 32 44.99 -3.60 17.01
CA LEU C 32 44.95 -2.35 16.27
C LEU C 32 46.37 -1.94 15.92
N ALA C 33 46.57 -1.48 14.68
CA ALA C 33 47.90 -1.17 14.22
C ALA C 33 47.84 -0.10 13.13
N VAL C 34 48.98 0.54 12.91
CA VAL C 34 49.17 1.49 11.81
C VAL C 34 49.95 0.77 10.73
N ASN C 35 49.39 0.76 9.51
CA ASN C 35 49.97 -0.04 8.44
C ASN C 35 51.35 0.47 8.05
N ASP C 36 52.29 -0.45 7.90
CA ASP C 36 53.64 -0.16 7.44
C ASP C 36 54.00 -1.12 6.32
N PRO C 37 53.69 -0.78 5.06
CA PRO C 37 53.93 -1.65 3.90
C PRO C 37 55.39 -2.04 3.74
N GLN C 41 55.55 -9.68 7.53
CA GLN C 41 55.38 -10.31 8.84
C GLN C 41 54.39 -9.52 9.68
N SER C 42 53.11 -9.89 9.57
CA SER C 42 52.07 -9.15 10.29
C SER C 42 52.06 -9.49 11.77
N LYS C 43 52.68 -10.62 12.15
CA LYS C 43 52.65 -11.05 13.54
C LYS C 43 53.32 -10.03 14.45
N LYS C 44 54.34 -9.34 13.94
CA LYS C 44 55.02 -8.31 14.72
C LYS C 44 54.24 -7.00 14.77
N CYS C 45 53.14 -6.89 14.04
CA CYS C 45 52.36 -5.65 14.03
C CYS C 45 50.98 -5.87 14.64
N ILE C 46 50.26 -6.89 14.18
CA ILE C 46 48.90 -7.15 14.63
C ILE C 46 48.71 -8.65 14.80
N ILE C 47 47.91 -9.04 15.78
CA ILE C 47 47.57 -10.44 16.04
C ILE C 47 46.09 -10.64 15.76
N SER C 48 45.76 -11.79 15.16
CA SER C 48 44.40 -12.07 14.75
C SER C 48 44.04 -13.49 15.17
N ASN C 49 42.81 -13.90 14.84
CA ASN C 49 42.30 -15.23 15.16
C ASN C 49 42.36 -15.52 16.65
N LYS C 50 41.87 -14.58 17.45
CA LYS C 50 41.87 -14.69 18.90
C LYS C 50 40.46 -14.54 19.44
N LYS C 51 40.28 -14.97 20.69
CA LYS C 51 38.98 -14.89 21.33
C LYS C 51 38.54 -13.44 21.51
N SER C 52 37.28 -13.18 21.18
CA SER C 52 36.72 -11.84 21.35
C SER C 52 36.54 -11.53 22.82
N GLN C 53 36.71 -10.26 23.18
CA GLN C 53 36.46 -9.85 24.55
C GLN C 53 34.96 -9.81 24.83
N PRO C 54 34.53 -10.37 25.96
CA PRO C 54 33.08 -10.44 26.23
C PRO C 54 32.44 -9.07 26.38
N GLY C 55 31.18 -8.99 25.96
CA GLY C 55 30.37 -7.82 26.17
C GLY C 55 30.82 -6.56 25.46
N LEU C 56 31.26 -6.67 24.20
CA LEU C 56 31.79 -5.52 23.47
C LEU C 56 31.18 -5.37 22.08
N MET C 57 30.12 -6.09 21.75
CA MET C 57 29.55 -6.12 20.40
C MET C 57 30.60 -6.41 19.33
N THR C 58 31.11 -7.63 19.37
CA THR C 58 31.83 -8.12 18.21
C THR C 58 30.87 -8.31 17.05
N ILE C 59 31.43 -8.41 15.84
CA ILE C 59 30.63 -8.65 14.64
C ILE C 59 30.69 -10.10 14.20
N ARG C 60 31.70 -10.85 14.64
CA ARG C 60 31.92 -12.22 14.17
C ARG C 60 30.70 -13.10 14.39
N GLY C 61 30.60 -14.15 13.58
CA GLY C 61 29.61 -15.19 13.75
C GLY C 61 30.19 -16.41 14.44
N CYS C 62 29.65 -17.56 14.11
CA CYS C 62 30.04 -18.82 14.72
C CYS C 62 30.53 -19.79 13.66
N ALA C 63 30.99 -20.96 14.11
CA ALA C 63 31.42 -21.99 13.17
C ALA C 63 30.26 -22.50 12.32
N TYR C 64 29.05 -22.55 12.88
CA TYR C 64 27.89 -22.97 12.10
C TYR C 64 27.62 -21.98 10.96
N ALA C 65 27.78 -20.68 11.24
CA ALA C 65 27.60 -19.68 10.19
C ALA C 65 28.63 -19.86 9.08
N GLY C 66 29.87 -20.16 9.44
CA GLY C 66 30.92 -20.34 8.45
C GLY C 66 30.87 -21.66 7.73
N SER C 67 30.16 -22.66 8.27
CA SER C 67 30.01 -23.94 7.61
C SER C 67 28.71 -24.02 6.81
N LYS C 68 27.58 -23.85 7.48
CA LYS C 68 26.30 -23.99 6.79
C LYS C 68 26.03 -22.78 5.88
N GLY C 69 26.25 -21.58 6.38
CA GLY C 69 25.90 -20.40 5.62
C GLY C 69 26.87 -20.08 4.50
N VAL C 70 28.12 -20.53 4.63
CA VAL C 70 29.17 -20.11 3.71
C VAL C 70 29.54 -21.21 2.73
N VAL C 71 29.92 -22.38 3.25
CA VAL C 71 30.49 -23.43 2.41
C VAL C 71 29.39 -24.34 1.86
N TRP C 72 28.65 -24.99 2.76
CA TRP C 72 27.75 -26.05 2.34
C TRP C 72 26.43 -25.53 1.81
N GLY C 73 25.97 -24.38 2.29
CA GLY C 73 24.71 -23.82 1.89
C GLY C 73 24.55 -23.56 0.40
N PRO C 74 25.55 -22.94 -0.24
CA PRO C 74 25.44 -22.69 -1.69
C PRO C 74 25.33 -23.94 -2.54
N ILE C 75 25.72 -25.10 -2.04
CA ILE C 75 25.57 -26.34 -2.79
C ILE C 75 24.09 -26.62 -2.96
N LYS C 76 23.63 -26.64 -4.22
CA LYS C 76 22.21 -26.44 -4.49
C LYS C 76 21.42 -27.76 -4.51
N ASP C 77 21.98 -28.82 -5.08
CA ASP C 77 21.23 -30.07 -5.17
C ASP C 77 21.27 -30.89 -3.90
N MET C 78 21.96 -30.41 -2.87
CA MET C 78 22.02 -31.08 -1.58
C MET C 78 21.00 -30.47 -0.61
N ILE C 79 20.62 -31.27 0.38
CA ILE C 79 19.72 -30.83 1.44
C ILE C 79 20.54 -30.72 2.72
N HIS C 80 20.49 -29.56 3.35
CA HIS C 80 21.31 -29.27 4.53
C HIS C 80 20.40 -29.13 5.74
N ILE C 81 20.66 -29.95 6.76
CA ILE C 81 19.84 -30.02 7.95
C ILE C 81 20.54 -29.27 9.06
N SER C 82 19.94 -28.18 9.51
CA SER C 82 20.41 -27.48 10.71
C SER C 82 19.96 -28.28 11.92
N HIS C 83 20.84 -29.13 12.44
CA HIS C 83 20.49 -30.10 13.47
C HIS C 83 20.53 -29.41 14.83
N GLY C 84 19.37 -29.28 15.48
CA GLY C 84 19.28 -28.62 16.75
C GLY C 84 18.03 -27.76 16.84
N PRO C 85 18.04 -26.76 17.71
CA PRO C 85 16.90 -25.84 17.81
C PRO C 85 16.69 -25.07 16.52
N VAL C 86 15.53 -24.42 16.48
CA VAL C 86 15.03 -23.76 15.24
C VAL C 86 15.69 -22.44 14.94
N GLY C 87 16.27 -21.78 15.91
CA GLY C 87 16.78 -20.42 15.67
C GLY C 87 17.82 -20.33 14.58
N CYS C 88 18.91 -21.06 14.68
CA CYS C 88 20.02 -20.91 13.71
C CYS C 88 19.52 -20.90 12.27
N GLY C 89 18.83 -21.96 11.87
CA GLY C 89 18.32 -22.06 10.50
C GLY C 89 17.44 -20.91 10.13
N GLN C 90 16.52 -20.56 11.02
CA GLN C 90 15.56 -19.48 10.72
C GLN C 90 16.37 -18.22 10.45
N TYR C 91 17.36 -17.95 11.28
CA TYR C 91 18.01 -16.66 11.05
C TYR C 91 18.91 -16.69 9.84
N SER C 92 19.34 -17.86 9.40
CA SER C 92 20.27 -18.00 8.29
C SER C 92 19.60 -18.43 6.99
N ARG C 93 18.28 -18.55 6.97
CA ARG C 93 17.59 -18.94 5.75
C ARG C 93 17.58 -17.78 4.77
N ALA C 94 18.16 -18.00 3.59
CA ALA C 94 18.14 -17.05 2.48
C ALA C 94 18.77 -15.71 2.84
N GLY C 95 19.54 -15.66 3.93
CA GLY C 95 20.22 -14.43 4.31
C GLY C 95 21.43 -14.11 3.47
N ARG C 96 21.98 -15.10 2.78
CA ARG C 96 23.16 -14.92 1.95
C ARG C 96 22.76 -15.11 0.49
N ARG C 97 23.25 -14.22 -0.37
CA ARG C 97 22.82 -14.17 -1.76
C ARG C 97 23.74 -15.02 -2.66
N ASN C 98 23.87 -16.28 -2.29
CA ASN C 98 24.63 -17.24 -3.11
C ASN C 98 23.72 -17.74 -4.22
N TYR C 99 23.80 -17.08 -5.38
CA TYR C 99 22.88 -17.33 -6.47
C TYR C 99 23.08 -18.71 -7.08
N TYR C 100 22.01 -19.24 -7.66
CA TYR C 100 22.00 -20.58 -8.22
C TYR C 100 20.88 -20.68 -9.24
N ILE C 101 20.93 -21.74 -10.05
CA ILE C 101 19.87 -22.07 -10.98
C ILE C 101 19.28 -23.42 -10.57
N GLY C 102 17.97 -23.45 -10.36
CA GLY C 102 17.32 -24.69 -10.02
C GLY C 102 15.85 -24.46 -9.75
N THR C 103 15.16 -25.56 -9.47
CA THR C 103 13.74 -25.56 -9.12
C THR C 103 13.63 -25.85 -7.63
N THR C 104 13.41 -24.79 -6.85
CA THR C 104 13.40 -24.92 -5.40
C THR C 104 12.27 -25.84 -4.95
N GLY C 105 12.59 -26.77 -4.06
CA GLY C 105 11.65 -27.76 -3.60
C GLY C 105 11.59 -29.02 -4.44
N VAL C 106 12.29 -29.04 -5.57
CA VAL C 106 12.32 -30.21 -6.43
C VAL C 106 13.75 -30.71 -6.55
N ASN C 107 14.64 -29.86 -7.08
CA ASN C 107 16.02 -30.24 -7.30
C ASN C 107 17.03 -29.25 -6.77
N ALA C 108 16.59 -28.15 -6.17
CA ALA C 108 17.47 -27.17 -5.53
C ALA C 108 16.89 -26.78 -4.19
N PHE C 109 17.76 -26.59 -3.20
CA PHE C 109 17.27 -26.37 -1.84
C PHE C 109 18.06 -25.30 -1.09
N VAL C 110 18.57 -24.29 -1.77
CA VAL C 110 19.43 -23.31 -1.12
C VAL C 110 18.63 -22.42 -0.18
N THR C 111 17.48 -21.93 -0.65
CA THR C 111 16.68 -20.99 0.14
C THR C 111 15.75 -21.69 1.12
N MET C 112 15.88 -23.00 1.29
CA MET C 112 15.02 -23.76 2.19
C MET C 112 15.70 -23.96 3.54
N ASN C 113 14.88 -24.08 4.58
CA ASN C 113 15.36 -24.27 5.94
C ASN C 113 14.88 -25.63 6.43
N PHE C 114 15.77 -26.61 6.40
CA PHE C 114 15.51 -27.93 6.96
C PHE C 114 16.12 -27.99 8.35
N THR C 115 15.34 -28.48 9.32
CA THR C 115 15.82 -28.50 10.69
C THR C 115 15.19 -29.66 11.45
N SER C 116 15.88 -30.08 12.51
CA SER C 116 15.33 -31.08 13.41
C SER C 116 14.37 -30.48 14.44
N ASP C 117 14.42 -29.17 14.65
CA ASP C 117 13.54 -28.47 15.58
C ASP C 117 13.56 -29.13 16.96
N PHE C 118 14.72 -29.07 17.59
CA PHE C 118 14.93 -29.77 18.85
C PHE C 118 13.99 -29.24 19.93
N GLN C 119 13.43 -30.17 20.68
CA GLN C 119 12.63 -29.89 21.86
C GLN C 119 13.42 -30.28 23.11
N GLU C 120 12.77 -30.15 24.27
CA GLU C 120 13.41 -30.49 25.53
C GLU C 120 13.71 -31.97 25.61
N LYS C 121 12.76 -32.81 25.18
CA LYS C 121 12.95 -34.25 25.21
C LYS C 121 14.09 -34.68 24.29
N ASP C 122 14.31 -33.94 23.20
CA ASP C 122 15.42 -34.25 22.31
C ASP C 122 16.75 -34.05 23.03
N ILE C 123 16.89 -32.97 23.79
CA ILE C 123 18.11 -32.72 24.55
C ILE C 123 18.28 -33.78 25.62
N VAL C 124 17.21 -34.08 26.35
CA VAL C 124 17.34 -34.97 27.52
C VAL C 124 17.62 -36.40 27.08
N PHE C 125 16.98 -36.86 26.00
CA PHE C 125 17.03 -38.26 25.61
C PHE C 125 17.83 -38.51 24.33
N GLY C 126 18.36 -37.48 23.71
CA GLY C 126 19.15 -37.69 22.49
C GLY C 126 18.32 -37.52 21.24
N GLY C 127 19.01 -37.19 20.15
CA GLY C 127 18.32 -36.93 18.89
C GLY C 127 18.81 -37.74 17.72
N ASP C 128 19.55 -38.83 17.98
CA ASP C 128 20.00 -39.69 16.90
C ASP C 128 18.84 -40.43 16.25
N LYS C 129 17.90 -40.94 17.05
CA LYS C 129 16.72 -41.58 16.49
C LYS C 129 15.90 -40.60 15.67
N LYS C 130 15.71 -39.39 16.18
CA LYS C 130 15.03 -38.35 15.42
C LYS C 130 15.81 -37.99 14.17
N LEU C 131 17.13 -38.01 14.24
CA LEU C 131 17.93 -37.71 13.05
C LEU C 131 17.73 -38.76 11.96
N ALA C 132 17.71 -40.04 12.34
CA ALA C 132 17.46 -41.08 11.35
C ALA C 132 16.06 -40.95 10.74
N LYS C 133 15.06 -40.69 11.59
CA LYS C 133 13.70 -40.53 11.07
C LYS C 133 13.60 -39.31 10.17
N LEU C 134 14.31 -38.23 10.51
CA LEU C 134 14.32 -37.04 9.68
C LEU C 134 14.96 -37.32 8.33
N ILE C 135 16.04 -38.10 8.32
CA ILE C 135 16.66 -38.47 7.05
C ILE C 135 15.68 -39.26 6.19
N ASP C 136 14.95 -40.19 6.82
CA ASP C 136 13.96 -40.97 6.08
C ASP C 136 12.87 -40.08 5.50
N GLU C 137 12.35 -39.15 6.31
CA GLU C 137 11.30 -38.25 5.83
C GLU C 137 11.80 -37.35 4.72
N VAL C 138 13.04 -36.86 4.83
CA VAL C 138 13.64 -36.06 3.77
C VAL C 138 13.71 -36.86 2.48
N GLU C 139 14.16 -38.11 2.56
CA GLU C 139 14.26 -38.93 1.36
C GLU C 139 12.88 -39.19 0.76
N THR C 140 11.86 -39.31 1.60
CA THR C 140 10.50 -39.53 1.09
C THR C 140 9.97 -38.29 0.37
N LEU C 141 10.15 -37.11 0.97
CA LEU C 141 9.48 -35.91 0.47
C LEU C 141 10.27 -35.17 -0.60
N PHE C 142 11.57 -35.38 -0.69
CA PHE C 142 12.42 -34.66 -1.64
C PHE C 142 13.27 -35.66 -2.40
N PRO C 143 12.66 -36.41 -3.33
CA PRO C 143 13.36 -37.54 -3.95
C PRO C 143 14.52 -37.16 -4.85
N LEU C 144 14.50 -35.99 -5.48
CA LEU C 144 15.53 -35.63 -6.44
C LEU C 144 16.77 -35.01 -5.78
N ASN C 145 16.80 -34.93 -4.46
CA ASN C 145 17.99 -34.45 -3.78
C ASN C 145 19.15 -35.41 -4.03
N LYS C 146 20.34 -34.86 -4.24
CA LYS C 146 21.52 -35.64 -4.56
C LYS C 146 22.44 -35.83 -3.37
N GLY C 147 22.02 -35.44 -2.18
CA GLY C 147 22.84 -35.61 -1.00
C GLY C 147 22.21 -34.95 0.20
N ILE C 148 22.79 -35.23 1.35
CA ILE C 148 22.38 -34.66 2.61
C ILE C 148 23.62 -34.25 3.40
N SER C 149 23.61 -33.05 3.95
CA SER C 149 24.58 -32.63 4.93
C SER C 149 23.86 -32.33 6.24
N VAL C 150 24.50 -32.66 7.35
CA VAL C 150 23.93 -32.47 8.68
C VAL C 150 24.86 -31.50 9.42
N GLN C 151 24.45 -30.25 9.53
CA GLN C 151 25.24 -29.22 10.20
C GLN C 151 24.86 -29.17 11.68
N SER C 152 25.80 -29.50 12.55
CA SER C 152 25.53 -29.53 13.97
C SER C 152 25.47 -28.11 14.54
N GLU C 153 24.61 -27.94 15.55
CA GLU C 153 24.54 -26.73 16.34
C GLU C 153 25.07 -27.01 17.75
N CYS C 154 24.97 -26.00 18.61
CA CYS C 154 25.63 -26.06 19.92
C CYS C 154 25.19 -27.23 20.79
N PRO C 155 23.89 -27.49 21.00
CA PRO C 155 23.52 -28.64 21.86
C PRO C 155 24.00 -29.97 21.32
N ILE C 156 24.08 -30.13 20.00
CA ILE C 156 24.57 -31.38 19.42
C ILE C 156 26.00 -31.64 19.85
N GLY C 157 26.84 -30.61 19.79
CA GLY C 157 28.20 -30.76 20.27
C GLY C 157 28.29 -30.99 21.76
N LEU C 158 27.40 -30.34 22.52
CA LEU C 158 27.46 -30.49 23.97
C LEU C 158 27.08 -31.91 24.40
N ILE C 159 25.94 -32.42 23.92
CA ILE C 159 25.42 -33.69 24.42
C ILE C 159 26.07 -34.90 23.76
N GLY C 160 26.95 -34.68 22.79
CA GLY C 160 27.68 -35.79 22.17
C GLY C 160 26.82 -36.75 21.37
N ASP C 161 25.90 -36.23 20.57
CA ASP C 161 25.12 -37.09 19.68
C ASP C 161 26.01 -37.65 18.59
N ASP C 162 25.90 -38.97 18.36
CA ASP C 162 26.75 -39.66 17.38
C ASP C 162 26.11 -39.55 15.99
N ILE C 163 26.25 -38.36 15.41
CA ILE C 163 25.67 -38.11 14.09
C ILE C 163 26.49 -38.78 13.00
N GLU C 164 27.77 -39.06 13.26
CA GLU C 164 28.60 -39.74 12.27
C GLU C 164 28.10 -41.16 12.02
N SER C 165 27.75 -41.87 13.10
CA SER C 165 27.21 -43.22 12.96
C SER C 165 25.89 -43.21 12.20
N VAL C 166 25.02 -42.27 12.52
CA VAL C 166 23.75 -42.16 11.82
C VAL C 166 23.97 -41.87 10.34
N SER C 167 24.90 -40.96 10.04
CA SER C 167 25.21 -40.64 8.66
C SER C 167 25.72 -41.87 7.91
N LYS C 168 26.62 -42.63 8.53
CA LYS C 168 27.16 -43.83 7.89
C LYS C 168 26.06 -44.87 7.65
N VAL C 169 25.22 -45.12 8.67
CA VAL C 169 24.20 -46.15 8.54
C VAL C 169 23.18 -45.78 7.47
N LYS C 170 22.71 -44.53 7.50
CA LYS C 170 21.70 -44.14 6.53
C LYS C 170 22.29 -44.01 5.12
N GLY C 171 23.54 -43.60 4.99
CA GLY C 171 24.16 -43.58 3.69
C GLY C 171 24.31 -44.97 3.12
N ALA C 172 24.62 -45.95 3.96
CA ALA C 172 24.63 -47.33 3.49
C ALA C 172 23.24 -47.79 3.11
N GLU C 173 22.23 -47.45 3.90
CA GLU C 173 20.90 -48.05 3.71
C GLU C 173 20.17 -47.44 2.53
N LEU C 174 20.28 -46.13 2.32
CA LEU C 174 19.59 -45.47 1.22
C LEU C 174 20.53 -45.00 0.11
N SER C 175 21.79 -45.42 0.13
CA SER C 175 22.71 -45.29 -1.01
C SER C 175 22.85 -43.83 -1.46
N LYS C 176 23.04 -42.92 -0.50
CA LYS C 176 23.30 -41.52 -0.82
C LYS C 176 24.27 -40.94 0.18
N THR C 177 25.00 -39.90 -0.25
CA THR C 177 26.07 -39.32 0.55
C THR C 177 25.47 -38.46 1.65
N ILE C 178 25.80 -38.77 2.90
CA ILE C 178 25.40 -37.98 4.06
C ILE C 178 26.66 -37.51 4.75
N VAL C 179 26.86 -36.20 4.80
CA VAL C 179 28.06 -35.57 5.32
C VAL C 179 27.74 -35.01 6.71
N PRO C 180 28.29 -35.57 7.77
CA PRO C 180 28.09 -34.97 9.10
C PRO C 180 29.14 -33.91 9.38
N VAL C 181 28.71 -32.69 9.70
CA VAL C 181 29.61 -31.57 9.96
C VAL C 181 29.45 -31.18 11.42
N ARG C 182 30.56 -31.23 12.16
CA ARG C 182 30.59 -30.85 13.58
C ARG C 182 30.93 -29.37 13.71
N CYS C 183 29.98 -28.54 13.27
CA CYS C 183 30.14 -27.10 13.24
C CYS C 183 29.36 -26.41 14.36
N GLU C 184 29.34 -27.01 15.55
CA GLU C 184 28.67 -26.38 16.68
C GLU C 184 29.26 -25.01 16.94
N GLY C 185 28.38 -24.04 17.22
CA GLY C 185 28.77 -22.65 17.21
C GLY C 185 29.85 -22.27 18.19
N PHE C 186 29.87 -22.90 19.37
CA PHE C 186 30.85 -22.53 20.38
C PHE C 186 32.28 -22.93 20.03
N ARG C 187 32.47 -23.77 19.03
CA ARG C 187 33.81 -24.12 18.58
C ARG C 187 34.46 -22.93 17.91
N GLY C 188 35.75 -22.76 18.16
CA GLY C 188 36.46 -21.66 17.54
C GLY C 188 36.11 -20.33 18.18
N VAL C 189 36.45 -19.26 17.45
CA VAL C 189 36.22 -17.90 17.93
C VAL C 189 35.45 -17.11 16.87
N SER C 190 35.24 -17.71 15.71
CA SER C 190 34.65 -17.01 14.57
C SER C 190 34.24 -18.04 13.52
N GLN C 191 33.90 -17.56 12.33
CA GLN C 191 33.50 -18.40 11.22
C GLN C 191 34.68 -19.14 10.59
N SER C 192 35.92 -18.78 10.93
CA SER C 192 37.08 -19.39 10.29
C SER C 192 37.15 -20.89 10.59
N LEU C 193 36.91 -21.28 11.84
CA LEU C 193 36.91 -22.70 12.17
C LEU C 193 35.74 -23.41 11.51
N GLY C 194 34.63 -22.71 11.29
CA GLY C 194 33.55 -23.30 10.51
C GLY C 194 33.96 -23.59 9.08
N HIS C 195 34.67 -22.66 8.45
CA HIS C 195 35.22 -22.90 7.13
C HIS C 195 36.13 -24.12 7.14
N HIS C 196 37.03 -24.18 8.12
CA HIS C 196 37.96 -25.30 8.21
C HIS C 196 37.22 -26.63 8.36
N ILE C 197 36.27 -26.70 9.29
CA ILE C 197 35.54 -27.94 9.54
C ILE C 197 34.75 -28.36 8.32
N ALA C 198 34.10 -27.41 7.64
CA ALA C 198 33.39 -27.74 6.41
C ALA C 198 34.35 -28.28 5.35
N ASN C 199 35.57 -27.74 5.30
CA ASN C 199 36.52 -28.20 4.29
C ASN C 199 36.97 -29.62 4.55
N ASP C 200 37.30 -29.96 5.80
CA ASP C 200 37.59 -31.36 6.09
C ASP C 200 36.37 -32.26 5.88
N ALA C 201 35.16 -31.72 6.06
CA ALA C 201 33.98 -32.53 5.73
C ALA C 201 33.93 -32.87 4.25
N VAL C 202 34.16 -31.88 3.38
CA VAL C 202 34.22 -32.14 1.96
C VAL C 202 35.32 -33.13 1.64
N ARG C 203 36.48 -32.97 2.27
CA ARG C 203 37.61 -33.85 1.99
C ARG C 203 37.32 -35.29 2.39
N ASP C 204 36.66 -35.48 3.53
CA ASP C 204 36.45 -36.82 4.06
C ASP C 204 35.24 -37.53 3.46
N TRP C 205 34.26 -36.81 2.93
CA TRP C 205 33.02 -37.47 2.56
C TRP C 205 32.59 -37.28 1.10
N VAL C 206 33.12 -36.29 0.38
CA VAL C 206 32.66 -35.96 -0.96
C VAL C 206 33.78 -35.99 -1.98
N LEU C 207 34.94 -35.44 -1.64
CA LEU C 207 35.97 -35.15 -2.65
C LEU C 207 36.48 -36.40 -3.33
N GLY C 208 36.63 -37.49 -2.58
CA GLY C 208 37.29 -38.67 -3.12
C GLY C 208 36.39 -39.80 -3.58
N LYS C 209 35.11 -39.52 -3.83
CA LYS C 209 34.18 -40.58 -4.22
C LYS C 209 34.49 -41.11 -5.62
N ARG C 210 34.98 -40.25 -6.52
CA ARG C 210 35.31 -40.65 -7.87
C ARG C 210 36.81 -40.88 -8.06
N ASP C 211 37.52 -41.24 -7.00
CA ASP C 211 38.96 -41.40 -7.08
C ASP C 211 39.35 -42.57 -7.98
N GLU C 212 38.51 -43.59 -8.09
CA GLU C 212 38.79 -44.78 -8.89
C GLU C 212 38.07 -44.77 -10.22
N ASP C 213 37.46 -43.65 -10.61
CA ASP C 213 36.72 -43.55 -11.85
C ASP C 213 37.53 -42.79 -12.89
N THR C 214 37.63 -43.36 -14.09
CA THR C 214 38.36 -42.76 -15.19
C THR C 214 37.46 -42.47 -16.39
N THR C 215 36.15 -42.33 -16.15
CA THR C 215 35.21 -42.12 -17.25
C THR C 215 35.27 -40.69 -17.78
N PHE C 216 35.66 -39.73 -16.95
CA PHE C 216 35.66 -38.33 -17.37
C PHE C 216 36.74 -38.06 -18.41
N ALA C 217 36.37 -37.36 -19.48
CA ALA C 217 37.31 -36.96 -20.51
C ALA C 217 37.89 -35.61 -20.13
N SER C 218 39.20 -35.57 -19.87
CA SER C 218 39.87 -34.36 -19.45
C SER C 218 40.63 -33.72 -20.60
N THR C 219 40.63 -32.40 -20.63
CA THR C 219 41.36 -31.60 -21.59
C THR C 219 42.47 -30.83 -20.88
N PRO C 220 43.52 -30.43 -21.62
CA PRO C 220 44.60 -29.67 -20.98
C PRO C 220 44.18 -28.31 -20.45
N TYR C 221 42.99 -27.83 -20.81
CA TYR C 221 42.49 -26.54 -20.38
C TYR C 221 41.46 -26.66 -19.26
N ASP C 222 41.66 -27.58 -18.33
CA ASP C 222 40.72 -27.84 -17.26
C ASP C 222 41.07 -27.03 -16.03
N VAL C 223 40.16 -26.13 -15.62
CA VAL C 223 40.35 -25.30 -14.45
C VAL C 223 39.13 -25.44 -13.56
N ALA C 224 39.35 -25.21 -12.26
CA ALA C 224 38.27 -25.25 -11.29
C ALA C 224 38.29 -23.96 -10.48
N ILE C 225 37.15 -23.27 -10.44
CA ILE C 225 36.98 -22.08 -9.63
C ILE C 225 36.72 -22.53 -8.20
N ILE C 226 37.52 -22.04 -7.26
CA ILE C 226 37.52 -22.49 -5.88
C ILE C 226 37.24 -21.29 -4.99
N GLY C 227 36.26 -21.43 -4.09
CA GLY C 227 35.99 -20.38 -3.13
C GLY C 227 35.21 -19.20 -3.66
N ASP C 228 34.42 -19.39 -4.71
CA ASP C 228 33.54 -18.35 -5.22
C ASP C 228 32.10 -18.78 -4.94
N TYR C 229 31.40 -17.99 -4.12
CA TYR C 229 30.08 -18.33 -3.64
C TYR C 229 28.98 -17.62 -4.40
N ASN C 230 29.31 -17.02 -5.55
CA ASN C 230 28.31 -16.51 -6.49
C ASN C 230 27.39 -15.47 -5.85
N ILE C 231 27.98 -14.56 -5.07
CA ILE C 231 27.20 -13.48 -4.47
C ILE C 231 26.74 -12.56 -5.60
N GLY C 232 25.42 -12.44 -5.75
CA GLY C 232 24.87 -11.65 -6.84
C GLY C 232 25.27 -12.11 -8.22
N GLY C 233 25.62 -13.39 -8.37
CA GLY C 233 26.12 -13.89 -9.62
C GLY C 233 27.59 -13.65 -9.87
N ASP C 234 28.34 -13.26 -8.84
CA ASP C 234 29.74 -12.89 -9.01
C ASP C 234 30.52 -13.98 -9.75
N ALA C 235 30.40 -15.22 -9.30
CA ALA C 235 31.11 -16.32 -9.93
C ALA C 235 30.80 -16.40 -11.42
N TRP C 236 29.51 -16.27 -11.77
CA TRP C 236 29.14 -16.29 -13.19
C TRP C 236 29.88 -15.20 -13.94
N SER C 237 29.89 -13.98 -13.40
CA SER C 237 30.57 -12.88 -14.06
C SER C 237 32.06 -13.15 -14.25
N SER C 238 32.64 -14.00 -13.40
CA SER C 238 34.02 -14.41 -13.61
C SER C 238 34.12 -15.55 -14.62
N ARG C 239 33.21 -16.53 -14.49
CA ARG C 239 33.35 -17.77 -15.27
C ARG C 239 33.36 -17.47 -16.76
N ILE C 240 32.50 -16.54 -17.21
CA ILE C 240 32.43 -16.23 -18.63
C ILE C 240 33.79 -15.79 -19.15
N LEU C 241 34.50 -14.94 -18.42
CA LEU C 241 35.83 -14.52 -18.87
C LEU C 241 36.73 -15.74 -19.04
N LEU C 242 36.73 -16.61 -18.02
CA LEU C 242 37.58 -17.80 -18.07
C LEU C 242 37.19 -18.69 -19.24
N GLU C 243 35.92 -18.68 -19.63
CA GLU C 243 35.50 -19.47 -20.77
C GLU C 243 35.79 -18.75 -22.09
N GLU C 244 35.78 -17.42 -22.09
CA GLU C 244 36.15 -16.69 -23.30
C GLU C 244 37.63 -16.83 -23.61
N MET C 245 38.42 -17.29 -22.65
CA MET C 245 39.85 -17.51 -22.82
C MET C 245 40.18 -18.92 -23.30
N GLY C 246 39.18 -19.75 -23.57
CA GLY C 246 39.41 -21.11 -24.00
C GLY C 246 39.48 -22.12 -22.89
N LEU C 247 39.45 -21.70 -21.63
CA LEU C 247 39.48 -22.63 -20.52
C LEU C 247 38.10 -23.23 -20.28
N ARG C 248 38.10 -24.44 -19.73
CA ARG C 248 36.87 -25.15 -19.39
C ARG C 248 36.75 -25.19 -17.87
N CYS C 249 35.73 -24.54 -17.34
CA CYS C 249 35.49 -24.46 -15.90
C CYS C 249 34.68 -25.69 -15.48
N VAL C 250 35.38 -26.70 -14.93
CA VAL C 250 34.71 -27.93 -14.55
C VAL C 250 33.83 -27.72 -13.32
N ALA C 251 34.33 -27.02 -12.31
CA ALA C 251 33.64 -26.95 -11.03
C ALA C 251 33.62 -25.52 -10.51
N GLN C 252 32.60 -25.23 -9.70
CA GLN C 252 32.51 -23.99 -8.93
C GLN C 252 32.26 -24.33 -7.47
N TRP C 253 33.02 -23.72 -6.57
CA TRP C 253 32.91 -23.94 -5.13
C TRP C 253 32.60 -22.62 -4.45
N SER C 254 31.41 -22.51 -3.87
CA SER C 254 30.36 -23.51 -3.93
C SER C 254 29.08 -22.86 -4.46
N GLY C 255 29.19 -21.60 -4.82
CA GLY C 255 28.06 -20.86 -5.38
C GLY C 255 27.57 -21.46 -6.67
N ASP C 256 26.28 -21.79 -6.71
CA ASP C 256 25.66 -22.48 -7.85
C ASP C 256 26.35 -23.82 -8.11
N GLY C 257 27.04 -24.35 -7.10
CA GLY C 257 27.79 -25.57 -7.25
C GLY C 257 26.97 -26.81 -6.96
N SER C 258 27.35 -27.90 -7.61
CA SER C 258 26.71 -29.20 -7.45
C SER C 258 27.69 -30.20 -6.85
N ILE C 259 27.15 -31.26 -6.25
CA ILE C 259 28.01 -32.30 -5.69
C ILE C 259 28.80 -32.98 -6.79
N SER C 260 28.27 -33.02 -8.02
CA SER C 260 28.99 -33.61 -9.13
C SER C 260 30.23 -32.79 -9.49
N GLU C 261 30.12 -31.46 -9.45
CA GLU C 261 31.29 -30.62 -9.74
C GLU C 261 32.37 -30.82 -8.70
N ILE C 262 32.00 -30.90 -7.42
CA ILE C 262 32.98 -31.15 -6.37
C ILE C 262 33.64 -32.50 -6.56
N GLU C 263 32.84 -33.51 -6.93
CA GLU C 263 33.40 -34.84 -7.19
C GLU C 263 34.33 -34.82 -8.40
N LEU C 264 34.02 -33.99 -9.40
CA LEU C 264 34.81 -33.92 -10.62
C LEU C 264 36.04 -33.04 -10.47
N THR C 265 36.10 -32.24 -9.41
CA THR C 265 37.21 -31.30 -9.23
C THR C 265 38.60 -31.96 -9.27
N PRO C 266 38.85 -33.14 -8.68
CA PRO C 266 40.21 -33.70 -8.71
C PRO C 266 40.74 -34.04 -10.10
N LYS C 267 39.98 -33.77 -11.15
CA LYS C 267 40.40 -34.08 -12.51
C LYS C 267 40.90 -32.85 -13.28
N VAL C 268 40.91 -31.68 -12.66
CA VAL C 268 41.24 -30.45 -13.37
C VAL C 268 42.74 -30.32 -13.50
N LYS C 269 43.16 -29.36 -14.32
CA LYS C 269 44.58 -29.04 -14.45
C LYS C 269 45.01 -27.89 -13.54
N LEU C 270 44.13 -26.94 -13.23
CA LEU C 270 44.54 -25.83 -12.40
C LEU C 270 43.39 -25.34 -11.53
N ASN C 271 43.70 -24.99 -10.29
CA ASN C 271 42.71 -24.57 -9.30
C ASN C 271 42.85 -23.07 -9.06
N LEU C 272 41.89 -22.30 -9.59
CA LEU C 272 41.87 -20.85 -9.40
C LEU C 272 41.10 -20.56 -8.13
N VAL C 273 41.82 -20.19 -7.07
CA VAL C 273 41.22 -19.96 -5.76
C VAL C 273 40.95 -18.48 -5.61
N HIS C 274 39.69 -18.13 -5.36
CA HIS C 274 39.33 -16.74 -5.11
C HIS C 274 39.45 -16.39 -3.64
N CYS C 275 38.70 -17.10 -2.79
CA CYS C 275 38.73 -16.86 -1.35
C CYS C 275 39.75 -17.80 -0.73
N TYR C 276 40.93 -17.27 -0.42
CA TYR C 276 41.94 -18.04 0.29
C TYR C 276 41.44 -18.49 1.66
N ARG C 277 40.84 -17.57 2.41
CA ARG C 277 40.57 -17.80 3.84
C ARG C 277 39.66 -18.99 4.05
N SER C 278 38.75 -19.25 3.11
CA SER C 278 37.74 -20.27 3.31
C SER C 278 38.05 -21.59 2.61
N MET C 279 38.91 -21.61 1.60
CA MET C 279 39.13 -22.81 0.81
C MET C 279 40.60 -23.19 0.62
N ASN C 280 41.54 -22.47 1.26
CA ASN C 280 42.95 -22.80 1.10
C ASN C 280 43.26 -24.20 1.63
N TYR C 281 42.51 -24.67 2.63
CA TYR C 281 42.76 -25.99 3.19
C TYR C 281 42.54 -27.07 2.14
N ILE C 282 41.38 -27.03 1.46
CA ILE C 282 41.12 -28.01 0.42
C ILE C 282 42.04 -27.79 -0.77
N SER C 283 42.45 -26.55 -1.03
CA SER C 283 43.39 -26.30 -2.13
C SER C 283 44.72 -26.99 -1.88
N ARG C 284 45.27 -26.82 -0.67
CA ARG C 284 46.53 -27.48 -0.31
C ARG C 284 46.38 -28.99 -0.28
N HIS C 285 45.26 -29.48 0.23
CA HIS C 285 45.03 -30.92 0.24
C HIS C 285 45.05 -31.48 -1.17
N MET C 286 44.37 -30.81 -2.10
CA MET C 286 44.34 -31.30 -3.48
C MET C 286 45.71 -31.21 -4.13
N GLU C 287 46.47 -30.15 -3.84
CA GLU C 287 47.82 -30.07 -4.36
C GLU C 287 48.69 -31.22 -3.86
N GLU C 288 48.57 -31.56 -2.58
CA GLU C 288 49.42 -32.60 -2.01
C GLU C 288 48.97 -34.01 -2.43
N LYS C 289 47.68 -34.21 -2.66
CA LYS C 289 47.20 -35.56 -2.95
C LYS C 289 47.11 -35.84 -4.45
N TYR C 290 46.44 -34.98 -5.21
CA TYR C 290 46.27 -35.19 -6.64
C TYR C 290 47.28 -34.45 -7.49
N GLY C 291 48.10 -33.59 -6.89
CA GLY C 291 49.11 -32.88 -7.64
C GLY C 291 48.60 -31.76 -8.52
N ILE C 292 47.43 -31.20 -8.22
CA ILE C 292 46.89 -30.11 -9.02
C ILE C 292 47.44 -28.78 -8.52
N PRO C 293 48.12 -28.02 -9.37
CA PRO C 293 48.55 -26.68 -8.95
C PRO C 293 47.37 -25.75 -8.76
N TRP C 294 47.51 -24.84 -7.80
CA TRP C 294 46.48 -23.85 -7.51
C TRP C 294 47.12 -22.50 -7.29
N MET C 295 46.34 -21.45 -7.56
CA MET C 295 46.82 -20.09 -7.36
C MET C 295 45.66 -19.13 -7.24
N GLU C 296 45.94 -17.98 -6.65
CA GLU C 296 44.93 -16.97 -6.37
C GLU C 296 44.71 -16.07 -7.59
N TYR C 297 43.49 -15.57 -7.72
CA TYR C 297 43.15 -14.61 -8.75
C TYR C 297 42.27 -13.53 -8.14
N ASN C 298 42.28 -12.35 -8.76
CA ASN C 298 41.51 -11.21 -8.29
C ASN C 298 40.82 -10.59 -9.50
N PHE C 299 39.50 -10.55 -9.48
CA PHE C 299 38.72 -9.98 -10.58
C PHE C 299 37.99 -8.71 -10.19
N PHE C 300 38.39 -8.08 -9.08
CA PHE C 300 37.76 -6.85 -8.63
C PHE C 300 38.42 -5.67 -9.34
N GLY C 301 37.69 -5.04 -10.25
CA GLY C 301 38.21 -3.92 -11.00
C GLY C 301 38.93 -4.38 -12.26
N PRO C 302 39.14 -3.46 -13.20
CA PRO C 302 39.76 -3.86 -14.48
C PRO C 302 41.23 -4.19 -14.39
N THR C 303 42.02 -3.43 -13.62
CA THR C 303 43.47 -3.67 -13.63
C THR C 303 43.80 -5.04 -13.01
N LYS C 304 43.17 -5.35 -11.87
CA LYS C 304 43.41 -6.65 -11.26
C LYS C 304 42.82 -7.77 -12.10
N THR C 305 41.72 -7.51 -12.80
CA THR C 305 41.15 -8.51 -13.69
C THR C 305 42.11 -8.83 -14.83
N ILE C 306 42.70 -7.79 -15.44
CA ILE C 306 43.66 -8.02 -16.53
C ILE C 306 44.88 -8.76 -16.01
N GLU C 307 45.41 -8.34 -14.86
CA GLU C 307 46.58 -9.00 -14.30
C GLU C 307 46.28 -10.47 -14.00
N SER C 308 45.12 -10.75 -13.42
CA SER C 308 44.75 -12.12 -13.10
C SER C 308 44.56 -12.94 -14.37
N LEU C 309 43.93 -12.37 -15.40
CA LEU C 309 43.72 -13.12 -16.64
C LEU C 309 45.06 -13.45 -17.30
N ARG C 310 45.98 -12.50 -17.32
CA ARG C 310 47.31 -12.78 -17.88
C ARG C 310 48.06 -13.83 -17.06
N ALA C 311 47.96 -13.75 -15.73
CA ALA C 311 48.59 -14.75 -14.88
C ALA C 311 47.99 -16.14 -15.12
N ILE C 312 46.67 -16.20 -15.29
CA ILE C 312 46.00 -17.47 -15.55
C ILE C 312 46.45 -18.04 -16.89
N ALA C 313 46.50 -17.20 -17.92
CA ALA C 313 46.93 -17.66 -19.24
C ALA C 313 48.38 -18.12 -19.23
N ALA C 314 49.23 -17.48 -18.43
CA ALA C 314 50.65 -17.83 -18.42
C ALA C 314 50.89 -19.26 -17.98
N LYS C 315 49.94 -19.88 -17.29
CA LYS C 315 50.06 -21.27 -16.86
C LYS C 315 49.76 -22.26 -17.98
N PHE C 316 49.30 -21.78 -19.14
CA PHE C 316 48.91 -22.64 -20.25
C PHE C 316 49.74 -22.28 -21.48
N ASP C 317 49.36 -22.86 -22.62
CA ASP C 317 50.08 -22.70 -23.87
C ASP C 317 49.79 -21.35 -24.51
N GLU C 318 50.27 -21.18 -25.75
CA GLU C 318 50.21 -19.88 -26.41
C GLU C 318 48.80 -19.53 -26.87
N SER C 319 48.00 -20.54 -27.23
CA SER C 319 46.64 -20.26 -27.68
C SER C 319 45.83 -19.58 -26.59
N ILE C 320 45.98 -20.04 -25.34
CA ILE C 320 45.28 -19.42 -24.23
C ILE C 320 45.72 -17.97 -24.05
N GLN C 321 47.01 -17.71 -24.21
CA GLN C 321 47.49 -16.34 -24.07
C GLN C 321 46.96 -15.43 -25.18
N LYS C 322 46.89 -15.96 -26.40
CA LYS C 322 46.31 -15.17 -27.49
C LYS C 322 44.83 -14.87 -27.24
N LYS C 323 44.09 -15.88 -26.77
CA LYS C 323 42.68 -15.65 -26.46
C LYS C 323 42.52 -14.66 -25.30
N CYS C 324 43.44 -14.70 -24.34
CA CYS C 324 43.41 -13.73 -23.24
C CYS C 324 43.65 -12.32 -23.75
N GLU C 325 44.60 -12.15 -24.67
CA GLU C 325 44.82 -10.84 -25.25
C GLU C 325 43.59 -10.36 -26.01
N GLU C 326 42.96 -11.26 -26.75
CA GLU C 326 41.73 -10.90 -27.47
C GLU C 326 40.63 -10.48 -26.51
N VAL C 327 40.49 -11.20 -25.38
CA VAL C 327 39.46 -10.86 -24.40
C VAL C 327 39.73 -9.50 -23.78
N ILE C 328 40.99 -9.23 -23.44
CA ILE C 328 41.35 -7.93 -22.87
C ILE C 328 41.03 -6.82 -23.87
N ALA C 329 41.40 -7.02 -25.14
CA ALA C 329 41.10 -6.02 -26.16
C ALA C 329 39.60 -5.82 -26.32
N LYS C 330 38.83 -6.91 -26.29
CA LYS C 330 37.38 -6.80 -26.45
C LYS C 330 36.75 -6.00 -25.33
N TYR C 331 37.15 -6.26 -24.09
CA TYR C 331 36.52 -5.60 -22.96
C TYR C 331 37.14 -4.27 -22.60
N LYS C 332 38.24 -3.87 -23.25
CA LYS C 332 38.85 -2.58 -22.93
C LYS C 332 37.91 -1.39 -23.07
N PRO C 333 37.22 -1.19 -24.21
CA PRO C 333 36.39 0.02 -24.33
C PRO C 333 35.29 0.14 -23.30
N GLU C 334 34.70 -0.98 -22.86
CA GLU C 334 33.61 -0.90 -21.89
C GLU C 334 34.11 -0.34 -20.56
N TRP C 335 35.20 -0.88 -20.02
CA TRP C 335 35.66 -0.38 -18.74
C TRP C 335 36.31 0.99 -18.87
N GLU C 336 36.90 1.30 -20.02
CA GLU C 336 37.37 2.66 -20.24
C GLU C 336 36.21 3.66 -20.24
N ALA C 337 35.09 3.31 -20.87
CA ALA C 337 33.92 4.18 -20.86
C ALA C 337 33.35 4.32 -19.45
N VAL C 338 33.30 3.23 -18.69
CA VAL C 338 32.80 3.29 -17.34
C VAL C 338 33.68 4.18 -16.47
N VAL C 339 35.00 4.08 -16.63
CA VAL C 339 35.91 4.96 -15.90
C VAL C 339 35.68 6.40 -16.30
N ALA C 340 35.66 6.68 -17.60
CA ALA C 340 35.50 8.06 -18.06
C ALA C 340 34.17 8.66 -17.62
N LYS C 341 33.17 7.82 -17.36
CA LYS C 341 31.88 8.31 -16.90
C LYS C 341 31.83 8.51 -15.39
N TYR C 342 32.38 7.59 -14.61
CA TYR C 342 32.16 7.60 -13.17
C TYR C 342 33.34 8.05 -12.34
N ARG C 343 34.55 8.12 -12.89
CA ARG C 343 35.70 8.58 -12.11
C ARG C 343 35.55 10.03 -11.64
N PRO C 344 35.23 11.01 -12.50
CA PRO C 344 35.20 12.40 -12.02
C PRO C 344 34.24 12.62 -10.86
N ARG C 345 33.19 11.81 -10.77
CA ARG C 345 32.28 11.87 -9.65
C ARG C 345 32.85 11.20 -8.41
N LEU C 346 34.04 10.60 -8.48
CA LEU C 346 34.56 9.79 -7.40
C LEU C 346 36.03 10.06 -7.04
N GLU C 347 36.78 10.82 -7.83
CA GLU C 347 38.20 10.99 -7.55
C GLU C 347 38.41 11.69 -6.20
N GLY C 348 39.39 11.21 -5.45
CA GLY C 348 39.80 11.83 -4.22
C GLY C 348 39.06 11.38 -2.97
N LYS C 349 38.01 10.56 -3.12
CA LYS C 349 37.22 10.16 -1.97
C LYS C 349 37.94 9.09 -1.16
N ARG C 350 37.53 8.96 0.10
CA ARG C 350 38.18 8.06 1.06
C ARG C 350 37.19 7.03 1.55
N VAL C 351 37.66 5.78 1.68
CA VAL C 351 36.82 4.64 2.05
C VAL C 351 37.42 3.95 3.26
N MET C 352 36.56 3.58 4.20
CA MET C 352 36.92 2.71 5.33
C MET C 352 36.12 1.42 5.23
N LEU C 353 36.81 0.29 5.39
CA LEU C 353 36.21 -1.02 5.17
C LEU C 353 36.35 -1.89 6.40
N TYR C 354 35.34 -2.74 6.62
CA TYR C 354 35.39 -3.78 7.65
C TYR C 354 34.54 -4.95 7.16
N ILE C 355 35.19 -5.93 6.52
CA ILE C 355 34.53 -7.10 5.98
C ILE C 355 35.21 -8.34 6.58
N GLY C 356 34.72 -9.52 6.20
CA GLY C 356 35.04 -10.72 6.96
C GLY C 356 36.46 -11.25 6.88
N GLY C 357 36.85 -11.86 5.77
CA GLY C 357 38.19 -12.40 5.71
C GLY C 357 38.96 -12.29 4.40
N LEU C 358 38.31 -11.87 3.34
CA LEU C 358 39.02 -11.78 2.06
C LEU C 358 38.80 -10.45 1.36
N ARG C 359 37.59 -9.91 1.41
CA ARG C 359 37.16 -8.75 0.66
C ARG C 359 37.82 -7.42 1.05
N PRO C 360 38.24 -7.21 2.30
CA PRO C 360 38.88 -5.93 2.64
C PRO C 360 40.13 -5.62 1.82
N ARG C 361 40.83 -6.65 1.33
CA ARG C 361 42.02 -6.42 0.51
C ARG C 361 41.80 -6.63 -0.98
N HIS C 362 40.77 -7.39 -1.37
CA HIS C 362 40.54 -7.66 -2.78
C HIS C 362 39.91 -6.46 -3.50
N VAL C 363 39.02 -5.74 -2.81
CA VAL C 363 38.27 -4.66 -3.47
C VAL C 363 39.06 -3.36 -3.56
N ILE C 364 40.31 -3.34 -3.11
CA ILE C 364 41.07 -2.10 -3.07
C ILE C 364 41.42 -1.63 -4.48
N GLY C 365 41.78 -2.57 -5.36
CA GLY C 365 42.15 -2.20 -6.71
C GLY C 365 41.01 -1.57 -7.49
N ALA C 366 39.79 -2.10 -7.31
CA ALA C 366 38.62 -1.51 -7.96
C ALA C 366 38.38 -0.10 -7.45
N TYR C 367 38.57 0.12 -6.16
CA TYR C 367 38.45 1.47 -5.60
C TYR C 367 39.48 2.41 -6.20
N GLU C 368 40.73 1.92 -6.35
CA GLU C 368 41.78 2.75 -6.92
C GLU C 368 41.50 3.06 -8.39
N ASP C 369 40.88 2.13 -9.11
CA ASP C 369 40.58 2.33 -10.52
C ASP C 369 39.59 3.47 -10.75
N LEU C 370 38.85 3.86 -9.73
CA LEU C 370 37.95 5.00 -9.79
C LEU C 370 38.55 6.24 -9.13
N GLY C 371 39.84 6.21 -8.80
CA GLY C 371 40.48 7.33 -8.15
C GLY C 371 40.11 7.51 -6.70
N MET C 372 39.92 6.44 -5.96
CA MET C 372 39.47 6.51 -4.58
C MET C 372 40.47 5.80 -3.68
N GLU C 373 40.70 6.38 -2.50
CA GLU C 373 41.74 5.92 -1.59
C GLU C 373 41.10 5.25 -0.36
N VAL C 374 41.64 4.10 0.03
CA VAL C 374 41.22 3.41 1.22
C VAL C 374 42.14 3.82 2.35
N VAL C 375 41.57 4.40 3.42
CA VAL C 375 42.37 4.94 4.51
C VAL C 375 42.29 4.00 5.71
N GLY C 376 41.29 3.13 5.73
CA GLY C 376 41.14 2.18 6.81
C GLY C 376 40.53 0.89 6.32
N THR C 377 41.03 -0.22 6.86
CA THR C 377 40.51 -1.53 6.52
C THR C 377 40.75 -2.47 7.69
N GLY C 378 40.00 -3.57 7.70
CA GLY C 378 40.13 -4.54 8.77
C GLY C 378 39.32 -5.78 8.48
N TYR C 379 39.50 -6.77 9.34
CA TYR C 379 38.90 -8.09 9.14
C TYR C 379 38.16 -8.53 10.38
N GLU C 380 37.17 -9.40 10.17
CA GLU C 380 36.44 -9.99 11.29
C GLU C 380 37.14 -11.23 11.83
N PHE C 381 37.60 -12.11 10.94
CA PHE C 381 38.14 -13.41 11.35
C PHE C 381 39.36 -13.84 10.54
N ALA C 382 40.04 -12.92 9.88
CA ALA C 382 41.18 -13.31 9.06
C ALA C 382 42.36 -13.74 9.94
N HIS C 383 43.27 -14.50 9.33
CA HIS C 383 44.46 -14.97 10.01
C HIS C 383 45.64 -14.05 9.68
N ASN C 384 46.83 -14.45 10.12
CA ASN C 384 48.00 -13.61 9.94
C ASN C 384 48.44 -13.53 8.48
N ASP C 385 48.23 -14.60 7.71
CA ASP C 385 48.59 -14.58 6.29
C ASP C 385 47.79 -13.55 5.52
N ASP C 386 46.52 -13.37 5.89
CA ASP C 386 45.69 -12.37 5.22
C ASP C 386 46.23 -10.96 5.46
N TYR C 387 46.67 -10.68 6.68
CA TYR C 387 47.26 -9.37 6.97
C TYR C 387 48.62 -9.22 6.28
N ASP C 388 49.40 -10.31 6.19
CA ASP C 388 50.62 -10.28 5.40
C ASP C 388 50.33 -9.88 3.97
N ARG C 389 49.27 -10.45 3.38
CA ARG C 389 48.90 -10.10 2.01
C ARG C 389 48.40 -8.65 1.91
N THR C 390 47.63 -8.19 2.88
CA THR C 390 47.00 -6.88 2.75
C THR C 390 47.92 -5.73 3.13
N MET C 391 49.06 -6.01 3.78
CA MET C 391 49.98 -4.93 4.12
C MET C 391 50.52 -4.23 2.87
N LYS C 392 50.85 -5.01 1.84
CA LYS C 392 51.38 -4.41 0.61
C LYS C 392 50.35 -3.52 -0.07
N GLU C 393 49.08 -3.95 -0.09
CA GLU C 393 48.05 -3.19 -0.80
C GLU C 393 47.73 -1.88 -0.09
N MET C 394 47.65 -1.91 1.23
CA MET C 394 47.25 -0.72 1.98
C MET C 394 48.33 0.35 1.96
N GLY C 395 47.91 1.61 1.99
CA GLY C 395 48.84 2.71 1.96
C GLY C 395 49.53 2.94 3.29
N ASP C 396 50.55 3.80 3.26
CA ASP C 396 51.31 4.10 4.46
C ASP C 396 50.50 4.96 5.43
N SER C 397 50.77 4.76 6.73
CA SER C 397 50.13 5.53 7.79
C SER C 397 48.61 5.41 7.75
N THR C 398 48.12 4.23 7.37
CA THR C 398 46.70 3.92 7.36
C THR C 398 46.35 3.15 8.63
N LEU C 399 45.11 2.68 8.73
CA LEU C 399 44.61 2.07 9.96
C LEU C 399 44.18 0.64 9.69
N LEU C 400 44.58 -0.26 10.59
CA LEU C 400 44.20 -1.66 10.54
C LEU C 400 43.57 -2.06 11.87
N TYR C 401 42.41 -2.71 11.80
CA TYR C 401 41.71 -3.16 13.00
C TYR C 401 41.27 -4.61 12.82
N ASP C 402 41.57 -5.44 13.82
CA ASP C 402 41.18 -6.85 13.81
C ASP C 402 40.12 -7.08 14.87
N ASP C 403 39.00 -7.67 14.46
CA ASP C 403 37.86 -7.92 15.35
C ASP C 403 37.46 -6.65 16.08
N VAL C 404 37.20 -5.60 15.31
CA VAL C 404 36.87 -4.31 15.89
C VAL C 404 35.50 -4.38 16.55
N THR C 405 35.32 -3.58 17.60
CA THR C 405 34.06 -3.51 18.30
C THR C 405 33.24 -2.34 17.79
N GLY C 406 31.99 -2.25 18.28
CA GLY C 406 31.13 -1.16 17.86
C GLY C 406 31.66 0.20 18.30
N TYR C 407 32.09 0.30 19.56
CA TYR C 407 32.62 1.56 20.05
C TYR C 407 33.88 1.98 19.30
N GLU C 408 34.81 1.03 19.11
CA GLU C 408 36.05 1.36 18.44
C GLU C 408 35.80 1.81 17.00
N PHE C 409 34.94 1.10 16.28
CA PHE C 409 34.65 1.47 14.90
C PHE C 409 33.96 2.82 14.83
N GLU C 410 33.01 3.07 15.74
CA GLU C 410 32.33 4.36 15.75
C GLU C 410 33.29 5.50 16.03
N GLU C 411 34.18 5.33 17.02
CA GLU C 411 35.12 6.39 17.35
C GLU C 411 36.14 6.62 16.24
N PHE C 412 36.63 5.53 15.64
CA PHE C 412 37.55 5.62 14.52
C PHE C 412 36.92 6.39 13.37
N VAL C 413 35.66 6.07 13.06
CA VAL C 413 34.97 6.76 11.98
C VAL C 413 34.70 8.21 12.34
N LYS C 414 34.37 8.48 13.60
CA LYS C 414 34.11 9.84 14.04
C LYS C 414 35.34 10.72 13.87
N ARG C 415 36.51 10.20 14.21
CA ARG C 415 37.71 11.02 14.11
C ARG C 415 38.26 11.06 12.68
N ILE C 416 38.30 9.92 11.99
CA ILE C 416 38.87 9.88 10.64
C ILE C 416 37.95 10.59 9.65
N LYS C 417 36.64 10.40 9.78
CA LYS C 417 35.63 11.00 8.93
C LYS C 417 35.80 10.60 7.46
N PRO C 418 35.57 9.34 7.10
CA PRO C 418 35.72 8.93 5.70
C PRO C 418 34.54 9.40 4.86
N ASP C 419 34.75 9.38 3.54
CA ASP C 419 33.67 9.68 2.62
C ASP C 419 32.70 8.51 2.46
N LEU C 420 33.20 7.28 2.55
CA LEU C 420 32.36 6.10 2.38
C LEU C 420 32.84 5.00 3.32
N ILE C 421 31.88 4.20 3.81
CA ILE C 421 32.18 3.05 4.66
C ILE C 421 31.56 1.82 4.04
N GLY C 422 32.37 0.80 3.79
CA GLY C 422 31.87 -0.47 3.28
C GLY C 422 31.97 -1.59 4.29
N SER C 423 30.83 -2.06 4.77
CA SER C 423 30.85 -3.07 5.83
C SER C 423 29.51 -3.81 5.84
N GLY C 424 29.24 -4.53 6.93
CA GLY C 424 28.07 -5.38 7.03
C GLY C 424 26.81 -4.65 7.46
N ILE C 425 25.75 -5.45 7.63
CA ILE C 425 24.43 -4.88 7.93
C ILE C 425 24.36 -4.34 9.35
N LYS C 426 25.10 -4.94 10.28
CA LYS C 426 24.98 -4.59 11.69
C LYS C 426 25.50 -3.18 12.01
N GLU C 427 26.21 -2.55 11.07
CA GLU C 427 26.63 -1.16 11.25
C GLU C 427 26.21 -0.26 10.10
N LYS C 428 25.48 -0.78 9.11
CA LYS C 428 25.03 0.04 7.99
C LYS C 428 24.19 1.21 8.49
N PHE C 429 23.17 0.92 9.30
CA PHE C 429 22.30 1.99 9.78
C PHE C 429 22.99 2.84 10.84
N ILE C 430 23.93 2.24 11.59
CA ILE C 430 24.72 3.00 12.53
C ILE C 430 25.45 4.13 11.82
N PHE C 431 26.15 3.80 10.74
CA PHE C 431 26.89 4.82 10.01
C PHE C 431 25.99 5.67 9.12
N GLN C 432 24.81 5.16 8.76
CA GLN C 432 23.85 5.97 8.03
C GLN C 432 23.32 7.10 8.90
N LYS C 433 23.10 6.84 10.18
CA LYS C 433 22.59 7.88 11.07
C LYS C 433 23.67 8.88 11.47
N MET C 434 24.94 8.58 11.20
CA MET C 434 26.02 9.55 11.39
C MET C 434 26.32 10.33 10.12
N GLY C 435 25.53 10.17 9.08
CA GLY C 435 25.64 10.99 7.89
C GLY C 435 26.72 10.60 6.91
N ILE C 436 27.25 9.40 7.01
CA ILE C 436 28.34 8.94 6.15
C ILE C 436 27.80 7.84 5.25
N PRO C 437 27.95 7.95 3.93
CA PRO C 437 27.44 6.92 3.03
C PRO C 437 28.04 5.55 3.35
N PHE C 438 27.19 4.54 3.28
CA PHE C 438 27.56 3.18 3.67
C PHE C 438 27.11 2.22 2.59
N ARG C 439 27.98 1.26 2.28
CA ARG C 439 27.67 0.30 1.18
C ARG C 439 27.92 -1.12 1.65
N GLU C 440 26.85 -1.91 1.84
CA GLU C 440 26.99 -3.32 2.30
C GLU C 440 28.03 -4.03 1.43
N MET C 441 29.05 -4.62 2.06
CA MET C 441 30.13 -5.31 1.31
C MET C 441 29.96 -6.82 1.42
N HIS C 442 28.86 -7.28 2.02
CA HIS C 442 28.56 -8.70 2.14
C HIS C 442 27.50 -9.16 1.14
N SER C 443 26.38 -8.45 1.08
CA SER C 443 25.32 -8.74 0.13
C SER C 443 25.34 -7.82 -1.08
N TRP C 444 26.37 -6.96 -1.20
CA TRP C 444 26.45 -5.95 -2.24
C TRP C 444 25.24 -5.02 -2.24
N ASP C 445 24.67 -4.78 -1.06
CA ASP C 445 23.48 -3.94 -0.92
C ASP C 445 22.35 -4.43 -1.82
N TYR C 446 22.19 -5.75 -1.89
CA TYR C 446 21.18 -6.39 -2.75
C TYR C 446 21.37 -6.01 -4.21
N SER C 447 22.62 -5.73 -4.59
CA SER C 447 22.97 -5.40 -5.96
C SER C 447 24.11 -6.29 -6.44
N GLY C 448 24.72 -5.96 -7.56
CA GLY C 448 25.79 -6.75 -8.11
C GLY C 448 25.42 -7.35 -9.44
N PRO C 449 26.30 -8.21 -9.99
CA PRO C 449 27.59 -8.66 -9.44
C PRO C 449 28.65 -7.58 -9.47
N TYR C 450 29.74 -7.76 -8.73
CA TYR C 450 30.88 -6.86 -8.77
C TYR C 450 32.12 -7.46 -9.42
N HIS C 451 32.15 -8.78 -9.60
CA HIS C 451 33.30 -9.42 -10.22
C HIS C 451 33.33 -9.16 -11.73
N GLY C 452 34.54 -9.07 -12.26
CA GLY C 452 34.72 -9.00 -13.70
C GLY C 452 34.41 -7.64 -14.27
N PHE C 453 34.55 -7.56 -15.60
CA PHE C 453 34.31 -6.32 -16.32
C PHE C 453 32.85 -5.90 -16.21
N ASP C 454 31.93 -6.86 -16.31
CA ASP C 454 30.51 -6.55 -16.17
C ASP C 454 30.20 -6.05 -14.76
N GLY C 455 30.82 -6.66 -13.76
CA GLY C 455 30.58 -6.23 -12.39
C GLY C 455 31.22 -4.91 -12.04
N PHE C 456 32.27 -4.51 -12.75
CA PHE C 456 32.91 -3.22 -12.48
C PHE C 456 31.96 -2.07 -12.75
N ALA C 457 31.15 -2.17 -13.81
CA ALA C 457 30.19 -1.12 -14.10
C ALA C 457 29.17 -0.96 -12.98
N ILE C 458 28.65 -2.08 -12.48
CA ILE C 458 27.69 -2.04 -11.37
C ILE C 458 28.35 -1.48 -10.11
N PHE C 459 29.60 -1.88 -9.85
CA PHE C 459 30.33 -1.34 -8.71
C PHE C 459 30.44 0.18 -8.81
N ALA C 460 30.84 0.68 -9.98
CA ALA C 460 31.01 2.13 -10.15
C ALA C 460 29.67 2.87 -10.00
N ARG C 461 28.61 2.34 -10.61
CA ARG C 461 27.31 2.99 -10.51
C ARG C 461 26.81 3.00 -9.08
N ASP C 462 26.98 1.90 -8.35
CA ASP C 462 26.57 1.86 -6.95
C ASP C 462 27.36 2.84 -6.11
N MET C 463 28.67 2.92 -6.36
CA MET C 463 29.51 3.86 -5.62
C MET C 463 29.03 5.29 -5.83
N ASP C 464 28.73 5.63 -7.09
CA ASP C 464 28.26 6.98 -7.37
C ASP C 464 26.90 7.26 -6.75
N MET C 465 25.95 6.32 -6.87
CA MET C 465 24.61 6.60 -6.38
C MET C 465 24.57 6.67 -4.87
N THR C 466 25.51 6.01 -4.19
CA THR C 466 25.52 6.11 -2.73
C THR C 466 26.32 7.30 -2.24
N LEU C 467 27.52 7.53 -2.79
CA LEU C 467 28.36 8.63 -2.32
C LEU C 467 27.73 9.99 -2.62
N ASN C 468 27.12 10.14 -3.79
CA ASN C 468 26.63 11.43 -4.25
C ASN C 468 25.13 11.59 -4.10
N ASN C 469 24.47 10.72 -3.36
CA ASN C 469 23.04 10.85 -3.15
C ASN C 469 22.74 12.12 -2.34
N PRO C 470 21.75 12.91 -2.76
CA PRO C 470 21.48 14.18 -2.07
C PRO C 470 21.03 14.04 -0.63
N CYS C 471 20.52 12.86 -0.24
CA CYS C 471 19.96 12.69 1.09
C CYS C 471 20.98 12.98 2.18
N TRP C 472 22.26 12.75 1.90
CA TRP C 472 23.31 12.98 2.90
C TRP C 472 23.50 14.45 3.21
N LYS C 473 23.00 15.36 2.36
CA LYS C 473 23.12 16.79 2.60
C LYS C 473 21.94 17.36 3.36
N LYS C 474 21.03 16.51 3.83
CA LYS C 474 19.78 16.96 4.44
C LYS C 474 19.63 16.50 5.88
N LEU C 475 20.72 16.15 6.56
CA LEU C 475 20.62 15.64 7.92
C LEU C 475 20.56 16.73 8.99
N GLN C 476 20.77 17.99 8.63
CA GLN C 476 20.66 19.10 9.57
C GLN C 476 19.43 19.91 9.24
N ALA C 477 18.54 20.07 10.21
CA ALA C 477 17.36 20.89 10.02
C ALA C 477 17.77 22.34 9.79
N PRO C 478 17.24 23.00 8.76
CA PRO C 478 17.63 24.40 8.49
C PRO C 478 17.52 25.32 9.69
N TRP C 479 16.67 25.02 10.66
CA TRP C 479 16.49 25.85 11.83
C TRP C 479 17.41 25.46 12.99
N GLU C 480 18.29 24.50 12.79
CA GLU C 480 19.22 24.10 13.84
C GLU C 480 20.65 24.05 13.32
N SER D 2 28.69 -8.26 -21.40
CA SER D 2 28.90 -6.91 -21.91
C SER D 2 28.02 -5.91 -21.16
N GLN D 3 28.52 -4.68 -21.02
CA GLN D 3 27.81 -3.62 -20.33
C GLN D 3 27.82 -2.36 -21.17
N GLN D 4 26.64 -1.74 -21.29
CA GLN D 4 26.51 -0.42 -21.90
C GLN D 4 26.50 0.63 -20.80
N VAL D 5 27.34 1.65 -20.96
CA VAL D 5 27.50 2.64 -19.90
C VAL D 5 26.20 3.45 -19.72
N ASP D 6 25.35 3.47 -20.74
CA ASP D 6 24.09 4.20 -20.62
C ASP D 6 23.11 3.47 -19.71
N LYS D 7 22.97 2.16 -19.88
CA LYS D 7 22.01 1.35 -19.11
C LYS D 7 22.74 0.14 -18.53
N ILE D 8 23.28 0.32 -17.32
CA ILE D 8 23.95 -0.78 -16.64
C ILE D 8 22.92 -1.71 -16.04
N LYS D 9 23.11 -3.01 -16.26
CA LYS D 9 22.19 -4.03 -15.78
C LYS D 9 22.77 -4.68 -14.52
N ALA D 10 21.93 -4.83 -13.51
CA ALA D 10 22.29 -5.61 -12.33
C ALA D 10 22.13 -7.09 -12.68
N SER D 11 22.19 -7.97 -11.68
CA SER D 11 22.08 -9.40 -11.94
C SER D 11 20.87 -9.71 -12.80
N TYR D 12 19.73 -9.14 -12.46
CA TYR D 12 18.61 -9.08 -13.38
C TYR D 12 18.56 -7.69 -14.00
N PRO D 13 18.50 -7.57 -15.33
CA PRO D 13 18.41 -8.65 -16.32
C PRO D 13 19.74 -8.98 -17.00
N LEU D 14 20.89 -8.78 -16.36
CA LEU D 14 22.16 -9.06 -17.02
C LEU D 14 22.28 -10.55 -17.35
N PHE D 15 21.96 -11.43 -16.39
CA PHE D 15 22.18 -12.84 -16.63
C PHE D 15 21.15 -13.44 -17.59
N LEU D 16 20.30 -12.63 -18.21
CA LEU D 16 19.41 -13.08 -19.27
C LEU D 16 19.99 -12.85 -20.66
N ASP D 17 21.21 -12.35 -20.75
CA ASP D 17 21.87 -12.18 -22.04
C ASP D 17 22.24 -13.54 -22.63
N GLN D 18 22.45 -13.55 -23.95
CA GLN D 18 22.67 -14.80 -24.65
C GLN D 18 23.96 -15.46 -24.23
N ASP D 19 25.01 -14.67 -24.00
CA ASP D 19 26.29 -15.24 -23.58
C ASP D 19 26.17 -15.93 -22.23
N TYR D 20 25.47 -15.31 -21.28
CA TYR D 20 25.29 -15.94 -19.97
C TYR D 20 24.39 -17.15 -20.06
N LYS D 21 23.36 -17.11 -20.90
CA LYS D 21 22.51 -18.28 -21.09
C LYS D 21 23.31 -19.45 -21.66
N ASP D 22 24.16 -19.17 -22.65
CA ASP D 22 25.00 -20.23 -23.22
C ASP D 22 25.98 -20.77 -22.19
N MET D 23 26.58 -19.89 -21.39
CA MET D 23 27.48 -20.33 -20.33
C MET D 23 26.79 -21.26 -19.37
N LEU D 24 25.59 -20.87 -18.91
CA LEU D 24 24.86 -21.70 -17.96
C LEU D 24 24.44 -23.02 -18.60
N ALA D 25 24.03 -23.00 -19.87
CA ALA D 25 23.67 -24.22 -20.54
C ALA D 25 24.86 -25.17 -20.63
N LYS D 26 26.04 -24.65 -20.98
CA LYS D 26 27.22 -25.49 -21.06
C LYS D 26 27.58 -26.06 -19.69
N LYS D 27 27.54 -25.25 -18.64
CA LYS D 27 27.87 -25.73 -17.30
C LYS D 27 26.92 -26.83 -16.87
N ARG D 28 25.61 -26.60 -17.05
CA ARG D 28 24.61 -27.58 -16.66
C ARG D 28 24.75 -28.87 -17.46
N ASP D 29 24.97 -28.76 -18.76
CA ASP D 29 25.06 -29.96 -19.59
C ASP D 29 26.32 -30.74 -19.31
N GLY D 30 27.41 -30.06 -18.97
CA GLY D 30 28.68 -30.72 -18.83
C GLY D 30 28.97 -31.29 -17.45
N PHE D 31 28.75 -30.52 -16.39
CA PHE D 31 29.32 -30.87 -15.10
C PHE D 31 28.35 -30.94 -13.94
N GLU D 32 27.07 -30.59 -14.12
CA GLU D 32 26.15 -30.54 -12.99
C GLU D 32 25.39 -31.84 -12.78
N GLU D 33 25.28 -32.68 -13.80
CA GLU D 33 24.54 -33.95 -13.73
C GLU D 33 23.11 -33.72 -13.27
N LYS D 34 22.47 -32.73 -13.87
CA LYS D 34 21.09 -32.40 -13.54
C LYS D 34 20.16 -33.50 -14.03
N TYR D 35 19.04 -33.65 -13.33
CA TYR D 35 18.00 -34.55 -13.79
C TYR D 35 17.37 -34.01 -15.07
N PRO D 36 16.78 -34.88 -15.88
CA PRO D 36 16.05 -34.39 -17.05
C PRO D 36 14.93 -33.45 -16.64
N GLN D 37 14.68 -32.45 -17.49
CA GLN D 37 13.67 -31.46 -17.17
C GLN D 37 12.30 -32.10 -16.98
N ASP D 38 11.98 -33.12 -17.77
CA ASP D 38 10.70 -33.81 -17.61
C ASP D 38 10.56 -34.42 -16.23
N LYS D 39 11.63 -35.01 -15.69
CA LYS D 39 11.59 -35.56 -14.35
C LYS D 39 11.32 -34.48 -13.31
N ILE D 40 11.96 -33.32 -13.46
CA ILE D 40 11.71 -32.20 -12.55
C ILE D 40 10.26 -31.76 -12.61
N ASP D 41 9.69 -31.69 -13.82
CA ASP D 41 8.28 -31.32 -13.94
C ASP D 41 7.37 -32.34 -13.27
N GLU D 42 7.63 -33.64 -13.47
CA GLU D 42 6.79 -34.64 -12.82
C GLU D 42 6.88 -34.54 -11.29
N VAL D 43 8.10 -34.34 -10.77
CA VAL D 43 8.24 -34.26 -9.32
C VAL D 43 7.54 -33.01 -8.78
N PHE D 44 7.67 -31.88 -9.47
CA PHE D 44 6.98 -30.68 -9.01
C PHE D 44 5.48 -30.87 -9.04
N GLN D 45 4.95 -31.48 -10.10
CA GLN D 45 3.53 -31.76 -10.17
C GLN D 45 3.11 -32.63 -9.00
N TRP D 46 3.93 -33.63 -8.66
CA TRP D 46 3.61 -34.52 -7.56
C TRP D 46 3.61 -33.78 -6.23
N THR D 47 4.47 -32.77 -6.06
CA THR D 47 4.47 -32.02 -4.81
C THR D 47 3.21 -31.20 -4.61
N THR D 48 2.42 -30.96 -5.65
CA THR D 48 1.20 -30.17 -5.53
C THR D 48 -0.04 -31.03 -5.32
N THR D 49 0.11 -32.34 -5.26
CA THR D 49 -1.03 -33.25 -5.18
C THR D 49 -1.39 -33.57 -3.74
N LYS D 50 -2.62 -34.05 -3.55
CA LYS D 50 -3.11 -34.42 -2.22
C LYS D 50 -2.38 -35.63 -1.65
N GLU D 51 -1.90 -36.54 -2.49
CA GLU D 51 -1.07 -37.64 -2.01
C GLU D 51 0.20 -37.12 -1.35
N TYR D 52 0.84 -36.14 -1.98
CA TYR D 52 2.01 -35.52 -1.37
C TYR D 52 1.64 -34.79 -0.10
N GLN D 53 0.43 -34.24 -0.01
CA GLN D 53 0.02 -33.59 1.23
C GLN D 53 -0.12 -34.60 2.36
N GLU D 54 -0.69 -35.78 2.05
CA GLU D 54 -0.79 -36.83 3.05
C GLU D 54 0.58 -37.31 3.49
N LEU D 55 1.52 -37.42 2.54
CA LEU D 55 2.90 -37.76 2.92
C LEU D 55 3.53 -36.67 3.77
N ASN D 56 3.28 -35.40 3.42
CA ASN D 56 3.88 -34.27 4.11
C ASN D 56 3.37 -34.16 5.54
N PHE D 57 2.07 -34.42 5.75
CA PHE D 57 1.45 -34.23 7.05
C PHE D 57 1.69 -35.38 8.01
N GLN D 58 2.37 -36.45 7.58
CA GLN D 58 2.79 -37.47 8.54
C GLN D 58 4.17 -37.21 9.12
N ARG D 59 4.79 -36.07 8.82
CA ARG D 59 6.09 -35.76 9.36
C ARG D 59 6.04 -35.70 10.88
N GLU D 60 7.04 -36.31 11.53
CA GLU D 60 7.13 -36.31 12.98
C GLU D 60 8.49 -35.86 13.45
N ALA D 61 9.48 -35.82 12.55
CA ALA D 61 10.84 -35.50 12.92
C ALA D 61 11.46 -34.39 12.08
N LEU D 62 10.97 -34.16 10.87
CA LEU D 62 11.55 -33.15 9.98
C LEU D 62 10.69 -31.90 9.97
N THR D 63 11.34 -30.74 10.11
CA THR D 63 10.69 -29.45 10.00
C THR D 63 11.29 -28.70 8.82
N VAL D 64 10.44 -28.23 7.91
CA VAL D 64 10.86 -27.51 6.72
C VAL D 64 10.17 -26.15 6.73
N ASN D 65 10.96 -25.09 6.67
CA ASN D 65 10.46 -23.71 6.63
C ASN D 65 9.57 -23.42 7.82
N PRO D 66 10.11 -23.38 9.03
CA PRO D 66 9.29 -23.08 10.21
C PRO D 66 8.83 -21.63 10.21
N ALA D 67 7.89 -21.34 11.12
CA ALA D 67 7.36 -19.99 11.25
C ALA D 67 7.57 -19.46 12.66
N LYS D 68 8.78 -19.63 13.21
CA LYS D 68 9.08 -19.17 14.55
C LYS D 68 10.59 -19.04 14.71
N ALA D 69 10.99 -18.36 15.79
CA ALA D 69 12.39 -18.18 16.13
C ALA D 69 12.62 -18.69 17.55
N CYS D 70 13.82 -18.47 18.11
CA CYS D 70 14.13 -18.96 19.43
C CYS D 70 13.96 -17.87 20.49
N GLN D 71 13.88 -18.32 21.74
CA GLN D 71 13.54 -17.46 22.88
C GLN D 71 14.43 -16.23 23.04
N PRO D 72 15.76 -16.32 22.93
CA PRO D 72 16.58 -15.12 23.17
C PRO D 72 16.29 -13.96 22.23
N LEU D 73 15.75 -14.20 21.04
CA LEU D 73 15.34 -13.09 20.19
C LEU D 73 14.26 -12.25 20.86
N GLY D 74 13.23 -12.91 21.37
CA GLY D 74 12.19 -12.19 22.10
C GLY D 74 12.71 -11.57 23.38
N ALA D 75 13.66 -12.26 24.04
CA ALA D 75 14.26 -11.68 25.24
C ALA D 75 14.99 -10.38 24.93
N VAL D 76 15.73 -10.34 23.82
CA VAL D 76 16.41 -9.12 23.40
C VAL D 76 15.41 -8.03 23.04
N LEU D 77 14.35 -8.39 22.32
CA LEU D 77 13.34 -7.39 21.96
C LEU D 77 12.70 -6.80 23.20
N CYS D 78 12.40 -7.63 24.19
CA CYS D 78 11.83 -7.13 25.44
C CYS D 78 12.83 -6.25 26.18
N ALA D 79 14.10 -6.65 26.20
CA ALA D 79 15.11 -5.87 26.89
C ALA D 79 15.28 -4.48 26.27
N LEU D 80 15.12 -4.38 24.95
CA LEU D 80 15.28 -3.10 24.27
C LEU D 80 14.19 -2.09 24.63
N GLY D 81 13.12 -2.53 25.29
CA GLY D 81 12.03 -1.66 25.68
C GLY D 81 12.21 -0.91 26.98
N PHE D 82 13.37 -1.00 27.61
CA PHE D 82 13.64 -0.32 28.87
C PHE D 82 14.75 0.70 28.66
N GLU D 83 14.68 1.80 29.41
CA GLU D 83 15.55 2.94 29.14
C GLU D 83 17.00 2.64 29.50
N LYS D 84 17.89 3.00 28.57
CA LYS D 84 19.33 2.80 28.73
C LYS D 84 19.65 1.37 29.17
N THR D 85 19.04 0.40 28.51
CA THR D 85 19.15 -1.01 28.88
C THR D 85 19.94 -1.74 27.81
N MET D 86 20.89 -2.56 28.23
CA MET D 86 21.70 -3.33 27.31
C MET D 86 21.23 -4.76 27.31
N PRO D 87 20.74 -5.29 26.18
CA PRO D 87 20.50 -6.73 26.08
C PRO D 87 21.81 -7.49 26.06
N TYR D 88 21.96 -8.43 26.98
CA TYR D 88 23.20 -9.17 27.20
C TYR D 88 22.82 -10.64 27.14
N VAL D 89 23.28 -11.35 26.11
CA VAL D 89 22.90 -12.74 25.91
C VAL D 89 24.09 -13.59 26.35
N HIS D 90 24.00 -14.13 27.56
CA HIS D 90 24.98 -15.06 28.09
C HIS D 90 25.00 -16.33 27.26
N GLY D 91 26.06 -16.53 26.50
CA GLY D 91 26.16 -17.66 25.60
C GLY D 91 27.16 -17.38 24.49
N SER D 92 26.84 -17.88 23.30
CA SER D 92 27.74 -17.77 22.13
C SER D 92 27.51 -16.50 21.34
N GLN D 93 28.41 -16.17 20.43
CA GLN D 93 28.34 -14.87 19.71
C GLN D 93 27.52 -14.99 18.43
N GLY D 94 27.67 -16.09 17.71
CA GLY D 94 26.97 -16.27 16.44
C GLY D 94 25.49 -16.02 16.58
N CYS D 95 24.97 -16.24 17.77
CA CYS D 95 23.52 -16.03 18.05
C CYS D 95 23.18 -14.56 18.08
N VAL D 96 23.99 -13.80 18.80
CA VAL D 96 23.74 -12.35 18.90
C VAL D 96 23.97 -11.77 17.52
N ALA D 97 24.92 -12.32 16.80
CA ALA D 97 25.07 -11.85 15.43
C ALA D 97 23.80 -12.09 14.63
N TYR D 98 23.21 -13.27 14.76
CA TYR D 98 21.98 -13.57 14.04
C TYR D 98 20.82 -12.73 14.53
N PHE D 99 20.71 -12.51 15.85
CA PHE D 99 19.63 -11.68 16.38
C PHE D 99 19.71 -10.26 15.82
N ARG D 100 20.91 -9.68 15.86
CA ARG D 100 21.08 -8.34 15.33
C ARG D 100 20.78 -8.30 13.84
N SER D 101 21.26 -9.28 13.09
CA SER D 101 20.99 -9.29 11.66
C SER D 101 19.49 -9.35 11.38
N TYR D 102 18.79 -10.26 12.06
CA TYR D 102 17.34 -10.39 11.89
C TYR D 102 16.64 -9.07 12.16
N PHE D 103 16.98 -8.41 13.26
CA PHE D 103 16.26 -7.21 13.63
C PHE D 103 16.64 -6.02 12.75
N ASN D 104 17.89 -5.94 12.29
CA ASN D 104 18.23 -4.89 11.33
C ASN D 104 17.48 -5.08 10.02
N ARG D 105 17.38 -6.32 9.54
CA ARG D 105 16.65 -6.53 8.30
C ARG D 105 15.17 -6.20 8.45
N HIS D 106 14.57 -6.53 9.59
CA HIS D 106 13.15 -6.20 9.75
C HIS D 106 12.94 -4.71 9.93
N PHE D 107 13.69 -4.06 10.82
CA PHE D 107 13.43 -2.68 11.19
C PHE D 107 14.22 -1.67 10.38
N ARG D 108 15.29 -2.09 9.69
CA ARG D 108 16.21 -1.18 9.04
C ARG D 108 16.71 -0.13 10.03
N GLU D 109 17.14 -0.61 11.18
CA GLU D 109 17.49 0.18 12.34
C GLU D 109 18.69 -0.46 13.02
N PRO D 110 19.54 0.33 13.67
CA PRO D 110 20.58 -0.27 14.51
C PRO D 110 19.96 -0.93 15.73
N VAL D 111 20.47 -2.12 16.05
CA VAL D 111 19.99 -2.90 17.20
C VAL D 111 21.19 -3.22 18.07
N SER D 112 21.09 -2.93 19.37
CA SER D 112 22.21 -3.07 20.29
C SER D 112 22.02 -4.31 21.15
N CYS D 113 23.03 -5.18 21.15
CA CYS D 113 23.00 -6.41 21.93
C CYS D 113 24.41 -6.95 22.03
N VAL D 114 24.77 -7.46 23.21
CA VAL D 114 26.12 -7.95 23.46
C VAL D 114 26.06 -9.41 23.85
N SER D 115 27.19 -10.08 23.71
CA SER D 115 27.37 -11.45 24.17
C SER D 115 28.67 -11.56 24.95
N ASP D 116 28.74 -12.55 25.83
CA ASP D 116 29.98 -12.85 26.54
C ASP D 116 30.88 -13.80 25.77
N SER D 117 30.42 -14.30 24.62
CA SER D 117 31.26 -15.02 23.66
C SER D 117 31.93 -16.24 24.30
N MET D 118 31.10 -17.17 24.76
CA MET D 118 31.62 -18.41 25.32
C MET D 118 32.24 -19.26 24.23
N THR D 119 33.41 -19.82 24.52
CA THR D 119 34.11 -20.72 23.64
C THR D 119 33.97 -22.15 24.17
N GLU D 120 34.72 -23.06 23.55
CA GLU D 120 34.70 -24.46 24.00
C GLU D 120 35.18 -24.57 25.45
N ASP D 121 36.19 -23.78 25.82
CA ASP D 121 36.66 -23.78 27.20
C ASP D 121 35.57 -23.26 28.15
N ALA D 122 34.81 -22.27 27.72
CA ALA D 122 33.71 -21.78 28.55
C ALA D 122 32.58 -22.80 28.65
N ALA D 123 32.38 -23.59 27.59
CA ALA D 123 31.39 -24.66 27.67
C ALA D 123 31.84 -25.75 28.63
N VAL D 124 33.12 -26.11 28.59
CA VAL D 124 33.62 -27.18 29.44
C VAL D 124 33.67 -26.75 30.91
N PHE D 125 34.12 -25.53 31.16
CA PHE D 125 34.39 -25.09 32.52
C PHE D 125 33.34 -24.13 33.08
N GLY D 126 32.39 -23.68 32.27
CA GLY D 126 31.40 -22.73 32.73
C GLY D 126 31.69 -21.31 32.24
N GLY D 127 30.71 -20.45 32.42
CA GLY D 127 30.81 -19.09 31.94
C GLY D 127 30.76 -18.04 33.02
N GLN D 128 31.24 -18.38 34.22
CA GLN D 128 31.26 -17.40 35.31
C GLN D 128 32.26 -16.28 35.02
N GLN D 129 33.48 -16.64 34.62
CA GLN D 129 34.45 -15.62 34.28
C GLN D 129 34.00 -14.84 33.05
N ASN D 130 33.36 -15.52 32.10
CA ASN D 130 32.76 -14.82 30.98
C ASN D 130 31.69 -13.84 31.46
N MET D 131 30.87 -14.26 32.42
CA MET D 131 29.87 -13.38 33.02
C MET D 131 30.53 -12.12 33.60
N LYS D 132 31.56 -12.31 34.42
CA LYS D 132 32.21 -11.19 35.09
C LYS D 132 32.84 -10.23 34.09
N ASP D 133 33.68 -10.77 33.19
CA ASP D 133 34.36 -9.93 32.22
C ASP D 133 33.36 -9.22 31.31
N GLY D 134 32.32 -9.93 30.86
CA GLY D 134 31.35 -9.30 29.97
C GLY D 134 30.56 -8.20 30.66
N LEU D 135 30.11 -8.44 31.89
CA LEU D 135 29.37 -7.41 32.60
C LEU D 135 30.24 -6.17 32.80
N GLN D 136 31.49 -6.37 33.23
CA GLN D 136 32.38 -5.24 33.48
C GLN D 136 32.66 -4.48 32.18
N ASN D 137 33.00 -5.21 31.11
CA ASN D 137 33.31 -4.57 29.85
C ASN D 137 32.11 -3.83 29.29
N CYS D 138 30.92 -4.43 29.36
CA CYS D 138 29.72 -3.80 28.82
C CYS D 138 29.39 -2.52 29.59
N LYS D 139 29.44 -2.58 30.92
CA LYS D 139 29.11 -1.39 31.70
C LYS D 139 30.14 -0.29 31.47
N ALA D 140 31.41 -0.65 31.37
CA ALA D 140 32.44 0.36 31.13
C ALA D 140 32.31 0.99 29.75
N THR D 141 32.00 0.17 28.74
CA THR D 141 32.07 0.65 27.36
C THR D 141 30.81 1.38 26.96
N TYR D 142 29.64 0.80 27.22
CA TYR D 142 28.41 1.32 26.66
C TYR D 142 27.57 2.07 27.68
N LYS D 143 27.94 2.00 28.97
CA LYS D 143 27.33 2.78 30.02
C LYS D 143 25.80 2.69 30.06
N PRO D 144 25.23 1.51 30.24
CA PRO D 144 23.79 1.41 30.43
C PRO D 144 23.41 1.66 31.88
N ASP D 145 22.14 1.99 32.08
CA ASP D 145 21.60 2.00 33.44
C ASP D 145 21.16 0.62 33.89
N MET D 146 21.04 -0.33 32.97
CA MET D 146 20.60 -1.67 33.29
C MET D 146 21.13 -2.63 32.25
N ILE D 147 21.41 -3.86 32.67
CA ILE D 147 21.81 -4.94 31.78
C ILE D 147 20.82 -6.08 31.96
N ALA D 148 20.12 -6.42 30.89
CA ALA D 148 19.12 -7.49 30.93
C ALA D 148 19.71 -8.74 30.31
N VAL D 149 19.82 -9.80 31.10
CA VAL D 149 20.58 -10.99 30.72
C VAL D 149 19.62 -12.08 30.28
N SER D 150 19.83 -12.58 29.07
CA SER D 150 19.16 -13.76 28.54
C SER D 150 20.21 -14.85 28.33
N THR D 151 19.79 -15.99 27.79
CA THR D 151 20.71 -17.10 27.60
C THR D 151 20.53 -17.72 26.22
N THR D 152 21.63 -18.24 25.72
CA THR D 152 21.61 -19.02 24.48
C THR D 152 21.48 -20.46 24.95
N CYS D 153 21.29 -21.40 24.06
CA CYS D 153 20.98 -22.79 24.50
C CYS D 153 22.21 -23.43 25.15
N MET D 154 23.36 -23.38 24.51
CA MET D 154 24.60 -23.84 25.15
C MET D 154 24.56 -23.58 26.66
N ALA D 155 24.32 -22.33 27.09
CA ALA D 155 24.31 -22.04 28.52
C ALA D 155 23.21 -22.79 29.23
N GLU D 156 22.03 -22.91 28.62
CA GLU D 156 20.92 -23.61 29.24
C GLU D 156 21.22 -25.10 29.41
N VAL D 157 21.85 -25.72 28.42
CA VAL D 157 22.12 -27.15 28.49
C VAL D 157 23.06 -27.46 29.66
N ILE D 158 24.12 -26.66 29.80
CA ILE D 158 25.14 -26.92 30.83
C ILE D 158 24.74 -26.40 32.19
N GLY D 159 23.55 -25.81 32.33
CA GLY D 159 23.07 -25.35 33.62
C GLY D 159 23.85 -24.20 34.23
N ASP D 160 24.21 -23.19 33.44
CA ASP D 160 24.88 -22.03 33.97
C ASP D 160 23.93 -21.22 34.86
N ASP D 161 24.30 -21.06 36.13
CA ASP D 161 23.47 -20.39 37.11
C ASP D 161 23.67 -18.89 36.94
N LEU D 162 22.73 -18.24 36.24
CA LEU D 162 22.83 -16.80 36.00
C LEU D 162 22.82 -16.03 37.32
N ASN D 163 21.94 -16.41 38.24
CA ASN D 163 21.84 -15.70 39.51
C ASN D 163 23.15 -15.77 40.28
N ALA D 164 23.72 -16.96 40.39
CA ALA D 164 24.98 -17.12 41.12
C ALA D 164 26.11 -16.37 40.45
N PHE D 165 26.16 -16.41 39.11
CA PHE D 165 27.23 -15.72 38.40
C PHE D 165 27.12 -14.22 38.59
N ILE D 166 25.91 -13.67 38.51
CA ILE D 166 25.72 -12.23 38.68
C ILE D 166 26.05 -11.82 40.11
N ASN D 167 25.62 -12.62 41.10
CA ASN D 167 25.94 -12.30 42.48
C ASN D 167 27.44 -12.35 42.73
N ASN D 168 28.13 -13.33 42.16
CA ASN D 168 29.58 -13.41 42.30
C ASN D 168 30.25 -12.22 41.64
N SER D 169 29.73 -11.78 40.49
CA SER D 169 30.25 -10.58 39.85
C SER D 169 30.11 -9.37 40.75
N LYS D 170 28.95 -9.21 41.38
CA LYS D 170 28.72 -8.06 42.25
C LYS D 170 29.58 -8.13 43.50
N LYS D 171 29.79 -9.33 44.05
CA LYS D 171 30.53 -9.48 45.29
C LYS D 171 32.03 -9.30 45.10
N GLU D 172 32.56 -9.61 43.92
CA GLU D 172 33.99 -9.50 43.63
C GLU D 172 34.37 -8.16 43.02
N GLY D 173 33.43 -7.22 42.95
CA GLY D 173 33.74 -5.87 42.55
C GLY D 173 33.74 -5.62 41.06
N PHE D 174 33.33 -6.59 40.24
CA PHE D 174 33.30 -6.36 38.80
C PHE D 174 32.27 -5.32 38.42
N ILE D 175 31.10 -5.36 39.04
CA ILE D 175 30.09 -4.31 38.84
C ILE D 175 29.52 -3.90 40.18
N PRO D 176 29.02 -2.66 40.27
CA PRO D 176 28.47 -2.19 41.55
C PRO D 176 27.31 -3.06 42.01
N ASP D 177 27.19 -3.19 43.33
CA ASP D 177 26.16 -4.05 43.90
C ASP D 177 24.75 -3.56 43.55
N GLU D 178 24.55 -2.25 43.51
CA GLU D 178 23.24 -1.67 43.27
C GLU D 178 22.89 -1.56 41.79
N PHE D 179 23.83 -1.84 40.89
CA PHE D 179 23.53 -1.76 39.46
C PHE D 179 22.55 -2.85 39.07
N PRO D 180 21.42 -2.52 38.46
CA PRO D 180 20.38 -3.52 38.21
C PRO D 180 20.76 -4.45 37.06
N VAL D 181 20.76 -5.75 37.36
CA VAL D 181 21.06 -6.77 36.36
C VAL D 181 19.96 -7.85 36.39
N PRO D 182 18.78 -7.59 35.85
CA PRO D 182 17.76 -8.64 35.76
C PRO D 182 18.19 -9.72 34.79
N PHE D 183 17.71 -10.93 35.04
CA PHE D 183 18.07 -12.09 34.23
C PHE D 183 16.84 -12.96 34.00
N ALA D 184 16.94 -13.80 32.98
CA ALA D 184 15.89 -14.77 32.70
C ALA D 184 16.50 -15.92 31.91
N HIS D 185 16.11 -17.14 32.28
CA HIS D 185 16.53 -18.32 31.53
C HIS D 185 15.63 -18.45 30.30
N THR D 186 16.25 -18.47 29.12
CA THR D 186 15.54 -18.48 27.84
C THR D 186 16.04 -19.65 27.00
N PRO D 187 15.67 -20.88 27.35
CA PRO D 187 16.13 -22.05 26.59
C PRO D 187 15.45 -22.14 25.23
N SER D 188 16.27 -22.19 24.18
CA SER D 188 15.76 -22.18 22.83
C SER D 188 15.05 -23.48 22.45
N PHE D 189 15.24 -24.54 23.21
CA PHE D 189 14.64 -25.83 22.88
C PHE D 189 13.24 -25.99 23.44
N VAL D 190 12.66 -24.94 24.01
CA VAL D 190 11.26 -24.94 24.41
C VAL D 190 10.64 -23.62 23.98
N GLY D 191 9.44 -23.69 23.40
CA GLY D 191 8.72 -22.47 23.05
C GLY D 191 9.29 -21.80 21.83
N SER D 192 9.15 -20.48 21.79
CA SER D 192 9.59 -19.69 20.66
C SER D 192 10.02 -18.32 21.19
N HIS D 193 10.15 -17.35 20.27
CA HIS D 193 10.62 -16.03 20.65
C HIS D 193 9.64 -15.33 21.60
N VAL D 194 8.34 -15.56 21.41
CA VAL D 194 7.35 -14.94 22.29
C VAL D 194 7.52 -15.43 23.72
N THR D 195 7.87 -16.70 23.89
CA THR D 195 8.14 -17.22 25.22
C THR D 195 9.36 -16.55 25.83
N GLY D 196 10.37 -16.27 25.02
CA GLY D 196 11.54 -15.56 25.52
C GLY D 196 11.20 -14.14 25.96
N TRP D 197 10.35 -13.46 25.19
CA TRP D 197 9.88 -12.14 25.60
C TRP D 197 9.18 -12.22 26.95
N ASP D 198 8.28 -13.18 27.10
CA ASP D 198 7.53 -13.32 28.34
C ASP D 198 8.47 -13.60 29.53
N ASN D 199 9.43 -14.51 29.33
CA ASN D 199 10.35 -14.85 30.40
C ASN D 199 11.22 -13.68 30.79
N MET D 200 11.71 -12.92 29.80
CA MET D 200 12.52 -11.74 30.10
C MET D 200 11.71 -10.70 30.87
N PHE D 201 10.47 -10.45 30.44
CA PHE D 201 9.65 -9.48 31.14
C PHE D 201 9.38 -9.92 32.58
N GLU D 202 9.09 -11.21 32.77
CA GLU D 202 8.88 -11.71 34.13
C GLU D 202 10.13 -11.56 34.98
N GLY D 203 11.30 -11.80 34.38
CA GLY D 203 12.54 -11.60 35.12
C GLY D 203 12.75 -10.16 35.55
N ILE D 204 12.49 -9.22 34.64
CA ILE D 204 12.67 -7.80 34.96
C ILE D 204 11.68 -7.38 36.05
N ALA D 205 10.41 -7.78 35.90
CA ALA D 205 9.41 -7.43 36.90
C ALA D 205 9.76 -8.02 38.26
N ARG D 206 10.20 -9.28 38.29
CA ARG D 206 10.63 -9.89 39.54
C ARG D 206 11.77 -9.10 40.16
N TYR D 207 12.81 -8.82 39.38
CA TYR D 207 13.97 -8.09 39.90
C TYR D 207 13.57 -6.77 40.52
N PHE D 208 12.64 -6.05 39.90
CA PHE D 208 12.30 -4.73 40.42
C PHE D 208 11.18 -4.73 41.45
N THR D 209 10.44 -5.82 41.62
CA THR D 209 9.25 -5.77 42.48
C THR D 209 9.18 -6.81 43.58
N LEU D 210 9.88 -7.94 43.49
CA LEU D 210 9.56 -9.06 44.37
C LEU D 210 9.84 -8.74 45.84
N LYS D 211 10.97 -8.09 46.12
CA LYS D 211 11.40 -7.91 47.50
C LYS D 211 10.87 -6.64 48.16
N SER D 212 10.20 -5.77 47.42
CA SER D 212 9.79 -4.46 47.92
C SER D 212 8.29 -4.28 47.84
N MET D 213 7.52 -5.33 48.13
CA MET D 213 6.07 -5.25 48.06
C MET D 213 5.42 -4.91 49.40
N ASP D 214 6.20 -4.68 50.45
CA ASP D 214 5.61 -4.38 51.75
C ASP D 214 4.92 -3.02 51.76
N ASP D 215 5.37 -2.10 50.92
CA ASP D 215 4.84 -0.74 50.90
C ASP D 215 3.97 -0.44 49.69
N LYS D 216 3.51 -1.47 48.99
CA LYS D 216 2.70 -1.27 47.79
C LYS D 216 1.22 -1.49 48.10
N VAL D 217 0.38 -0.59 47.58
CA VAL D 217 -1.07 -0.73 47.66
C VAL D 217 -1.63 -0.56 46.26
N VAL D 218 -2.65 -1.34 45.92
CA VAL D 218 -3.17 -1.37 44.56
C VAL D 218 -4.01 -0.11 44.31
N GLY D 219 -3.76 0.53 43.18
CA GLY D 219 -4.55 1.67 42.75
C GLY D 219 -4.09 3.01 43.29
N SER D 220 -2.95 3.08 43.96
CA SER D 220 -2.51 4.33 44.56
C SER D 220 -1.99 5.34 43.54
N ASN D 221 -1.34 4.90 42.47
CA ASN D 221 -0.84 5.82 41.47
C ASN D 221 -1.85 6.11 40.36
N LYS D 222 -3.03 5.49 40.43
CA LYS D 222 -4.13 5.77 39.50
C LYS D 222 -3.72 5.55 38.04
N LYS D 223 -2.99 4.48 37.78
CA LYS D 223 -2.57 4.15 36.43
C LYS D 223 -2.96 2.72 36.08
N ILE D 224 -2.85 2.41 34.79
CA ILE D 224 -3.06 1.06 34.27
C ILE D 224 -1.78 0.59 33.61
N ASN D 225 -1.29 -0.56 34.02
CA ASN D 225 -0.12 -1.16 33.39
C ASN D 225 -0.51 -1.84 32.09
N ILE D 226 0.23 -1.52 31.02
CA ILE D 226 0.03 -2.14 29.72
C ILE D 226 1.29 -2.93 29.39
N VAL D 227 1.14 -4.23 29.18
CA VAL D 227 2.22 -5.10 28.73
C VAL D 227 1.93 -5.45 27.27
N PRO D 228 2.74 -4.98 26.33
CA PRO D 228 2.42 -5.18 24.91
C PRO D 228 2.78 -6.57 24.40
N GLY D 229 3.75 -7.21 25.01
CA GLY D 229 4.26 -8.46 24.49
C GLY D 229 5.17 -8.24 23.29
N PHE D 230 5.48 -9.34 22.62
CA PHE D 230 6.31 -9.31 21.43
C PHE D 230 5.60 -8.56 20.31
N GLU D 231 6.03 -7.33 20.04
CA GLU D 231 5.37 -6.47 19.06
C GLU D 231 6.42 -5.85 18.15
N THR D 232 6.27 -6.07 16.85
CA THR D 232 7.19 -5.55 15.86
C THR D 232 6.55 -4.50 14.96
N TYR D 233 5.38 -3.99 15.33
CA TYR D 233 4.77 -2.84 14.68
C TYR D 233 4.81 -1.66 15.64
N LEU D 234 5.52 -0.60 15.26
CA LEU D 234 5.64 0.57 16.12
C LEU D 234 4.31 1.31 16.24
N GLY D 235 3.51 1.29 15.17
CA GLY D 235 2.20 1.89 15.23
C GLY D 235 1.31 1.27 16.30
N ASN D 236 1.61 0.05 16.71
CA ASN D 236 0.82 -0.59 17.76
C ASN D 236 1.05 0.09 19.11
N PHE D 237 2.31 0.30 19.48
CA PHE D 237 2.61 1.08 20.67
C PHE D 237 2.01 2.46 20.57
N ARG D 238 2.19 3.11 19.41
CA ARG D 238 1.70 4.48 19.25
C ARG D 238 0.18 4.55 19.38
N VAL D 239 -0.54 3.59 18.80
CA VAL D 239 -2.00 3.65 18.83
C VAL D 239 -2.52 3.32 20.22
N ILE D 240 -1.86 2.40 20.93
CA ILE D 240 -2.27 2.12 22.31
C ILE D 240 -2.10 3.37 23.16
N LYS D 241 -0.95 4.03 23.04
CA LYS D 241 -0.70 5.24 23.82
C LYS D 241 -1.66 6.35 23.45
N ARG D 242 -1.92 6.53 22.15
CA ARG D 242 -2.82 7.60 21.71
C ARG D 242 -4.25 7.34 22.18
N MET D 243 -4.72 6.10 22.09
CA MET D 243 -6.08 5.79 22.54
C MET D 243 -6.22 5.99 24.03
N LEU D 244 -5.20 5.60 24.81
CA LEU D 244 -5.28 5.81 26.25
C LEU D 244 -5.23 7.29 26.60
N SER D 245 -4.43 8.07 25.85
CA SER D 245 -4.30 9.49 26.16
C SER D 245 -5.57 10.26 25.78
N GLU D 246 -6.17 9.92 24.65
CA GLU D 246 -7.45 10.52 24.28
C GLU D 246 -8.52 10.20 25.31
N MET D 247 -8.38 9.07 25.99
CA MET D 247 -9.32 8.64 27.01
C MET D 247 -9.11 9.34 28.34
N GLY D 248 -7.97 9.99 28.54
CA GLY D 248 -7.65 10.56 29.82
C GLY D 248 -7.18 9.57 30.85
N VAL D 249 -6.76 8.38 30.44
CA VAL D 249 -6.40 7.30 31.35
C VAL D 249 -4.90 7.35 31.61
N GLY D 250 -4.53 7.40 32.88
CA GLY D 250 -3.13 7.27 33.23
C GLY D 250 -2.66 5.84 32.99
N TYR D 251 -1.49 5.69 32.38
CA TYR D 251 -1.01 4.38 31.98
C TYR D 251 0.50 4.33 32.07
N SER D 252 1.02 3.11 32.17
CA SER D 252 2.45 2.86 32.18
C SER D 252 2.75 1.75 31.19
N LEU D 253 3.29 2.12 30.04
CA LEU D 253 3.66 1.15 29.00
C LEU D 253 4.98 0.51 29.38
N LEU D 254 4.91 -0.73 29.86
CA LEU D 254 6.11 -1.46 30.24
C LEU D 254 6.74 -2.10 29.01
N SER D 255 8.06 -1.95 28.87
CA SER D 255 8.81 -2.42 27.71
C SER D 255 8.30 -1.77 26.41
N ASP D 256 8.55 -0.47 26.31
CA ASP D 256 8.18 0.30 25.12
C ASP D 256 9.42 0.62 24.30
N PRO D 257 9.71 -0.14 23.24
CA PRO D 257 10.90 0.12 22.41
C PRO D 257 10.69 1.03 21.22
N GLU D 258 9.57 1.77 21.15
CA GLU D 258 9.25 2.50 19.93
C GLU D 258 10.29 3.56 19.61
N GLU D 259 10.85 4.22 20.64
CA GLU D 259 11.81 5.28 20.37
C GLU D 259 13.15 4.72 19.92
N VAL D 260 13.65 3.68 20.59
CA VAL D 260 14.97 3.16 20.25
C VAL D 260 14.96 2.53 18.86
N LEU D 261 13.80 2.07 18.39
CA LEU D 261 13.70 1.47 17.08
C LEU D 261 13.26 2.45 16.00
N ASP D 262 13.12 3.73 16.32
CA ASP D 262 12.68 4.69 15.33
C ASP D 262 13.41 6.02 15.56
N THR D 263 14.74 5.96 15.72
CA THR D 263 15.50 7.17 15.99
C THR D 263 15.67 7.99 14.72
N PRO D 264 15.74 9.31 14.82
CA PRO D 264 15.91 10.14 13.62
C PRO D 264 17.36 10.16 13.15
N ALA D 265 17.53 10.31 11.84
CA ALA D 265 18.85 10.42 11.23
C ALA D 265 19.20 11.91 11.15
N ASP D 266 19.90 12.39 12.17
CA ASP D 266 20.27 13.80 12.25
C ASP D 266 21.77 13.99 12.52
N GLY D 267 22.59 13.06 12.03
CA GLY D 267 24.03 13.20 12.09
C GLY D 267 24.68 12.58 13.30
N GLN D 268 23.91 12.14 14.29
CA GLN D 268 24.46 11.47 15.47
C GLN D 268 23.75 10.15 15.67
N PHE D 269 24.46 9.20 16.28
CA PHE D 269 23.93 7.87 16.55
C PHE D 269 23.49 7.79 17.99
N ARG D 270 22.19 7.61 18.21
CA ARG D 270 21.60 7.48 19.54
C ARG D 270 21.43 5.99 19.82
N MET D 271 22.23 5.46 20.73
CA MET D 271 22.15 4.04 21.03
C MET D 271 20.93 3.74 21.89
N TYR D 272 20.61 4.62 22.82
CA TYR D 272 19.44 4.48 23.68
C TYR D 272 18.47 5.61 23.42
N ALA D 273 17.18 5.29 23.42
CA ALA D 273 16.15 6.29 23.23
C ALA D 273 14.86 5.79 23.87
N GLY D 274 14.25 6.66 24.68
CA GLY D 274 12.98 6.34 25.31
C GLY D 274 13.08 5.14 26.23
N GLY D 275 12.07 4.29 26.17
CA GLY D 275 12.05 3.08 26.97
C GLY D 275 11.40 3.28 28.33
N THR D 276 10.94 2.18 28.91
CA THR D 276 10.36 2.22 30.25
C THR D 276 11.46 2.51 31.27
N THR D 277 11.15 3.34 32.24
CA THR D 277 12.12 3.72 33.26
C THR D 277 12.04 2.77 34.45
N GLN D 278 13.14 2.73 35.22
CA GLN D 278 13.18 1.88 36.40
C GLN D 278 12.20 2.35 37.47
N GLU D 279 11.94 3.65 37.54
CA GLU D 279 10.94 4.16 38.48
C GLU D 279 9.56 3.62 38.14
N GLU D 280 9.23 3.56 36.85
CA GLU D 280 7.95 3.01 36.44
C GLU D 280 7.82 1.54 36.81
N MET D 281 8.89 0.76 36.60
CA MET D 281 8.87 -0.64 37.00
C MET D 281 8.72 -0.79 38.50
N LYS D 282 9.41 0.05 39.28
CA LYS D 282 9.31 -0.05 40.74
C LYS D 282 7.92 0.33 41.23
N ASP D 283 7.28 1.29 40.58
CA ASP D 283 5.94 1.73 40.98
C ASP D 283 4.83 0.93 40.34
N ALA D 284 5.15 0.00 39.43
CA ALA D 284 4.13 -0.80 38.77
C ALA D 284 3.15 -1.51 39.70
N PRO D 285 3.55 -2.10 40.83
CA PRO D 285 2.54 -2.77 41.69
C PRO D 285 1.46 -1.83 42.22
N ASN D 286 1.69 -0.53 42.21
CA ASN D 286 0.73 0.42 42.77
C ASN D 286 -0.41 0.75 41.83
N ALA D 287 -0.43 0.19 40.62
CA ALA D 287 -1.43 0.55 39.63
C ALA D 287 -2.79 -0.03 40.00
N LEU D 288 -3.82 0.50 39.34
CA LEU D 288 -5.17 -0.03 39.50
C LEU D 288 -5.26 -1.47 39.01
N ASN D 289 -4.66 -1.76 37.86
CA ASN D 289 -4.75 -3.08 37.25
C ASN D 289 -3.65 -3.21 36.20
N THR D 290 -3.48 -4.42 35.69
CA THR D 290 -2.50 -4.71 34.66
C THR D 290 -3.20 -5.37 33.47
N VAL D 291 -3.08 -4.74 32.30
CA VAL D 291 -3.71 -5.23 31.08
C VAL D 291 -2.63 -5.83 30.19
N LEU D 292 -2.85 -7.07 29.75
CA LEU D 292 -1.94 -7.78 28.87
C LEU D 292 -2.51 -7.76 27.45
N LEU D 293 -1.81 -7.09 26.54
CA LEU D 293 -2.31 -6.95 25.18
C LEU D 293 -2.30 -8.27 24.41
N GLN D 294 -1.34 -9.14 24.69
CA GLN D 294 -1.21 -10.43 24.02
C GLN D 294 -1.18 -11.51 25.09
N PRO D 295 -2.34 -11.91 25.60
CA PRO D 295 -2.37 -12.82 26.75
C PRO D 295 -1.90 -14.23 26.44
N TRP D 296 -1.83 -14.63 25.18
CA TRP D 296 -1.54 -16.02 24.86
C TRP D 296 -0.05 -16.33 24.86
N HIS D 297 0.83 -15.34 24.94
CA HIS D 297 2.23 -15.58 25.22
C HIS D 297 2.71 -14.77 26.43
N LEU D 298 1.79 -14.34 27.29
CA LEU D 298 2.10 -13.63 28.52
C LEU D 298 1.60 -14.41 29.73
N GLU D 299 1.86 -15.71 29.74
CA GLU D 299 1.33 -16.58 30.80
C GLU D 299 2.11 -16.43 32.09
N LYS D 300 3.44 -16.50 32.01
CA LYS D 300 4.27 -16.37 33.20
C LYS D 300 4.14 -14.98 33.80
N THR D 301 4.07 -13.95 32.95
CA THR D 301 3.83 -12.60 33.43
C THR D 301 2.49 -12.48 34.14
N LYS D 302 1.45 -13.10 33.57
CA LYS D 302 0.14 -13.06 34.20
C LYS D 302 0.15 -13.75 35.55
N LYS D 303 0.81 -14.91 35.64
CA LYS D 303 0.92 -15.62 36.91
C LYS D 303 1.64 -14.76 37.94
N PHE D 304 2.75 -14.12 37.55
CA PHE D 304 3.49 -13.29 38.48
C PHE D 304 2.68 -12.08 38.93
N VAL D 305 2.01 -11.42 37.98
CA VAL D 305 1.26 -10.21 38.30
C VAL D 305 0.10 -10.52 39.24
N GLU D 306 -0.66 -11.58 38.95
CA GLU D 306 -1.76 -11.93 39.84
C GLU D 306 -1.24 -12.42 41.19
N GLY D 307 -0.21 -13.26 41.19
CA GLY D 307 0.25 -13.85 42.44
C GLY D 307 0.96 -12.86 43.34
N THR D 308 1.78 -12.00 42.76
CA THR D 308 2.59 -11.07 43.56
C THR D 308 1.91 -9.70 43.68
N TRP D 309 1.69 -9.02 42.55
CA TRP D 309 1.11 -7.68 42.59
C TRP D 309 -0.36 -7.68 42.99
N LYS D 310 -1.01 -8.84 43.03
CA LYS D 310 -2.42 -8.96 43.38
C LYS D 310 -3.32 -8.15 42.46
N HIS D 311 -2.96 -8.08 41.18
CA HIS D 311 -3.78 -7.40 40.19
C HIS D 311 -4.73 -8.39 39.54
N GLU D 312 -6.01 -8.01 39.48
CA GLU D 312 -7.03 -8.83 38.85
C GLU D 312 -6.98 -8.56 37.35
N VAL D 313 -6.06 -9.26 36.68
CA VAL D 313 -5.82 -9.06 35.25
C VAL D 313 -7.08 -9.38 34.47
N PRO D 314 -7.57 -8.45 33.66
CA PRO D 314 -8.78 -8.73 32.88
C PRO D 314 -8.53 -9.79 31.84
N LYS D 315 -9.60 -10.53 31.52
CA LYS D 315 -9.56 -11.55 30.48
C LYS D 315 -9.93 -10.86 29.17
N LEU D 316 -8.93 -10.26 28.52
CA LEU D 316 -9.13 -9.47 27.32
C LEU D 316 -8.40 -10.09 26.15
N ASN D 317 -9.08 -10.20 25.02
CA ASN D 317 -8.42 -10.56 23.79
C ASN D 317 -7.58 -9.39 23.28
N ILE D 318 -6.73 -9.69 22.30
CA ILE D 318 -5.88 -8.65 21.73
C ILE D 318 -6.75 -7.56 21.12
N PRO D 319 -6.44 -6.27 21.33
CA PRO D 319 -7.33 -5.22 20.82
C PRO D 319 -7.25 -5.04 19.32
N MET D 320 -7.62 -6.08 18.58
CA MET D 320 -7.55 -6.07 17.12
C MET D 320 -8.96 -6.23 16.57
N GLY D 321 -9.24 -5.55 15.47
CA GLY D 321 -10.57 -5.58 14.89
C GLY D 321 -11.51 -4.57 15.55
N LEU D 322 -12.80 -4.81 15.36
CA LEU D 322 -13.81 -3.91 15.89
C LEU D 322 -14.27 -4.34 17.28
N ASP D 323 -14.76 -5.58 17.39
CA ASP D 323 -15.37 -6.04 18.64
C ASP D 323 -14.35 -6.08 19.78
N TRP D 324 -13.14 -6.55 19.51
CA TRP D 324 -12.16 -6.69 20.58
C TRP D 324 -11.59 -5.34 20.98
N THR D 325 -11.53 -4.39 20.07
CA THR D 325 -11.08 -3.01 20.42
C THR D 325 -12.14 -2.37 21.32
N ASP D 326 -13.41 -2.65 21.07
CA ASP D 326 -14.53 -2.09 21.87
C ASP D 326 -14.48 -2.70 23.26
N GLU D 327 -14.21 -3.99 23.34
CA GLU D 327 -14.14 -4.70 24.64
C GLU D 327 -12.94 -4.19 25.40
N PHE D 328 -11.82 -3.90 24.74
CA PHE D 328 -10.66 -3.34 25.41
C PHE D 328 -10.96 -1.93 25.93
N LEU D 329 -11.58 -1.09 25.10
CA LEU D 329 -11.92 0.26 25.52
C LEU D 329 -12.91 0.24 26.67
N MET D 330 -13.92 -0.62 26.60
CA MET D 330 -14.91 -0.70 27.67
C MET D 330 -14.29 -1.19 28.98
N LYS D 331 -13.40 -2.18 28.90
CA LYS D 331 -12.73 -2.66 30.10
C LYS D 331 -11.85 -1.58 30.71
N VAL D 332 -11.13 -0.83 29.87
CA VAL D 332 -10.28 0.23 30.40
C VAL D 332 -11.12 1.33 31.03
N SER D 333 -12.26 1.64 30.40
CA SER D 333 -13.18 2.63 30.98
C SER D 333 -13.71 2.16 32.33
N GLU D 334 -14.03 0.87 32.44
CA GLU D 334 -14.49 0.34 33.71
C GLU D 334 -13.40 0.41 34.79
N ILE D 335 -12.18 0.04 34.43
CA ILE D 335 -11.09 0.03 35.41
C ILE D 335 -10.75 1.44 35.86
N SER D 336 -10.64 2.37 34.91
CA SER D 336 -10.21 3.72 35.24
C SER D 336 -11.37 4.60 35.67
N GLY D 337 -12.58 4.33 35.21
CA GLY D 337 -13.71 5.18 35.47
C GLY D 337 -13.88 6.32 34.47
N GLN D 338 -13.00 6.44 33.50
CA GLN D 338 -13.11 7.49 32.49
C GLN D 338 -14.02 7.04 31.36
N PRO D 339 -14.92 7.88 30.88
CA PRO D 339 -15.79 7.48 29.77
C PRO D 339 -15.05 7.52 28.44
N ILE D 340 -15.59 6.77 27.48
CA ILE D 340 -14.98 6.73 26.14
C ILE D 340 -15.31 8.02 25.40
N PRO D 341 -14.31 8.76 24.93
CA PRO D 341 -14.56 10.08 24.35
C PRO D 341 -15.19 9.99 22.97
N ALA D 342 -15.71 11.13 22.52
CA ALA D 342 -16.39 11.18 21.22
C ALA D 342 -15.43 10.90 20.07
N SER D 343 -14.15 11.20 20.23
CA SER D 343 -13.18 10.95 19.16
C SER D 343 -13.08 9.46 18.86
N LEU D 344 -13.04 8.63 19.90
CA LEU D 344 -12.95 7.18 19.69
C LEU D 344 -14.24 6.65 19.05
N THR D 345 -15.39 7.17 19.46
CA THR D 345 -16.64 6.75 18.83
C THR D 345 -16.67 7.14 17.36
N LYS D 346 -16.20 8.35 17.05
CA LYS D 346 -16.15 8.79 15.66
C LYS D 346 -15.23 7.90 14.83
N GLU D 347 -14.08 7.54 15.39
CA GLU D 347 -13.13 6.75 14.62
C GLU D 347 -13.63 5.33 14.43
N ARG D 348 -14.35 4.79 15.42
CA ARG D 348 -15.04 3.52 15.25
C ARG D 348 -16.08 3.61 14.14
N GLY D 349 -16.87 4.68 14.12
CA GLY D 349 -17.88 4.83 13.08
C GLY D 349 -17.25 4.96 11.70
N ARG D 350 -16.10 5.61 11.62
CA ARG D 350 -15.36 5.70 10.37
C ARG D 350 -14.91 4.32 9.90
N LEU D 351 -14.40 3.50 10.82
CA LEU D 351 -14.03 2.14 10.47
C LEU D 351 -15.23 1.36 9.96
N VAL D 352 -16.38 1.51 10.62
CA VAL D 352 -17.59 0.82 10.18
C VAL D 352 -17.99 1.31 8.79
N ASP D 353 -17.83 2.61 8.53
CA ASP D 353 -18.15 3.15 7.22
C ASP D 353 -17.28 2.50 6.14
N MET D 354 -15.98 2.37 6.39
CA MET D 354 -15.12 1.70 5.42
C MET D 354 -15.53 0.24 5.24
N MET D 355 -15.91 -0.42 6.33
CA MET D 355 -16.35 -1.81 6.24
C MET D 355 -17.55 -1.94 5.31
N THR D 356 -18.56 -1.09 5.48
CA THR D 356 -19.73 -1.16 4.61
C THR D 356 -19.39 -0.71 3.20
N ASP D 357 -18.37 0.11 3.03
CA ASP D 357 -17.98 0.51 1.69
C ASP D 357 -17.33 -0.64 0.92
N SER D 358 -16.53 -1.45 1.60
CA SER D 358 -15.74 -2.48 0.94
C SER D 358 -16.29 -3.90 1.11
N HIS D 359 -17.43 -4.07 1.77
CA HIS D 359 -17.94 -5.41 2.04
C HIS D 359 -18.20 -6.19 0.75
N THR D 360 -18.59 -5.51 -0.31
CA THR D 360 -18.92 -6.22 -1.56
C THR D 360 -17.71 -6.91 -2.14
N TRP D 361 -16.54 -6.27 -2.11
CA TRP D 361 -15.34 -6.90 -2.62
C TRP D 361 -14.72 -7.84 -1.60
N LEU D 362 -14.95 -7.60 -0.31
CA LEU D 362 -14.33 -8.40 0.73
C LEU D 362 -15.06 -9.70 0.99
N HIS D 363 -16.34 -9.78 0.65
CA HIS D 363 -17.16 -10.90 1.08
C HIS D 363 -16.76 -12.20 0.38
N GLY D 364 -16.65 -13.27 1.16
CA GLY D 364 -16.43 -14.59 0.63
C GLY D 364 -15.01 -14.93 0.25
N LYS D 365 -14.09 -13.98 0.35
CA LYS D 365 -12.71 -14.24 -0.06
C LYS D 365 -12.06 -15.24 0.89
N ARG D 366 -11.22 -16.10 0.32
CA ARG D 366 -10.59 -17.17 1.08
C ARG D 366 -9.13 -16.86 1.33
N PHE D 367 -8.75 -16.93 2.60
CA PHE D 367 -7.42 -16.56 3.06
C PHE D 367 -6.78 -17.71 3.83
N ALA D 368 -5.51 -17.95 3.57
CA ALA D 368 -4.62 -18.63 4.48
C ALA D 368 -3.85 -17.57 5.25
N LEU D 369 -3.42 -17.90 6.46
CA LEU D 369 -2.70 -16.90 7.25
C LEU D 369 -1.82 -17.60 8.28
N TRP D 370 -0.77 -16.89 8.71
CA TRP D 370 0.06 -17.45 9.77
C TRP D 370 0.78 -16.34 10.52
N GLY D 371 1.31 -16.71 11.68
CA GLY D 371 2.04 -15.80 12.53
C GLY D 371 1.96 -16.25 13.98
N ASP D 372 2.20 -15.29 14.87
CA ASP D 372 2.13 -15.54 16.30
C ASP D 372 0.69 -15.76 16.74
N PRO D 373 0.47 -16.43 17.87
CA PRO D 373 -0.90 -16.81 18.25
C PRO D 373 -1.88 -15.66 18.37
N ASP D 374 -1.58 -14.65 19.19
CA ASP D 374 -2.51 -13.55 19.39
C ASP D 374 -2.75 -12.80 18.09
N PHE D 375 -1.69 -12.53 17.33
CA PHE D 375 -1.84 -11.85 16.06
C PHE D 375 -2.71 -12.66 15.11
N VAL D 376 -2.51 -13.98 15.06
CA VAL D 376 -3.27 -14.83 14.16
C VAL D 376 -4.75 -14.83 14.53
N MET D 377 -5.04 -14.95 15.83
CA MET D 377 -6.43 -15.01 16.26
C MET D 377 -7.12 -13.66 16.06
N GLY D 378 -6.40 -12.56 16.25
CA GLY D 378 -6.97 -11.26 15.95
C GLY D 378 -7.27 -11.09 14.47
N LEU D 379 -6.35 -11.54 13.62
CA LEU D 379 -6.60 -11.51 12.18
C LEU D 379 -7.81 -12.35 11.81
N VAL D 380 -7.94 -13.53 12.42
CA VAL D 380 -9.08 -14.40 12.15
C VAL D 380 -10.38 -13.71 12.53
N LYS D 381 -10.40 -13.10 13.72
CA LYS D 381 -11.61 -12.41 14.17
C LYS D 381 -11.97 -11.28 13.22
N PHE D 382 -10.99 -10.47 12.84
CA PHE D 382 -11.27 -9.33 11.97
C PHE D 382 -11.75 -9.79 10.60
N LEU D 383 -11.16 -10.86 10.08
CA LEU D 383 -11.62 -11.40 8.80
C LEU D 383 -13.04 -11.92 8.90
N LEU D 384 -13.38 -12.56 10.02
CA LEU D 384 -14.76 -13.00 10.23
C LEU D 384 -15.72 -11.82 10.27
N GLU D 385 -15.29 -10.71 10.86
CA GLU D 385 -16.15 -9.53 10.92
C GLU D 385 -16.36 -8.92 9.55
N LEU D 386 -15.49 -9.22 8.59
CA LEU D 386 -15.55 -8.63 7.26
C LEU D 386 -16.33 -9.46 6.27
N GLY D 387 -16.83 -10.63 6.66
CA GLY D 387 -17.44 -11.54 5.72
C GLY D 387 -16.46 -12.40 4.97
N CYS D 388 -15.17 -12.30 5.26
CA CYS D 388 -14.17 -13.13 4.59
C CYS D 388 -14.16 -14.51 5.22
N GLU D 389 -13.52 -15.44 4.52
CA GLU D 389 -13.47 -16.84 4.96
C GLU D 389 -12.03 -17.26 5.19
N PRO D 390 -11.53 -17.19 6.42
CA PRO D 390 -10.26 -17.86 6.73
C PRO D 390 -10.40 -19.35 6.48
N VAL D 391 -9.39 -19.94 5.86
CA VAL D 391 -9.49 -21.34 5.46
C VAL D 391 -8.36 -22.12 6.13
N HIS D 392 -7.14 -21.62 6.01
CA HIS D 392 -5.96 -22.28 6.56
C HIS D 392 -5.34 -21.36 7.61
N ILE D 393 -5.56 -21.70 8.88
CA ILE D 393 -5.07 -20.92 10.00
C ILE D 393 -3.92 -21.68 10.62
N LEU D 394 -2.72 -21.13 10.53
CA LEU D 394 -1.51 -21.85 10.88
C LEU D 394 -0.73 -21.06 11.92
N CYS D 395 -0.31 -21.75 12.98
CA CYS D 395 0.48 -21.14 14.04
C CYS D 395 1.45 -22.21 14.53
N HIS D 396 2.72 -22.09 14.10
CA HIS D 396 3.71 -23.10 14.45
C HIS D 396 3.97 -23.14 15.95
N ASN D 397 3.98 -21.99 16.61
CA ASN D 397 4.21 -21.92 18.05
C ASN D 397 2.92 -21.89 18.86
N GLY D 398 1.84 -22.44 18.32
CA GLY D 398 0.58 -22.50 19.04
C GLY D 398 0.44 -23.76 19.87
N ASN D 399 -0.48 -23.70 20.83
CA ASN D 399 -0.76 -24.82 21.73
C ASN D 399 -2.22 -25.24 21.57
N LYS D 400 -2.60 -26.27 22.33
CA LYS D 400 -3.94 -26.83 22.18
C LYS D 400 -5.02 -25.92 22.75
N ARG D 401 -4.72 -25.20 23.84
CA ARG D 401 -5.70 -24.28 24.40
C ARG D 401 -6.01 -23.14 23.45
N TRP D 402 -4.96 -22.59 22.81
CA TRP D 402 -5.17 -21.56 21.81
C TRP D 402 -5.96 -22.09 20.62
N LYS D 403 -5.67 -23.32 20.20
CA LYS D 403 -6.40 -23.91 19.09
C LYS D 403 -7.88 -24.09 19.45
N LYS D 404 -8.17 -24.51 20.68
CA LYS D 404 -9.55 -24.62 21.12
C LYS D 404 -10.23 -23.26 21.14
N ALA D 405 -9.53 -22.23 21.60
CA ALA D 405 -10.09 -20.89 21.61
C ALA D 405 -10.40 -20.40 20.20
N VAL D 406 -9.50 -20.65 19.25
CA VAL D 406 -9.73 -20.23 17.87
C VAL D 406 -10.87 -21.03 17.26
N ASP D 407 -10.99 -22.31 17.61
CA ASP D 407 -12.11 -23.10 17.13
C ASP D 407 -13.44 -22.56 17.65
N ALA D 408 -13.45 -22.15 18.92
CA ALA D 408 -14.65 -21.51 19.47
C ALA D 408 -14.96 -20.21 18.76
N ILE D 409 -13.94 -19.42 18.44
CA ILE D 409 -14.14 -18.15 17.73
C ILE D 409 -14.71 -18.40 16.35
N LEU D 410 -14.19 -19.42 15.65
CA LEU D 410 -14.67 -19.74 14.31
C LEU D 410 -16.11 -20.27 14.35
N ALA D 411 -16.41 -21.13 15.32
CA ALA D 411 -17.73 -21.76 15.38
C ALA D 411 -18.83 -20.77 15.68
N ALA D 412 -18.49 -19.58 16.17
CA ALA D 412 -19.50 -18.57 16.47
C ALA D 412 -19.91 -17.75 15.25
N SER D 413 -19.31 -18.00 14.10
CA SER D 413 -19.60 -17.22 12.91
C SER D 413 -19.86 -18.15 11.72
N PRO D 414 -20.83 -17.80 10.87
CA PRO D 414 -21.09 -18.64 9.68
C PRO D 414 -19.97 -18.57 8.64
N TYR D 415 -18.96 -17.73 8.83
CA TYR D 415 -17.86 -17.66 7.88
C TYR D 415 -16.68 -18.53 8.27
N GLY D 416 -16.80 -19.31 9.35
CA GLY D 416 -15.75 -20.19 9.80
C GLY D 416 -15.99 -21.66 9.55
N LYS D 417 -16.99 -22.04 8.75
CA LYS D 417 -17.28 -23.46 8.55
C LYS D 417 -16.18 -24.16 7.76
N ASN D 418 -15.50 -23.44 6.86
CA ASN D 418 -14.45 -24.02 6.04
C ASN D 418 -13.06 -23.69 6.57
N ALA D 419 -12.93 -23.45 7.86
CA ALA D 419 -11.67 -23.04 8.46
C ALA D 419 -11.09 -24.16 9.31
N THR D 420 -9.83 -24.48 9.09
CA THR D 420 -9.11 -25.45 9.89
C THR D 420 -7.90 -24.78 10.51
N VAL D 421 -7.72 -25.00 11.82
CA VAL D 421 -6.61 -24.43 12.57
C VAL D 421 -5.54 -25.49 12.73
N TYR D 422 -4.31 -25.15 12.37
CA TYR D 422 -3.17 -26.06 12.46
C TYR D 422 -2.16 -25.50 13.44
N ILE D 423 -1.63 -26.36 14.31
CA ILE D 423 -0.58 -26.01 15.25
C ILE D 423 0.54 -27.02 15.12
N GLY D 424 1.77 -26.54 15.24
CA GLY D 424 2.92 -27.39 15.04
C GLY D 424 3.28 -27.64 13.60
N LYS D 425 2.58 -27.02 12.66
CA LYS D 425 2.83 -27.19 11.24
C LYS D 425 3.58 -25.99 10.68
N ASP D 426 4.40 -26.24 9.68
CA ASP D 426 5.29 -25.25 9.11
C ASP D 426 4.81 -24.81 7.73
N LEU D 427 5.62 -23.99 7.06
CA LEU D 427 5.21 -23.40 5.79
C LEU D 427 5.23 -24.39 4.64
N TRP D 428 5.92 -25.52 4.77
CA TRP D 428 5.80 -26.58 3.78
C TRP D 428 4.42 -27.23 3.84
N HIS D 429 3.93 -27.46 5.06
CA HIS D 429 2.54 -27.88 5.22
C HIS D 429 1.58 -26.88 4.59
N LEU D 430 1.85 -25.59 4.80
CA LEU D 430 0.97 -24.56 4.24
C LEU D 430 1.06 -24.53 2.71
N ARG D 431 2.23 -24.80 2.16
CA ARG D 431 2.36 -24.90 0.71
C ARG D 431 1.48 -26.02 0.17
N SER D 432 1.52 -27.18 0.83
CA SER D 432 0.63 -28.26 0.44
C SER D 432 -0.84 -27.83 0.54
N LEU D 433 -1.18 -27.14 1.63
CA LEU D 433 -2.57 -26.73 1.85
C LEU D 433 -3.05 -25.77 0.77
N VAL D 434 -2.24 -24.77 0.42
CA VAL D 434 -2.64 -23.80 -0.59
C VAL D 434 -2.61 -24.41 -1.98
N PHE D 435 -1.89 -25.51 -2.18
CA PHE D 435 -1.99 -26.21 -3.46
C PHE D 435 -3.27 -27.04 -3.53
N THR D 436 -3.66 -27.67 -2.43
CA THR D 436 -4.77 -28.63 -2.49
C THR D 436 -6.12 -27.95 -2.34
N ASP D 437 -6.24 -26.98 -1.44
CA ASP D 437 -7.46 -26.21 -1.25
C ASP D 437 -7.09 -24.76 -1.47
N LYS D 438 -7.13 -24.32 -2.72
CA LYS D 438 -6.56 -23.03 -3.09
C LYS D 438 -7.35 -21.90 -2.46
N PRO D 439 -6.73 -21.03 -1.68
CA PRO D 439 -7.40 -19.82 -1.21
C PRO D 439 -7.14 -18.68 -2.18
N ASP D 440 -7.82 -17.56 -1.92
CA ASP D 440 -7.58 -16.37 -2.71
C ASP D 440 -6.26 -15.71 -2.35
N PHE D 441 -5.92 -15.63 -1.07
CA PHE D 441 -4.71 -14.93 -0.67
C PHE D 441 -4.10 -15.59 0.56
N MET D 442 -2.81 -15.35 0.78
CA MET D 442 -2.20 -15.61 2.08
C MET D 442 -1.91 -14.30 2.78
N ILE D 443 -1.89 -14.36 4.11
CA ILE D 443 -1.51 -13.24 4.96
C ILE D 443 -0.41 -13.73 5.90
N GLY D 444 0.79 -13.19 5.73
CA GLY D 444 1.91 -13.64 6.51
C GLY D 444 3.17 -12.90 6.17
N ASN D 445 4.27 -13.36 6.75
CA ASN D 445 5.54 -12.65 6.67
C ASN D 445 6.19 -12.90 5.31
N SER D 446 7.44 -12.46 5.16
CA SER D 446 8.10 -12.51 3.87
C SER D 446 8.33 -13.93 3.38
N TYR D 447 8.45 -14.88 4.31
CA TYR D 447 8.73 -16.26 3.93
C TYR D 447 7.65 -16.86 3.05
N GLY D 448 6.44 -16.27 3.06
CA GLY D 448 5.39 -16.77 2.20
C GLY D 448 5.61 -16.48 0.72
N LYS D 449 6.52 -15.57 0.40
CA LYS D 449 6.76 -15.25 -1.01
C LYS D 449 7.18 -16.50 -1.79
N PHE D 450 8.00 -17.35 -1.17
CA PHE D 450 8.43 -18.56 -1.84
C PHE D 450 7.26 -19.50 -2.12
N ILE D 451 6.23 -19.48 -1.27
CA ILE D 451 5.02 -20.24 -1.59
C ILE D 451 4.38 -19.67 -2.85
N GLN D 452 4.27 -18.34 -2.91
CA GLN D 452 3.63 -17.70 -4.06
C GLN D 452 4.31 -18.14 -5.35
N ARG D 453 5.64 -18.06 -5.37
CA ARG D 453 6.40 -18.51 -6.53
C ARG D 453 5.99 -19.92 -6.94
N ASP D 454 5.97 -20.86 -5.98
CA ASP D 454 5.60 -22.23 -6.31
C ASP D 454 4.22 -22.28 -6.94
N THR D 455 3.25 -21.55 -6.38
CA THR D 455 1.92 -21.57 -6.95
C THR D 455 1.94 -21.04 -8.37
N LEU D 456 2.69 -19.95 -8.60
CA LEU D 456 2.79 -19.40 -9.94
C LEU D 456 3.44 -20.39 -10.89
N HIS D 457 4.30 -21.27 -10.38
CA HIS D 457 4.92 -22.26 -11.25
C HIS D 457 3.91 -23.31 -11.69
N LYS D 458 2.87 -23.57 -10.89
CA LYS D 458 1.84 -24.48 -11.35
C LYS D 458 1.00 -23.87 -12.45
N GLY D 459 0.92 -22.54 -12.47
CA GLY D 459 0.14 -21.83 -13.47
C GLY D 459 -0.33 -20.50 -12.94
N LYS D 460 -0.68 -19.58 -13.84
CA LYS D 460 -1.19 -18.29 -13.42
C LYS D 460 -2.50 -18.43 -12.65
N GLU D 461 -3.35 -19.35 -13.09
CA GLU D 461 -4.65 -19.57 -12.45
C GLU D 461 -4.53 -20.17 -11.06
N PHE D 462 -3.41 -20.81 -10.73
CA PHE D 462 -3.21 -21.42 -9.43
C PHE D 462 -2.47 -20.51 -8.46
N GLU D 463 -2.09 -19.31 -8.88
CA GLU D 463 -1.27 -18.45 -8.04
C GLU D 463 -2.05 -17.90 -6.87
N VAL D 464 -1.42 -17.88 -5.71
CA VAL D 464 -1.98 -17.30 -4.49
C VAL D 464 -1.12 -16.10 -4.11
N PRO D 465 -1.62 -14.88 -4.29
CA PRO D 465 -0.84 -13.71 -3.86
C PRO D 465 -0.67 -13.66 -2.35
N LEU D 466 0.44 -13.06 -1.94
CA LEU D 466 0.77 -12.88 -0.54
C LEU D 466 0.48 -11.45 -0.12
N ILE D 467 -0.01 -11.29 1.11
CA ILE D 467 -0.18 -10.00 1.76
C ILE D 467 0.69 -10.01 3.01
N ARG D 468 1.61 -9.05 3.08
CA ARG D 468 2.66 -9.03 4.10
C ARG D 468 2.13 -8.34 5.35
N ILE D 469 1.61 -9.12 6.27
CA ILE D 469 1.24 -8.67 7.60
C ILE D 469 1.79 -9.67 8.59
N GLY D 470 2.83 -9.28 9.31
CA GLY D 470 3.45 -10.15 10.28
C GLY D 470 4.93 -9.86 10.39
N PHE D 471 5.63 -10.73 11.10
CA PHE D 471 7.06 -10.57 11.34
C PHE D 471 7.76 -11.86 10.94
N PRO D 472 8.90 -11.77 10.25
CA PRO D 472 9.56 -10.54 9.78
C PRO D 472 9.19 -10.16 8.35
N ILE D 473 9.24 -8.88 8.01
CA ILE D 473 9.04 -8.41 6.64
C ILE D 473 10.38 -7.90 6.15
N PHE D 474 10.94 -8.59 5.16
CA PHE D 474 12.29 -8.28 4.68
C PHE D 474 12.33 -7.68 3.29
N ASP D 475 11.41 -8.05 2.40
CA ASP D 475 11.47 -7.65 1.00
C ASP D 475 10.69 -6.38 0.71
N ARG D 476 10.11 -5.77 1.73
CA ARG D 476 9.46 -4.47 1.60
C ARG D 476 10.06 -3.51 2.62
N HIS D 477 9.91 -2.21 2.34
CA HIS D 477 10.51 -1.18 3.17
C HIS D 477 9.45 -0.48 4.02
N HIS D 478 9.81 -0.23 5.28
CA HIS D 478 9.08 0.62 6.21
C HIS D 478 7.69 0.10 6.56
N LEU D 479 7.41 -1.18 6.30
CA LEU D 479 6.13 -1.73 6.72
C LEU D 479 6.05 -1.91 8.23
N HIS D 480 7.19 -1.90 8.93
CA HIS D 480 7.21 -1.97 10.38
C HIS D 480 6.64 -0.73 11.03
N ARG D 481 6.44 0.34 10.26
CA ARG D 481 5.83 1.57 10.77
C ARG D 481 4.32 1.49 10.81
N SER D 482 3.73 0.41 10.32
CA SER D 482 2.28 0.30 10.21
C SER D 482 1.66 -0.02 11.56
N THR D 483 0.34 -0.12 11.57
CA THR D 483 -0.44 -0.37 12.77
C THR D 483 -1.38 -1.54 12.52
N THR D 484 -1.52 -2.40 13.53
CA THR D 484 -2.47 -3.51 13.47
C THR D 484 -3.50 -3.49 14.59
N LEU D 485 -3.20 -2.85 15.71
CA LEU D 485 -4.10 -2.80 16.85
C LEU D 485 -5.08 -1.64 16.73
N GLY D 486 -6.21 -1.78 17.40
CA GLY D 486 -7.17 -0.71 17.48
C GLY D 486 -7.89 -0.45 16.16
N TYR D 487 -8.75 0.56 16.20
CA TYR D 487 -9.51 0.91 15.00
C TYR D 487 -8.57 1.35 13.87
N GLU D 488 -7.49 2.05 14.21
CA GLU D 488 -6.55 2.51 13.19
C GLU D 488 -5.90 1.32 12.47
N GLY D 489 -5.44 0.33 13.24
CA GLY D 489 -4.91 -0.86 12.62
C GLY D 489 -5.95 -1.61 11.82
N ALA D 490 -7.20 -1.59 12.29
CA ALA D 490 -8.28 -2.22 11.53
C ALA D 490 -8.47 -1.54 10.18
N MET D 491 -8.45 -0.21 10.13
CA MET D 491 -8.58 0.47 8.85
C MET D 491 -7.40 0.21 7.94
N GLN D 492 -6.18 0.18 8.49
CA GLN D 492 -5.03 -0.12 7.66
C GLN D 492 -5.12 -1.52 7.07
N ILE D 493 -5.49 -2.50 7.89
CA ILE D 493 -5.64 -3.88 7.41
C ILE D 493 -6.75 -3.95 6.37
N LEU D 494 -7.88 -3.30 6.63
CA LEU D 494 -8.98 -3.29 5.68
C LEU D 494 -8.55 -2.75 4.33
N THR D 495 -7.86 -1.61 4.35
CA THR D 495 -7.41 -0.99 3.10
C THR D 495 -6.46 -1.91 2.35
N THR D 496 -5.52 -2.51 3.08
CA THR D 496 -4.57 -3.41 2.43
C THR D 496 -5.29 -4.58 1.78
N LEU D 497 -6.27 -5.16 2.47
CA LEU D 497 -6.99 -6.31 1.92
C LEU D 497 -7.79 -5.92 0.68
N VAL D 498 -8.58 -4.86 0.77
CA VAL D 498 -9.46 -4.52 -0.35
C VAL D 498 -8.63 -4.11 -1.56
N ASN D 499 -7.53 -3.38 -1.34
CA ASN D 499 -6.72 -2.94 -2.45
C ASN D 499 -5.89 -4.08 -3.03
N SER D 500 -5.52 -5.07 -2.23
CA SER D 500 -4.88 -6.26 -2.79
C SER D 500 -5.85 -7.02 -3.69
N ILE D 501 -7.11 -7.17 -3.25
CA ILE D 501 -8.10 -7.82 -4.08
C ILE D 501 -8.31 -7.06 -5.38
N LEU D 502 -8.41 -5.73 -5.29
CA LEU D 502 -8.65 -4.92 -6.47
C LEU D 502 -7.44 -4.94 -7.41
N GLU D 503 -6.22 -4.96 -6.87
CA GLU D 503 -5.04 -5.03 -7.72
C GLU D 503 -4.98 -6.36 -8.45
N ARG D 504 -5.30 -7.45 -7.76
CA ARG D 504 -5.34 -8.75 -8.43
C ARG D 504 -6.41 -8.77 -9.52
N LEU D 505 -7.60 -8.20 -9.24
CA LEU D 505 -8.65 -8.18 -10.24
C LEU D 505 -8.23 -7.35 -11.44
N ASP D 506 -7.51 -6.25 -11.21
CA ASP D 506 -7.02 -5.43 -12.31
C ASP D 506 -5.98 -6.18 -13.12
N GLU D 507 -5.16 -6.99 -12.45
CA GLU D 507 -4.15 -7.76 -13.16
C GLU D 507 -4.79 -8.82 -14.04
N GLU D 508 -5.87 -9.45 -13.56
CA GLU D 508 -6.50 -10.51 -14.34
C GLU D 508 -7.35 -9.99 -15.48
N THR D 509 -7.63 -8.69 -15.52
CA THR D 509 -8.49 -8.11 -16.55
C THR D 509 -7.78 -7.04 -17.37
N ARG D 510 -6.46 -7.08 -17.39
CA ARG D 510 -5.67 -6.14 -18.18
C ARG D 510 -5.46 -6.61 -19.61
N GLY D 511 -5.87 -7.83 -19.94
CA GLY D 511 -5.64 -8.38 -21.26
C GLY D 511 -6.51 -7.76 -22.34
N MET D 512 -5.88 -7.23 -23.38
CA MET D 512 -6.61 -6.56 -24.44
C MET D 512 -7.42 -7.54 -25.27
N GLN D 513 -8.70 -7.22 -25.44
CA GLN D 513 -9.66 -7.98 -26.25
C GLN D 513 -9.85 -9.41 -25.74
N ALA D 514 -9.32 -9.74 -24.58
CA ALA D 514 -9.58 -11.03 -23.95
C ALA D 514 -10.34 -10.90 -22.64
N THR D 515 -9.84 -10.10 -21.70
CA THR D 515 -10.49 -9.90 -20.42
C THR D 515 -10.67 -8.43 -20.06
N ASP D 516 -10.42 -7.50 -20.97
CA ASP D 516 -10.53 -6.08 -20.65
C ASP D 516 -11.97 -5.59 -20.59
N TYR D 517 -12.95 -6.41 -20.99
CA TYR D 517 -14.34 -6.00 -20.86
C TYR D 517 -14.70 -5.71 -19.41
N ASN D 518 -13.99 -6.31 -18.47
CA ASN D 518 -14.18 -6.07 -17.05
C ASN D 518 -13.09 -5.17 -16.46
N HIS D 519 -12.30 -4.49 -17.31
CA HIS D 519 -11.30 -3.54 -16.84
C HIS D 519 -11.98 -2.20 -16.56
N ASP D 520 -12.70 -2.16 -15.45
CA ASP D 520 -13.57 -1.05 -15.12
C ASP D 520 -12.80 0.11 -14.51
N LEU D 521 -13.18 1.33 -14.90
CA LEU D 521 -12.62 2.51 -14.28
C LEU D 521 -13.02 2.62 -12.82
N VAL D 522 -14.27 2.28 -12.50
CA VAL D 522 -14.81 2.41 -11.16
C VAL D 522 -15.01 1.03 -10.56
N ARG D 523 -14.44 0.80 -9.39
CA ARG D 523 -14.62 -0.45 -8.67
C ARG D 523 -15.19 -0.20 -7.29
N MET E 3 -42.47 27.23 -53.40
CA MET E 3 -42.47 28.38 -52.50
C MET E 3 -41.10 29.04 -52.45
N ARG E 4 -41.09 30.34 -52.19
CA ARG E 4 -39.84 31.08 -52.03
C ARG E 4 -39.69 31.53 -50.59
N GLN E 5 -38.47 31.46 -50.08
CA GLN E 5 -38.16 31.83 -48.72
C GLN E 5 -37.11 32.94 -48.71
N CYS E 6 -37.51 34.11 -48.23
CA CYS E 6 -36.65 35.29 -48.22
C CYS E 6 -36.45 35.73 -46.78
N ALA E 7 -35.25 36.23 -46.51
CA ALA E 7 -34.86 36.73 -45.20
C ALA E 7 -34.47 38.19 -45.33
N ILE E 8 -35.11 39.04 -44.53
CA ILE E 8 -34.87 40.47 -44.55
C ILE E 8 -33.92 40.80 -43.40
N TYR E 9 -32.73 41.27 -43.77
CA TYR E 9 -31.67 41.70 -42.87
C TYR E 9 -31.39 43.18 -43.10
N GLY E 10 -30.58 43.75 -42.22
CA GLY E 10 -30.21 45.15 -42.36
C GLY E 10 -29.84 45.82 -41.05
N LYS E 11 -29.45 47.09 -41.13
CA LYS E 11 -29.07 47.83 -39.94
C LYS E 11 -30.29 48.15 -39.08
N GLY E 12 -30.09 48.17 -37.77
CA GLY E 12 -31.19 48.46 -36.87
C GLY E 12 -31.76 49.85 -37.11
N GLY E 13 -33.08 49.95 -37.05
CA GLY E 13 -33.76 51.21 -37.26
C GLY E 13 -33.82 51.70 -38.68
N ILE E 14 -33.57 50.82 -39.65
CA ILE E 14 -33.56 51.23 -41.05
C ILE E 14 -34.92 51.10 -41.72
N GLY E 15 -35.83 50.32 -41.15
CA GLY E 15 -37.14 50.16 -41.75
C GLY E 15 -37.40 48.76 -42.26
N LYS E 16 -36.72 47.77 -41.66
CA LYS E 16 -36.87 46.39 -42.12
C LYS E 16 -38.29 45.88 -41.90
N SER E 17 -38.80 46.01 -40.69
CA SER E 17 -40.11 45.44 -40.35
C SER E 17 -41.22 46.12 -41.13
N THR E 18 -41.20 47.45 -41.16
CA THR E 18 -42.25 48.20 -41.86
C THR E 18 -42.24 47.88 -43.35
N THR E 19 -41.06 47.91 -43.97
CA THR E 19 -40.97 47.62 -45.40
C THR E 19 -41.38 46.18 -45.70
N THR E 20 -41.00 45.25 -44.83
CA THR E 20 -41.37 43.86 -45.04
C THR E 20 -42.88 43.68 -44.96
N GLN E 21 -43.52 44.31 -43.98
CA GLN E 21 -44.96 44.18 -43.85
C GLN E 21 -45.69 44.83 -45.02
N ASN E 22 -45.19 45.99 -45.49
CA ASN E 22 -45.81 46.63 -46.65
C ASN E 22 -45.61 45.80 -47.91
N LEU E 23 -44.42 45.22 -48.10
CA LEU E 23 -44.19 44.29 -49.19
C LEU E 23 -45.18 43.14 -49.14
N VAL E 24 -45.39 42.58 -47.94
CA VAL E 24 -46.25 41.42 -47.80
C VAL E 24 -47.69 41.79 -48.11
N ALA E 25 -48.13 42.97 -47.67
CA ALA E 25 -49.48 43.42 -47.99
C ALA E 25 -49.65 43.60 -49.51
N ALA E 26 -48.66 44.20 -50.15
CA ALA E 26 -48.72 44.35 -51.60
C ALA E 26 -48.75 43.00 -52.30
N LEU E 27 -47.97 42.04 -51.82
CA LEU E 27 -48.00 40.71 -52.40
C LEU E 27 -49.36 40.05 -52.21
N ALA E 28 -49.93 40.17 -51.01
CA ALA E 28 -51.21 39.55 -50.72
C ALA E 28 -52.32 40.12 -51.59
N GLU E 29 -52.25 41.43 -51.89
CA GLU E 29 -53.27 42.02 -52.74
C GLU E 29 -53.24 41.46 -54.16
N MET E 30 -52.17 40.79 -54.55
CA MET E 30 -52.05 40.16 -55.86
C MET E 30 -52.33 38.66 -55.82
N GLY E 31 -52.88 38.16 -54.73
CA GLY E 31 -53.21 36.76 -54.62
C GLY E 31 -52.10 35.85 -54.14
N LYS E 32 -50.94 36.40 -53.77
CA LYS E 32 -49.86 35.59 -53.25
C LYS E 32 -50.17 35.12 -51.84
N LYS E 33 -49.90 33.85 -51.58
CA LYS E 33 -50.04 33.28 -50.24
C LYS E 33 -48.73 33.51 -49.49
N VAL E 34 -48.73 34.46 -48.55
CA VAL E 34 -47.51 34.95 -47.92
C VAL E 34 -47.58 34.71 -46.43
N MET E 35 -46.43 34.36 -45.84
CA MET E 35 -46.29 34.11 -44.43
C MET E 35 -45.14 34.94 -43.89
N ILE E 36 -45.29 35.47 -42.68
CA ILE E 36 -44.29 36.32 -42.05
C ILE E 36 -43.83 35.64 -40.77
N VAL E 37 -42.53 35.46 -40.63
CA VAL E 37 -41.92 34.94 -39.42
C VAL E 37 -40.99 36.00 -38.87
N GLY E 38 -41.27 36.46 -37.64
CA GLY E 38 -40.42 37.44 -37.00
C GLY E 38 -39.40 36.82 -36.08
N CYS E 39 -38.13 37.16 -36.28
CA CYS E 39 -37.04 36.65 -35.46
C CYS E 39 -36.48 37.75 -34.56
N ASP E 40 -37.37 38.59 -34.05
CA ASP E 40 -37.02 39.72 -33.21
C ASP E 40 -37.58 39.52 -31.81
N PRO E 41 -36.75 39.56 -30.77
CA PRO E 41 -37.29 39.49 -29.40
C PRO E 41 -38.27 40.61 -29.08
N LYS E 42 -38.08 41.80 -29.66
CA LYS E 42 -39.06 42.87 -29.46
C LYS E 42 -40.42 42.51 -30.02
N ALA E 43 -40.47 41.56 -30.95
CA ALA E 43 -41.72 40.93 -31.38
C ALA E 43 -42.68 41.93 -32.01
N ASP E 44 -42.14 42.78 -32.88
CA ASP E 44 -42.91 43.81 -33.56
C ASP E 44 -42.95 43.67 -35.08
N SER E 45 -42.68 42.48 -35.61
CA SER E 45 -42.58 42.28 -37.04
C SER E 45 -43.91 41.95 -37.70
N THR E 46 -45.00 41.86 -36.94
CA THR E 46 -46.30 41.48 -37.49
C THR E 46 -47.41 42.44 -37.11
N ARG E 47 -47.09 43.53 -36.40
CA ARG E 47 -48.14 44.35 -35.80
C ARG E 47 -48.97 45.10 -36.84
N LEU E 48 -48.43 45.35 -38.03
CA LEU E 48 -49.23 45.99 -39.07
C LEU E 48 -50.16 44.99 -39.76
N ILE E 49 -49.60 43.90 -40.27
CA ILE E 49 -50.39 42.94 -41.03
C ILE E 49 -51.42 42.27 -40.12
N LEU E 50 -51.01 41.90 -38.91
CA LEU E 50 -51.85 41.13 -38.02
C LEU E 50 -52.89 42.03 -37.36
N HIS E 51 -52.75 43.35 -37.55
CA HIS E 51 -53.70 44.33 -37.04
C HIS E 51 -53.70 44.40 -35.52
N SER E 52 -52.83 43.62 -34.90
CA SER E 52 -52.68 43.59 -33.45
C SER E 52 -51.21 43.39 -33.12
N LYS E 53 -50.85 43.68 -31.87
CA LYS E 53 -49.45 43.61 -31.47
C LYS E 53 -48.88 42.22 -31.67
N ALA E 54 -49.35 41.24 -30.91
CA ALA E 54 -48.83 39.87 -30.92
C ALA E 54 -49.58 39.01 -29.91
N GLN E 55 -49.04 38.92 -28.70
CA GLN E 55 -49.62 38.29 -27.52
C GLN E 55 -49.68 36.77 -27.65
N ASN E 56 -49.17 36.18 -28.74
CA ASN E 56 -49.26 34.75 -28.96
C ASN E 56 -47.95 34.22 -29.53
N THR E 57 -46.83 34.77 -29.07
CA THR E 57 -45.53 34.40 -29.62
C THR E 57 -45.14 33.01 -29.16
N ILE E 58 -44.25 32.38 -29.93
CA ILE E 58 -43.98 30.95 -29.76
C ILE E 58 -43.40 30.68 -28.37
N MET E 59 -42.54 31.57 -27.88
CA MET E 59 -41.85 31.30 -26.63
C MET E 59 -42.77 31.39 -25.42
N GLU E 60 -43.71 32.33 -25.43
CA GLU E 60 -44.63 32.43 -24.30
C GLU E 60 -45.51 31.19 -24.17
N MET E 61 -46.00 30.68 -25.31
CA MET E 61 -46.79 29.46 -25.29
C MET E 61 -45.92 28.26 -24.91
N ALA E 62 -44.66 28.26 -25.37
CA ALA E 62 -43.76 27.16 -25.03
C ALA E 62 -43.51 27.11 -23.53
N ALA E 63 -43.24 28.27 -22.92
CA ALA E 63 -43.05 28.35 -21.48
C ALA E 63 -44.33 27.99 -20.74
N GLU E 64 -45.47 28.44 -21.26
CA GLU E 64 -46.75 28.12 -20.64
C GLU E 64 -47.03 26.63 -20.70
N ALA E 65 -46.94 26.04 -21.89
CA ALA E 65 -47.19 24.61 -22.06
C ALA E 65 -45.91 23.77 -21.98
N GLY E 66 -45.10 23.97 -20.95
CA GLY E 66 -43.94 23.13 -20.71
C GLY E 66 -42.78 23.40 -21.65
N THR E 67 -42.92 22.94 -22.89
CA THR E 67 -41.92 23.14 -23.94
C THR E 67 -42.64 23.31 -25.27
N VAL E 68 -41.85 23.53 -26.32
CA VAL E 68 -42.42 23.54 -27.67
C VAL E 68 -42.92 22.17 -28.07
N GLU E 69 -42.38 21.11 -27.48
CA GLU E 69 -42.79 19.75 -27.83
C GLU E 69 -44.22 19.47 -27.38
N ASP E 70 -44.69 20.16 -26.35
CA ASP E 70 -46.08 20.09 -25.91
C ASP E 70 -46.90 21.26 -26.45
N LEU E 71 -46.42 21.91 -27.51
CA LEU E 71 -47.06 23.08 -28.07
C LEU E 71 -47.57 22.75 -29.47
N GLU E 72 -48.83 23.10 -29.73
CA GLU E 72 -49.46 22.83 -31.01
C GLU E 72 -49.34 24.04 -31.92
N LEU E 73 -49.37 23.79 -33.23
CA LEU E 73 -49.12 24.85 -34.20
C LEU E 73 -50.24 25.86 -34.24
N GLU E 74 -51.49 25.41 -34.07
CA GLU E 74 -52.64 26.31 -34.19
C GLU E 74 -52.59 27.41 -33.13
N ASP E 75 -51.96 27.12 -31.99
CA ASP E 75 -51.92 28.10 -30.91
C ASP E 75 -51.05 29.30 -31.23
N VAL E 76 -50.04 29.14 -32.09
CA VAL E 76 -49.13 30.23 -32.43
C VAL E 76 -49.42 30.78 -33.83
N LEU E 77 -49.90 29.93 -34.74
CA LEU E 77 -50.23 30.37 -36.08
C LEU E 77 -51.57 31.10 -36.06
N LYS E 78 -51.60 32.30 -36.63
CA LYS E 78 -52.81 33.12 -36.66
C LYS E 78 -52.77 33.99 -37.91
N ALA E 79 -53.79 33.88 -38.75
CA ALA E 79 -53.83 34.62 -40.00
C ALA E 79 -54.26 36.06 -39.76
N GLY E 80 -53.97 36.92 -40.74
CA GLY E 80 -54.28 38.32 -40.63
C GLY E 80 -54.76 38.94 -41.92
N TYR E 81 -54.31 40.16 -42.21
CA TYR E 81 -54.77 40.88 -43.39
C TYR E 81 -54.36 40.15 -44.66
N GLY E 82 -55.28 40.11 -45.63
CA GLY E 82 -55.01 39.46 -46.89
C GLY E 82 -54.76 37.97 -46.77
N GLY E 83 -55.19 37.35 -45.67
CA GLY E 83 -54.90 35.95 -45.47
C GLY E 83 -53.46 35.65 -45.18
N VAL E 84 -52.69 36.64 -44.73
CA VAL E 84 -51.27 36.45 -44.48
C VAL E 84 -51.10 35.80 -43.10
N LYS E 85 -50.45 34.66 -43.06
CA LYS E 85 -50.25 33.92 -41.82
C LYS E 85 -49.00 34.42 -41.13
N CYS E 86 -49.15 34.85 -39.88
CA CYS E 86 -48.07 35.46 -39.12
C CYS E 86 -47.78 34.65 -37.87
N VAL E 87 -46.51 34.33 -37.68
CA VAL E 87 -46.02 33.73 -36.45
C VAL E 87 -44.83 34.55 -35.98
N GLU E 88 -44.57 34.52 -34.69
CA GLU E 88 -43.51 35.32 -34.10
C GLU E 88 -42.70 34.47 -33.14
N SER E 89 -41.37 34.58 -33.22
CA SER E 89 -40.52 33.79 -32.32
C SER E 89 -40.73 34.18 -30.87
N GLY E 90 -40.82 35.48 -30.59
CA GLY E 90 -40.84 35.96 -29.23
C GLY E 90 -39.45 35.94 -28.63
N GLY E 91 -39.38 36.33 -27.36
CA GLY E 91 -38.13 36.33 -26.66
C GLY E 91 -38.21 37.03 -25.32
N PRO E 92 -37.09 37.10 -24.63
CA PRO E 92 -37.06 37.74 -23.31
C PRO E 92 -37.11 39.25 -23.41
N GLU E 93 -37.37 39.88 -22.27
CA GLU E 93 -37.21 41.32 -22.16
C GLU E 93 -35.73 41.66 -22.28
N PRO E 94 -35.42 42.93 -22.67
CA PRO E 94 -34.05 43.34 -22.88
C PRO E 94 -33.15 43.13 -21.67
N GLY E 95 -31.95 42.58 -21.89
CA GLY E 95 -30.99 42.47 -20.80
C GLY E 95 -31.08 41.19 -20.00
N VAL E 96 -31.87 40.21 -20.42
CA VAL E 96 -31.84 38.94 -19.68
C VAL E 96 -32.06 37.78 -20.64
N GLY E 97 -31.55 36.62 -20.29
CA GLY E 97 -31.81 35.44 -21.11
C GLY E 97 -30.99 35.40 -22.37
N CYS E 98 -31.57 34.81 -23.41
CA CYS E 98 -30.86 34.52 -24.65
C CYS E 98 -31.88 34.50 -25.78
N ALA E 99 -31.97 35.60 -26.53
CA ALA E 99 -32.94 35.68 -27.61
C ALA E 99 -32.58 34.77 -28.77
N GLY E 100 -31.29 34.54 -28.99
CA GLY E 100 -30.87 33.65 -30.06
C GLY E 100 -31.43 32.25 -29.91
N ARG E 101 -31.35 31.70 -28.70
CA ARG E 101 -31.91 30.38 -28.45
C ARG E 101 -33.42 30.37 -28.68
N GLY E 102 -34.09 31.47 -28.34
CA GLY E 102 -35.52 31.55 -28.62
C GLY E 102 -35.81 31.48 -30.10
N VAL E 103 -35.03 32.20 -30.90
CA VAL E 103 -35.21 32.16 -32.35
C VAL E 103 -34.92 30.76 -32.88
N ILE E 104 -33.88 30.12 -32.36
CA ILE E 104 -33.54 28.75 -32.77
C ILE E 104 -34.71 27.82 -32.51
N THR E 105 -35.25 27.87 -31.28
CA THR E 105 -36.32 26.97 -30.91
C THR E 105 -37.58 27.26 -31.72
N ALA E 106 -37.86 28.53 -31.98
CA ALA E 106 -39.04 28.89 -32.76
C ALA E 106 -38.95 28.34 -34.18
N ILE E 107 -37.82 28.56 -34.86
CA ILE E 107 -37.69 28.04 -36.22
C ILE E 107 -37.72 26.52 -36.21
N ASN E 108 -37.04 25.89 -35.25
CA ASN E 108 -37.07 24.44 -35.16
C ASN E 108 -38.50 23.93 -35.04
N PHE E 109 -39.25 24.47 -34.09
CA PHE E 109 -40.64 24.07 -33.88
C PHE E 109 -41.47 24.29 -35.12
N LEU E 110 -41.23 25.38 -35.85
CA LEU E 110 -41.96 25.62 -37.08
C LEU E 110 -41.67 24.53 -38.11
N GLU E 111 -40.42 24.05 -38.16
CA GLU E 111 -40.11 22.96 -39.09
C GLU E 111 -40.77 21.65 -38.66
N GLU E 112 -40.66 21.29 -37.38
CA GLU E 112 -41.12 19.96 -36.97
C GLU E 112 -42.63 19.79 -37.18
N GLU E 113 -43.42 20.81 -36.87
CA GLU E 113 -44.86 20.69 -36.99
C GLU E 113 -45.38 21.08 -38.37
N GLY E 114 -44.49 21.28 -39.33
CA GLY E 114 -44.89 21.47 -40.71
C GLY E 114 -45.75 22.69 -40.97
N ALA E 115 -45.30 23.85 -40.51
CA ALA E 115 -46.04 25.09 -40.73
C ALA E 115 -45.96 25.60 -42.16
N TYR E 116 -44.99 25.13 -42.94
CA TYR E 116 -44.77 25.63 -44.29
C TYR E 116 -45.49 24.69 -45.26
N GLU E 117 -46.76 24.98 -45.51
CA GLU E 117 -47.63 24.09 -46.25
C GLU E 117 -47.39 24.23 -47.76
N ASP E 118 -48.08 23.38 -48.52
CA ASP E 118 -47.95 23.41 -49.98
C ASP E 118 -48.66 24.62 -50.57
N ASP E 119 -49.69 25.13 -49.88
CA ASP E 119 -50.45 26.24 -50.42
C ASP E 119 -49.62 27.52 -50.46
N LEU E 120 -48.68 27.66 -49.53
CA LEU E 120 -47.91 28.89 -49.38
C LEU E 120 -47.03 29.13 -50.60
N ASP E 121 -46.83 30.42 -50.92
CA ASP E 121 -46.01 30.84 -52.03
C ASP E 121 -44.80 31.68 -51.62
N PHE E 122 -44.90 32.44 -50.54
CA PHE E 122 -43.79 33.24 -50.04
C PHE E 122 -43.72 33.13 -48.52
N VAL E 123 -42.50 33.03 -48.00
CA VAL E 123 -42.22 33.14 -46.57
C VAL E 123 -41.17 34.21 -46.41
N PHE E 124 -41.39 35.15 -45.49
CA PHE E 124 -40.45 36.22 -45.21
C PHE E 124 -40.07 36.17 -43.74
N TYR E 125 -38.78 35.97 -43.48
CA TYR E 125 -38.23 36.02 -42.13
C TYR E 125 -37.65 37.41 -41.90
N ASP E 126 -38.35 38.21 -41.09
CA ASP E 126 -37.85 39.54 -40.73
C ASP E 126 -36.92 39.36 -39.52
N VAL E 127 -35.63 39.62 -39.72
CA VAL E 127 -34.64 39.25 -38.71
C VAL E 127 -34.23 40.48 -37.92
N LEU E 128 -33.63 40.24 -36.76
CA LEU E 128 -33.07 41.29 -35.93
C LEU E 128 -32.03 42.09 -36.69
N GLY E 129 -31.91 43.38 -36.35
CA GLY E 129 -31.01 44.26 -37.06
C GLY E 129 -29.56 44.18 -36.63
N ASP E 130 -29.25 43.43 -35.58
CA ASP E 130 -27.90 43.37 -35.05
C ASP E 130 -27.19 42.06 -35.34
N VAL E 131 -27.88 40.93 -35.16
CA VAL E 131 -27.37 39.59 -35.51
C VAL E 131 -26.00 39.36 -34.88
N VAL E 132 -26.00 39.12 -33.57
CA VAL E 132 -24.78 39.00 -32.80
C VAL E 132 -24.45 37.55 -32.46
N CYS E 133 -25.20 36.60 -32.98
CA CYS E 133 -24.99 35.20 -32.67
C CYS E 133 -25.56 34.35 -33.80
N GLY E 134 -25.22 33.05 -33.76
CA GLY E 134 -25.66 32.14 -34.80
C GLY E 134 -27.15 31.94 -34.82
N GLY E 135 -27.82 32.13 -33.68
CA GLY E 135 -29.26 31.92 -33.63
C GLY E 135 -30.01 32.81 -34.59
N PHE E 136 -29.63 34.09 -34.65
CA PHE E 136 -30.28 35.01 -35.57
C PHE E 136 -29.89 34.74 -37.02
N ALA E 137 -28.92 33.87 -37.26
CA ALA E 137 -28.61 33.39 -38.60
C ALA E 137 -29.33 32.09 -38.93
N MET E 138 -30.19 31.61 -38.03
CA MET E 138 -30.98 30.42 -38.32
C MET E 138 -31.83 30.52 -39.58
N PRO E 139 -32.51 31.65 -39.87
CA PRO E 139 -33.33 31.69 -41.10
C PRO E 139 -32.55 31.54 -42.39
N ILE E 140 -31.22 31.55 -42.37
CA ILE E 140 -30.44 31.48 -43.58
C ILE E 140 -29.58 30.20 -43.63
N ARG E 141 -30.02 29.15 -42.95
CA ARG E 141 -29.33 27.86 -43.00
C ARG E 141 -29.87 27.05 -44.19
N GLU E 142 -29.53 25.77 -44.22
CA GLU E 142 -30.02 24.90 -45.27
C GLU E 142 -31.52 24.63 -45.09
N ASN E 143 -32.21 24.46 -46.22
CA ASN E 143 -33.65 24.27 -46.24
C ASN E 143 -34.39 25.44 -45.59
N LYS E 144 -33.79 26.61 -45.68
CA LYS E 144 -34.28 27.86 -45.10
C LYS E 144 -34.39 28.89 -46.20
N ALA E 145 -34.50 30.17 -45.84
CA ALA E 145 -34.55 31.26 -46.79
C ALA E 145 -33.52 31.08 -47.90
N GLN E 146 -33.99 31.14 -49.15
CA GLN E 146 -33.12 31.05 -50.30
C GLN E 146 -32.69 32.40 -50.84
N GLU E 147 -33.52 33.45 -50.71
CA GLU E 147 -33.08 34.79 -51.05
C GLU E 147 -32.96 35.65 -49.81
N ILE E 148 -31.98 36.53 -49.80
CA ILE E 148 -31.69 37.44 -48.69
C ILE E 148 -31.74 38.86 -49.22
N TYR E 149 -32.46 39.74 -48.52
CA TYR E 149 -32.52 41.14 -48.89
C TYR E 149 -32.04 41.99 -47.73
N ILE E 150 -31.07 42.86 -48.00
CA ILE E 150 -30.48 43.74 -47.00
C ILE E 150 -31.01 45.15 -47.25
N VAL E 151 -31.67 45.71 -46.24
CA VAL E 151 -32.24 47.06 -46.33
C VAL E 151 -31.22 48.05 -45.79
N CYS E 152 -30.87 49.04 -46.61
CA CYS E 152 -29.84 50.00 -46.24
C CYS E 152 -30.33 51.40 -46.58
N SER E 153 -29.47 52.39 -46.41
CA SER E 153 -29.79 53.79 -46.65
C SER E 153 -28.50 54.55 -46.88
N GLY E 154 -28.64 55.84 -47.22
CA GLY E 154 -27.49 56.64 -47.60
C GLY E 154 -26.54 56.96 -46.46
N GLU E 155 -27.00 56.86 -45.22
CA GLU E 155 -26.14 57.09 -44.07
C GLU E 155 -25.00 56.07 -44.05
N MET E 156 -23.87 56.45 -43.47
CA MET E 156 -22.79 55.48 -43.34
C MET E 156 -23.23 54.23 -42.61
N MET E 157 -23.83 54.41 -41.43
CA MET E 157 -24.09 53.27 -40.55
C MET E 157 -24.86 52.19 -41.30
N ALA E 158 -25.76 52.60 -42.19
CA ALA E 158 -26.46 51.65 -43.03
C ALA E 158 -25.53 50.84 -43.93
N MET E 159 -24.65 51.52 -44.67
CA MET E 159 -23.78 50.79 -45.60
C MET E 159 -22.74 49.96 -44.87
N TYR E 160 -22.18 50.50 -43.79
CA TYR E 160 -21.26 49.73 -42.96
C TYR E 160 -21.91 48.48 -42.40
N ALA E 161 -23.12 48.60 -41.87
CA ALA E 161 -23.81 47.43 -41.34
C ALA E 161 -24.16 46.46 -42.44
N ALA E 162 -24.54 46.95 -43.63
CA ALA E 162 -24.84 46.06 -44.74
C ALA E 162 -23.61 45.28 -45.16
N ASN E 163 -22.46 45.95 -45.20
CA ASN E 163 -21.20 45.26 -45.52
C ASN E 163 -20.87 44.21 -44.47
N ASN E 164 -21.06 44.55 -43.19
CA ASN E 164 -20.80 43.58 -42.13
C ASN E 164 -21.73 42.38 -42.23
N ILE E 165 -23.01 42.63 -42.51
CA ILE E 165 -23.98 41.55 -42.61
C ILE E 165 -23.68 40.66 -43.81
N SER E 166 -23.27 41.24 -44.92
CA SER E 166 -22.88 40.42 -46.07
C SER E 166 -21.65 39.59 -45.75
N LYS E 167 -20.70 40.17 -45.02
CA LYS E 167 -19.52 39.43 -44.59
C LYS E 167 -19.90 38.23 -43.74
N GLY E 168 -20.86 38.42 -42.84
CA GLY E 168 -21.37 37.29 -42.08
C GLY E 168 -22.14 36.30 -42.94
N ILE E 169 -22.84 36.80 -43.95
CA ILE E 169 -23.69 35.97 -44.80
C ILE E 169 -22.85 35.00 -45.62
N VAL E 170 -21.67 35.45 -46.05
CA VAL E 170 -20.76 34.70 -46.92
C VAL E 170 -20.65 33.24 -46.50
N LYS E 171 -20.52 32.97 -45.19
CA LYS E 171 -20.25 31.60 -44.76
C LYS E 171 -21.47 30.71 -44.96
N TYR E 172 -22.66 31.22 -44.67
CA TYR E 172 -23.87 30.45 -44.92
C TYR E 172 -24.13 30.29 -46.41
N ALA E 173 -23.80 31.31 -47.20
CA ALA E 173 -23.93 31.20 -48.64
C ALA E 173 -23.03 30.10 -49.19
N ASN E 174 -21.81 29.99 -48.67
CA ASN E 174 -20.89 28.95 -49.13
C ASN E 174 -21.32 27.58 -48.64
N SER E 175 -21.75 27.48 -47.38
CA SER E 175 -22.15 26.19 -46.83
C SER E 175 -23.49 25.70 -47.41
N GLY E 176 -24.30 26.60 -47.94
CA GLY E 176 -25.63 26.25 -48.41
C GLY E 176 -25.91 26.85 -49.77
N SER E 177 -27.19 27.18 -49.99
CA SER E 177 -27.65 27.71 -51.26
C SER E 177 -28.28 29.09 -51.15
N VAL E 178 -28.19 29.74 -49.99
CA VAL E 178 -28.74 31.09 -49.83
C VAL E 178 -27.93 32.07 -50.65
N ARG E 179 -28.62 33.06 -51.23
CA ARG E 179 -27.99 34.06 -52.07
C ARG E 179 -28.56 35.44 -51.76
N LEU E 180 -27.75 36.45 -51.97
CA LEU E 180 -28.16 37.84 -51.77
C LEU E 180 -28.89 38.33 -53.01
N GLY E 181 -30.21 38.53 -52.88
CA GLY E 181 -31.02 38.94 -54.01
C GLY E 181 -30.94 40.40 -54.36
N GLY E 182 -30.45 41.23 -53.46
CA GLY E 182 -30.29 42.64 -53.74
C GLY E 182 -30.37 43.47 -52.47
N LEU E 183 -30.38 44.78 -52.66
CA LEU E 183 -30.46 45.74 -51.59
C LEU E 183 -31.72 46.59 -51.75
N ILE E 184 -32.39 46.87 -50.65
CA ILE E 184 -33.59 47.70 -50.63
C ILE E 184 -33.22 49.00 -49.91
N CYS E 185 -33.42 50.13 -50.59
CA CYS E 185 -32.99 51.42 -50.06
C CYS E 185 -34.17 52.13 -49.43
N ASN E 186 -34.18 52.16 -48.09
CA ASN E 186 -35.11 52.98 -47.32
C ASN E 186 -34.45 54.34 -47.11
N SER E 187 -34.86 55.30 -47.93
CA SER E 187 -34.14 56.58 -48.04
C SER E 187 -34.10 57.31 -46.71
N ARG E 188 -32.95 57.93 -46.44
CA ARG E 188 -32.78 58.69 -45.21
C ARG E 188 -32.51 60.16 -45.49
N ASN E 189 -32.83 60.64 -46.71
CA ASN E 189 -32.63 62.04 -47.09
C ASN E 189 -31.18 62.47 -46.93
N THR E 190 -30.27 61.63 -47.40
CA THR E 190 -28.85 61.96 -47.37
C THR E 190 -28.50 62.91 -48.51
N ASP E 191 -27.23 63.33 -48.53
CA ASP E 191 -26.79 64.24 -49.58
C ASP E 191 -26.85 63.59 -50.95
N ARG E 192 -26.49 62.31 -51.03
CA ARG E 192 -26.47 61.59 -52.30
C ARG E 192 -27.53 60.50 -52.38
N GLU E 193 -27.61 59.65 -51.35
CA GLU E 193 -28.59 58.56 -51.27
C GLU E 193 -28.38 57.63 -52.46
N ASP E 194 -29.19 57.72 -53.52
CA ASP E 194 -29.23 56.78 -54.63
C ASP E 194 -27.84 56.36 -55.08
N GLU E 195 -27.02 57.33 -55.49
CA GLU E 195 -25.72 57.02 -56.04
C GLU E 195 -24.86 56.24 -55.05
N LEU E 196 -24.88 56.65 -53.79
CA LEU E 196 -24.06 55.96 -52.78
C LEU E 196 -24.53 54.52 -52.59
N ILE E 197 -25.82 54.26 -52.80
CA ILE E 197 -26.34 52.92 -52.53
C ILE E 197 -25.97 51.96 -53.65
N ILE E 198 -26.33 52.30 -54.89
CA ILE E 198 -26.09 51.40 -56.01
C ILE E 198 -24.60 51.10 -56.13
N ALA E 199 -23.75 52.11 -55.88
CA ALA E 199 -22.31 51.89 -55.89
C ALA E 199 -21.93 50.78 -54.91
N LEU E 200 -22.40 50.89 -53.67
CA LEU E 200 -22.17 49.83 -52.70
C LEU E 200 -22.67 48.50 -53.23
N ALA E 201 -23.86 48.49 -53.84
CA ALA E 201 -24.38 47.26 -54.42
C ALA E 201 -23.42 46.73 -55.46
N ASN E 202 -22.94 47.60 -56.36
CA ASN E 202 -21.98 47.15 -57.36
C ASN E 202 -20.69 46.69 -56.73
N LYS E 203 -20.34 47.26 -55.58
CA LYS E 203 -19.15 46.80 -54.88
C LYS E 203 -19.38 45.44 -54.23
N LEU E 204 -20.62 45.15 -53.83
CA LEU E 204 -20.93 43.87 -53.22
C LEU E 204 -21.31 42.80 -54.23
N GLY E 205 -21.32 43.14 -55.52
CA GLY E 205 -21.71 42.20 -56.55
C GLY E 205 -23.20 42.05 -56.74
N THR E 206 -24.00 42.81 -56.01
CA THR E 206 -25.45 42.72 -56.05
C THR E 206 -26.03 44.02 -56.62
N GLN E 207 -27.35 44.11 -56.60
CA GLN E 207 -28.08 45.23 -57.19
C GLN E 207 -28.88 45.96 -56.13
N MET E 208 -29.45 47.09 -56.56
CA MET E 208 -30.45 47.82 -55.77
C MET E 208 -31.82 47.47 -56.34
N ILE E 209 -32.60 46.72 -55.58
CA ILE E 209 -33.90 46.26 -56.06
C ILE E 209 -34.83 47.45 -56.29
N HIS E 210 -34.87 48.39 -55.35
CA HIS E 210 -35.82 49.50 -55.44
C HIS E 210 -35.45 50.57 -54.43
N PHE E 211 -36.06 51.75 -54.63
CA PHE E 211 -35.86 52.93 -53.79
C PHE E 211 -37.14 53.17 -52.99
N VAL E 212 -37.04 53.07 -51.67
CA VAL E 212 -38.16 53.34 -50.78
C VAL E 212 -37.91 54.69 -50.12
N PRO E 213 -38.67 55.73 -50.47
CA PRO E 213 -38.40 57.06 -49.93
C PRO E 213 -38.99 57.24 -48.53
N ARG E 214 -38.74 58.43 -47.98
CA ARG E 214 -39.43 58.89 -46.79
C ARG E 214 -40.73 59.60 -47.11
N ASP E 215 -41.81 59.08 -46.56
CA ASP E 215 -43.12 59.72 -46.56
C ASP E 215 -43.75 59.50 -45.21
N ASN E 216 -44.42 60.53 -44.70
CA ASN E 216 -45.00 60.43 -43.37
C ASN E 216 -46.26 59.57 -43.33
N VAL E 217 -46.77 59.15 -44.50
CA VAL E 217 -47.90 58.23 -44.51
C VAL E 217 -47.52 56.92 -43.85
N VAL E 218 -46.23 56.57 -43.88
CA VAL E 218 -45.75 55.37 -43.19
C VAL E 218 -45.99 55.51 -41.69
N GLN E 219 -45.59 56.65 -41.13
CA GLN E 219 -45.80 56.89 -39.70
C GLN E 219 -47.28 56.97 -39.36
N ARG E 220 -48.07 57.59 -40.23
CA ARG E 220 -49.51 57.68 -39.98
C ARG E 220 -50.17 56.31 -39.97
N ALA E 221 -49.82 55.44 -40.92
CA ALA E 221 -50.35 54.08 -40.90
C ALA E 221 -49.82 53.31 -39.70
N GLU E 222 -48.60 53.62 -39.26
CA GLU E 222 -48.04 52.98 -38.07
C GLU E 222 -48.85 53.33 -36.83
N ILE E 223 -49.27 54.60 -36.72
CA ILE E 223 -50.21 54.97 -35.66
C ILE E 223 -51.53 54.21 -35.85
N ARG E 224 -52.01 54.14 -37.09
CA ARG E 224 -53.23 53.37 -37.36
C ARG E 224 -53.00 51.87 -37.23
N ARG E 225 -51.77 51.45 -36.93
CA ARG E 225 -51.39 50.04 -36.74
C ARG E 225 -51.83 49.17 -37.92
N MET E 226 -51.75 49.73 -39.12
CA MET E 226 -52.04 49.00 -40.35
C MET E 226 -51.07 49.47 -41.42
N THR E 227 -51.04 48.72 -42.52
CA THR E 227 -50.07 48.98 -43.59
C THR E 227 -50.47 50.21 -44.40
N VAL E 228 -49.47 50.79 -45.07
CA VAL E 228 -49.73 51.93 -45.94
C VAL E 228 -50.63 51.54 -47.10
N ILE E 229 -50.48 50.30 -47.58
CA ILE E 229 -51.32 49.80 -48.66
C ILE E 229 -52.78 49.90 -48.29
N GLU E 230 -53.12 49.55 -47.05
CA GLU E 230 -54.52 49.53 -46.65
C GLU E 230 -54.94 50.81 -45.93
N TYR E 231 -53.97 51.59 -45.44
CA TYR E 231 -54.32 52.86 -44.80
C TYR E 231 -54.82 53.86 -45.84
N ASP E 232 -54.11 54.01 -46.95
CA ASP E 232 -54.55 54.87 -48.04
C ASP E 232 -54.00 54.23 -49.31
N PRO E 233 -54.84 53.47 -50.02
CA PRO E 233 -54.33 52.62 -51.10
C PRO E 233 -53.77 53.38 -52.30
N LYS E 234 -53.88 54.70 -52.30
CA LYS E 234 -53.28 55.50 -53.36
C LYS E 234 -52.62 56.73 -52.76
N ALA E 235 -51.36 56.60 -52.35
CA ALA E 235 -50.72 57.67 -51.58
C ALA E 235 -49.26 57.83 -52.00
N LYS E 236 -48.95 57.47 -53.25
CA LYS E 236 -47.62 57.67 -53.82
C LYS E 236 -46.56 56.81 -53.10
N GLN E 237 -47.01 56.09 -52.08
CA GLN E 237 -46.17 55.10 -51.41
C GLN E 237 -46.79 53.72 -51.55
N ALA E 238 -48.12 53.66 -51.63
CA ALA E 238 -48.78 52.38 -51.85
C ALA E 238 -48.39 51.80 -53.20
N ASP E 239 -48.46 52.61 -54.26
CA ASP E 239 -48.03 52.17 -55.57
C ASP E 239 -46.55 51.81 -55.58
N GLU E 240 -45.76 52.57 -54.83
CA GLU E 240 -44.33 52.29 -54.75
C GLU E 240 -44.07 50.97 -54.03
N TYR E 241 -44.85 50.67 -53.00
CA TYR E 241 -44.75 49.38 -52.34
C TYR E 241 -45.16 48.23 -53.25
N ARG E 242 -46.20 48.41 -54.09
CA ARG E 242 -46.57 47.36 -55.03
C ARG E 242 -45.50 47.20 -56.11
N ALA E 243 -44.84 48.30 -56.48
CA ALA E 243 -43.75 48.19 -57.46
C ALA E 243 -42.60 47.38 -56.87
N LEU E 244 -42.25 47.69 -55.62
CA LEU E 244 -41.29 46.88 -54.89
C LEU E 244 -41.74 45.42 -54.85
N ALA E 245 -43.04 45.19 -54.67
CA ALA E 245 -43.56 43.82 -54.64
C ALA E 245 -43.31 43.09 -55.96
N ARG E 246 -43.65 43.72 -57.09
CA ARG E 246 -43.35 43.09 -58.38
C ARG E 246 -41.86 42.84 -58.55
N LYS E 247 -41.00 43.81 -58.21
CA LYS E 247 -39.57 43.59 -58.47
C LYS E 247 -38.99 42.54 -57.54
N VAL E 248 -39.63 42.28 -56.40
CA VAL E 248 -39.27 41.08 -55.64
C VAL E 248 -39.78 39.83 -56.33
N VAL E 249 -41.01 39.87 -56.84
CA VAL E 249 -41.59 38.68 -57.48
C VAL E 249 -40.79 38.30 -58.71
N ASP E 250 -40.49 39.26 -59.56
CA ASP E 250 -39.69 39.03 -60.77
C ASP E 250 -38.22 39.38 -60.52
N ASN E 251 -37.56 38.60 -59.68
CA ASN E 251 -36.16 38.81 -59.35
C ASN E 251 -35.39 37.52 -59.58
N LYS E 252 -34.24 37.63 -60.27
CA LYS E 252 -33.44 36.47 -60.60
C LYS E 252 -31.94 36.67 -60.37
N LEU E 253 -31.50 37.84 -59.92
CA LEU E 253 -30.09 38.08 -59.66
C LEU E 253 -29.77 37.66 -58.23
N LEU E 254 -29.34 36.41 -58.08
CA LEU E 254 -29.00 35.82 -56.78
C LEU E 254 -27.51 35.54 -56.78
N VAL E 255 -26.75 36.31 -56.01
CA VAL E 255 -25.28 36.27 -56.06
C VAL E 255 -24.75 36.06 -54.65
N ILE E 256 -23.46 35.73 -54.58
CA ILE E 256 -22.71 35.65 -53.33
C ILE E 256 -21.95 36.96 -53.15
N PRO E 257 -22.27 37.75 -52.13
CA PRO E 257 -21.64 39.07 -51.99
C PRO E 257 -20.14 39.00 -51.77
N ASN E 258 -19.41 39.98 -52.30
CA ASN E 258 -17.99 40.11 -52.03
C ASN E 258 -17.79 41.29 -51.09
N PRO E 259 -17.55 41.05 -49.80
CA PRO E 259 -17.41 42.17 -48.85
C PRO E 259 -16.20 43.03 -49.16
N ILE E 260 -16.35 44.32 -48.89
CA ILE E 260 -15.30 45.28 -49.12
C ILE E 260 -14.65 45.65 -47.79
N THR E 261 -13.41 46.11 -47.84
CA THR E 261 -12.69 46.46 -46.64
C THR E 261 -13.09 47.85 -46.16
N MET E 262 -12.66 48.19 -44.94
CA MET E 262 -13.04 49.46 -44.35
C MET E 262 -12.48 50.64 -45.13
N ASP E 263 -11.23 50.53 -45.60
CA ASP E 263 -10.66 51.60 -46.41
C ASP E 263 -11.42 51.76 -47.72
N GLU E 264 -11.82 50.65 -48.34
CA GLU E 264 -12.63 50.73 -49.54
C GLU E 264 -13.97 51.39 -49.25
N LEU E 265 -14.55 51.09 -48.09
CA LEU E 265 -15.83 51.71 -47.72
C LEU E 265 -15.68 53.21 -47.54
N GLU E 266 -14.59 53.64 -46.89
CA GLU E 266 -14.31 55.07 -46.74
C GLU E 266 -13.99 55.73 -48.06
N GLU E 267 -13.48 54.99 -49.03
CA GLU E 267 -13.28 55.64 -50.35
C GLU E 267 -14.66 56.01 -50.88
N LEU E 268 -15.53 55.02 -51.03
CA LEU E 268 -16.86 55.24 -51.62
C LEU E 268 -17.54 56.45 -50.97
N LEU E 269 -17.17 56.76 -49.73
CA LEU E 269 -17.73 57.97 -49.09
C LEU E 269 -17.36 59.16 -49.95
N MET E 270 -16.12 59.63 -49.83
CA MET E 270 -15.67 60.79 -50.62
C MET E 270 -16.05 60.60 -52.08
N GLU E 271 -15.81 59.41 -52.62
CA GLU E 271 -16.03 59.12 -54.06
C GLU E 271 -17.24 59.81 -54.66
N PHE E 272 -18.31 59.93 -53.88
CA PHE E 272 -19.55 60.42 -54.45
C PHE E 272 -19.96 61.75 -53.84
N ALA F 2 -16.18 63.17 -9.71
CA ALA F 2 -15.57 61.88 -9.35
C ALA F 2 -15.61 60.96 -10.57
N MET F 3 -16.80 60.65 -11.06
CA MET F 3 -16.97 59.75 -12.21
C MET F 3 -18.46 59.60 -12.45
N ARG F 4 -18.96 60.03 -13.61
CA ARG F 4 -20.42 60.02 -13.85
C ARG F 4 -20.94 58.65 -14.29
N GLN F 5 -20.11 57.77 -14.85
CA GLN F 5 -20.54 56.41 -15.19
C GLN F 5 -21.90 56.38 -15.88
N CYS F 6 -21.97 56.91 -17.09
CA CYS F 6 -23.21 56.96 -17.86
C CYS F 6 -23.27 55.80 -18.84
N ALA F 7 -24.48 55.36 -19.17
CA ALA F 7 -24.71 54.31 -20.14
C ALA F 7 -25.79 54.77 -21.12
N ILE F 8 -25.56 54.55 -22.41
CA ILE F 8 -26.45 55.01 -23.46
C ILE F 8 -27.13 53.82 -24.10
N TYR F 9 -28.45 53.77 -24.00
CA TYR F 9 -29.28 52.75 -24.62
C TYR F 9 -30.26 53.43 -25.57
N GLY F 10 -31.04 52.62 -26.28
CA GLY F 10 -32.07 53.17 -27.14
C GLY F 10 -32.35 52.25 -28.31
N LYS F 11 -33.17 52.77 -29.22
CA LYS F 11 -33.51 52.04 -30.44
C LYS F 11 -32.28 51.86 -31.32
N GLY F 12 -32.19 50.71 -31.98
CA GLY F 12 -31.10 50.46 -32.90
C GLY F 12 -31.06 51.48 -34.02
N GLY F 13 -29.88 52.03 -34.28
CA GLY F 13 -29.73 53.00 -35.34
C GLY F 13 -30.48 54.30 -35.12
N ILE F 14 -30.81 54.63 -33.87
CA ILE F 14 -31.50 55.89 -33.59
C ILE F 14 -30.53 57.05 -33.47
N GLY F 15 -29.23 56.78 -33.41
CA GLY F 15 -28.24 57.83 -33.31
C GLY F 15 -27.47 57.77 -32.01
N LYS F 16 -27.34 56.57 -31.45
CA LYS F 16 -26.69 56.39 -30.16
C LYS F 16 -25.23 56.83 -30.17
N SER F 17 -24.40 56.20 -31.01
CA SER F 17 -22.97 56.47 -30.98
C SER F 17 -22.60 57.83 -31.54
N THR F 18 -23.32 58.29 -32.56
CA THR F 18 -23.05 59.62 -33.12
C THR F 18 -23.29 60.69 -32.07
N THR F 19 -24.46 60.63 -31.42
CA THR F 19 -24.79 61.57 -30.36
C THR F 19 -23.82 61.45 -29.19
N THR F 20 -23.45 60.22 -28.85
CA THR F 20 -22.53 60.01 -27.74
C THR F 20 -21.17 60.63 -28.02
N GLN F 21 -20.65 60.42 -29.23
CA GLN F 21 -19.36 60.98 -29.61
C GLN F 21 -19.41 62.50 -29.65
N ASN F 22 -20.51 63.06 -30.16
CA ASN F 22 -20.64 64.52 -30.19
C ASN F 22 -20.70 65.09 -28.78
N LEU F 23 -21.45 64.44 -27.90
CA LEU F 23 -21.45 64.80 -26.47
C LEU F 23 -20.06 64.74 -25.87
N VAL F 24 -19.34 63.66 -26.13
CA VAL F 24 -18.02 63.45 -25.54
C VAL F 24 -17.05 64.52 -26.02
N ALA F 25 -17.10 64.85 -27.30
CA ALA F 25 -16.28 65.94 -27.82
C ALA F 25 -16.66 67.26 -27.16
N ALA F 26 -17.96 67.51 -26.97
CA ALA F 26 -18.41 68.74 -26.33
C ALA F 26 -17.85 68.86 -24.92
N LEU F 27 -17.98 67.81 -24.10
CA LEU F 27 -17.41 67.85 -22.76
C LEU F 27 -15.89 67.89 -22.76
N ALA F 28 -15.24 67.27 -23.75
CA ALA F 28 -13.80 67.37 -23.84
C ALA F 28 -13.37 68.80 -24.11
N GLU F 29 -14.19 69.55 -24.84
CA GLU F 29 -13.93 70.97 -25.01
C GLU F 29 -14.05 71.72 -23.69
N MET F 30 -14.99 71.29 -22.84
CA MET F 30 -15.16 71.89 -21.52
C MET F 30 -14.09 71.42 -20.54
N GLY F 31 -13.11 70.68 -21.02
CA GLY F 31 -12.00 70.26 -20.19
C GLY F 31 -12.32 69.28 -19.09
N LYS F 32 -13.12 68.25 -19.39
CA LYS F 32 -13.36 67.15 -18.48
C LYS F 32 -13.06 65.84 -19.18
N LYS F 33 -12.20 65.02 -18.57
CA LYS F 33 -11.72 63.80 -19.20
C LYS F 33 -12.82 62.74 -19.28
N VAL F 34 -12.71 61.87 -20.28
CA VAL F 34 -13.72 60.89 -20.62
C VAL F 34 -13.04 59.60 -21.10
N MET F 35 -13.83 58.54 -21.24
CA MET F 35 -13.34 57.28 -21.82
C MET F 35 -14.51 56.45 -22.31
N ILE F 36 -14.74 56.45 -23.62
CA ILE F 36 -15.89 55.76 -24.23
C ILE F 36 -15.63 54.26 -24.30
N VAL F 37 -16.65 53.45 -23.94
CA VAL F 37 -16.61 52.00 -24.09
C VAL F 37 -17.87 51.53 -24.82
N GLY F 38 -17.71 50.70 -25.84
CA GLY F 38 -18.86 50.24 -26.61
C GLY F 38 -19.37 48.89 -26.13
N CYS F 39 -20.57 48.50 -26.58
CA CYS F 39 -21.23 47.27 -26.11
C CYS F 39 -21.92 46.48 -27.22
N ASP F 40 -21.25 46.27 -28.36
CA ASP F 40 -21.78 45.42 -29.43
C ASP F 40 -20.65 45.03 -30.37
N PRO F 41 -20.73 43.88 -31.06
CA PRO F 41 -19.54 43.37 -31.77
C PRO F 41 -18.94 44.28 -32.86
N LYS F 42 -19.75 44.98 -33.67
CA LYS F 42 -19.20 45.55 -34.91
C LYS F 42 -18.20 46.67 -34.68
N ALA F 43 -18.15 47.25 -33.48
CA ALA F 43 -17.07 48.15 -33.05
C ALA F 43 -16.93 49.38 -33.96
N ASP F 44 -17.96 50.22 -33.95
CA ASP F 44 -17.86 51.53 -34.58
C ASP F 44 -18.39 52.63 -33.66
N SER F 45 -18.25 52.45 -32.34
CA SER F 45 -18.73 53.42 -31.38
C SER F 45 -17.73 54.53 -31.09
N THR F 46 -16.59 54.53 -31.78
CA THR F 46 -15.55 55.53 -31.43
C THR F 46 -14.95 56.21 -32.66
N ARG F 47 -15.08 55.66 -33.86
CA ARG F 47 -14.46 56.21 -35.08
C ARG F 47 -14.47 57.73 -35.05
N LEU F 48 -15.64 58.32 -34.84
CA LEU F 48 -15.74 59.80 -34.87
C LEU F 48 -14.62 60.37 -34.02
N ILE F 49 -14.26 59.73 -32.88
CA ILE F 49 -13.05 60.19 -32.21
C ILE F 49 -12.06 59.04 -32.12
N LEU F 50 -11.39 58.75 -33.24
CA LEU F 50 -10.09 58.08 -33.24
C LEU F 50 -9.34 58.51 -34.49
N HIS F 51 -9.98 59.35 -35.30
CA HIS F 51 -9.55 59.60 -36.68
C HIS F 51 -9.33 58.30 -37.44
N SER F 52 -10.05 57.25 -37.03
CA SER F 52 -9.89 55.91 -37.60
C SER F 52 -11.04 55.01 -37.18
N LYS F 53 -10.92 53.71 -37.44
CA LYS F 53 -11.96 52.75 -37.09
C LYS F 53 -11.34 51.66 -36.22
N ALA F 54 -11.60 51.74 -34.91
CA ALA F 54 -11.47 50.63 -33.97
C ALA F 54 -10.29 49.71 -34.29
N GLN F 55 -9.08 50.27 -34.30
CA GLN F 55 -7.89 49.54 -34.72
C GLN F 55 -7.77 48.19 -34.02
N ASN F 56 -7.69 48.20 -32.70
CA ASN F 56 -7.54 46.98 -31.93
C ASN F 56 -8.64 46.92 -30.87
N THR F 57 -9.42 45.84 -30.90
CA THR F 57 -10.52 45.64 -29.98
C THR F 57 -10.24 44.43 -29.10
N ILE F 58 -10.85 44.43 -27.92
CA ILE F 58 -10.43 43.52 -26.84
C ILE F 58 -10.44 42.06 -27.30
N MET F 59 -11.55 41.63 -27.93
CA MET F 59 -11.69 40.22 -28.28
C MET F 59 -10.64 39.74 -29.27
N GLU F 60 -10.25 40.59 -30.22
CA GLU F 60 -9.31 40.15 -31.24
C GLU F 60 -7.97 39.74 -30.64
N MET F 61 -7.36 40.62 -29.83
CA MET F 61 -6.07 40.23 -29.24
C MET F 61 -6.27 39.34 -28.03
N ALA F 62 -7.48 39.27 -27.49
CA ALA F 62 -7.78 38.24 -26.49
C ALA F 62 -7.64 36.86 -27.11
N ALA F 63 -8.16 36.69 -28.33
CA ALA F 63 -8.00 35.44 -29.05
C ALA F 63 -6.55 35.27 -29.52
N GLU F 64 -5.93 36.36 -29.98
CA GLU F 64 -4.56 36.28 -30.49
C GLU F 64 -3.58 35.84 -29.41
N ALA F 65 -3.70 36.39 -28.21
CA ALA F 65 -2.86 35.98 -27.10
C ALA F 65 -3.40 34.78 -26.36
N GLY F 66 -4.54 34.26 -26.78
CA GLY F 66 -5.14 33.08 -26.15
C GLY F 66 -6.15 33.39 -25.07
N THR F 67 -5.78 34.21 -24.10
CA THR F 67 -6.64 34.55 -22.98
C THR F 67 -6.57 36.06 -22.75
N VAL F 68 -7.65 36.59 -22.16
CA VAL F 68 -7.68 38.02 -21.84
C VAL F 68 -6.67 38.34 -20.74
N GLU F 69 -6.22 37.32 -20.01
CA GLU F 69 -5.23 37.54 -18.95
C GLU F 69 -3.90 38.00 -19.52
N ASP F 70 -3.57 37.62 -20.75
CA ASP F 70 -2.29 37.95 -21.36
C ASP F 70 -2.31 39.30 -22.07
N LEU F 71 -3.42 40.04 -21.99
CA LEU F 71 -3.52 41.32 -22.66
C LEU F 71 -2.89 42.42 -21.81
N GLU F 72 -2.70 43.58 -22.43
CA GLU F 72 -2.23 44.78 -21.73
C GLU F 72 -3.14 45.93 -22.10
N LEU F 73 -3.34 46.86 -21.17
CA LEU F 73 -4.32 47.91 -21.36
C LEU F 73 -3.85 48.96 -22.38
N GLU F 74 -2.54 49.06 -22.60
CA GLU F 74 -2.03 50.04 -23.57
C GLU F 74 -2.35 49.65 -25.00
N ASP F 75 -2.61 48.37 -25.27
CA ASP F 75 -2.90 47.94 -26.63
C ASP F 75 -4.37 48.06 -27.01
N VAL F 76 -5.24 48.43 -26.06
CA VAL F 76 -6.67 48.50 -26.34
C VAL F 76 -7.11 49.94 -26.17
N LEU F 77 -6.32 50.73 -25.47
CA LEU F 77 -6.67 52.10 -25.16
C LEU F 77 -5.90 53.07 -26.06
N LYS F 78 -6.64 54.06 -26.57
CA LYS F 78 -6.06 55.09 -27.42
C LYS F 78 -6.72 56.42 -27.06
N ALA F 79 -6.08 57.51 -27.45
CA ALA F 79 -6.56 58.84 -27.14
C ALA F 79 -6.68 59.66 -28.42
N GLY F 80 -7.59 60.63 -28.40
CA GLY F 80 -7.79 61.48 -29.55
C GLY F 80 -8.77 62.58 -29.26
N TYR F 81 -8.54 63.73 -29.91
CA TYR F 81 -9.37 64.93 -29.79
C TYR F 81 -9.64 65.28 -28.34
N GLY F 82 -8.58 65.66 -27.63
CA GLY F 82 -8.70 66.11 -26.25
C GLY F 82 -8.52 65.03 -25.21
N GLY F 83 -7.92 63.89 -25.56
CA GLY F 83 -7.77 62.82 -24.61
C GLY F 83 -9.08 62.14 -24.30
N VAL F 84 -9.90 61.93 -25.34
CA VAL F 84 -11.19 61.30 -25.17
C VAL F 84 -11.04 59.86 -24.67
N LYS F 85 -9.90 59.23 -24.92
CA LYS F 85 -9.53 57.94 -24.36
C LYS F 85 -10.52 56.85 -24.74
N CYS F 86 -10.62 56.55 -26.02
CA CYS F 86 -11.59 55.59 -26.53
C CYS F 86 -11.07 54.16 -26.42
N VAL F 87 -12.02 53.24 -26.23
CA VAL F 87 -11.71 51.82 -26.25
C VAL F 87 -12.89 51.03 -26.81
N GLU F 88 -12.68 50.37 -27.94
CA GLU F 88 -13.64 49.47 -28.53
C GLU F 88 -13.26 48.05 -28.16
N SER F 89 -14.25 47.16 -28.11
CA SER F 89 -13.95 45.81 -27.68
C SER F 89 -14.28 44.77 -28.75
N GLY F 90 -15.14 45.11 -29.70
CA GLY F 90 -15.26 44.28 -30.89
C GLY F 90 -16.09 43.02 -30.70
N GLY F 91 -15.68 41.95 -31.37
CA GLY F 91 -16.34 40.68 -31.20
C GLY F 91 -16.49 39.90 -32.49
N PRO F 92 -17.39 38.92 -32.48
CA PRO F 92 -17.52 38.02 -33.62
C PRO F 92 -18.17 38.69 -34.82
N GLU F 93 -17.92 38.11 -35.98
CA GLU F 93 -18.59 38.51 -37.20
C GLU F 93 -20.08 38.23 -37.08
N PRO F 94 -20.92 38.97 -37.80
CA PRO F 94 -22.37 38.74 -37.71
C PRO F 94 -22.73 37.31 -38.08
N GLY F 95 -23.66 36.74 -37.32
CA GLY F 95 -24.21 35.44 -37.62
C GLY F 95 -23.46 34.25 -37.07
N VAL F 96 -22.50 34.46 -36.17
CA VAL F 96 -21.75 33.36 -35.58
C VAL F 96 -21.30 33.76 -34.19
N GLY F 97 -21.12 32.78 -33.31
CA GLY F 97 -20.58 33.02 -32.00
C GLY F 97 -21.58 33.58 -31.00
N CYS F 98 -21.04 34.27 -30.00
CA CYS F 98 -21.84 34.86 -28.92
C CYS F 98 -21.15 36.16 -28.51
N ALA F 99 -21.80 37.29 -28.78
CA ALA F 99 -21.20 38.59 -28.50
C ALA F 99 -21.44 39.02 -27.05
N GLY F 100 -22.45 38.44 -26.40
CA GLY F 100 -22.69 38.78 -25.00
C GLY F 100 -21.55 38.35 -24.09
N ARG F 101 -21.07 37.12 -24.28
CA ARG F 101 -19.87 36.68 -23.59
C ARG F 101 -18.71 37.64 -23.84
N GLY F 102 -18.59 38.11 -25.07
CA GLY F 102 -17.55 39.07 -25.38
C GLY F 102 -17.66 40.35 -24.56
N VAL F 103 -18.88 40.90 -24.48
CA VAL F 103 -19.06 42.14 -23.72
C VAL F 103 -18.74 41.91 -22.25
N ILE F 104 -19.19 40.77 -21.71
CA ILE F 104 -18.92 40.47 -20.30
C ILE F 104 -17.41 40.39 -20.07
N THR F 105 -16.70 39.69 -20.95
CA THR F 105 -15.27 39.52 -20.79
C THR F 105 -14.53 40.85 -20.91
N ALA F 106 -14.95 41.68 -21.87
CA ALA F 106 -14.28 42.98 -22.06
C ALA F 106 -14.48 43.87 -20.84
N ILE F 107 -15.70 43.93 -20.32
CA ILE F 107 -15.96 44.76 -19.15
C ILE F 107 -15.17 44.24 -17.94
N ASN F 108 -15.14 42.91 -17.79
CA ASN F 108 -14.36 42.32 -16.72
C ASN F 108 -12.88 42.65 -16.85
N PHE F 109 -12.36 42.66 -18.08
CA PHE F 109 -10.95 43.01 -18.28
C PHE F 109 -10.69 44.48 -17.95
N LEU F 110 -11.60 45.36 -18.37
CA LEU F 110 -11.46 46.77 -18.02
C LEU F 110 -11.46 46.98 -16.52
N GLU F 111 -12.25 46.20 -15.79
CA GLU F 111 -12.22 46.27 -14.34
C GLU F 111 -10.92 45.70 -13.78
N GLU F 112 -10.44 44.59 -14.35
CA GLU F 112 -9.28 43.90 -13.79
C GLU F 112 -8.01 44.74 -13.94
N GLU F 113 -7.85 45.41 -15.07
CA GLU F 113 -6.64 46.17 -15.36
C GLU F 113 -6.73 47.62 -14.88
N GLY F 114 -7.73 47.93 -14.06
CA GLY F 114 -7.83 49.25 -13.45
C GLY F 114 -7.89 50.39 -14.46
N ALA F 115 -8.73 50.23 -15.48
CA ALA F 115 -8.86 51.27 -16.49
C ALA F 115 -9.44 52.56 -15.92
N TYR F 116 -10.31 52.45 -14.91
CA TYR F 116 -11.02 53.59 -14.36
C TYR F 116 -10.15 54.21 -13.26
N GLU F 117 -9.31 55.17 -13.65
CA GLU F 117 -8.38 55.81 -12.72
C GLU F 117 -7.90 57.10 -13.38
N ASP F 118 -6.90 57.74 -12.75
CA ASP F 118 -6.27 58.96 -13.25
C ASP F 118 -7.26 60.12 -13.35
N ASP F 119 -8.31 60.09 -12.54
CA ASP F 119 -9.21 61.22 -12.33
C ASP F 119 -9.83 61.69 -13.65
N LEU F 120 -10.63 60.81 -14.22
CA LEU F 120 -11.48 61.13 -15.36
C LEU F 120 -12.93 61.14 -14.92
N ASP F 121 -13.74 61.98 -15.56
CA ASP F 121 -15.05 62.29 -15.00
C ASP F 121 -16.15 61.41 -15.59
N PHE F 122 -16.10 61.13 -16.89
CA PHE F 122 -17.19 60.44 -17.56
C PHE F 122 -16.67 59.20 -18.27
N VAL F 123 -17.53 58.19 -18.39
CA VAL F 123 -17.19 56.96 -19.12
C VAL F 123 -18.04 56.85 -20.39
N PHE F 124 -19.36 56.85 -20.21
CA PHE F 124 -20.30 56.78 -21.32
C PHE F 124 -20.19 55.50 -22.14
N TYR F 125 -20.54 54.37 -21.53
CA TYR F 125 -20.76 53.12 -22.25
C TYR F 125 -21.88 53.38 -23.26
N ASP F 126 -21.68 52.91 -24.49
CA ASP F 126 -22.72 53.00 -25.51
C ASP F 126 -23.07 51.59 -25.97
N VAL F 127 -24.32 51.22 -25.80
CA VAL F 127 -24.79 49.86 -26.03
C VAL F 127 -25.59 49.81 -27.31
N LEU F 128 -25.71 48.61 -27.88
CA LEU F 128 -26.49 48.41 -29.09
C LEU F 128 -27.98 48.58 -28.81
N GLY F 129 -28.75 48.68 -29.89
CA GLY F 129 -30.18 48.86 -29.76
C GLY F 129 -30.92 47.59 -29.46
N ASP F 130 -30.30 46.44 -29.69
CA ASP F 130 -30.92 45.14 -29.50
C ASP F 130 -30.24 44.44 -28.33
N VAL F 131 -30.70 44.72 -27.11
CA VAL F 131 -30.17 44.09 -25.92
C VAL F 131 -30.86 42.72 -25.83
N VAL F 132 -30.25 41.73 -26.48
CA VAL F 132 -30.91 40.43 -26.66
C VAL F 132 -30.49 39.41 -25.63
N CYS F 133 -29.58 39.76 -24.73
CA CYS F 133 -29.08 38.82 -23.74
C CYS F 133 -28.55 39.60 -22.55
N GLY F 134 -28.23 38.88 -21.48
CA GLY F 134 -27.77 39.52 -20.27
C GLY F 134 -26.41 40.19 -20.43
N GLY F 135 -25.57 39.68 -21.32
CA GLY F 135 -24.25 40.23 -21.49
C GLY F 135 -24.27 41.70 -21.87
N PHE F 136 -25.16 42.08 -22.79
CA PHE F 136 -25.30 43.47 -23.20
C PHE F 136 -25.87 44.34 -22.08
N ALA F 137 -26.42 43.74 -21.03
CA ALA F 137 -26.84 44.47 -19.84
C ALA F 137 -25.74 44.56 -18.80
N MET F 138 -24.53 44.12 -19.14
CA MET F 138 -23.42 44.21 -18.20
C MET F 138 -23.10 45.63 -17.76
N PRO F 139 -23.14 46.66 -18.61
CA PRO F 139 -22.80 48.01 -18.14
C PRO F 139 -23.68 48.53 -17.02
N ILE F 140 -24.91 48.04 -16.89
CA ILE F 140 -25.83 48.51 -15.86
C ILE F 140 -25.86 47.57 -14.66
N ARG F 141 -24.81 46.77 -14.49
CA ARG F 141 -24.62 45.95 -13.30
C ARG F 141 -24.14 46.83 -12.15
N GLU F 142 -23.99 46.23 -10.97
CA GLU F 142 -23.50 46.97 -9.82
C GLU F 142 -22.04 47.35 -10.02
N ASN F 143 -21.65 48.48 -9.39
CA ASN F 143 -20.31 49.02 -9.51
C ASN F 143 -19.94 49.28 -10.96
N LYS F 144 -20.91 49.81 -11.71
CA LYS F 144 -20.75 50.07 -13.13
C LYS F 144 -21.49 51.37 -13.43
N ALA F 145 -21.78 51.61 -14.71
CA ALA F 145 -22.53 52.78 -15.11
C ALA F 145 -23.84 52.89 -14.33
N GLN F 146 -23.99 53.94 -13.53
CA GLN F 146 -25.20 54.09 -12.72
C GLN F 146 -26.13 55.17 -13.24
N GLU F 147 -25.83 55.79 -14.37
CA GLU F 147 -26.73 56.71 -15.03
C GLU F 147 -27.05 56.18 -16.42
N ILE F 148 -28.34 56.15 -16.75
CA ILE F 148 -28.82 55.62 -18.02
C ILE F 148 -29.55 56.72 -18.78
N TYR F 149 -29.10 57.00 -20.00
CA TYR F 149 -29.78 57.92 -20.89
C TYR F 149 -30.27 57.14 -22.10
N ILE F 150 -31.57 57.23 -22.37
CA ILE F 150 -32.19 56.50 -23.46
C ILE F 150 -32.38 57.48 -24.62
N VAL F 151 -31.72 57.20 -25.75
CA VAL F 151 -31.87 58.04 -26.93
C VAL F 151 -33.06 57.54 -27.73
N CYS F 152 -34.05 58.41 -27.93
CA CYS F 152 -35.30 58.05 -28.57
C CYS F 152 -35.58 59.03 -29.71
N SER F 153 -36.77 58.90 -30.29
CA SER F 153 -37.22 59.78 -31.36
C SER F 153 -38.73 59.66 -31.49
N GLY F 154 -39.29 60.52 -32.34
CA GLY F 154 -40.73 60.58 -32.55
C GLY F 154 -41.35 59.31 -33.12
N GLU F 155 -40.56 58.56 -33.90
CA GLU F 155 -41.05 57.33 -34.52
C GLU F 155 -41.57 56.37 -33.46
N MET F 156 -42.68 55.70 -33.74
CA MET F 156 -43.34 54.90 -32.71
C MET F 156 -42.47 53.71 -32.31
N MET F 157 -41.73 53.16 -33.26
CA MET F 157 -40.81 52.07 -32.96
C MET F 157 -39.77 52.51 -31.93
N ALA F 158 -39.34 53.77 -31.99
CA ALA F 158 -38.38 54.28 -31.03
C ALA F 158 -38.97 54.31 -29.62
N MET F 159 -40.26 54.55 -29.57
CA MET F 159 -40.97 54.55 -28.28
C MET F 159 -41.08 53.12 -27.74
N TYR F 160 -41.66 52.21 -28.50
CA TYR F 160 -41.83 50.81 -28.02
C TYR F 160 -40.49 50.30 -27.50
N ALA F 161 -39.42 50.62 -28.21
CA ALA F 161 -38.08 50.20 -27.78
C ALA F 161 -37.80 50.84 -26.42
N ALA F 162 -37.82 52.17 -26.37
CA ALA F 162 -37.49 52.80 -25.09
C ALA F 162 -38.28 52.21 -23.95
N ASN F 163 -39.58 51.98 -24.16
CA ASN F 163 -40.42 51.37 -23.13
C ASN F 163 -39.95 49.96 -22.81
N ASN F 164 -39.62 49.19 -23.85
CA ASN F 164 -39.18 47.81 -23.63
C ASN F 164 -37.84 47.79 -22.90
N ILE F 165 -36.97 48.74 -23.21
CA ILE F 165 -35.68 48.85 -22.54
C ILE F 165 -35.87 49.20 -21.08
N SER F 166 -36.82 50.09 -20.78
CA SER F 166 -37.14 50.39 -19.39
C SER F 166 -37.66 49.15 -18.66
N LYS F 167 -38.51 48.37 -19.34
CA LYS F 167 -39.01 47.13 -18.77
C LYS F 167 -37.87 46.17 -18.44
N GLY F 168 -36.87 46.10 -19.31
CA GLY F 168 -35.72 45.27 -19.04
C GLY F 168 -34.77 45.87 -18.02
N ILE F 169 -34.86 47.19 -17.81
CA ILE F 169 -33.93 47.88 -16.93
C ILE F 169 -34.37 47.79 -15.49
N VAL F 170 -35.69 47.68 -15.25
CA VAL F 170 -36.19 47.72 -13.88
C VAL F 170 -35.55 46.64 -13.01
N LYS F 171 -35.21 45.48 -13.60
CA LYS F 171 -34.65 44.40 -12.78
C LYS F 171 -33.25 44.75 -12.29
N TYR F 172 -32.50 45.56 -13.03
CA TYR F 172 -31.20 46.04 -12.57
C TYR F 172 -31.29 47.30 -11.73
N ALA F 173 -32.35 48.08 -11.93
CA ALA F 173 -32.53 49.29 -11.12
C ALA F 173 -33.00 48.95 -9.72
N ASN F 174 -33.88 47.95 -9.59
CA ASN F 174 -34.38 47.56 -8.28
C ASN F 174 -33.29 46.89 -7.45
N SER F 175 -32.44 46.09 -8.07
CA SER F 175 -31.40 45.35 -7.36
C SER F 175 -30.16 46.19 -7.08
N GLY F 176 -30.00 47.33 -7.71
CA GLY F 176 -28.82 48.14 -7.51
C GLY F 176 -29.07 49.63 -7.48
N SER F 177 -28.03 50.42 -7.74
CA SER F 177 -28.11 51.87 -7.70
C SER F 177 -28.20 52.51 -9.07
N VAL F 178 -28.27 51.71 -10.14
CA VAL F 178 -28.42 52.27 -11.48
C VAL F 178 -29.78 52.92 -11.61
N ARG F 179 -29.82 54.07 -12.29
CA ARG F 179 -31.05 54.82 -12.46
C ARG F 179 -31.13 55.39 -13.86
N LEU F 180 -32.34 55.58 -14.35
CA LEU F 180 -32.57 56.17 -15.67
C LEU F 180 -32.29 57.66 -15.57
N GLY F 181 -31.12 58.09 -16.04
CA GLY F 181 -30.74 59.48 -15.91
C GLY F 181 -31.64 60.42 -16.67
N GLY F 182 -32.07 60.02 -17.86
CA GLY F 182 -32.94 60.85 -18.68
C GLY F 182 -33.21 60.28 -20.06
N LEU F 183 -33.62 61.13 -20.99
CA LEU F 183 -34.06 60.64 -22.30
C LEU F 183 -33.66 61.68 -23.35
N ILE F 184 -32.67 61.36 -24.17
CA ILE F 184 -32.24 62.21 -25.27
C ILE F 184 -33.13 61.90 -26.47
N CYS F 185 -33.26 62.87 -27.38
CA CYS F 185 -34.17 62.70 -28.53
C CYS F 185 -33.43 63.15 -29.79
N ASN F 186 -33.03 62.18 -30.60
CA ASN F 186 -32.44 62.46 -31.91
C ASN F 186 -33.56 62.48 -32.95
N SER F 187 -33.87 63.67 -33.46
CA SER F 187 -35.04 63.87 -34.29
C SER F 187 -34.87 63.31 -35.69
N ARG F 188 -35.98 62.93 -36.30
CA ARG F 188 -36.05 62.67 -37.74
C ARG F 188 -37.33 63.27 -38.31
N ASN F 189 -37.71 64.45 -37.81
CA ASN F 189 -38.80 65.24 -38.35
C ASN F 189 -40.11 64.48 -38.44
N THR F 190 -40.67 64.08 -37.30
CA THR F 190 -41.94 63.38 -37.24
C THR F 190 -43.07 64.42 -37.20
N ASP F 191 -44.33 64.04 -36.94
CA ASP F 191 -45.42 65.00 -36.97
C ASP F 191 -45.34 65.97 -35.80
N ARG F 192 -45.46 65.46 -34.58
CA ARG F 192 -45.23 66.26 -33.38
C ARG F 192 -44.11 65.59 -32.59
N GLU F 193 -42.88 65.93 -32.97
CA GLU F 193 -41.71 65.25 -32.41
C GLU F 193 -41.42 65.74 -30.99
N ASP F 194 -41.63 67.02 -30.72
CA ASP F 194 -41.24 67.63 -29.47
C ASP F 194 -42.25 67.38 -28.35
N GLU F 195 -43.44 66.84 -28.66
CA GLU F 195 -44.45 66.59 -27.64
C GLU F 195 -44.61 65.12 -27.32
N LEU F 196 -44.51 64.25 -28.33
CA LEU F 196 -44.58 62.81 -28.11
C LEU F 196 -43.55 62.34 -27.09
N ILE F 197 -42.30 62.79 -27.24
CA ILE F 197 -41.20 62.30 -26.43
C ILE F 197 -41.32 62.84 -25.01
N ILE F 198 -41.78 64.08 -24.86
CA ILE F 198 -42.01 64.61 -23.51
C ILE F 198 -43.13 63.83 -22.83
N ALA F 199 -44.18 63.49 -23.59
CA ALA F 199 -45.25 62.69 -23.02
C ALA F 199 -44.72 61.34 -22.55
N LEU F 200 -43.88 60.72 -23.37
CA LEU F 200 -43.19 59.49 -22.99
C LEU F 200 -42.44 59.66 -21.68
N ALA F 201 -41.65 60.73 -21.60
CA ALA F 201 -40.80 60.97 -20.43
C ALA F 201 -41.65 61.12 -19.17
N ASN F 202 -42.75 61.87 -19.28
CA ASN F 202 -43.63 62.04 -18.12
C ASN F 202 -44.25 60.71 -17.72
N LYS F 203 -44.69 59.90 -18.69
CA LYS F 203 -45.33 58.65 -18.35
C LYS F 203 -44.31 57.65 -17.80
N LEU F 204 -43.03 57.84 -18.12
CA LEU F 204 -41.97 57.03 -17.54
C LEU F 204 -41.44 57.58 -16.24
N GLY F 205 -41.83 58.78 -15.83
CA GLY F 205 -41.30 59.39 -14.63
C GLY F 205 -39.99 60.10 -14.80
N THR F 206 -39.41 60.08 -15.99
CA THR F 206 -38.12 60.70 -16.25
C THR F 206 -38.31 62.03 -16.98
N GLN F 207 -37.21 62.63 -17.40
CA GLN F 207 -37.23 63.91 -18.11
C GLN F 207 -36.94 63.68 -19.58
N MET F 208 -37.11 64.74 -20.37
CA MET F 208 -36.51 64.83 -21.70
C MET F 208 -35.22 65.64 -21.58
N ILE F 209 -34.10 64.94 -21.70
CA ILE F 209 -32.79 65.50 -21.39
C ILE F 209 -32.53 66.72 -22.28
N HIS F 210 -32.71 66.55 -23.59
CA HIS F 210 -32.64 67.65 -24.53
C HIS F 210 -33.11 67.11 -25.87
N PHE F 211 -33.42 68.01 -26.80
CA PHE F 211 -33.80 67.67 -28.16
C PHE F 211 -32.74 68.17 -29.12
N VAL F 212 -32.21 67.27 -29.93
CA VAL F 212 -31.22 67.59 -30.96
C VAL F 212 -31.91 67.45 -32.31
N PRO F 213 -31.88 68.49 -33.19
CA PRO F 213 -32.51 68.41 -34.50
C PRO F 213 -31.79 67.59 -35.57
N ARG F 214 -32.52 67.07 -36.56
CA ARG F 214 -31.89 66.32 -37.69
C ARG F 214 -31.22 67.33 -38.60
N ASP F 215 -29.92 67.55 -38.42
CA ASP F 215 -29.18 68.54 -39.24
C ASP F 215 -28.16 67.78 -40.09
N ASN F 216 -28.12 68.05 -41.39
CA ASN F 216 -27.25 67.25 -42.24
C ASN F 216 -25.77 67.50 -41.99
N VAL F 217 -25.41 68.31 -40.99
CA VAL F 217 -24.01 68.50 -40.67
C VAL F 217 -23.41 67.22 -40.09
N VAL F 218 -24.20 66.40 -39.40
CA VAL F 218 -23.68 65.16 -38.82
C VAL F 218 -23.19 64.23 -39.93
N GLN F 219 -23.98 64.10 -41.00
CA GLN F 219 -23.58 63.24 -42.09
C GLN F 219 -22.33 63.76 -42.77
N ARG F 220 -22.23 65.08 -42.98
CA ARG F 220 -21.05 65.66 -43.58
C ARG F 220 -19.82 65.40 -42.72
N ALA F 221 -19.96 65.56 -41.40
CA ALA F 221 -18.84 65.34 -40.49
C ALA F 221 -18.46 63.87 -40.45
N GLU F 222 -19.45 62.98 -40.51
CA GLU F 222 -19.18 61.54 -40.50
C GLU F 222 -18.46 61.13 -41.78
N ILE F 223 -18.78 61.78 -42.90
CA ILE F 223 -18.09 61.48 -44.15
C ILE F 223 -16.59 61.70 -44.01
N ARG F 224 -16.20 62.75 -43.28
CA ARG F 224 -14.80 62.98 -42.98
C ARG F 224 -14.38 62.42 -41.62
N ARG F 225 -15.16 61.46 -41.09
CA ARG F 225 -14.84 60.73 -39.85
C ARG F 225 -14.23 61.65 -38.79
N MET F 226 -14.97 62.67 -38.43
CA MET F 226 -14.50 63.72 -37.54
C MET F 226 -15.74 64.46 -37.01
N THR F 227 -15.79 64.62 -35.69
CA THR F 227 -17.03 65.01 -35.03
C THR F 227 -17.46 66.42 -35.45
N VAL F 228 -18.74 66.72 -35.20
CA VAL F 228 -19.35 67.95 -35.69
C VAL F 228 -18.67 69.18 -35.11
N ILE F 229 -18.36 69.15 -33.81
CA ILE F 229 -17.67 70.28 -33.19
C ILE F 229 -16.27 70.48 -33.76
N GLU F 230 -15.55 69.39 -34.05
CA GLU F 230 -14.16 69.47 -34.48
C GLU F 230 -14.02 70.00 -35.91
N TYR F 231 -15.04 69.82 -36.77
CA TYR F 231 -14.94 70.25 -38.15
C TYR F 231 -15.65 71.59 -38.26
N ASP F 232 -16.94 71.68 -37.90
CA ASP F 232 -17.65 72.95 -37.94
C ASP F 232 -18.04 73.36 -36.53
N PRO F 233 -17.25 74.17 -35.84
CA PRO F 233 -17.54 74.52 -34.45
C PRO F 233 -18.52 75.66 -34.26
N LYS F 234 -18.99 76.29 -35.34
CA LYS F 234 -19.93 77.40 -35.25
C LYS F 234 -21.30 77.07 -35.80
N ALA F 235 -21.55 75.80 -36.12
CA ALA F 235 -22.87 75.40 -36.58
C ALA F 235 -23.86 75.38 -35.42
N LYS F 236 -25.14 75.50 -35.76
CA LYS F 236 -26.17 75.47 -34.73
C LYS F 236 -26.29 74.10 -34.10
N GLN F 237 -25.92 73.05 -34.84
CA GLN F 237 -25.99 71.70 -34.28
C GLN F 237 -24.85 71.46 -33.31
N ALA F 238 -23.69 72.07 -33.55
CA ALA F 238 -22.63 72.07 -32.53
C ALA F 238 -23.10 72.80 -31.27
N ASP F 239 -23.85 73.88 -31.46
CA ASP F 239 -24.45 74.57 -30.32
C ASP F 239 -25.39 73.64 -29.56
N GLU F 240 -26.21 72.88 -30.30
CA GLU F 240 -27.11 71.92 -29.65
C GLU F 240 -26.33 70.87 -28.89
N TYR F 241 -25.24 70.38 -29.46
CA TYR F 241 -24.46 69.32 -28.82
C TYR F 241 -23.81 69.83 -27.54
N ARG F 242 -23.21 71.03 -27.57
CA ARG F 242 -22.64 71.53 -26.32
C ARG F 242 -23.70 71.97 -25.33
N ALA F 243 -24.90 72.34 -25.79
CA ALA F 243 -25.98 72.64 -24.87
C ALA F 243 -26.44 71.39 -24.14
N LEU F 244 -26.63 70.30 -24.89
CA LEU F 244 -27.03 69.04 -24.25
C LEU F 244 -25.90 68.47 -23.41
N ALA F 245 -24.65 68.76 -23.75
CA ALA F 245 -23.53 68.50 -22.84
C ALA F 245 -23.66 69.26 -21.53
N ARG F 246 -23.85 70.58 -21.60
CA ARG F 246 -24.07 71.37 -20.40
C ARG F 246 -25.23 70.82 -19.57
N LYS F 247 -26.29 70.36 -20.23
CA LYS F 247 -27.38 69.72 -19.53
C LYS F 247 -26.92 68.45 -18.82
N VAL F 248 -26.12 67.63 -19.48
CA VAL F 248 -25.76 66.34 -18.89
C VAL F 248 -24.76 66.52 -17.76
N VAL F 249 -24.10 67.68 -17.68
CA VAL F 249 -23.24 67.94 -16.53
C VAL F 249 -24.04 67.95 -15.24
N ASP F 250 -25.26 68.51 -15.35
CA ASP F 250 -26.15 68.65 -14.19
C ASP F 250 -27.53 68.03 -14.43
N ASN F 251 -27.77 66.82 -13.95
CA ASN F 251 -29.12 66.22 -14.05
C ASN F 251 -29.35 65.40 -12.78
N LYS F 252 -30.07 65.95 -11.82
CA LYS F 252 -30.24 65.25 -10.53
C LYS F 252 -31.54 64.46 -10.59
N LEU F 253 -32.13 64.35 -11.78
CA LEU F 253 -33.44 63.67 -11.90
C LEU F 253 -33.22 62.20 -12.27
N LEU F 254 -32.69 61.42 -11.33
CA LEU F 254 -32.47 59.97 -11.58
C LEU F 254 -33.69 59.22 -11.03
N VAL F 255 -34.47 58.57 -11.88
CA VAL F 255 -35.77 57.97 -11.45
C VAL F 255 -35.93 56.54 -11.97
N ILE F 256 -36.17 55.59 -11.08
CA ILE F 256 -36.30 54.17 -11.47
C ILE F 256 -37.41 54.11 -12.49
N PRO F 257 -37.15 53.53 -13.68
CA PRO F 257 -38.13 53.54 -14.77
C PRO F 257 -39.47 52.97 -14.37
N ASN F 258 -40.54 53.60 -14.83
CA ASN F 258 -41.88 53.08 -14.66
C ASN F 258 -42.43 52.71 -16.02
N PRO F 259 -42.40 51.45 -16.41
CA PRO F 259 -42.75 51.10 -17.80
C PRO F 259 -44.24 51.01 -18.03
N ILE F 260 -44.72 51.74 -19.04
CA ILE F 260 -46.13 51.68 -19.39
C ILE F 260 -46.41 50.42 -20.20
N THR F 261 -47.66 49.98 -20.18
CA THR F 261 -48.06 48.75 -20.86
C THR F 261 -48.52 49.07 -22.28
N MET F 262 -48.77 48.01 -23.04
CA MET F 262 -48.92 48.15 -24.48
C MET F 262 -50.13 48.99 -24.86
N ASP F 263 -51.27 48.75 -24.21
CA ASP F 263 -52.46 49.56 -24.49
C ASP F 263 -52.19 51.03 -24.17
N GLU F 264 -51.50 51.30 -23.08
CA GLU F 264 -51.16 52.69 -22.75
C GLU F 264 -50.29 53.31 -23.84
N LEU F 265 -49.37 52.54 -24.41
CA LEU F 265 -48.57 53.06 -25.52
C LEU F 265 -49.46 53.35 -26.73
N GLU F 266 -50.43 52.47 -26.99
CA GLU F 266 -51.32 52.68 -28.12
C GLU F 266 -52.13 53.97 -27.97
N GLU F 267 -52.67 54.21 -26.76
CA GLU F 267 -53.37 55.47 -26.54
C GLU F 267 -52.41 56.66 -26.58
N LEU F 268 -51.19 56.48 -26.05
CA LEU F 268 -50.21 57.55 -26.05
C LEU F 268 -49.90 58.01 -27.47
N LEU F 269 -49.88 57.06 -28.41
CA LEU F 269 -49.66 57.41 -29.80
C LEU F 269 -50.76 58.30 -30.36
N MET F 270 -52.02 57.98 -30.05
CA MET F 270 -53.13 58.59 -30.77
C MET F 270 -53.31 60.08 -30.47
N GLU F 271 -53.07 60.51 -29.23
CA GLU F 271 -53.38 61.87 -28.81
C GLU F 271 -52.09 62.65 -28.59
N PHE F 272 -51.03 62.23 -29.27
CA PHE F 272 -49.74 62.91 -29.16
C PHE F 272 -48.93 62.73 -30.45
N ALA G 2 46.94 -54.83 16.47
CA ALA G 2 47.57 -55.41 17.65
C ALA G 2 47.20 -54.61 18.90
N MET G 3 46.86 -53.34 18.76
CA MET G 3 46.49 -52.64 20.02
C MET G 3 45.06 -53.01 20.39
N ARG G 4 44.87 -53.59 21.56
CA ARG G 4 43.50 -53.91 22.03
C ARG G 4 43.00 -52.69 22.81
N GLN G 5 41.82 -52.19 22.46
CA GLN G 5 41.26 -51.02 23.17
C GLN G 5 40.13 -51.49 24.10
N CYS G 6 40.23 -51.19 25.38
CA CYS G 6 39.26 -51.61 26.39
C CYS G 6 38.82 -50.40 27.20
N ALA G 7 37.57 -50.42 27.66
CA ALA G 7 37.00 -49.37 28.46
C ALA G 7 36.39 -49.96 29.72
N ILE G 8 36.66 -49.32 30.86
CA ILE G 8 36.24 -49.80 32.17
C ILE G 8 35.09 -48.92 32.64
N TYR G 9 33.94 -49.55 32.84
CA TYR G 9 32.72 -48.94 33.35
C TYR G 9 32.31 -49.64 34.65
N GLY G 10 31.24 -49.17 35.25
CA GLY G 10 30.69 -49.78 36.43
C GLY G 10 30.06 -48.74 37.33
N LYS G 11 29.62 -49.19 38.50
CA LYS G 11 29.01 -48.30 39.47
C LYS G 11 30.08 -47.45 40.14
N GLY G 12 29.71 -46.20 40.44
CA GLY G 12 30.64 -45.32 41.13
C GLY G 12 31.03 -45.86 42.48
N GLY G 13 32.30 -45.71 42.83
CA GLY G 13 32.82 -46.24 44.08
C GLY G 13 33.04 -47.73 44.09
N ILE G 14 33.10 -48.38 42.93
CA ILE G 14 33.32 -49.81 42.89
C ILE G 14 34.78 -50.18 42.71
N GLY G 15 35.62 -49.23 42.29
CA GLY G 15 37.04 -49.47 42.21
C GLY G 15 37.58 -49.55 40.79
N LYS G 16 36.88 -48.89 39.87
CA LYS G 16 37.29 -48.93 38.47
C LYS G 16 38.71 -48.39 38.37
N SER G 17 38.93 -47.19 38.84
CA SER G 17 40.22 -46.52 38.69
C SER G 17 41.33 -47.35 39.33
N THR G 18 41.10 -47.80 40.57
CA THR G 18 42.11 -48.58 41.29
C THR G 18 42.42 -49.88 40.56
N THR G 19 41.38 -50.67 40.26
CA THR G 19 41.59 -51.95 39.59
C THR G 19 42.26 -51.75 38.24
N THR G 20 41.85 -50.71 37.51
CA THR G 20 42.48 -50.42 36.22
C THR G 20 43.96 -50.12 36.39
N GLN G 21 44.33 -49.33 37.38
CA GLN G 21 45.76 -48.96 37.46
C GLN G 21 46.53 -50.22 37.86
N ASN G 22 45.97 -50.99 38.78
CA ASN G 22 46.66 -52.21 39.26
C ASN G 22 46.96 -53.09 38.05
N LEU G 23 45.94 -53.42 37.26
CA LEU G 23 46.21 -54.17 36.02
C LEU G 23 47.27 -53.45 35.18
N VAL G 24 47.07 -52.19 34.81
CA VAL G 24 48.09 -51.63 33.95
C VAL G 24 49.49 -51.92 34.50
N ALA G 25 49.63 -51.87 35.82
CA ALA G 25 50.91 -52.22 36.43
C ALA G 25 51.27 -53.68 36.16
N ALA G 26 50.29 -54.58 36.27
CA ALA G 26 50.55 -56.00 36.05
C ALA G 26 50.89 -56.28 34.59
N LEU G 27 50.18 -55.66 33.66
CA LEU G 27 50.50 -55.80 32.24
C LEU G 27 51.90 -55.27 31.94
N ALA G 28 52.25 -54.14 32.55
CA ALA G 28 53.58 -53.58 32.32
C ALA G 28 54.66 -54.52 32.85
N GLU G 29 54.40 -55.13 34.01
CA GLU G 29 55.35 -56.11 34.54
C GLU G 29 55.46 -57.32 33.61
N MET G 30 54.32 -57.79 33.10
CA MET G 30 54.34 -58.86 32.11
C MET G 30 55.07 -58.42 30.85
N GLY G 31 54.87 -57.18 30.45
CA GLY G 31 55.57 -56.58 29.32
C GLY G 31 54.66 -56.30 28.15
N LYS G 32 54.17 -55.06 28.08
CA LYS G 32 53.36 -54.54 27.00
C LYS G 32 53.13 -53.05 27.28
N LYS G 33 53.01 -52.27 26.22
CA LYS G 33 52.80 -50.84 26.37
C LYS G 33 51.31 -50.54 26.54
N VAL G 34 50.96 -49.94 27.67
CA VAL G 34 49.56 -49.73 28.05
C VAL G 34 49.30 -48.24 28.29
N MET G 35 48.60 -47.62 27.34
CA MET G 35 48.10 -46.26 27.54
C MET G 35 46.91 -46.28 28.49
N ILE G 36 46.82 -45.27 29.34
CA ILE G 36 45.64 -45.04 30.18
C ILE G 36 45.03 -43.70 29.78
N VAL G 37 43.72 -43.70 29.54
CA VAL G 37 42.98 -42.49 29.22
C VAL G 37 41.88 -42.35 30.27
N GLY G 38 41.99 -41.31 31.09
CA GLY G 38 40.98 -41.09 32.12
C GLY G 38 39.87 -40.18 31.64
N CYS G 39 38.63 -40.68 31.60
CA CYS G 39 37.47 -39.90 31.16
C CYS G 39 36.68 -39.38 32.34
N ASP G 40 37.37 -39.09 33.44
CA ASP G 40 36.79 -38.56 34.66
C ASP G 40 37.30 -37.13 34.86
N PRO G 41 36.40 -36.15 35.00
CA PRO G 41 36.87 -34.77 35.25
C PRO G 41 37.65 -34.64 36.54
N LYS G 42 37.56 -35.61 37.45
CA LYS G 42 38.26 -35.51 38.72
C LYS G 42 39.77 -35.72 38.59
N ALA G 43 40.24 -36.11 37.40
CA ALA G 43 41.67 -36.26 37.13
C ALA G 43 42.33 -37.21 38.13
N ASP G 44 41.67 -38.35 38.37
CA ASP G 44 42.08 -39.29 39.41
C ASP G 44 42.47 -40.66 38.87
N SER G 45 42.35 -40.88 37.56
CA SER G 45 42.58 -42.19 36.98
C SER G 45 44.05 -42.56 36.88
N THR G 46 44.96 -41.59 36.90
CA THR G 46 46.40 -41.85 36.81
C THR G 46 47.07 -41.18 38.01
N ARG G 47 47.06 -41.88 39.14
CA ARG G 47 47.77 -41.44 40.34
C ARG G 47 48.62 -42.53 40.96
N LEU G 48 48.22 -43.79 40.88
CA LEU G 48 49.01 -44.90 41.36
C LEU G 48 50.12 -45.28 40.40
N ILE G 49 50.09 -44.76 39.17
CA ILE G 49 51.09 -45.09 38.17
C ILE G 49 52.01 -43.92 37.87
N LEU G 50 51.48 -42.73 37.63
CA LEU G 50 52.27 -41.53 37.43
C LEU G 50 52.72 -40.92 38.75
N HIS G 51 52.35 -41.53 39.88
CA HIS G 51 52.52 -40.94 41.20
C HIS G 51 51.97 -39.53 41.20
N SER G 52 52.65 -38.62 41.89
CA SER G 52 52.26 -37.21 41.96
C SER G 52 50.76 -37.03 42.16
N LYS G 53 50.05 -36.26 41.34
CA LYS G 53 48.58 -36.14 41.61
C LYS G 53 47.87 -36.09 40.26
N ALA G 54 48.61 -36.32 39.17
CA ALA G 54 48.11 -36.38 37.80
C ALA G 54 48.14 -35.00 37.12
N GLN G 55 48.42 -33.95 37.90
CA GLN G 55 48.84 -32.64 37.39
C GLN G 55 48.14 -32.19 36.12
N ASN G 56 48.87 -32.27 35.01
CA ASN G 56 48.42 -31.73 33.74
C ASN G 56 47.21 -32.49 33.20
N THR G 57 46.29 -31.76 32.60
CA THR G 57 45.13 -32.32 31.92
C THR G 57 44.95 -31.65 30.57
N ILE G 58 44.27 -32.36 29.66
CA ILE G 58 44.05 -31.84 28.31
C ILE G 58 43.23 -30.57 28.35
N MET G 59 42.17 -30.55 29.16
CA MET G 59 41.26 -29.41 29.18
C MET G 59 41.94 -28.16 29.75
N GLU G 60 42.76 -28.33 30.79
CA GLU G 60 43.33 -27.16 31.44
C GLU G 60 44.36 -26.45 30.55
N MET G 61 45.23 -27.20 29.88
CA MET G 61 46.14 -26.55 28.95
C MET G 61 45.44 -26.14 27.66
N ALA G 62 44.32 -26.80 27.33
CA ALA G 62 43.51 -26.32 26.23
C ALA G 62 42.99 -24.91 26.52
N ALA G 63 42.52 -24.70 27.75
CA ALA G 63 42.09 -23.36 28.16
C ALA G 63 43.28 -22.40 28.24
N GLU G 64 44.42 -22.88 28.75
CA GLU G 64 45.59 -22.01 28.91
C GLU G 64 46.12 -21.51 27.57
N ALA G 65 46.17 -22.40 26.58
CA ALA G 65 46.74 -22.06 25.28
C ALA G 65 45.71 -21.49 24.31
N GLY G 66 44.48 -21.26 24.76
CA GLY G 66 43.46 -20.74 23.88
C GLY G 66 42.44 -21.80 23.49
N THR G 67 42.56 -22.31 22.26
CA THR G 67 41.71 -23.37 21.77
C THR G 67 42.46 -24.69 21.77
N VAL G 68 41.74 -25.77 21.48
CA VAL G 68 42.34 -27.10 21.51
C VAL G 68 43.32 -27.29 20.37
N GLU G 69 43.19 -26.51 19.29
CA GLU G 69 44.05 -26.68 18.12
C GLU G 69 45.49 -26.31 18.43
N ASP G 70 45.70 -25.26 19.25
CA ASP G 70 47.03 -24.73 19.46
C ASP G 70 47.92 -25.71 20.22
N LEU G 71 47.34 -26.48 21.14
CA LEU G 71 48.14 -27.21 22.11
C LEU G 71 48.80 -28.40 21.43
N GLU G 72 50.01 -28.74 21.85
CA GLU G 72 50.78 -29.82 21.24
C GLU G 72 50.73 -31.07 22.13
N LEU G 73 50.79 -32.23 21.46
CA LEU G 73 50.49 -33.50 22.12
C LEU G 73 51.44 -33.79 23.28
N GLU G 74 52.71 -33.41 23.15
CA GLU G 74 53.69 -33.75 24.17
C GLU G 74 53.37 -33.10 25.51
N ASP G 75 52.60 -32.00 25.49
CA ASP G 75 52.32 -31.27 26.72
C ASP G 75 51.52 -32.10 27.72
N VAL G 76 50.51 -32.83 27.24
CA VAL G 76 49.60 -33.55 28.14
C VAL G 76 49.94 -35.03 28.27
N LEU G 77 50.81 -35.56 27.40
CA LEU G 77 51.14 -36.98 27.42
C LEU G 77 52.39 -37.17 28.25
N LYS G 78 52.26 -37.88 29.38
CA LYS G 78 53.35 -38.08 30.31
C LYS G 78 53.51 -39.57 30.60
N ALA G 79 54.67 -40.11 30.30
CA ALA G 79 54.99 -41.50 30.59
C ALA G 79 55.32 -41.66 32.07
N GLY G 80 54.94 -42.81 32.62
CA GLY G 80 55.12 -43.08 34.04
C GLY G 80 55.82 -44.40 34.27
N TYR G 81 55.31 -45.15 35.24
CA TYR G 81 55.92 -46.42 35.62
C TYR G 81 55.81 -47.44 34.51
N GLY G 82 56.88 -48.19 34.29
CA GLY G 82 56.87 -49.24 33.29
C GLY G 82 56.62 -48.77 31.89
N GLY G 83 56.91 -47.50 31.59
CA GLY G 83 56.59 -46.95 30.29
C GLY G 83 55.13 -46.70 30.05
N VAL G 84 54.31 -46.74 31.10
CA VAL G 84 52.87 -46.58 30.95
C VAL G 84 52.59 -45.10 30.68
N LYS G 85 52.29 -44.77 29.43
CA LYS G 85 51.89 -43.42 29.08
C LYS G 85 50.47 -43.16 29.59
N CYS G 86 50.28 -42.05 30.27
CA CYS G 86 49.01 -41.72 30.90
C CYS G 86 48.53 -40.36 30.43
N VAL G 87 47.21 -40.24 30.21
CA VAL G 87 46.60 -38.97 29.88
C VAL G 87 45.24 -38.89 30.56
N GLU G 88 44.89 -37.70 31.02
CA GLU G 88 43.62 -37.47 31.69
C GLU G 88 42.90 -36.31 31.02
N SER G 89 41.61 -36.52 30.72
CA SER G 89 40.82 -35.50 30.05
C SER G 89 40.67 -34.26 30.93
N GLY G 90 40.43 -34.46 32.23
CA GLY G 90 40.17 -33.36 33.11
C GLY G 90 38.78 -32.80 32.91
N GLY G 91 38.53 -31.68 33.60
CA GLY G 91 37.25 -31.02 33.51
C GLY G 91 37.03 -30.04 34.63
N PRO G 92 35.80 -29.54 34.74
CA PRO G 92 35.50 -28.49 35.72
C PRO G 92 35.35 -29.06 37.12
N GLU G 93 35.42 -28.16 38.09
CA GLU G 93 35.06 -28.49 39.45
C GLU G 93 33.56 -28.80 39.51
N PRO G 94 33.13 -29.66 40.44
CA PRO G 94 31.76 -30.17 40.39
C PRO G 94 30.73 -29.05 40.46
N GLY G 95 29.63 -29.24 39.73
CA GLY G 95 28.52 -28.32 39.76
C GLY G 95 28.57 -27.18 38.78
N VAL G 96 29.42 -27.27 37.75
CA VAL G 96 29.56 -26.19 36.77
C VAL G 96 30.13 -26.79 35.50
N GLY G 97 29.96 -26.09 34.39
CA GLY G 97 30.54 -26.55 33.14
C GLY G 97 29.82 -27.77 32.58
N CYS G 98 30.56 -28.50 31.74
CA CYS G 98 30.01 -29.68 31.06
C CYS G 98 31.16 -30.66 30.86
N ALA G 99 31.24 -31.67 31.73
CA ALA G 99 32.34 -32.62 31.66
C ALA G 99 32.30 -33.48 30.41
N GLY G 100 31.09 -33.80 29.93
CA GLY G 100 30.97 -34.64 28.75
C GLY G 100 31.61 -34.00 27.53
N ARG G 101 31.43 -32.69 27.37
CA ARG G 101 32.11 -31.98 26.28
C ARG G 101 33.61 -32.02 26.48
N GLY G 102 34.08 -31.97 27.72
CA GLY G 102 35.51 -32.10 27.96
C GLY G 102 36.06 -33.44 27.50
N VAL G 103 35.34 -34.52 27.82
CA VAL G 103 35.77 -35.84 27.38
C VAL G 103 35.73 -35.95 25.86
N ILE G 104 34.69 -35.39 25.24
CA ILE G 104 34.59 -35.40 23.78
C ILE G 104 35.79 -34.69 23.17
N THR G 105 36.10 -33.50 23.68
CA THR G 105 37.22 -32.72 23.16
C THR G 105 38.54 -33.46 23.34
N ALA G 106 38.73 -34.07 24.51
CA ALA G 106 39.98 -34.80 24.77
C ALA G 106 40.13 -35.99 23.83
N ILE G 107 39.04 -36.74 23.60
CA ILE G 107 39.13 -37.91 22.74
C ILE G 107 39.42 -37.49 21.30
N ASN G 108 38.72 -36.47 20.81
CA ASN G 108 39.02 -35.97 19.46
C ASN G 108 40.44 -35.48 19.36
N PHE G 109 40.91 -34.74 20.36
CA PHE G 109 42.29 -34.31 20.45
C PHE G 109 43.25 -35.49 20.31
N LEU G 110 43.02 -36.56 21.07
CA LEU G 110 43.93 -37.69 21.03
C LEU G 110 43.93 -38.37 19.67
N GLU G 111 42.76 -38.50 19.04
CA GLU G 111 42.76 -39.13 17.71
C GLU G 111 43.50 -38.26 16.70
N GLU G 112 43.17 -36.97 16.62
CA GLU G 112 43.77 -36.13 15.59
C GLU G 112 45.26 -35.92 15.81
N GLU G 113 45.75 -36.07 17.04
CA GLU G 113 47.20 -36.00 17.22
C GLU G 113 47.85 -37.38 17.18
N GLY G 114 47.05 -38.44 17.03
CA GLY G 114 47.60 -39.77 16.89
C GLY G 114 48.22 -40.35 18.15
N ALA G 115 47.71 -40.00 19.33
CA ALA G 115 48.28 -40.54 20.56
C ALA G 115 48.15 -42.06 20.60
N TYR G 116 46.95 -42.59 20.31
CA TYR G 116 46.80 -44.03 20.24
C TYR G 116 47.62 -44.61 19.10
N GLU G 117 47.69 -43.91 17.98
CA GLU G 117 48.25 -44.47 16.75
C GLU G 117 49.79 -44.41 16.77
N ASP G 118 50.33 -44.94 17.86
CA ASP G 118 51.72 -45.35 17.94
C ASP G 118 51.73 -46.85 18.15
N ASP G 119 52.90 -47.48 18.05
CA ASP G 119 52.96 -48.93 18.12
C ASP G 119 52.75 -49.44 19.54
N LEU G 120 51.56 -49.24 20.10
CA LEU G 120 51.27 -49.64 21.46
C LEU G 120 50.77 -51.08 21.51
N ASP G 121 50.30 -51.53 22.67
CA ASP G 121 49.78 -52.88 22.82
C ASP G 121 48.39 -52.86 23.43
N PHE G 122 48.15 -51.97 24.39
CA PHE G 122 46.87 -51.86 25.06
C PHE G 122 46.53 -50.40 25.31
N VAL G 123 45.26 -50.07 25.17
CA VAL G 123 44.72 -48.78 25.59
C VAL G 123 43.57 -49.06 26.53
N PHE G 124 43.58 -48.43 27.71
CA PHE G 124 42.56 -48.61 28.71
C PHE G 124 41.93 -47.25 29.02
N TYR G 125 40.68 -47.08 28.62
CA TYR G 125 39.88 -45.94 29.05
C TYR G 125 39.25 -46.27 30.40
N ASP G 126 39.28 -45.32 31.32
CA ASP G 126 38.62 -45.46 32.62
C ASP G 126 37.51 -44.42 32.67
N VAL G 127 36.26 -44.87 32.61
CA VAL G 127 35.13 -43.97 32.45
C VAL G 127 34.47 -43.77 33.82
N LEU G 128 33.81 -42.63 33.97
CA LEU G 128 33.07 -42.33 35.19
C LEU G 128 31.98 -43.37 35.43
N GLY G 129 31.47 -43.40 36.66
CA GLY G 129 30.58 -44.47 37.06
C GLY G 129 29.15 -44.32 36.56
N ASP G 130 28.72 -43.08 36.32
CA ASP G 130 27.30 -42.84 36.13
C ASP G 130 26.95 -42.75 34.64
N VAL G 131 27.83 -42.15 33.84
CA VAL G 131 27.64 -42.07 32.38
C VAL G 131 26.30 -41.46 32.05
N VAL G 132 26.18 -40.14 32.25
CA VAL G 132 24.88 -39.47 32.15
C VAL G 132 24.65 -38.81 30.80
N CYS G 133 25.58 -38.92 29.87
CA CYS G 133 25.43 -38.26 28.57
C CYS G 133 26.26 -39.00 27.53
N GLY G 134 26.09 -38.60 26.28
CA GLY G 134 26.76 -39.28 25.19
C GLY G 134 28.26 -39.05 25.16
N GLY G 135 28.73 -37.99 25.81
CA GLY G 135 30.15 -37.73 25.84
C GLY G 135 30.92 -38.81 26.56
N PHE G 136 30.41 -39.26 27.71
CA PHE G 136 31.08 -40.32 28.46
C PHE G 136 30.97 -41.68 27.80
N ALA G 137 30.13 -41.81 26.77
CA ALA G 137 30.12 -43.00 25.93
C ALA G 137 31.02 -42.85 24.71
N MET G 138 31.75 -41.74 24.62
CA MET G 138 32.67 -41.55 23.51
C MET G 138 33.76 -42.62 23.42
N PRO G 139 34.34 -43.12 24.52
CA PRO G 139 35.32 -44.20 24.40
C PRO G 139 34.79 -45.48 23.76
N ILE G 140 33.48 -45.64 23.60
CA ILE G 140 32.92 -46.85 23.03
C ILE G 140 32.22 -46.58 21.69
N ARG G 141 32.58 -45.50 21.02
CA ARG G 141 32.08 -45.24 19.67
C ARG G 141 32.87 -46.09 18.67
N GLU G 142 32.65 -45.85 17.38
CA GLU G 142 33.35 -46.60 16.35
C GLU G 142 34.83 -46.24 16.34
N ASN G 143 35.67 -47.22 16.03
CA ASN G 143 37.13 -47.09 16.01
C ASN G 143 37.69 -46.80 17.38
N LYS G 144 36.84 -46.76 18.39
CA LYS G 144 37.22 -46.56 19.78
C LYS G 144 37.42 -47.93 20.45
N ALA G 145 37.41 -47.94 21.78
CA ALA G 145 37.56 -49.18 22.53
C ALA G 145 36.65 -50.28 22.00
N GLN G 146 37.24 -51.46 21.78
CA GLN G 146 36.51 -52.60 21.24
C GLN G 146 36.01 -53.55 22.32
N GLU G 147 36.55 -53.49 23.53
CA GLU G 147 36.08 -54.33 24.62
C GLU G 147 35.65 -53.46 25.79
N ILE G 148 34.61 -53.92 26.49
CA ILE G 148 34.08 -53.21 27.65
C ILE G 148 34.11 -54.15 28.84
N TYR G 149 34.63 -53.66 29.97
CA TYR G 149 34.61 -54.40 31.23
C TYR G 149 33.84 -53.61 32.27
N ILE G 150 32.83 -54.24 32.86
CA ILE G 150 31.98 -53.63 33.86
C ILE G 150 32.39 -54.20 35.21
N VAL G 151 32.83 -53.32 36.11
CA VAL G 151 33.22 -53.72 37.46
C VAL G 151 32.03 -53.57 38.39
N CYS G 152 31.73 -54.62 39.14
CA CYS G 152 30.55 -54.65 39.98
C CYS G 152 30.85 -55.44 41.24
N SER G 153 29.87 -55.49 42.14
CA SER G 153 29.99 -56.20 43.41
C SER G 153 28.61 -56.70 43.81
N GLY G 154 28.48 -57.07 45.07
CA GLY G 154 27.22 -57.56 45.58
C GLY G 154 26.22 -56.45 45.84
N GLU G 155 25.48 -56.56 46.95
CA GLU G 155 24.40 -55.63 47.26
C GLU G 155 23.43 -55.54 46.10
N MET G 156 22.79 -54.38 45.94
CA MET G 156 21.83 -54.18 44.86
C MET G 156 22.23 -53.08 43.90
N MET G 157 22.88 -52.01 44.39
CA MET G 157 23.22 -50.90 43.53
C MET G 157 24.23 -51.29 42.46
N ALA G 158 25.18 -52.17 42.81
CA ALA G 158 26.20 -52.55 41.84
C ALA G 158 25.59 -53.26 40.63
N MET G 159 24.77 -54.29 40.88
CA MET G 159 24.15 -55.00 39.77
C MET G 159 23.11 -54.14 39.05
N TYR G 160 22.42 -53.28 39.78
CA TYR G 160 21.52 -52.31 39.15
C TYR G 160 22.26 -51.46 38.15
N ALA G 161 23.39 -50.87 38.56
CA ALA G 161 24.17 -50.03 37.66
C ALA G 161 24.76 -50.83 36.52
N ALA G 162 25.18 -52.07 36.78
CA ALA G 162 25.71 -52.90 35.71
C ALA G 162 24.64 -53.17 34.65
N ASN G 163 23.42 -53.47 35.09
CA ASN G 163 22.32 -53.69 34.16
C ASN G 163 22.02 -52.43 33.36
N ASN G 164 21.99 -51.27 34.03
CA ASN G 164 21.69 -50.04 33.32
C ASN G 164 22.79 -49.68 32.33
N ILE G 165 24.05 -49.92 32.70
CA ILE G 165 25.16 -49.64 31.79
C ILE G 165 25.12 -50.59 30.60
N SER G 166 24.71 -51.84 30.82
CA SER G 166 24.51 -52.74 29.68
C SER G 166 23.40 -52.24 28.77
N LYS G 167 22.30 -51.76 29.36
CA LYS G 167 21.24 -51.14 28.58
C LYS G 167 21.79 -50.04 27.68
N GLY G 168 22.60 -49.15 28.26
CA GLY G 168 23.20 -48.09 27.48
C GLY G 168 24.20 -48.59 26.44
N ILE G 169 24.92 -49.67 26.76
CA ILE G 169 25.94 -50.19 25.86
C ILE G 169 25.31 -50.79 24.61
N VAL G 170 24.12 -51.40 24.75
CA VAL G 170 23.48 -52.11 23.65
C VAL G 170 23.44 -51.28 22.38
N LYS G 171 23.13 -49.99 22.50
CA LYS G 171 22.97 -49.16 21.31
C LYS G 171 24.29 -49.02 20.55
N TYR G 172 25.39 -48.81 21.27
CA TYR G 172 26.69 -48.69 20.60
C TYR G 172 27.21 -50.05 20.13
N ALA G 173 26.84 -51.12 20.83
CA ALA G 173 27.20 -52.46 20.37
C ALA G 173 26.55 -52.77 19.04
N ASN G 174 25.29 -52.38 18.86
CA ASN G 174 24.64 -52.57 17.57
C ASN G 174 25.18 -51.61 16.53
N SER G 175 25.43 -50.35 16.92
CA SER G 175 25.90 -49.36 15.96
C SER G 175 27.34 -49.61 15.52
N GLY G 176 28.11 -50.35 16.30
CA GLY G 176 29.51 -50.56 15.97
C GLY G 176 30.02 -51.95 16.30
N SER G 177 31.31 -52.04 16.64
CA SER G 177 31.96 -53.31 16.91
C SER G 177 32.36 -53.48 18.37
N VAL G 178 31.79 -52.68 19.27
CA VAL G 178 32.13 -52.81 20.69
C VAL G 178 31.35 -53.95 21.31
N ARG G 179 31.99 -54.68 22.23
CA ARG G 179 31.39 -55.84 22.85
C ARG G 179 31.77 -55.88 24.32
N LEU G 180 30.91 -56.51 25.11
CA LEU G 180 31.16 -56.70 26.54
C LEU G 180 32.01 -57.96 26.72
N GLY G 181 33.17 -57.80 27.35
CA GLY G 181 34.10 -58.90 27.48
C GLY G 181 33.93 -59.72 28.75
N GLY G 182 33.38 -59.11 29.79
CA GLY G 182 33.21 -59.81 31.05
C GLY G 182 32.90 -58.87 32.17
N LEU G 183 32.67 -59.45 33.35
CA LEU G 183 32.37 -58.72 34.57
C LEU G 183 33.48 -58.95 35.59
N ILE G 184 34.00 -57.87 36.14
CA ILE G 184 35.01 -57.93 37.18
C ILE G 184 34.32 -57.69 38.51
N CYS G 185 34.37 -58.67 39.40
CA CYS G 185 33.68 -58.58 40.70
C CYS G 185 34.67 -58.03 41.73
N ASN G 186 34.44 -56.78 42.14
CA ASN G 186 35.24 -56.13 43.16
C ASN G 186 34.53 -56.32 44.49
N SER G 187 34.86 -57.41 45.19
CA SER G 187 34.17 -57.76 46.43
C SER G 187 34.31 -56.64 47.46
N ARG G 188 33.20 -56.33 48.13
CA ARG G 188 33.28 -55.30 49.17
C ARG G 188 33.48 -55.93 50.54
N ASN G 189 32.46 -56.61 51.06
CA ASN G 189 32.63 -57.53 52.19
C ASN G 189 31.58 -58.63 52.15
N THR G 190 30.74 -58.62 51.11
CA THR G 190 29.40 -59.15 51.20
C THR G 190 29.38 -60.67 51.31
N ASP G 191 28.17 -61.19 51.51
CA ASP G 191 27.94 -62.63 51.54
C ASP G 191 27.14 -63.04 50.32
N ARG G 192 27.45 -64.21 49.76
CA ARG G 192 26.82 -64.76 48.56
C ARG G 192 27.03 -63.89 47.33
N GLU G 193 27.95 -62.92 47.37
CA GLU G 193 28.15 -62.07 46.20
C GLU G 193 28.79 -62.85 45.07
N ASP G 194 29.51 -63.93 45.39
CA ASP G 194 30.06 -64.78 44.35
C ASP G 194 28.95 -65.33 43.46
N GLU G 195 27.96 -65.96 44.08
CA GLU G 195 26.83 -66.51 43.34
C GLU G 195 26.01 -65.40 42.69
N LEU G 196 25.85 -64.27 43.39
CA LEU G 196 25.13 -63.14 42.83
C LEU G 196 25.71 -62.74 41.49
N ILE G 197 27.02 -62.51 41.46
CA ILE G 197 27.66 -61.98 40.26
C ILE G 197 27.75 -63.06 39.19
N ILE G 198 28.00 -64.31 39.59
CA ILE G 198 28.02 -65.40 38.61
C ILE G 198 26.68 -65.53 37.91
N ALA G 199 25.59 -65.47 38.69
CA ALA G 199 24.25 -65.55 38.10
C ALA G 199 23.96 -64.34 37.23
N LEU G 200 24.34 -63.15 37.68
CA LEU G 200 24.06 -61.94 36.92
C LEU G 200 24.78 -61.95 35.58
N ALA G 201 26.04 -62.41 35.57
CA ALA G 201 26.79 -62.46 34.32
C ALA G 201 26.15 -63.42 33.33
N ASN G 202 25.73 -64.59 33.80
CA ASN G 202 25.08 -65.56 32.91
C ASN G 202 23.75 -65.02 32.41
N LYS G 203 23.02 -64.30 33.26
CA LYS G 203 21.76 -63.71 32.83
C LYS G 203 21.95 -62.71 31.71
N LEU G 204 23.04 -61.94 31.78
CA LEU G 204 23.35 -60.92 30.77
C LEU G 204 24.07 -61.48 29.56
N GLY G 205 24.44 -62.76 29.59
CA GLY G 205 25.21 -63.36 28.52
C GLY G 205 26.71 -63.16 28.61
N THR G 206 27.19 -62.46 29.63
CA THR G 206 28.62 -62.23 29.81
C THR G 206 29.20 -63.25 30.78
N GLN G 207 30.46 -63.03 31.16
CA GLN G 207 31.14 -63.94 32.08
C GLN G 207 31.67 -63.16 33.27
N MET G 208 31.99 -63.88 34.34
CA MET G 208 32.76 -63.36 35.46
C MET G 208 34.22 -63.58 35.14
N ILE G 209 34.88 -62.55 34.59
CA ILE G 209 36.27 -62.72 34.17
C ILE G 209 37.16 -62.98 35.36
N HIS G 210 36.90 -62.32 36.49
CA HIS G 210 37.70 -62.58 37.69
C HIS G 210 36.95 -62.09 38.91
N PHE G 211 37.51 -62.45 40.07
CA PHE G 211 37.00 -62.02 41.37
C PHE G 211 38.15 -61.40 42.16
N VAL G 212 37.96 -60.17 42.62
CA VAL G 212 38.98 -59.44 43.35
C VAL G 212 38.56 -59.39 44.82
N PRO G 213 39.33 -59.96 45.75
CA PRO G 213 39.00 -59.84 47.17
C PRO G 213 39.24 -58.43 47.67
N ARG G 214 38.55 -58.05 48.74
CA ARG G 214 38.79 -56.76 49.37
C ARG G 214 39.89 -56.86 50.39
N ASP G 215 41.01 -56.19 50.13
CA ASP G 215 42.17 -56.23 51.01
C ASP G 215 42.63 -54.82 51.27
N ASN G 216 43.22 -54.60 52.45
CA ASN G 216 43.59 -53.24 52.86
C ASN G 216 44.95 -52.84 52.30
N VAL G 217 45.67 -53.77 51.67
CA VAL G 217 46.91 -53.42 51.00
C VAL G 217 46.65 -52.43 49.88
N VAL G 218 45.44 -52.50 49.29
CA VAL G 218 45.07 -51.54 48.25
C VAL G 218 45.04 -50.13 48.83
N GLN G 219 44.39 -49.97 49.99
CA GLN G 219 44.32 -48.68 50.66
C GLN G 219 45.71 -48.22 51.05
N ARG G 220 46.53 -49.14 51.56
CA ARG G 220 47.88 -48.82 51.99
C ARG G 220 48.72 -48.30 50.82
N ALA G 221 48.59 -48.94 49.66
CA ALA G 221 49.35 -48.51 48.49
C ALA G 221 48.80 -47.20 47.93
N GLU G 222 47.48 -47.02 47.97
CA GLU G 222 46.90 -45.77 47.50
C GLU G 222 47.31 -44.59 48.36
N ILE G 223 47.45 -44.80 49.67
CA ILE G 223 47.91 -43.73 50.54
C ILE G 223 49.30 -43.26 50.14
N ARG G 224 50.15 -44.19 49.72
CA ARG G 224 51.50 -43.88 49.31
C ARG G 224 51.64 -43.71 47.80
N ARG G 225 50.53 -43.55 47.08
CA ARG G 225 50.51 -43.20 45.66
C ARG G 225 51.22 -44.25 44.80
N MET G 226 50.86 -45.52 44.99
CA MET G 226 51.40 -46.60 44.19
C MET G 226 50.35 -47.70 44.05
N THR G 227 50.55 -48.55 43.05
CA THR G 227 49.78 -49.78 42.92
C THR G 227 50.34 -50.82 43.88
N VAL G 228 49.81 -52.04 43.82
CA VAL G 228 50.30 -53.10 44.69
C VAL G 228 51.46 -53.79 43.99
N ILE G 229 51.43 -53.82 42.66
CA ILE G 229 52.53 -54.36 41.89
C ILE G 229 53.83 -53.60 42.12
N GLU G 230 53.75 -52.30 42.38
CA GLU G 230 54.92 -51.49 42.67
C GLU G 230 55.17 -51.40 44.17
N TYR G 231 54.13 -51.38 44.99
CA TYR G 231 54.29 -51.35 46.44
C TYR G 231 55.06 -52.58 46.93
N ASP G 232 54.47 -53.76 46.75
CA ASP G 232 55.14 -55.00 47.15
C ASP G 232 54.62 -56.18 46.34
N PRO G 233 55.46 -56.74 45.46
CA PRO G 233 55.01 -57.89 44.65
C PRO G 233 54.69 -59.13 45.47
N LYS G 234 55.27 -59.25 46.68
CA LYS G 234 55.17 -60.50 47.42
C LYS G 234 53.74 -60.74 47.93
N ALA G 235 53.05 -59.67 48.32
CA ALA G 235 51.80 -59.83 49.06
C ALA G 235 50.71 -60.48 48.23
N LYS G 236 49.82 -61.18 48.92
CA LYS G 236 48.57 -61.63 48.31
C LYS G 236 47.71 -60.40 48.04
N GLN G 237 46.77 -60.54 47.11
CA GLN G 237 45.97 -59.46 46.52
C GLN G 237 46.81 -58.72 45.49
N ALA G 238 48.11 -59.02 45.45
CA ALA G 238 48.91 -58.65 44.30
C ALA G 238 49.03 -59.80 43.32
N ASP G 239 48.70 -61.02 43.77
CA ASP G 239 48.73 -62.17 42.88
C ASP G 239 47.57 -62.13 41.89
N GLU G 240 46.34 -61.95 42.40
CA GLU G 240 45.18 -61.93 41.51
C GLU G 240 44.89 -60.48 41.10
N TYR G 241 45.97 -59.80 40.74
CA TYR G 241 45.94 -58.68 39.82
C TYR G 241 46.61 -59.16 38.55
N ARG G 242 47.76 -59.80 38.71
CA ARG G 242 48.43 -60.46 37.59
C ARG G 242 47.55 -61.56 37.01
N ALA G 243 46.82 -62.26 37.89
CA ALA G 243 45.93 -63.31 37.43
C ALA G 243 44.88 -62.77 36.46
N LEU G 244 44.17 -61.70 36.84
CA LEU G 244 43.13 -61.22 35.96
C LEU G 244 43.73 -60.42 34.82
N ALA G 245 44.98 -59.97 34.97
CA ALA G 245 45.71 -59.41 33.85
C ALA G 245 45.91 -60.43 32.75
N ARG G 246 46.39 -61.63 33.12
CA ARG G 246 46.51 -62.71 32.16
C ARG G 246 45.16 -63.11 31.60
N LYS G 247 44.14 -63.14 32.46
CA LYS G 247 42.80 -63.54 32.00
C LYS G 247 42.25 -62.54 30.99
N VAL G 248 42.51 -61.25 31.21
CA VAL G 248 42.09 -60.23 30.25
C VAL G 248 42.89 -60.38 28.96
N VAL G 249 44.18 -60.69 29.06
CA VAL G 249 45.00 -60.86 27.87
C VAL G 249 44.47 -62.01 27.03
N ASP G 250 44.05 -63.10 27.67
CA ASP G 250 43.59 -64.29 26.99
C ASP G 250 42.09 -64.29 26.73
N ASN G 251 41.39 -63.22 27.05
CA ASN G 251 39.93 -63.21 26.93
C ASN G 251 39.51 -63.23 25.46
N LYS G 252 38.46 -64.00 25.16
CA LYS G 252 37.92 -64.06 23.81
C LYS G 252 36.41 -64.00 23.72
N LEU G 253 35.68 -64.13 24.83
CA LEU G 253 34.22 -64.10 24.78
C LEU G 253 33.79 -62.64 24.73
N LEU G 254 33.45 -62.17 23.54
CA LEU G 254 32.95 -60.81 23.33
C LEU G 254 31.51 -60.92 22.86
N VAL G 255 30.58 -60.37 23.63
CA VAL G 255 29.16 -60.54 23.36
C VAL G 255 28.45 -59.20 23.41
N ILE G 256 27.29 -59.16 22.78
CA ILE G 256 26.34 -58.07 23.00
C ILE G 256 25.55 -58.35 24.26
N PRO G 257 25.47 -57.41 25.21
CA PRO G 257 24.76 -57.70 26.46
C PRO G 257 23.28 -57.90 26.23
N ASN G 258 22.66 -58.66 27.13
CA ASN G 258 21.22 -58.89 27.14
C ASN G 258 20.68 -58.30 28.44
N PRO G 259 20.29 -57.03 28.43
CA PRO G 259 19.70 -56.44 29.64
C PRO G 259 18.41 -57.15 30.02
N ILE G 260 18.16 -57.20 31.32
CA ILE G 260 17.07 -57.99 31.88
C ILE G 260 16.12 -57.06 32.63
N THR G 261 14.82 -57.21 32.38
CA THR G 261 13.82 -56.46 33.12
C THR G 261 13.98 -56.76 34.59
N MET G 262 14.37 -55.74 35.36
CA MET G 262 15.06 -55.90 36.63
C MET G 262 14.15 -56.43 37.74
N ASP G 263 12.85 -56.57 37.45
CA ASP G 263 12.05 -57.53 38.21
C ASP G 263 12.72 -58.89 38.21
N GLU G 264 13.28 -59.30 37.07
CA GLU G 264 14.08 -60.52 37.02
C GLU G 264 15.32 -60.40 37.91
N LEU G 265 15.96 -59.24 37.90
CA LEU G 265 17.13 -59.05 38.76
C LEU G 265 16.74 -59.03 40.23
N GLU G 266 15.58 -58.47 40.55
CA GLU G 266 15.15 -58.42 41.94
C GLU G 266 14.77 -59.83 42.42
N GLU G 267 14.12 -60.60 41.56
CA GLU G 267 13.92 -62.01 41.84
C GLU G 267 15.25 -62.70 42.09
N LEU G 268 16.22 -62.49 41.21
CA LEU G 268 17.53 -63.11 41.36
C LEU G 268 18.17 -62.76 42.69
N LEU G 269 17.98 -61.52 43.13
CA LEU G 269 18.44 -61.14 44.47
C LEU G 269 17.74 -61.96 45.54
N MET G 270 16.43 -62.20 45.37
CA MET G 270 15.71 -63.03 46.32
C MET G 270 16.24 -64.46 46.35
N GLU G 271 16.51 -65.05 45.18
CA GLU G 271 17.04 -66.41 45.14
C GLU G 271 18.49 -66.44 45.59
N PHE G 272 19.37 -65.79 44.85
CA PHE G 272 20.78 -65.76 45.21
C PHE G 272 21.05 -64.63 46.19
N MET H 3 10.29 -25.52 57.25
CA MET H 3 10.78 -26.54 56.29
C MET H 3 12.30 -26.45 56.18
N ARG H 4 12.98 -27.59 56.26
CA ARG H 4 14.45 -27.64 56.14
C ARG H 4 14.81 -28.38 54.86
N GLN H 5 15.01 -27.64 53.77
CA GLN H 5 15.42 -28.26 52.49
C GLN H 5 16.91 -28.59 52.55
N CYS H 6 17.24 -29.88 52.52
CA CYS H 6 18.65 -30.33 52.63
C CYS H 6 19.11 -31.09 51.39
N ALA H 7 20.41 -31.17 51.17
CA ALA H 7 20.97 -31.82 49.99
C ALA H 7 22.02 -32.82 50.45
N ILE H 8 21.91 -34.05 49.94
CA ILE H 8 22.84 -35.13 50.28
C ILE H 8 23.77 -35.31 49.09
N TYR H 9 25.02 -34.94 49.27
CA TYR H 9 26.07 -34.97 48.27
C TYR H 9 27.14 -35.99 48.69
N GLY H 10 28.13 -36.17 47.84
CA GLY H 10 29.24 -37.03 48.20
C GLY H 10 29.74 -37.93 47.09
N LYS H 11 30.66 -38.83 47.43
CA LYS H 11 31.21 -39.77 46.47
C LYS H 11 30.13 -40.73 45.98
N GLY H 12 30.19 -41.05 44.69
CA GLY H 12 29.31 -42.03 44.10
C GLY H 12 29.49 -43.42 44.69
N GLY H 13 28.38 -44.07 45.05
CA GLY H 13 28.43 -45.39 45.63
C GLY H 13 28.79 -45.44 47.09
N ILE H 14 28.95 -44.29 47.74
CA ILE H 14 29.32 -44.27 49.15
C ILE H 14 28.13 -44.55 50.05
N GLY H 15 26.94 -44.67 49.47
CA GLY H 15 25.76 -44.98 50.26
C GLY H 15 24.95 -43.76 50.62
N LYS H 16 24.61 -42.94 49.62
CA LYS H 16 23.79 -41.76 49.87
C LYS H 16 22.33 -42.13 50.03
N SER H 17 21.72 -42.69 48.98
CA SER H 17 20.30 -43.02 49.03
C SER H 17 19.99 -44.06 50.11
N THR H 18 20.95 -44.91 50.43
CA THR H 18 20.78 -45.80 51.57
C THR H 18 20.73 -45.01 52.86
N THR H 19 21.79 -44.24 53.13
CA THR H 19 21.84 -43.43 54.34
C THR H 19 20.68 -42.45 54.35
N THR H 20 20.41 -41.82 53.21
CA THR H 20 19.32 -40.86 53.12
C THR H 20 17.97 -41.51 53.42
N GLN H 21 17.72 -42.69 52.83
CA GLN H 21 16.42 -43.33 53.01
C GLN H 21 16.19 -43.78 54.45
N ASN H 22 17.17 -44.45 55.07
CA ASN H 22 16.97 -44.80 56.47
C ASN H 22 16.93 -43.57 57.37
N LEU H 23 17.64 -42.50 57.00
CA LEU H 23 17.56 -41.27 57.78
C LEU H 23 16.15 -40.68 57.73
N VAL H 24 15.58 -40.56 56.54
CA VAL H 24 14.24 -39.97 56.42
C VAL H 24 13.20 -40.89 57.02
N ALA H 25 13.42 -42.20 56.96
CA ALA H 25 12.50 -43.13 57.60
C ALA H 25 12.59 -43.05 59.12
N ALA H 26 13.77 -42.74 59.65
CA ALA H 26 13.91 -42.53 61.10
C ALA H 26 13.29 -41.21 61.52
N LEU H 27 13.41 -40.18 60.70
CA LEU H 27 12.68 -38.94 60.96
C LEU H 27 11.18 -39.17 60.80
N ALA H 28 10.79 -40.03 59.87
CA ALA H 28 9.44 -40.56 59.87
C ALA H 28 9.28 -41.48 61.08
N GLU H 29 8.03 -41.68 61.50
CA GLU H 29 7.73 -42.41 62.73
C GLU H 29 8.51 -41.80 63.90
N MET H 30 8.84 -40.52 63.77
CA MET H 30 9.43 -39.73 64.84
C MET H 30 8.54 -38.51 65.00
N GLY H 31 7.76 -38.21 63.97
CA GLY H 31 6.77 -37.17 64.04
C GLY H 31 6.74 -36.27 62.81
N LYS H 32 7.85 -36.21 62.09
CA LYS H 32 8.02 -35.21 61.04
C LYS H 32 7.61 -35.73 59.67
N LYS H 33 7.41 -34.81 58.73
CA LYS H 33 7.00 -35.13 57.37
C LYS H 33 8.13 -34.77 56.42
N VAL H 34 8.54 -35.72 55.57
CA VAL H 34 9.66 -35.54 54.66
C VAL H 34 9.27 -35.96 53.25
N MET H 35 10.07 -35.48 52.29
CA MET H 35 9.92 -35.87 50.89
C MET H 35 11.31 -35.96 50.26
N ILE H 36 11.54 -37.01 49.49
CA ILE H 36 12.83 -37.23 48.84
C ILE H 36 12.76 -36.79 47.38
N VAL H 37 13.81 -36.12 46.91
CA VAL H 37 13.93 -35.74 45.51
C VAL H 37 15.29 -36.23 45.01
N GLY H 38 15.29 -37.14 44.06
CA GLY H 38 16.53 -37.65 43.51
C GLY H 38 17.13 -36.77 42.43
N CYS H 39 18.41 -36.93 42.11
CA CYS H 39 19.04 -36.11 41.07
C CYS H 39 20.04 -36.89 40.20
N ASP H 40 19.62 -38.08 39.75
CA ASP H 40 20.48 -38.84 38.83
C ASP H 40 19.66 -39.80 37.96
N PRO H 41 19.93 -39.88 36.66
CA PRO H 41 18.98 -40.54 35.75
C PRO H 41 18.58 -41.96 36.14
N LYS H 42 19.46 -42.71 36.78
CA LYS H 42 19.19 -44.11 37.14
C LYS H 42 18.35 -44.19 38.41
N ALA H 43 17.13 -43.63 38.33
CA ALA H 43 16.34 -43.33 39.53
C ALA H 43 16.08 -44.56 40.39
N ASP H 44 16.72 -44.62 41.56
CA ASP H 44 16.40 -45.63 42.57
C ASP H 44 16.53 -45.05 43.98
N SER H 45 16.55 -43.73 44.10
CA SER H 45 16.74 -43.08 45.40
C SER H 45 15.51 -43.17 46.30
N THR H 46 14.37 -43.63 45.79
CA THR H 46 13.17 -43.80 46.61
C THR H 46 12.69 -45.24 46.69
N ARG H 47 13.50 -46.21 46.27
CA ARG H 47 13.06 -47.61 46.20
C ARG H 47 12.68 -48.15 47.56
N LEU H 48 13.50 -47.88 48.59
CA LEU H 48 13.25 -48.40 49.92
C LEU H 48 11.93 -47.90 50.49
N ILE H 49 11.67 -46.59 50.34
CA ILE H 49 10.43 -46.03 50.87
C ILE H 49 9.24 -46.50 50.04
N LEU H 50 9.40 -46.46 48.70
CA LEU H 50 8.31 -46.85 47.83
C LEU H 50 8.08 -48.35 47.81
N HIS H 51 9.00 -49.14 48.35
CA HIS H 51 8.90 -50.60 48.41
C HIS H 51 8.87 -51.18 47.00
N SER H 52 9.27 -50.39 46.02
CA SER H 52 9.32 -50.80 44.63
C SER H 52 9.99 -49.70 43.82
N LYS H 53 10.74 -50.09 42.79
CA LYS H 53 11.30 -49.10 41.88
C LYS H 53 10.17 -48.38 41.16
N ALA H 54 10.38 -47.09 40.90
CA ALA H 54 9.28 -46.22 40.49
C ALA H 54 8.79 -46.57 39.09
N GLN H 55 9.67 -46.52 38.10
CA GLN H 55 9.30 -46.64 36.69
C GLN H 55 8.31 -45.54 36.29
N ASN H 56 8.15 -44.53 37.14
CA ASN H 56 7.28 -43.39 36.91
C ASN H 56 8.02 -42.15 37.42
N THR H 57 8.82 -41.56 36.53
CA THR H 57 9.66 -40.41 36.88
C THR H 57 9.21 -39.23 36.04
N ILE H 58 9.64 -38.03 36.45
CA ILE H 58 9.18 -36.79 35.84
C ILE H 58 9.54 -36.75 34.36
N MET H 59 10.74 -37.22 34.03
CA MET H 59 11.24 -37.10 32.67
C MET H 59 10.46 -37.96 31.66
N GLU H 60 10.25 -39.24 31.99
CA GLU H 60 9.53 -40.09 31.04
C GLU H 60 8.08 -39.64 30.90
N MET H 61 7.43 -39.25 31.99
CA MET H 61 6.06 -38.77 31.90
C MET H 61 5.98 -37.47 31.11
N ALA H 62 6.96 -36.58 31.27
CA ALA H 62 7.00 -35.37 30.47
C ALA H 62 7.16 -35.71 28.99
N ALA H 63 8.00 -36.68 28.67
CA ALA H 63 8.14 -37.11 27.29
C ALA H 63 6.84 -37.70 26.75
N GLU H 64 6.14 -38.48 27.56
CA GLU H 64 4.89 -39.07 27.14
C GLU H 64 3.82 -38.02 26.87
N ALA H 65 3.62 -37.11 27.83
CA ALA H 65 2.64 -36.05 27.64
C ALA H 65 3.10 -35.07 26.57
N GLY H 66 4.39 -34.77 26.53
CA GLY H 66 4.95 -33.89 25.53
C GLY H 66 5.78 -32.78 26.13
N THR H 67 5.32 -32.24 27.25
CA THR H 67 6.03 -31.18 27.97
C THR H 67 5.77 -31.36 29.46
N VAL H 68 6.46 -30.55 30.26
CA VAL H 68 6.17 -30.52 31.69
C VAL H 68 4.92 -29.70 31.98
N GLU H 69 4.51 -28.87 31.02
CA GLU H 69 3.28 -28.10 31.17
C GLU H 69 2.06 -28.98 31.26
N ASP H 70 2.07 -30.14 30.60
CA ASP H 70 0.97 -31.10 30.69
C ASP H 70 1.15 -32.08 31.83
N LEU H 71 2.21 -31.94 32.62
CA LEU H 71 2.50 -32.89 33.70
C LEU H 71 1.80 -32.45 34.96
N GLU H 72 0.76 -33.19 35.34
CA GLU H 72 0.11 -32.96 36.62
C GLU H 72 0.91 -33.58 37.75
N LEU H 73 0.88 -32.93 38.92
CA LEU H 73 1.82 -33.25 39.99
C LEU H 73 1.48 -34.59 40.65
N GLU H 74 0.20 -34.93 40.74
CA GLU H 74 -0.19 -36.11 41.49
C GLU H 74 0.27 -37.40 40.83
N ASP H 75 0.67 -37.34 39.55
CA ASP H 75 1.08 -38.54 38.83
C ASP H 75 2.52 -38.93 39.09
N VAL H 76 3.28 -38.13 39.83
CA VAL H 76 4.69 -38.42 40.10
C VAL H 76 5.04 -38.40 41.58
N LEU H 77 4.12 -37.99 42.45
CA LEU H 77 4.35 -37.98 43.90
C LEU H 77 3.55 -39.09 44.54
N LYS H 78 4.23 -39.88 45.39
CA LYS H 78 3.61 -41.02 46.05
C LYS H 78 4.02 -41.05 47.51
N ALA H 79 3.24 -41.75 48.32
CA ALA H 79 3.49 -41.90 49.74
C ALA H 79 4.40 -43.10 49.97
N GLY H 80 4.55 -43.54 51.21
CA GLY H 80 5.42 -44.66 51.53
C GLY H 80 5.44 -44.92 53.02
N TYR H 81 6.53 -45.57 53.46
CA TYR H 81 6.70 -45.88 54.87
C TYR H 81 6.69 -44.60 55.70
N GLY H 82 5.81 -44.56 56.69
CA GLY H 82 5.67 -43.39 57.53
C GLY H 82 5.19 -42.17 56.79
N GLY H 83 4.36 -42.36 55.76
CA GLY H 83 3.83 -41.25 55.01
C GLY H 83 4.85 -40.44 54.26
N VAL H 84 6.02 -41.02 53.95
CA VAL H 84 7.08 -40.26 53.32
C VAL H 84 6.76 -40.08 51.84
N LYS H 85 6.66 -38.82 51.41
CA LYS H 85 6.48 -38.51 50.00
C LYS H 85 7.77 -38.78 49.23
N CYS H 86 7.61 -39.27 48.01
CA CYS H 86 8.77 -39.58 47.18
C CYS H 86 8.45 -39.24 45.73
N VAL H 87 9.32 -38.43 45.13
CA VAL H 87 9.21 -38.10 43.72
C VAL H 87 10.54 -38.41 43.05
N GLU H 88 10.51 -39.35 42.12
CA GLU H 88 11.67 -39.70 41.32
C GLU H 88 11.50 -38.96 40.00
N SER H 89 12.59 -38.44 39.45
CA SER H 89 12.44 -37.51 38.34
C SER H 89 13.05 -38.05 37.04
N GLY H 90 14.15 -38.79 37.15
CA GLY H 90 14.58 -39.66 36.05
C GLY H 90 15.27 -38.98 34.88
N GLY H 91 15.59 -39.79 33.88
CA GLY H 91 16.33 -39.34 32.73
C GLY H 91 16.69 -40.46 31.79
N PRO H 92 17.65 -40.21 30.90
CA PRO H 92 17.94 -41.16 29.83
C PRO H 92 18.76 -42.35 30.33
N GLU H 93 18.83 -43.36 29.48
CA GLU H 93 19.72 -44.49 29.68
C GLU H 93 21.17 -44.04 29.50
N PRO H 94 22.12 -44.77 30.08
CA PRO H 94 23.52 -44.29 30.07
C PRO H 94 24.05 -44.13 28.66
N GLY H 95 24.87 -43.09 28.48
CA GLY H 95 25.55 -42.86 27.22
C GLY H 95 24.75 -42.13 26.16
N VAL H 96 23.62 -41.52 26.53
CA VAL H 96 22.81 -40.80 25.55
C VAL H 96 22.07 -39.68 26.28
N GLY H 97 21.80 -38.60 25.55
CA GLY H 97 21.01 -37.52 26.08
C GLY H 97 21.79 -36.60 27.01
N CYS H 98 21.03 -35.89 27.85
CA CYS H 98 21.61 -34.92 28.79
C CYS H 98 20.78 -34.98 30.08
N ALA H 99 21.34 -35.60 31.12
CA ALA H 99 20.61 -35.79 32.36
C ALA H 99 20.55 -34.52 33.20
N GLY H 100 21.59 -33.68 33.16
CA GLY H 100 21.55 -32.44 33.92
C GLY H 100 20.42 -31.53 33.52
N ARG H 101 20.12 -31.46 32.22
CA ARG H 101 18.95 -30.73 31.77
C ARG H 101 17.67 -31.35 32.32
N GLY H 102 17.64 -32.68 32.46
CA GLY H 102 16.51 -33.32 33.10
C GLY H 102 16.35 -32.89 34.55
N VAL H 103 17.46 -32.78 35.28
CA VAL H 103 17.40 -32.30 36.65
C VAL H 103 16.84 -30.88 36.68
N ILE H 104 17.33 -30.03 35.78
CA ILE H 104 16.85 -28.66 35.72
C ILE H 104 15.35 -28.62 35.49
N THR H 105 14.89 -29.35 34.48
CA THR H 105 13.47 -29.33 34.14
C THR H 105 12.61 -29.87 35.27
N ALA H 106 13.05 -30.96 35.91
CA ALA H 106 12.23 -31.57 36.96
C ALA H 106 12.16 -30.69 38.20
N ILE H 107 13.29 -30.08 38.59
CA ILE H 107 13.27 -29.20 39.74
C ILE H 107 12.40 -27.98 39.45
N ASN H 108 12.49 -27.43 38.23
CA ASN H 108 11.65 -26.29 37.87
C ASN H 108 10.18 -26.68 37.90
N PHE H 109 9.87 -27.90 37.44
CA PHE H 109 8.49 -28.39 37.49
C PHE H 109 7.98 -28.52 38.91
N LEU H 110 8.81 -29.03 39.82
CA LEU H 110 8.45 -29.11 41.23
C LEU H 110 8.29 -27.74 41.86
N GLU H 111 9.03 -26.74 41.36
CA GLU H 111 8.83 -25.37 41.83
C GLU H 111 7.50 -24.81 41.34
N GLU H 112 7.18 -25.03 40.06
CA GLU H 112 5.97 -24.44 39.49
C GLU H 112 4.72 -25.08 40.07
N GLU H 113 4.55 -26.39 39.86
CA GLU H 113 3.47 -27.12 40.51
C GLU H 113 3.71 -27.11 42.02
N GLY H 114 2.73 -26.69 42.80
CA GLY H 114 2.93 -26.56 44.23
C GLY H 114 3.31 -27.87 44.85
N ALA H 115 4.60 -28.03 45.16
CA ALA H 115 5.10 -29.29 45.71
C ALA H 115 5.69 -29.08 47.09
N TYR H 116 6.61 -28.12 47.22
CA TYR H 116 7.30 -27.92 48.48
C TYR H 116 6.41 -27.21 49.50
N GLU H 117 5.39 -26.48 49.04
CA GLU H 117 4.57 -25.68 49.96
C GLU H 117 3.46 -26.54 50.57
N ASP H 118 3.90 -27.58 51.27
CA ASP H 118 3.03 -28.37 52.13
C ASP H 118 3.51 -28.28 53.56
N ASP H 119 2.98 -29.11 54.45
CA ASP H 119 3.32 -29.05 55.86
C ASP H 119 4.52 -29.92 56.23
N LEU H 120 5.35 -30.29 55.25
CA LEU H 120 6.44 -31.20 55.58
C LEU H 120 7.62 -30.43 56.17
N ASP H 121 8.52 -31.18 56.80
CA ASP H 121 9.63 -30.60 57.55
C ASP H 121 10.90 -30.51 56.69
N PHE H 122 11.36 -31.64 56.17
CA PHE H 122 12.58 -31.68 55.38
C PHE H 122 12.28 -32.18 53.97
N VAL H 123 12.80 -31.44 52.98
CA VAL H 123 12.92 -31.95 51.62
C VAL H 123 14.35 -32.41 51.44
N PHE H 124 14.56 -33.70 51.23
CA PHE H 124 15.89 -34.27 51.10
C PHE H 124 16.18 -34.51 49.62
N TYR H 125 16.93 -33.61 49.01
CA TYR H 125 17.47 -33.87 47.68
C TYR H 125 18.67 -34.79 47.83
N ASP H 126 18.84 -35.70 46.88
CA ASP H 126 19.88 -36.72 46.96
C ASP H 126 20.54 -36.76 45.59
N VAL H 127 21.82 -36.36 45.53
CA VAL H 127 22.47 -36.15 44.25
C VAL H 127 23.48 -37.25 44.01
N LEU H 128 23.66 -37.61 42.74
CA LEU H 128 24.67 -38.56 42.30
C LEU H 128 26.06 -38.12 42.72
N GLY H 129 27.01 -39.06 42.65
CA GLY H 129 28.36 -38.75 43.05
C GLY H 129 29.14 -37.94 42.03
N ASP H 130 28.77 -38.05 40.75
CA ASP H 130 29.53 -37.42 39.66
C ASP H 130 28.81 -36.15 39.24
N VAL H 131 29.02 -35.07 39.98
CA VAL H 131 28.39 -33.79 39.64
C VAL H 131 29.18 -33.20 38.48
N VAL H 132 28.77 -33.55 37.26
CA VAL H 132 29.57 -33.26 36.07
C VAL H 132 29.16 -31.97 35.37
N CYS H 133 28.09 -31.33 35.81
CA CYS H 133 27.62 -30.13 35.15
C CYS H 133 26.80 -29.31 36.14
N GLY H 134 26.45 -28.09 35.72
CA GLY H 134 25.68 -27.21 36.58
C GLY H 134 24.28 -27.71 36.89
N GLY H 135 23.70 -28.51 35.99
CA GLY H 135 22.35 -28.99 36.24
C GLY H 135 22.23 -29.78 37.53
N PHE H 136 23.19 -30.67 37.78
CA PHE H 136 23.17 -31.45 39.01
C PHE H 136 23.45 -30.60 40.24
N ALA H 137 23.84 -29.35 40.06
CA ALA H 137 23.99 -28.41 41.16
C ALA H 137 22.72 -27.60 41.40
N MET H 138 21.63 -27.90 40.70
CA MET H 138 20.36 -27.23 40.98
C MET H 138 19.90 -27.32 42.43
N PRO H 139 20.04 -28.44 43.15
CA PRO H 139 19.55 -28.46 44.54
C PRO H 139 20.23 -27.44 45.45
N ILE H 140 21.37 -26.90 45.09
CA ILE H 140 22.05 -25.90 45.90
C ILE H 140 22.00 -24.52 45.25
N ARG H 141 20.98 -24.24 44.45
CA ARG H 141 20.79 -22.89 43.94
C ARG H 141 20.06 -22.05 44.99
N GLU H 142 19.77 -20.80 44.65
CA GLU H 142 19.07 -19.92 45.58
C GLU H 142 17.62 -20.39 45.74
N ASN H 143 17.08 -20.19 46.94
CA ASN H 143 15.74 -20.61 47.35
C ASN H 143 15.62 -22.13 47.39
N LYS H 144 16.69 -22.85 47.06
CA LYS H 144 16.72 -24.31 47.04
C LYS H 144 17.20 -24.80 48.39
N ALA H 145 17.66 -26.05 48.45
CA ALA H 145 18.18 -26.63 49.68
C ALA H 145 19.23 -25.72 50.32
N GLN H 146 19.16 -25.62 51.65
CA GLN H 146 20.06 -24.78 52.42
C GLN H 146 21.10 -25.56 53.21
N GLU H 147 20.97 -26.87 53.31
CA GLU H 147 21.80 -27.69 54.18
C GLU H 147 22.44 -28.79 53.35
N ILE H 148 23.76 -28.76 53.22
CA ILE H 148 24.48 -29.82 52.52
C ILE H 148 25.13 -30.76 53.52
N TYR H 149 24.91 -32.06 53.34
CA TYR H 149 25.51 -33.11 54.15
C TYR H 149 26.33 -34.01 53.23
N ILE H 150 27.63 -33.74 53.14
CA ILE H 150 28.51 -34.54 52.31
C ILE H 150 28.69 -35.90 52.96
N VAL H 151 28.23 -36.96 52.30
CA VAL H 151 28.37 -38.31 52.81
C VAL H 151 29.65 -38.89 52.22
N CYS H 152 30.58 -39.28 53.08
CA CYS H 152 31.85 -39.82 52.63
C CYS H 152 32.37 -40.79 53.68
N SER H 153 33.26 -41.67 53.24
CA SER H 153 33.86 -42.69 54.09
C SER H 153 35.32 -42.38 54.35
N GLY H 154 35.95 -43.21 55.18
CA GLY H 154 37.32 -42.97 55.58
C GLY H 154 38.34 -43.25 54.49
N GLU H 155 37.92 -43.91 53.41
CA GLU H 155 38.83 -44.19 52.31
C GLU H 155 39.29 -42.89 51.66
N MET H 156 40.51 -42.90 51.12
CA MET H 156 41.13 -41.70 50.58
C MET H 156 40.29 -41.09 49.46
N MET H 157 39.77 -41.93 48.57
CA MET H 157 39.13 -41.46 47.35
C MET H 157 37.83 -40.72 47.69
N ALA H 158 37.10 -41.24 48.69
CA ALA H 158 35.88 -40.57 49.15
C ALA H 158 36.18 -39.19 49.72
N MET H 159 37.27 -39.09 50.49
CA MET H 159 37.65 -37.80 51.07
C MET H 159 38.07 -36.82 49.98
N TYR H 160 38.78 -37.30 48.96
CA TYR H 160 39.12 -36.46 47.83
C TYR H 160 37.88 -35.97 47.09
N ALA H 161 36.90 -36.86 46.91
CA ALA H 161 35.64 -36.46 46.32
C ALA H 161 34.92 -35.42 47.17
N ALA H 162 34.95 -35.58 48.49
CA ALA H 162 34.33 -34.59 49.37
C ALA H 162 35.00 -33.24 49.23
N ASN H 163 36.34 -33.22 49.17
CA ASN H 163 37.04 -31.95 48.97
C ASN H 163 36.70 -31.33 47.63
N ASN H 164 36.60 -32.14 46.57
CA ASN H 164 36.25 -31.62 45.26
C ASN H 164 34.84 -31.04 45.27
N ILE H 165 33.91 -31.72 45.94
CA ILE H 165 32.54 -31.20 46.06
C ILE H 165 32.54 -29.88 46.83
N SER H 166 33.33 -29.78 47.90
CA SER H 166 33.41 -28.53 48.63
C SER H 166 33.92 -27.40 47.74
N LYS H 167 34.96 -27.68 46.95
CA LYS H 167 35.43 -26.70 45.97
C LYS H 167 34.31 -26.27 45.05
N GLY H 168 33.51 -27.22 44.57
CA GLY H 168 32.42 -26.89 43.66
C GLY H 168 31.34 -26.04 44.31
N ILE H 169 31.04 -26.32 45.58
CA ILE H 169 29.93 -25.61 46.23
C ILE H 169 30.37 -24.30 46.85
N VAL H 170 31.66 -24.00 46.85
CA VAL H 170 32.14 -22.70 47.33
C VAL H 170 31.44 -21.56 46.60
N LYS H 171 31.34 -21.66 45.26
CA LYS H 171 30.76 -20.57 44.48
C LYS H 171 29.29 -20.37 44.81
N TYR H 172 28.54 -21.47 44.96
CA TYR H 172 27.13 -21.37 45.31
C TYR H 172 26.94 -20.83 46.72
N ALA H 173 27.83 -21.21 47.63
CA ALA H 173 27.75 -20.74 49.00
C ALA H 173 28.00 -19.23 49.09
N ASN H 174 29.00 -18.75 48.37
CA ASN H 174 29.29 -17.31 48.35
C ASN H 174 28.16 -16.55 47.66
N SER H 175 27.62 -17.11 46.58
CA SER H 175 26.58 -16.41 45.84
C SER H 175 25.21 -16.50 46.51
N GLY H 176 25.03 -17.42 47.45
CA GLY H 176 23.74 -17.64 48.06
C GLY H 176 23.86 -17.87 49.56
N SER H 177 22.95 -18.69 50.08
CA SER H 177 22.85 -18.93 51.51
C SER H 177 22.92 -20.40 51.91
N VAL H 178 23.15 -21.31 50.97
CA VAL H 178 23.26 -22.73 51.28
C VAL H 178 24.60 -22.99 51.95
N ARG H 179 24.60 -23.77 53.02
CA ARG H 179 25.78 -24.00 53.83
C ARG H 179 26.05 -25.48 54.01
N LEU H 180 27.29 -25.79 54.42
CA LEU H 180 27.70 -27.17 54.66
C LEU H 180 27.33 -27.55 56.09
N GLY H 181 26.29 -28.36 56.24
CA GLY H 181 25.83 -28.72 57.56
C GLY H 181 26.80 -29.60 58.32
N GLY H 182 27.42 -30.55 57.64
CA GLY H 182 28.35 -31.44 58.28
C GLY H 182 28.73 -32.58 57.37
N LEU H 183 29.72 -33.35 57.83
CA LEU H 183 30.25 -34.48 57.07
C LEU H 183 29.64 -35.77 57.62
N ILE H 184 28.94 -36.50 56.76
CA ILE H 184 28.32 -37.76 57.14
C ILE H 184 29.30 -38.88 56.81
N CYS H 185 29.59 -39.71 57.80
CA CYS H 185 30.61 -40.74 57.68
C CYS H 185 29.99 -42.12 57.58
N ASN H 186 30.17 -42.75 56.44
CA ASN H 186 29.96 -44.18 56.27
C ASN H 186 31.31 -44.87 56.46
N SER H 187 31.33 -46.19 56.39
CA SER H 187 32.54 -46.95 56.65
C SER H 187 32.86 -47.91 55.51
N ARG H 188 34.15 -48.17 55.35
CA ARG H 188 34.64 -49.27 54.55
C ARG H 188 35.51 -50.21 55.38
N ASN H 189 35.42 -50.14 56.71
CA ASN H 189 36.26 -50.88 57.64
C ASN H 189 37.73 -50.62 57.33
N THR H 190 38.13 -49.35 57.36
CA THR H 190 39.49 -48.88 57.12
C THR H 190 40.16 -48.59 58.46
N ASP H 191 41.32 -47.94 58.42
CA ASP H 191 42.06 -47.56 59.67
C ASP H 191 41.65 -46.16 60.12
N ARG H 192 40.86 -45.46 59.31
CA ARG H 192 40.46 -44.07 59.62
C ARG H 192 39.44 -44.05 60.76
N GLU H 193 38.23 -43.57 60.46
CA GLU H 193 37.15 -43.48 61.47
C GLU H 193 37.50 -42.46 62.55
N ASP H 194 38.23 -41.40 62.19
CA ASP H 194 38.65 -40.33 63.13
C ASP H 194 40.05 -39.94 62.69
N GLU H 195 40.65 -40.75 61.84
CA GLU H 195 42.05 -40.45 61.54
C GLU H 195 42.10 -39.38 60.48
N LEU H 196 41.18 -39.45 59.51
CA LEU H 196 41.14 -38.53 58.40
C LEU H 196 39.74 -38.00 58.15
N ILE H 197 38.79 -38.29 59.03
CA ILE H 197 37.42 -37.81 58.93
C ILE H 197 37.20 -36.59 59.81
N ILE H 198 37.59 -36.67 61.08
CA ILE H 198 37.62 -35.48 61.92
C ILE H 198 38.69 -34.52 61.42
N ALA H 199 39.82 -35.06 60.97
CA ALA H 199 40.88 -34.21 60.43
C ALA H 199 40.40 -33.44 59.22
N LEU H 200 39.77 -34.13 58.26
CA LEU H 200 39.23 -33.44 57.10
C LEU H 200 38.13 -32.48 57.48
N ALA H 201 37.25 -32.88 58.41
CA ALA H 201 36.15 -32.02 58.80
C ALA H 201 36.65 -30.71 59.40
N ASN H 202 37.61 -30.79 60.32
CA ASN H 202 38.13 -29.58 60.93
C ASN H 202 38.97 -28.78 59.94
N LYS H 203 39.60 -29.46 58.99
CA LYS H 203 40.31 -28.75 57.93
C LYS H 203 39.34 -28.11 56.96
N LEU H 204 38.14 -28.66 56.80
CA LEU H 204 37.07 -28.03 56.06
C LEU H 204 36.25 -27.08 56.92
N GLY H 205 36.64 -26.91 58.19
CA GLY H 205 35.94 -26.01 59.07
C GLY H 205 34.63 -26.56 59.58
N THR H 206 34.37 -27.84 59.31
CA THR H 206 33.10 -28.48 59.63
C THR H 206 33.34 -29.61 60.62
N GLN H 207 32.29 -30.40 60.85
CA GLN H 207 32.31 -31.49 61.81
C GLN H 207 31.88 -32.78 61.12
N MET H 208 32.20 -33.91 61.75
CA MET H 208 31.57 -35.15 61.32
C MET H 208 30.30 -35.33 62.14
N ILE H 209 29.15 -35.24 61.48
CA ILE H 209 27.87 -35.37 62.16
C ILE H 209 27.52 -36.85 62.23
N HIS H 210 27.93 -37.51 63.32
CA HIS H 210 27.70 -38.93 63.57
C HIS H 210 28.39 -39.82 62.53
N PHE H 211 28.58 -41.09 62.87
CA PHE H 211 29.23 -42.05 61.98
C PHE H 211 28.45 -43.36 62.00
N VAL H 212 28.26 -43.94 60.81
CA VAL H 212 27.57 -45.20 60.64
C VAL H 212 28.54 -46.22 60.05
N PRO H 213 28.82 -47.33 60.73
CA PRO H 213 29.79 -48.29 60.22
C PRO H 213 29.17 -49.28 59.24
N ARG H 214 29.99 -50.24 58.84
CA ARG H 214 29.64 -51.26 57.85
C ARG H 214 28.73 -52.32 58.43
N ASP H 215 27.50 -51.96 58.77
CA ASP H 215 26.57 -52.95 59.31
C ASP H 215 26.06 -53.83 58.18
N ASN H 216 26.29 -55.13 58.30
CA ASN H 216 25.90 -56.06 57.25
C ASN H 216 24.39 -56.11 57.08
N VAL H 217 23.64 -55.70 58.11
CA VAL H 217 22.18 -55.77 58.08
C VAL H 217 21.61 -54.89 56.98
N VAL H 218 22.30 -53.79 56.64
CA VAL H 218 21.72 -52.84 55.69
C VAL H 218 21.64 -53.46 54.29
N GLN H 219 22.60 -54.30 53.92
CA GLN H 219 22.56 -54.91 52.60
C GLN H 219 21.43 -55.93 52.50
N ARG H 220 21.24 -56.73 53.54
CA ARG H 220 20.15 -57.71 53.51
C ARG H 220 18.78 -57.05 53.70
N ALA H 221 18.74 -55.83 54.24
CA ALA H 221 17.50 -55.07 54.22
C ALA H 221 17.26 -54.48 52.84
N GLU H 222 18.34 -54.10 52.14
CA GLU H 222 18.21 -53.62 50.77
C GLU H 222 17.69 -54.73 49.86
N ILE H 223 18.14 -55.97 50.08
CA ILE H 223 17.62 -57.10 49.32
C ILE H 223 16.11 -57.21 49.53
N ARG H 224 15.65 -56.98 50.75
CA ARG H 224 14.24 -57.10 51.11
C ARG H 224 13.41 -55.89 50.72
N ARG H 225 13.89 -55.03 49.83
CA ARG H 225 13.25 -53.76 49.49
C ARG H 225 13.10 -52.85 50.70
N MET H 226 13.77 -53.14 51.81
CA MET H 226 13.36 -52.64 53.10
C MET H 226 14.26 -51.49 53.55
N THR H 227 13.78 -50.71 54.51
CA THR H 227 14.60 -49.83 55.32
C THR H 227 14.87 -50.56 56.63
N VAL H 228 16.05 -50.32 57.22
CA VAL H 228 16.49 -51.12 58.36
C VAL H 228 15.49 -51.03 59.50
N ILE H 229 15.00 -49.82 59.80
CA ILE H 229 14.06 -49.67 60.91
C ILE H 229 12.73 -50.33 60.57
N GLU H 230 12.46 -50.55 59.29
CA GLU H 230 11.24 -51.23 58.90
C GLU H 230 11.41 -52.75 58.84
N TYR H 231 12.63 -53.22 58.60
CA TYR H 231 12.91 -54.65 58.54
C TYR H 231 13.28 -55.21 59.93
N ASP H 232 14.25 -54.60 60.59
CA ASP H 232 14.67 -54.97 61.94
C ASP H 232 14.59 -53.74 62.82
N PRO H 233 13.39 -53.42 63.33
CA PRO H 233 13.22 -52.16 64.07
C PRO H 233 13.88 -52.16 65.45
N LYS H 234 14.53 -53.26 65.83
CA LYS H 234 15.14 -53.38 67.14
C LYS H 234 16.63 -53.74 67.05
N ALA H 235 17.30 -53.34 65.98
CA ALA H 235 18.69 -53.71 65.75
C ALA H 235 19.64 -52.55 66.07
N LYS H 236 20.94 -52.81 65.96
CA LYS H 236 21.93 -51.78 66.27
C LYS H 236 22.01 -50.74 65.16
N GLN H 237 21.86 -51.18 63.89
CA GLN H 237 21.86 -50.23 62.77
C GLN H 237 20.68 -49.28 62.86
N ALA H 238 19.50 -49.79 63.25
CA ALA H 238 18.33 -48.95 63.41
C ALA H 238 18.54 -47.92 64.52
N ASP H 239 19.13 -48.32 65.64
CA ASP H 239 19.43 -47.36 66.70
C ASP H 239 20.42 -46.31 66.22
N GLU H 240 21.42 -46.74 65.45
CA GLU H 240 22.36 -45.80 64.86
C GLU H 240 21.64 -44.82 63.93
N TYR H 241 20.61 -45.31 63.23
CA TYR H 241 19.87 -44.44 62.32
C TYR H 241 18.96 -43.47 63.06
N ARG H 242 18.32 -43.87 64.18
CA ARG H 242 17.69 -42.83 64.99
C ARG H 242 18.72 -41.82 65.49
N ALA H 243 19.93 -42.29 65.84
CA ALA H 243 20.94 -41.34 66.31
C ALA H 243 21.26 -40.31 65.23
N LEU H 244 21.47 -40.79 64.00
CA LEU H 244 21.72 -39.89 62.88
C LEU H 244 20.57 -38.92 62.66
N ALA H 245 19.33 -39.41 62.76
CA ALA H 245 18.18 -38.52 62.62
C ALA H 245 18.18 -37.47 63.70
N ARG H 246 18.53 -37.84 64.93
CA ARG H 246 18.58 -36.87 66.02
C ARG H 246 19.62 -35.80 65.76
N LYS H 247 20.81 -36.20 65.29
CA LYS H 247 21.81 -35.19 64.96
C LYS H 247 21.34 -34.27 63.84
N VAL H 248 20.67 -34.83 62.84
CA VAL H 248 20.15 -34.01 61.74
C VAL H 248 19.13 -33.01 62.28
N VAL H 249 18.32 -33.43 63.25
CA VAL H 249 17.31 -32.56 63.82
C VAL H 249 17.93 -31.32 64.47
N ASP H 250 19.01 -31.49 65.24
CA ASP H 250 19.57 -30.38 66.00
C ASP H 250 20.93 -29.92 65.46
N ASN H 251 21.14 -29.99 64.15
CA ASN H 251 22.39 -29.50 63.57
C ASN H 251 22.32 -27.99 63.44
N LYS H 252 23.34 -27.30 63.95
CA LYS H 252 23.42 -25.85 63.90
C LYS H 252 24.69 -25.32 63.24
N LEU H 253 25.73 -26.14 63.15
CA LEU H 253 26.97 -25.73 62.50
C LEU H 253 26.77 -25.66 61.00
N LEU H 254 26.78 -24.44 60.46
CA LEU H 254 26.44 -24.18 59.07
C LEU H 254 27.47 -23.21 58.47
N VAL H 255 28.75 -23.53 58.63
CA VAL H 255 29.81 -22.67 58.11
C VAL H 255 30.00 -22.92 56.61
N ILE H 256 30.53 -21.92 55.93
CA ILE H 256 30.92 -22.08 54.52
C ILE H 256 32.08 -23.06 54.44
N PRO H 257 32.07 -24.00 53.50
CA PRO H 257 33.20 -24.93 53.38
C PRO H 257 34.49 -24.21 53.05
N ASN H 258 35.59 -24.71 53.62
CA ASN H 258 36.93 -24.18 53.34
C ASN H 258 37.71 -25.31 52.68
N PRO H 259 37.84 -25.31 51.35
CA PRO H 259 38.47 -26.44 50.66
C PRO H 259 39.98 -26.47 50.77
N ILE H 260 40.50 -27.55 51.37
CA ILE H 260 41.95 -27.70 51.50
C ILE H 260 42.55 -28.14 50.18
N THR H 261 43.83 -27.85 49.98
CA THR H 261 44.48 -28.12 48.71
C THR H 261 44.90 -29.58 48.61
N MET H 262 45.38 -29.95 47.43
CA MET H 262 45.79 -31.33 47.19
C MET H 262 47.00 -31.71 48.03
N ASP H 263 47.95 -30.78 48.18
CA ASP H 263 49.10 -31.03 49.04
C ASP H 263 48.68 -31.31 50.47
N GLU H 264 47.69 -30.57 50.97
CA GLU H 264 47.21 -30.81 52.32
C GLU H 264 46.60 -32.19 52.46
N LEU H 265 45.84 -32.65 51.47
CA LEU H 265 45.29 -33.99 51.52
C LEU H 265 46.39 -35.05 51.48
N GLU H 266 47.39 -34.86 50.63
CA GLU H 266 48.47 -35.84 50.53
C GLU H 266 49.26 -35.92 51.83
N GLU H 267 49.53 -34.77 52.46
CA GLU H 267 50.18 -34.78 53.77
C GLU H 267 49.28 -35.42 54.82
N LEU H 268 47.98 -35.14 54.75
CA LEU H 268 47.04 -35.67 55.75
C LEU H 268 46.95 -37.19 55.68
N LEU H 269 47.10 -37.75 54.48
CA LEU H 269 47.09 -39.20 54.36
C LEU H 269 48.21 -39.84 55.17
N MET H 270 49.41 -39.27 55.11
CA MET H 270 50.53 -39.81 55.90
C MET H 270 50.42 -39.39 57.37
N GLU H 271 49.76 -38.27 57.65
CA GLU H 271 49.64 -37.80 59.03
C GLU H 271 48.85 -38.78 59.87
N PHE H 272 47.94 -39.54 59.25
CA PHE H 272 47.16 -40.53 59.97
C PHE H 272 47.02 -41.81 59.15
C1 HCA I . -27.43 8.45 -16.02
C2 HCA I . -26.08 8.00 -15.52
C3 HCA I . -26.25 6.81 -14.59
C4 HCA I . -25.79 7.12 -13.18
C5 HCA I . -25.79 5.85 -12.34
C6 HCA I . -26.34 6.13 -10.96
C7 HCA I . -25.45 5.65 -15.12
O1 HCA I . -27.95 9.48 -15.53
O2 HCA I . -28.00 7.75 -16.89
O3 HCA I . -27.41 6.77 -10.87
O4 HCA I . -25.70 5.71 -9.97
O5 HCA I . -26.02 4.56 -15.33
O6 HCA I . -24.22 5.83 -15.34
O7 HCA I . -27.63 6.45 -14.56
FE1 ICS J . -33.51 2.01 -20.14
MO1 ICS J . -28.90 4.06 -15.29
FE2 ICS J . -32.14 4.07 -19.14
FE3 ICS J . -31.05 1.63 -19.15
FE4 ICS J . -33.06 2.18 -17.53
FE5 ICS J . -31.36 2.97 -15.71
FE6 ICS J . -30.42 4.79 -17.37
FE7 ICS J . -29.38 2.41 -17.35
CX ICS J . -31.25 2.96 -17.71
S1A ICS J . -34.32 3.63 -18.75
S1B ICS J . -30.97 5.15 -15.23
S2A ICS J . -31.59 2.89 -20.97
S2B ICS J . -31.26 6.08 -18.90
S3A ICS J . -33.39 2.07 -15.32
S3B ICS J . -28.26 4.34 -17.55
S4A ICS J . -32.82 0.29 -18.79
S4B ICS J . -29.52 1.79 -15.23
S5A ICS J . -29.00 0.84 -18.86
FE1 CLF K . -24.48 19.88 -17.60
FE2 CLF K . -25.29 20.75 -19.81
FE3 CLF K . -25.56 18.02 -19.30
FE4 CLF K . -23.17 19.22 -19.70
S1 CLF K . -23.14 21.46 -18.97
S2A CLF K . -26.63 19.74 -18.28
S4A CLF K . -24.83 19.01 -21.23
S3A CLF K . -23.73 17.78 -18.02
FE5 CLF K . -20.96 19.98 -19.06
FE6 CLF K . -20.92 22.86 -18.78
FE7 CLF K . -19.44 21.65 -16.56
FE8 CLF K . -22.17 21.62 -16.85
S2B CLF K . -18.96 21.58 -18.81
S3B CLF K . -20.90 23.41 -16.30
S4B CLF K . -20.80 19.83 -16.31
FE FE L . -17.42 6.34 3.02
FE FE M . 15.89 3.20 9.54
C1 HCA N . 28.50 -14.17 8.06
C2 HCA N . 27.26 -14.04 7.22
C3 HCA N . 27.08 -12.59 6.75
C4 HCA N . 26.20 -11.81 7.75
C5 HCA N . 25.58 -10.57 7.11
C6 HCA N . 26.59 -9.45 7.01
C7 HCA N . 26.44 -12.61 5.40
O1 HCA N . 28.58 -13.52 9.13
O2 HCA N . 29.41 -14.93 7.65
O3 HCA N . 26.32 -8.49 6.25
O4 HCA N . 27.63 -9.51 7.69
O5 HCA N . 25.36 -13.22 5.25
O6 HCA N . 27.01 -12.01 4.47
O7 HCA N . 28.36 -11.98 6.67
FE1 ICS O . 35.62 -15.64 2.04
MO1 ICS O . 29.94 -12.22 4.27
FE2 ICS O . 33.79 -15.45 3.98
FE3 ICS O . 33.12 -14.93 1.45
FE4 ICS O . 34.68 -13.26 2.77
FE5 ICS O . 32.57 -11.99 3.63
FE6 ICS O . 31.68 -14.19 4.75
FE7 ICS O . 31.04 -13.65 2.29
CX ICS O . 32.83 -13.90 3.10
S1A ICS O . 35.90 -14.66 4.10
S1B ICS O . 31.76 -12.19 5.73
S2A ICS O . 33.78 -16.93 2.30
S2B ICS O . 32.57 -15.89 5.76
S3A ICS O . 34.62 -11.08 3.27
S3B ICS O . 29.68 -14.53 3.84
S4A ICS O . 34.98 -13.97 0.62
S4B ICS O . 30.88 -11.45 2.26
S5A ICS O . 31.19 -14.70 0.36
FE1 CLF P . 24.30 -19.53 18.06
FE2 CLF P . 25.30 -21.78 18.44
FE3 CLF P . 25.85 -20.50 16.03
FE4 CLF P . 23.40 -21.46 16.67
S1 CLF P . 22.97 -21.42 18.97
S2A CLF P . 26.54 -19.91 18.11
S4A CLF P . 25.29 -22.69 16.33
S3A CLF P . 23.89 -19.40 15.84
FE5 CLF P . 20.69 -21.01 17.09
FE6 CLF P . 20.73 -21.84 20.29
FE7 CLF P . 18.95 -19.59 19.20
FE8 CLF P . 22.16 -19.27 19.40
S2B CLF P . 18.83 -21.79 18.52
S3B CLF P . 20.15 -19.62 21.17
S4B CLF P . 20.46 -18.72 17.71
FE1 SF4 Q . -27.71 34.24 -26.57
FE2 SF4 Q . -26.93 35.61 -28.80
FE3 SF4 Q . -25.07 34.86 -26.93
FE4 SF4 Q . -26.86 36.84 -26.36
S1 SF4 Q . -25.23 36.89 -27.95
S2 SF4 Q . -26.27 35.09 -25.02
S3 SF4 Q . -28.71 36.10 -27.47
S4 SF4 Q . -26.35 33.48 -28.23
MG MG R . -37.69 45.11 -36.14
PB ADP S . -36.40 47.74 -38.11
O1B ADP S . -37.32 46.56 -38.06
O2B ADP S . -35.67 47.96 -36.82
O3B ADP S . -35.48 47.71 -39.29
PA ADP S . -38.83 49.29 -38.36
O1A ADP S . -39.31 49.39 -39.76
O2A ADP S . -39.49 48.31 -37.45
O3A ADP S . -37.26 49.06 -38.34
O5' ADP S . -38.87 50.74 -37.69
C5' ADP S . -38.02 51.78 -38.21
C4' ADP S . -38.72 53.10 -38.04
O4' ADP S . -38.66 53.84 -39.29
C3' ADP S . -40.21 53.02 -37.67
O3' ADP S . -40.58 54.03 -36.74
C2' ADP S . -40.90 53.22 -39.02
O2' ADP S . -42.20 53.77 -38.90
C1' ADP S . -39.95 54.18 -39.72
N9 ADP S . -39.99 54.05 -41.18
C8 ADP S . -39.76 52.91 -41.90
N7 ADP S . -39.87 53.08 -43.19
C5 ADP S . -40.19 54.42 -43.33
C6 ADP S . -40.44 55.21 -44.46
N6 ADP S . -40.39 54.76 -45.71
N1 ADP S . -40.73 56.52 -44.26
C2 ADP S . -40.78 56.98 -43.00
N3 ADP S . -40.57 56.32 -41.86
C4 ADP S . -40.27 55.03 -42.09
BE 0BE T . -35.21 46.53 -35.14
MG MG U . -24.54 52.20 -32.10
PB ADP V . -27.06 54.06 -33.44
O1B ADP V . -28.35 54.23 -32.66
O2B ADP V . -25.82 54.17 -32.59
O3B ADP V . -27.05 52.93 -34.42
PA ADP V . -25.52 55.76 -34.95
O1A ADP V . -24.92 56.65 -33.90
O2A ADP V . -24.80 54.50 -35.36
O3A ADP V . -26.98 55.33 -34.41
O5' ADP V . -25.82 56.65 -36.26
C5' ADP V . -27.15 56.99 -36.64
C4' ADP V . -27.11 57.64 -38.02
O4' ADP V . -27.94 58.81 -38.02
C3' ADP V . -25.71 58.07 -38.41
O3' ADP V . -25.40 57.62 -39.72
C2' ADP V . -25.70 59.58 -38.32
O2' ADP V . -25.13 60.18 -39.48
C1' ADP V . -27.15 59.99 -38.18
N9 ADP V . -27.33 60.86 -36.99
C8 ADP V . -27.13 60.48 -35.72
N7 ADP V . -27.47 61.65 -34.86
C5 ADP V . -27.78 62.71 -35.67
C6 ADP V . -28.18 64.13 -35.57
N6 ADP V . -28.27 64.73 -34.36
N1 ADP V . -28.45 64.81 -36.70
C2 ADP V . -28.36 64.23 -37.90
N3 ADP V . -28.00 62.94 -38.08
C4 ADP V . -27.69 62.14 -37.04
BE 0BE W . -26.95 50.77 -33.35
FE1 SF4 X . 27.18 -31.83 29.68
FE2 SF4 X . 26.54 -34.43 30.20
FE3 SF4 X . 24.55 -32.60 29.74
FE4 SF4 X . 25.99 -32.49 32.05
S1 SF4 X . 24.61 -34.17 31.39
S2 SF4 X . 25.46 -30.74 30.70
S3 SF4 X . 28.05 -33.15 31.32
S4 SF4 X . 26.15 -33.29 28.26
MG MG Y . 37.63 -43.34 38.71
PB ADP Z . 35.82 -45.66 41.06
O1B ADP Z . 34.95 -46.66 40.37
O2B ADP Z . 36.83 -44.98 40.19
O3B ADP Z . 35.06 -44.77 42.00
PA ADP Z . 37.88 -45.89 42.88
O1A ADP Z . 37.52 -44.49 43.21
O2A ADP Z . 39.14 -46.26 42.17
O3A ADP Z . 36.65 -46.53 42.08
O5' ADP Z . 37.86 -46.74 44.24
C5' ADP Z . 37.16 -46.32 45.39
C4' ADP Z . 37.99 -46.71 46.60
O4' ADP Z . 37.83 -48.10 46.89
C3' ADP Z . 39.47 -46.48 46.35
O3' ADP Z . 39.92 -45.33 47.06
C2' ADP Z . 40.15 -47.74 46.83
O2' ADP Z . 41.09 -47.46 47.87
C1' ADP Z . 39.06 -48.65 47.34
N9 ADP Z . 39.24 -50.00 46.80
C8 ADP Z . 39.13 -50.36 45.51
N7 ADP Z . 39.37 -51.68 45.34
C5 ADP Z . 39.64 -52.19 46.56
C6 ADP Z . 39.97 -53.52 47.11
N6 ADP Z . 40.07 -54.60 46.31
N1 ADP Z . 40.17 -53.62 48.43
C2 ADP Z . 40.08 -52.55 49.25
N3 ADP Z . 39.78 -51.33 48.81
C4 ADP Z . 39.56 -51.08 47.51
BE 0BE AA . 34.60 -43.12 40.38
MG MG BA . 22.20 -43.23 44.58
PB ADP CA . 25.10 -43.93 46.58
O1B ADP CA . 23.68 -43.46 46.67
O2B ADP CA . 25.47 -44.38 45.21
O3B ADP CA . 26.13 -43.05 47.22
PA ADP CA . 24.07 -46.40 47.35
O1A ADP CA . 23.34 -46.26 46.05
O2A ADP CA . 23.34 -46.34 48.66
O3A ADP CA . 25.23 -45.31 47.39
O5' ADP CA . 24.88 -47.77 47.32
C5' ADP CA . 25.72 -48.11 48.40
C4' ADP CA . 25.60 -49.59 48.70
O4' ADP CA . 26.41 -49.89 49.82
C3' ADP CA . 24.18 -49.99 49.04
O3' ADP CA . 23.64 -50.84 48.02
C2' ADP CA . 24.25 -50.70 50.37
O2' ADP CA . 23.92 -52.09 50.24
C1' ADP CA . 25.69 -50.57 50.83
N9 ADP CA . 25.70 -49.85 52.12
C8 ADP CA . 25.54 -48.53 52.31
N7 ADP CA . 25.61 -48.22 53.63
C5 ADP CA . 25.80 -49.37 54.30
C6 ADP CA . 25.94 -49.78 55.71
N6 ADP CA . 25.91 -48.86 56.71
N1 ADP CA . 26.11 -51.09 55.97
C2 ADP CA . 26.16 -52.00 54.99
N3 ADP CA . 26.04 -51.70 53.69
C4 ADP CA . 25.85 -50.43 53.30
BE 0BE DA . 25.47 -42.90 43.42
#